data_9I2R
#
_entry.id   9I2R
#
_cell.length_a   1.00
_cell.length_b   1.00
_cell.length_c   1.00
_cell.angle_alpha   90.00
_cell.angle_beta   90.00
_cell.angle_gamma   90.00
#
_symmetry.space_group_name_H-M   'P 1'
#
loop_
_entity.id
_entity.type
_entity.pdbx_description
1 polymer 'Putative transmembrane protein Wzc'
2 non-polymer "ADENOSINE-5'-DIPHOSPHATE"
3 non-polymer 'MAGNESIUM ION'
#
_entity_poly.entity_id   1
_entity_poly.type   'polypeptide(L)'
_entity_poly.pdbx_seq_one_letter_code
;MTSVTSKQSTILGSDEIDLGRVIGELIDHRKLIISITSVFTLFAILYALLATPIYETDALIQIEQKQGNAILSSLSQVLP
DGQPQSAPETALLQSRMILGKTIDDLNLQIQIEQKYFPVIGRGLARLMGEKPGNIDITRLYLPDSDDISNNTPSIILTVK
DKENYSINSDGIQLNGVVGTLLNEKGISLLVNEIDAKPGDQFVITQLPRLKAISDLLKSFSVADLGKDTGMLTLTLTGDN
PKRISHILDSISQNYLAQNIARQAAQDAKSLEFLNQQLPKVRAELDSAEDKLNAYRKQKDSVDLNMEAKSVLDQIVNVDN
QLNELTFREAEVSQLYTKEHPTYKALMEKRQTLQEEKSKLNKRVSSMPSTQQEVLRLSRDVESGRAVYLQLLNRQQELNI
AKSSAIGNVRIIDNAVTDPNPVRPKKTIIIVIGVVLGLIVSVVLVLFQVFLRRGIESPEQLEEIGINVYASIPISEWLTK
NARQSGKVRKNQSDTLLAVGNPADLAVEAIRGLRTSLHFAMMEAKNNVLMISGASPSAGMTFISSNLAATIAITGKKVLF
IDADLRKGYAHKMFGHKNDKGLSEFLSGQAAAEMIIDKVEGGGFDYIGRGQIPPNPAELLMHPRFEQLLNWASQNYDLII
IDTPPILAVTDAAIIGRYAGTCLLVARFEKNTVKEIDVSMKRFEQSGVVVKGCILNGVVKKASSYYRYGHNHYGESEEDK
KHHHHHH
;
_entity_poly.pdbx_strand_id   A,B,C,D,E,F,G,H
#
loop_
_chem_comp.id
_chem_comp.type
_chem_comp.name
_chem_comp.formula
ADP non-polymer ADENOSINE-5'-DIPHOSPHATE 'C10 H15 N5 O10 P2'
MG non-polymer 'MAGNESIUM ION' 'Mg 2'
#
# COMPACT_ATOMS: atom_id res chain seq x y z
N ILE A 17 4.56 -23.21 -6.53
CA ILE A 17 4.82 -24.49 -5.88
C ILE A 17 3.62 -24.90 -5.03
N ASP A 18 3.57 -26.17 -4.64
CA ASP A 18 2.47 -26.70 -3.84
C ASP A 18 3.01 -27.68 -2.82
N LEU A 19 2.21 -27.91 -1.78
CA LEU A 19 2.64 -28.73 -0.65
C LEU A 19 2.91 -30.17 -1.08
N GLY A 20 2.13 -30.69 -2.02
CA GLY A 20 2.30 -32.08 -2.44
C GLY A 20 3.67 -32.33 -3.04
N ARG A 21 4.17 -31.39 -3.83
CA ARG A 21 5.49 -31.53 -4.44
C ARG A 21 6.58 -31.61 -3.38
N VAL A 22 6.52 -30.72 -2.37
CA VAL A 22 7.58 -30.69 -1.36
C VAL A 22 7.51 -31.95 -0.50
N ILE A 23 6.30 -32.41 -0.18
CA ILE A 23 6.16 -33.64 0.61
C ILE A 23 6.69 -34.83 -0.19
N GLY A 24 6.42 -34.86 -1.48
CA GLY A 24 6.95 -35.93 -2.30
C GLY A 24 8.46 -35.92 -2.39
N GLU A 25 9.05 -34.73 -2.52
CA GLU A 25 10.51 -34.63 -2.56
C GLU A 25 11.10 -35.12 -1.24
N LEU A 26 10.49 -34.75 -0.11
CA LEU A 26 10.97 -35.21 1.18
C LEU A 26 10.88 -36.73 1.29
N ILE A 27 9.80 -37.32 0.77
CA ILE A 27 9.66 -38.77 0.82
C ILE A 27 10.69 -39.46 -0.06
N ASP A 28 10.98 -38.88 -1.24
CA ASP A 28 11.95 -39.48 -2.15
C ASP A 28 13.35 -39.49 -1.55
N HIS A 29 13.76 -38.39 -0.92
CA HIS A 29 15.10 -38.26 -0.35
C HIS A 29 15.15 -38.66 1.11
N ARG A 30 14.29 -39.58 1.55
CA ARG A 30 14.21 -39.92 2.96
C ARG A 30 15.51 -40.54 3.45
N LYS A 31 16.16 -41.36 2.63
CA LYS A 31 17.39 -42.02 3.06
C LYS A 31 18.50 -41.00 3.35
N LEU A 32 18.66 -40.02 2.46
CA LEU A 32 19.69 -39.00 2.67
C LEU A 32 19.42 -38.19 3.93
N ILE A 33 18.17 -37.78 4.13
CA ILE A 33 17.81 -36.99 5.30
C ILE A 33 18.06 -37.78 6.57
N ILE A 34 17.63 -39.04 6.58
CA ILE A 34 17.82 -39.88 7.78
C ILE A 34 19.29 -40.08 8.06
N SER A 35 20.09 -40.34 7.02
CA SER A 35 21.52 -40.56 7.24
C SER A 35 22.20 -39.32 7.80
N ILE A 36 21.91 -38.16 7.22
CA ILE A 36 22.56 -36.93 7.67
C ILE A 36 22.14 -36.61 9.11
N THR A 37 20.84 -36.71 9.40
CA THR A 37 20.37 -36.41 10.75
C THR A 37 20.94 -37.38 11.76
N SER A 38 21.03 -38.66 11.41
CA SER A 38 21.60 -39.65 12.32
C SER A 38 23.08 -39.37 12.58
N VAL A 39 23.83 -38.97 11.54
CA VAL A 39 25.24 -38.67 11.73
C VAL A 39 25.40 -37.47 12.67
N PHE A 40 24.61 -36.42 12.45
CA PHE A 40 24.71 -35.24 13.30
C PHE A 40 24.32 -35.57 14.74
N THR A 41 23.26 -36.36 14.93
CA THR A 41 22.84 -36.73 16.27
C THR A 41 23.88 -37.60 16.95
N LEU A 42 24.53 -38.49 16.20
CA LEU A 42 25.60 -39.31 16.79
C LEU A 42 26.77 -38.45 17.22
N PHE A 43 27.15 -37.46 16.41
CA PHE A 43 28.23 -36.56 16.81
C PHE A 43 27.84 -35.76 18.05
N ALA A 44 26.60 -35.28 18.11
CA ALA A 44 26.15 -34.53 19.27
C ALA A 44 26.15 -35.40 20.53
N ILE A 45 25.71 -36.64 20.41
CA ILE A 45 25.71 -37.56 21.56
C ILE A 45 27.13 -37.85 22.01
N LEU A 46 28.04 -38.07 21.07
CA LEU A 46 29.43 -38.30 21.44
C LEU A 46 30.02 -37.11 22.16
N TYR A 47 29.76 -35.90 21.67
CA TYR A 47 30.28 -34.72 22.36
C TYR A 47 29.66 -34.56 23.74
N ALA A 48 28.34 -34.77 23.87
CA ALA A 48 27.68 -34.57 25.14
C ALA A 48 28.01 -35.67 26.15
N LEU A 49 28.51 -36.81 25.71
CA LEU A 49 28.91 -37.87 26.63
C LEU A 49 30.41 -37.94 26.85
N LEU A 50 31.21 -37.22 26.05
CA LEU A 50 32.65 -37.23 26.22
C LEU A 50 33.23 -35.91 26.70
N ALA A 51 32.48 -34.81 26.59
CA ALA A 51 32.96 -33.53 27.10
C ALA A 51 33.11 -33.59 28.61
N THR A 52 34.19 -33.00 29.10
CA THR A 52 34.48 -33.06 30.53
C THR A 52 33.43 -32.28 31.32
N PRO A 53 32.91 -32.83 32.40
CA PRO A 53 31.92 -32.11 33.21
C PRO A 53 32.56 -30.95 33.96
N ILE A 54 31.79 -29.88 34.11
CA ILE A 54 32.24 -28.66 34.78
C ILE A 54 31.29 -28.38 35.93
N TYR A 55 31.81 -28.45 37.16
CA TYR A 55 31.04 -28.19 38.35
C TYR A 55 31.13 -26.73 38.75
N GLU A 56 30.18 -26.29 39.57
CA GLU A 56 30.09 -24.91 40.01
C GLU A 56 29.92 -24.88 41.52
N THR A 57 30.74 -24.09 42.19
CA THR A 57 30.67 -23.89 43.63
C THR A 57 30.29 -22.45 43.93
N ASP A 58 29.55 -22.27 45.02
CA ASP A 58 29.01 -20.97 45.38
C ASP A 58 29.29 -20.66 46.84
N ALA A 59 29.39 -19.36 47.12
CA ALA A 59 29.50 -18.83 48.47
C ALA A 59 28.70 -17.53 48.54
N LEU A 60 28.32 -17.16 49.76
CA LEU A 60 27.53 -15.95 49.99
C LEU A 60 28.15 -15.18 51.15
N ILE A 61 28.54 -13.94 50.90
CA ILE A 61 29.13 -13.09 51.93
C ILE A 61 28.26 -11.85 52.10
N GLN A 62 28.40 -11.21 53.25
CA GLN A 62 27.59 -10.04 53.60
C GLN A 62 28.47 -8.81 53.72
N ILE A 63 28.11 -7.75 53.01
CA ILE A 63 28.82 -6.47 53.09
C ILE A 63 28.14 -5.62 54.14
N GLU A 64 28.89 -5.23 55.17
CA GLU A 64 28.37 -4.40 56.25
C GLU A 64 27.98 -3.02 55.73
N GLN A 85 27.36 0.33 49.19
CA GLN A 85 28.66 -0.22 48.83
C GLN A 85 28.51 -1.33 47.79
N SER A 86 29.39 -2.32 47.87
CA SER A 86 29.44 -3.53 47.06
C SER A 86 29.74 -3.25 45.59
N ALA A 87 29.84 -2.00 45.18
CA ALA A 87 30.27 -1.66 43.84
C ALA A 87 31.79 -1.73 43.72
N PRO A 88 32.57 -1.19 44.67
CA PRO A 88 34.03 -1.38 44.59
C PRO A 88 34.50 -2.74 45.09
N GLU A 89 33.69 -3.44 45.88
CA GLU A 89 34.11 -4.74 46.41
C GLU A 89 34.18 -5.79 45.31
N THR A 90 33.35 -5.66 44.27
CA THR A 90 33.47 -6.55 43.12
C THR A 90 34.82 -6.42 42.45
N ALA A 91 35.33 -5.19 42.34
CA ALA A 91 36.65 -4.97 41.77
C ALA A 91 37.77 -5.34 42.73
N LEU A 92 37.53 -5.20 44.04
CA LEU A 92 38.56 -5.61 45.01
C LEU A 92 38.70 -7.11 45.07
N LEU A 93 37.61 -7.86 44.91
CA LEU A 93 37.69 -9.32 44.94
C LEU A 93 38.42 -9.86 43.72
N GLN A 94 38.23 -9.24 42.56
CA GLN A 94 38.85 -9.68 41.33
C GLN A 94 40.20 -9.02 41.08
N SER A 95 40.70 -8.23 42.03
CA SER A 95 42.02 -7.64 41.89
C SER A 95 43.10 -8.71 42.00
N ARG A 96 44.26 -8.42 41.43
CA ARG A 96 45.34 -9.40 41.40
C ARG A 96 45.93 -9.66 42.78
N MET A 97 45.71 -8.79 43.76
CA MET A 97 46.27 -9.03 45.08
C MET A 97 45.58 -10.19 45.78
N ILE A 98 44.24 -10.19 45.79
CA ILE A 98 43.50 -11.26 46.44
C ILE A 98 43.75 -12.59 45.74
N LEU A 99 43.60 -12.61 44.41
CA LEU A 99 43.79 -13.84 43.66
C LEU A 99 45.23 -14.32 43.76
N GLY A 100 46.19 -13.40 43.75
CA GLY A 100 47.57 -13.79 43.89
C GLY A 100 47.87 -14.39 45.24
N LYS A 101 47.31 -13.82 46.31
CA LYS A 101 47.49 -14.40 47.62
C LYS A 101 46.90 -15.80 47.68
N THR A 102 45.72 -15.99 47.09
CA THR A 102 45.11 -17.31 47.05
C THR A 102 45.99 -18.31 46.31
N ILE A 103 46.54 -17.90 45.16
CA ILE A 103 47.34 -18.81 44.34
C ILE A 103 48.65 -19.15 45.04
N ASP A 104 49.25 -18.18 45.73
CA ASP A 104 50.44 -18.49 46.53
C ASP A 104 50.11 -19.44 47.67
N ASP A 105 48.93 -19.28 48.29
CA ASP A 105 48.56 -20.15 49.39
C ASP A 105 48.33 -21.59 48.92
N LEU A 106 47.60 -21.77 47.82
CA LEU A 106 47.19 -23.09 47.39
C LEU A 106 48.09 -23.69 46.32
N ASN A 107 49.17 -23.01 45.95
CA ASN A 107 50.11 -23.50 44.93
C ASN A 107 49.40 -23.84 43.63
N LEU A 108 48.53 -22.92 43.19
CA LEU A 108 47.81 -23.13 41.94
C LEU A 108 48.67 -22.94 40.71
N GLN A 109 49.96 -22.63 40.90
CA GLN A 109 50.90 -22.45 39.80
C GLN A 109 51.54 -23.77 39.35
N ILE A 110 51.21 -24.87 39.99
CA ILE A 110 51.67 -26.20 39.60
C ILE A 110 50.49 -26.91 38.96
N GLN A 111 50.51 -27.00 37.63
CA GLN A 111 49.40 -27.60 36.91
C GLN A 111 49.70 -29.08 36.68
N ILE A 112 48.88 -29.95 37.26
CA ILE A 112 49.01 -31.40 37.12
C ILE A 112 47.86 -31.89 36.27
N GLU A 113 48.17 -32.58 35.18
CA GLU A 113 47.15 -33.06 34.26
C GLU A 113 47.34 -34.55 33.99
N GLN A 114 46.27 -35.31 34.13
CA GLN A 114 46.31 -36.72 33.78
C GLN A 114 46.55 -36.88 32.28
N LYS A 115 47.38 -37.86 31.93
CA LYS A 115 47.85 -38.02 30.56
C LYS A 115 47.01 -39.05 29.83
N TYR A 116 46.27 -38.61 28.81
CA TYR A 116 45.61 -39.49 27.87
C TYR A 116 46.02 -39.05 26.47
N PHE A 117 46.54 -39.97 25.67
CA PHE A 117 47.00 -39.60 24.34
C PHE A 117 45.91 -39.05 23.42
N PRO A 118 44.68 -39.60 23.36
CA PRO A 118 43.72 -39.09 22.37
C PRO A 118 42.89 -37.94 22.91
N VAL A 119 42.04 -37.35 22.06
CA VAL A 119 41.16 -36.27 22.50
C VAL A 119 39.90 -36.79 23.18
N ILE A 120 39.74 -38.11 23.27
CA ILE A 120 38.54 -38.70 23.88
C ILE A 120 38.96 -39.68 24.96
N GLY A 121 40.25 -39.76 25.25
CA GLY A 121 40.72 -40.71 26.25
C GLY A 121 40.15 -40.44 27.63
N ARG A 122 40.12 -39.16 28.04
CA ARG A 122 39.58 -38.82 29.35
C ARG A 122 38.10 -39.16 29.46
N GLY A 123 37.32 -38.85 28.42
CA GLY A 123 35.91 -39.17 28.45
C GLY A 123 35.66 -40.67 28.52
N LEU A 124 36.42 -41.45 27.74
CA LEU A 124 36.28 -42.90 27.80
C LEU A 124 36.65 -43.42 29.17
N ALA A 125 37.73 -42.91 29.76
CA ALA A 125 38.14 -43.34 31.09
C ALA A 125 37.06 -43.04 32.12
N ARG A 126 36.44 -41.87 32.03
CA ARG A 126 35.36 -41.55 32.95
C ARG A 126 34.16 -42.46 32.73
N LEU A 127 33.81 -42.73 31.48
CA LEU A 127 32.64 -43.56 31.20
C LEU A 127 32.84 -44.99 31.68
N MET A 128 34.04 -45.55 31.51
CA MET A 128 34.32 -46.89 31.97
C MET A 128 34.40 -47.01 33.48
N GLY A 129 34.16 -45.92 34.22
CA GLY A 129 34.20 -45.98 35.66
C GLY A 129 35.57 -45.88 36.27
N GLU A 130 36.61 -45.64 35.47
CA GLU A 130 37.96 -45.53 36.01
C GLU A 130 38.07 -44.32 36.92
N LYS A 131 38.73 -44.50 38.07
CA LYS A 131 38.90 -43.44 39.04
C LYS A 131 40.15 -42.64 38.70
N PRO A 132 40.05 -41.33 38.44
CA PRO A 132 41.25 -40.54 38.17
C PRO A 132 42.15 -40.47 39.39
N GLY A 133 43.46 -40.49 39.15
CA GLY A 133 44.43 -40.35 40.22
C GLY A 133 44.86 -38.91 40.42
N ASN A 134 45.64 -38.69 41.48
CA ASN A 134 46.12 -37.34 41.77
C ASN A 134 47.41 -37.42 42.58
N ILE A 135 48.17 -36.34 42.51
CA ILE A 135 49.44 -36.20 43.21
C ILE A 135 49.45 -34.87 43.93
N ASP A 136 49.89 -34.87 45.18
CA ASP A 136 50.04 -33.64 45.97
C ASP A 136 51.48 -33.19 45.88
N ILE A 137 51.72 -32.12 45.12
CA ILE A 137 53.05 -31.55 44.94
C ILE A 137 53.12 -30.26 45.73
N THR A 138 54.06 -30.18 46.67
CA THR A 138 54.23 -29.01 47.51
C THR A 138 55.43 -28.16 47.13
N ARG A 139 56.21 -28.58 46.12
CA ARG A 139 57.35 -27.78 45.68
C ARG A 139 57.77 -28.24 44.30
N LEU A 140 57.78 -27.32 43.34
CA LEU A 140 58.21 -27.59 41.98
C LEU A 140 59.03 -26.41 41.48
N TYR A 141 60.18 -26.69 40.85
CA TYR A 141 61.03 -25.65 40.29
C TYR A 141 61.72 -26.22 39.06
N LEU A 142 61.27 -25.82 37.89
CA LEU A 142 61.85 -26.27 36.64
C LEU A 142 62.96 -25.33 36.20
N PRO A 143 63.84 -25.76 35.29
CA PRO A 143 64.98 -24.91 34.90
C PRO A 143 64.59 -23.59 34.27
N ASP A 144 63.33 -23.42 33.85
CA ASP A 144 62.83 -22.14 33.34
C ASP A 144 63.62 -21.69 32.11
N SER A 145 63.49 -22.48 31.04
CA SER A 145 64.13 -22.14 29.78
C SER A 145 63.80 -20.71 29.35
N ASP A 146 62.51 -20.36 29.40
CA ASP A 146 62.05 -18.98 29.19
C ASP A 146 62.53 -18.41 27.85
N ASP A 147 62.22 -19.12 26.77
CA ASP A 147 62.54 -18.65 25.44
C ASP A 147 61.45 -17.65 25.00
N ILE A 148 61.41 -17.34 23.70
CA ILE A 148 60.51 -16.32 23.21
C ILE A 148 59.06 -16.71 23.44
N SER A 149 58.72 -17.97 23.19
CA SER A 149 57.33 -18.43 23.22
C SER A 149 57.03 -19.33 24.41
N ASN A 150 57.79 -20.41 24.60
CA ASN A 150 57.51 -21.39 25.64
C ASN A 150 57.91 -20.82 26.99
N ASN A 151 57.00 -20.07 27.60
CA ASN A 151 57.22 -19.52 28.93
C ASN A 151 56.77 -20.46 30.05
N THR A 152 56.20 -21.61 29.69
CA THR A 152 55.70 -22.57 30.67
C THR A 152 56.50 -23.87 30.56
N PRO A 153 57.51 -24.07 31.41
CA PRO A 153 58.20 -25.35 31.42
C PRO A 153 57.30 -26.47 31.93
N SER A 154 57.57 -27.68 31.44
CA SER A 154 56.75 -28.83 31.78
C SER A 154 57.59 -30.11 31.72
N ILE A 155 57.20 -31.08 32.55
CA ILE A 155 57.81 -32.40 32.59
C ILE A 155 56.69 -33.44 32.54
N ILE A 156 57.09 -34.69 32.29
CA ILE A 156 56.17 -35.82 32.29
C ILE A 156 56.63 -36.81 33.35
N LEU A 157 55.71 -37.21 34.21
CA LEU A 157 55.98 -38.12 35.31
C LEU A 157 55.23 -39.42 35.06
N THR A 158 55.95 -40.54 35.04
CA THR A 158 55.35 -41.86 34.88
C THR A 158 55.39 -42.59 36.22
N VAL A 159 54.24 -43.11 36.62
CA VAL A 159 54.10 -43.78 37.91
C VAL A 159 54.48 -45.24 37.74
N LYS A 160 55.56 -45.65 38.40
CA LYS A 160 55.98 -47.05 38.36
C LYS A 160 55.40 -47.86 39.50
N ASP A 161 55.19 -47.27 40.67
CA ASP A 161 54.59 -47.95 41.81
C ASP A 161 54.00 -46.90 42.73
N LYS A 162 53.67 -47.31 43.96
CA LYS A 162 53.16 -46.38 44.95
C LYS A 162 54.23 -45.47 45.52
N GLU A 163 55.51 -45.78 45.29
CA GLU A 163 56.61 -45.05 45.91
C GLU A 163 57.48 -44.28 44.91
N ASN A 164 58.01 -44.95 43.89
CA ASN A 164 58.93 -44.32 42.97
C ASN A 164 58.24 -43.97 41.65
N TYR A 165 58.93 -43.14 40.87
CA TYR A 165 58.39 -42.65 39.61
C TYR A 165 59.54 -42.22 38.72
N SER A 166 59.25 -42.05 37.43
CA SER A 166 60.22 -41.59 36.46
C SER A 166 59.83 -40.22 35.93
N ILE A 167 60.85 -39.42 35.60
CA ILE A 167 60.67 -38.03 35.18
C ILE A 167 61.39 -37.84 33.86
N ASN A 168 60.71 -37.23 32.89
CA ASN A 168 61.35 -36.86 31.64
C ASN A 168 60.89 -35.46 31.22
N SER A 169 61.85 -34.57 30.98
CA SER A 169 61.54 -33.20 30.57
C SER A 169 61.73 -33.02 29.06
N ASP A 170 62.93 -33.31 28.55
CA ASP A 170 63.24 -33.21 27.13
C ASP A 170 64.06 -34.42 26.70
N GLY A 171 63.64 -35.61 27.14
CA GLY A 171 64.41 -36.82 26.93
C GLY A 171 65.36 -37.17 28.04
N ILE A 172 65.58 -36.27 29.00
CA ILE A 172 66.46 -36.53 30.13
C ILE A 172 65.68 -37.34 31.16
N GLN A 173 66.06 -38.60 31.33
CA GLN A 173 65.37 -39.50 32.24
C GLN A 173 65.96 -39.42 33.63
N LEU A 174 65.09 -39.34 34.64
CA LEU A 174 65.49 -39.35 36.03
C LEU A 174 64.52 -40.21 36.82
N ASN A 175 64.97 -40.66 37.98
CA ASN A 175 64.15 -41.48 38.87
C ASN A 175 64.00 -40.77 40.21
N GLY A 176 62.77 -40.75 40.73
CA GLY A 176 62.49 -40.10 41.98
C GLY A 176 61.66 -40.98 42.89
N VAL A 177 61.68 -40.64 44.17
CA VAL A 177 60.97 -41.40 45.20
C VAL A 177 60.13 -40.42 46.02
N VAL A 178 58.90 -40.83 46.32
CA VAL A 178 58.05 -40.03 47.21
C VAL A 178 58.77 -39.83 48.54
N GLY A 179 58.49 -38.69 49.17
CA GLY A 179 59.20 -38.35 50.39
C GLY A 179 60.39 -37.44 50.14
N THR A 180 61.58 -38.04 50.00
CA THR A 180 62.80 -37.26 49.83
C THR A 180 62.69 -36.33 48.63
N LEU A 181 63.12 -35.09 48.83
CA LEU A 181 63.08 -34.09 47.76
C LEU A 181 64.13 -34.38 46.69
N LEU A 182 63.85 -33.92 45.49
CA LEU A 182 64.74 -34.09 44.34
C LEU A 182 65.31 -32.74 43.92
N ASN A 183 66.63 -32.65 43.84
CA ASN A 183 67.36 -31.49 43.33
C ASN A 183 68.40 -31.99 42.33
N GLU A 184 68.00 -32.18 41.07
CA GLU A 184 68.90 -32.72 40.07
C GLU A 184 68.64 -32.08 38.72
N LYS A 185 69.72 -31.78 37.99
CA LYS A 185 69.65 -31.27 36.62
C LYS A 185 68.87 -29.97 36.56
N GLY A 186 69.05 -29.11 37.55
CA GLY A 186 68.31 -27.86 37.61
C GLY A 186 66.82 -28.04 37.83
N ILE A 187 66.40 -29.19 38.35
CA ILE A 187 65.00 -29.51 38.58
C ILE A 187 64.82 -29.84 40.05
N SER A 188 63.89 -29.15 40.70
CA SER A 188 63.53 -29.39 42.09
C SER A 188 62.10 -29.89 42.14
N LEU A 189 61.88 -30.97 42.87
CA LEU A 189 60.54 -31.57 42.93
C LEU A 189 60.32 -32.24 44.27
N LEU A 190 59.13 -32.05 44.82
CA LEU A 190 58.68 -32.72 46.03
C LEU A 190 57.29 -33.28 45.78
N VAL A 191 57.16 -34.60 45.84
CA VAL A 191 55.92 -35.30 45.50
C VAL A 191 55.43 -36.04 46.74
N ASN A 192 54.15 -35.87 47.06
CA ASN A 192 53.52 -36.52 48.19
C ASN A 192 52.21 -37.17 47.77
N GLU A 193 51.97 -38.38 48.28
CA GLU A 193 50.67 -39.06 48.20
C GLU A 193 50.21 -39.23 46.75
N ILE A 194 50.98 -40.05 46.03
CA ILE A 194 50.56 -40.50 44.70
C ILE A 194 49.33 -41.41 44.86
N ASP A 195 48.31 -41.16 44.04
CA ASP A 195 47.09 -41.97 44.06
C ASP A 195 46.71 -42.28 42.62
N ALA A 196 47.28 -43.36 42.08
CA ALA A 196 46.98 -43.80 40.72
C ALA A 196 47.51 -45.23 40.58
N LYS A 197 47.05 -45.90 39.53
CA LYS A 197 47.59 -47.21 39.23
C LYS A 197 48.95 -47.07 38.56
N PRO A 198 49.83 -48.06 38.73
CA PRO A 198 51.14 -47.98 38.08
C PRO A 198 51.01 -47.93 36.57
N GLY A 199 51.93 -47.21 35.93
CA GLY A 199 51.88 -46.99 34.50
C GLY A 199 51.17 -45.72 34.07
N ASP A 200 50.50 -45.03 35.00
CA ASP A 200 49.86 -43.77 34.66
C ASP A 200 50.90 -42.66 34.47
N GLN A 201 50.54 -41.67 33.67
CA GLN A 201 51.42 -40.55 33.37
C GLN A 201 50.70 -39.25 33.69
N PHE A 202 51.49 -38.26 34.12
CA PHE A 202 50.97 -36.95 34.50
C PHE A 202 51.89 -35.86 33.94
N VAL A 203 51.30 -34.89 33.26
CA VAL A 203 52.03 -33.72 32.79
C VAL A 203 52.04 -32.70 33.92
N ILE A 204 53.24 -32.27 34.31
CA ILE A 204 53.42 -31.30 35.39
C ILE A 204 54.01 -30.04 34.78
N THR A 205 53.25 -28.95 34.80
CA THR A 205 53.64 -27.69 34.21
C THR A 205 53.81 -26.65 35.31
N GLN A 206 54.83 -25.80 35.17
CA GLN A 206 55.03 -24.66 36.07
C GLN A 206 54.69 -23.40 35.29
N LEU A 207 53.42 -23.05 35.27
CA LEU A 207 52.97 -21.91 34.50
C LEU A 207 53.22 -20.61 35.27
N PRO A 208 53.39 -19.49 34.57
CA PRO A 208 53.71 -18.23 35.25
C PRO A 208 52.57 -17.74 36.12
N ARG A 209 52.93 -16.95 37.12
CA ARG A 209 51.96 -16.50 38.13
C ARG A 209 50.81 -15.72 37.50
N LEU A 210 51.12 -14.84 36.54
CA LEU A 210 50.06 -14.09 35.89
C LEU A 210 49.13 -14.99 35.09
N LYS A 211 49.67 -16.05 34.49
CA LYS A 211 48.81 -16.99 33.77
C LYS A 211 47.85 -17.70 34.72
N ALA A 212 48.35 -18.12 35.89
CA ALA A 212 47.49 -18.74 36.88
C ALA A 212 46.42 -17.76 37.36
N ILE A 213 46.79 -16.50 37.59
CA ILE A 213 45.82 -15.51 38.05
C ILE A 213 44.78 -15.26 36.98
N SER A 214 45.18 -15.19 35.71
CA SER A 214 44.22 -14.98 34.64
C SER A 214 43.27 -16.17 34.51
N ASP A 215 43.79 -17.39 34.64
CA ASP A 215 42.93 -18.56 34.57
C ASP A 215 41.94 -18.59 35.73
N LEU A 216 42.39 -18.24 36.93
CA LEU A 216 41.47 -18.19 38.07
C LEU A 216 40.42 -17.11 37.88
N LEU A 217 40.82 -15.95 37.38
CA LEU A 217 39.90 -14.84 37.19
C LEU A 217 38.91 -15.09 36.06
N LYS A 218 39.26 -15.95 35.11
CA LYS A 218 38.34 -16.22 34.01
C LYS A 218 37.11 -17.00 34.48
N SER A 219 37.28 -17.89 35.45
CA SER A 219 36.20 -18.76 35.91
C SER A 219 35.58 -18.30 37.23
N PHE A 220 35.90 -17.09 37.68
CA PHE A 220 35.43 -16.57 38.96
C PHE A 220 34.53 -15.38 38.71
N SER A 221 33.36 -15.38 39.36
CA SER A 221 32.37 -14.33 39.16
C SER A 221 31.86 -13.83 40.50
N VAL A 222 31.55 -12.53 40.55
CA VAL A 222 30.95 -11.90 41.72
C VAL A 222 29.68 -11.21 41.28
N ALA A 223 28.61 -11.36 42.06
CA ALA A 223 27.35 -10.70 41.76
C ALA A 223 26.74 -10.17 43.05
N ASP A 224 25.83 -9.19 42.88
CA ASP A 224 25.16 -8.61 44.04
C ASP A 224 23.80 -9.27 44.30
N LEU A 225 23.06 -9.58 43.24
CA LEU A 225 21.81 -10.34 43.31
C LEU A 225 20.68 -9.52 43.93
N GLY A 226 20.99 -8.33 44.43
CA GLY A 226 19.96 -7.43 44.90
C GLY A 226 20.17 -6.00 44.42
N LYS A 227 21.39 -5.69 43.98
CA LYS A 227 21.77 -4.40 43.42
C LYS A 227 21.84 -3.31 44.48
N ASP A 228 21.43 -3.64 45.71
CA ASP A 228 21.51 -2.70 46.83
C ASP A 228 21.92 -3.34 48.14
N THR A 229 21.73 -4.63 48.33
CA THR A 229 22.03 -5.30 49.58
C THR A 229 23.53 -5.52 49.73
N GLY A 230 23.94 -5.80 50.97
CA GLY A 230 25.31 -6.20 51.23
C GLY A 230 25.62 -7.64 50.87
N MET A 231 24.66 -8.34 50.28
CA MET A 231 24.84 -9.75 49.94
C MET A 231 25.57 -9.85 48.61
N LEU A 232 26.70 -10.54 48.62
CA LEU A 232 27.47 -10.84 47.42
C LEU A 232 27.52 -12.35 47.24
N THR A 233 27.21 -12.80 46.03
CA THR A 233 27.33 -14.20 45.66
C THR A 233 28.61 -14.38 44.86
N LEU A 234 29.49 -15.25 45.34
CA LEU A 234 30.73 -15.59 44.66
C LEU A 234 30.58 -16.96 44.02
N THR A 235 30.95 -17.06 42.75
CA THR A 235 30.76 -18.27 41.96
C THR A 235 32.08 -18.68 41.34
N LEU A 236 32.38 -19.97 41.37
CA LEU A 236 33.59 -20.49 40.76
C LEU A 236 33.29 -21.79 40.05
N THR A 237 33.70 -21.90 38.79
CA THR A 237 33.48 -23.10 38.00
C THR A 237 34.79 -23.81 37.73
N GLY A 238 34.77 -25.13 37.80
CA GLY A 238 35.96 -25.93 37.55
C GLY A 238 35.61 -27.39 37.49
N ASP A 239 36.56 -28.18 36.99
CA ASP A 239 36.33 -29.60 36.74
C ASP A 239 36.62 -30.48 37.95
N ASN A 240 37.17 -29.94 39.02
CA ASN A 240 37.42 -30.72 40.22
C ASN A 240 36.49 -30.23 41.32
N PRO A 241 35.48 -31.00 41.71
CA PRO A 241 34.46 -30.47 42.64
C PRO A 241 35.00 -30.13 44.03
N LYS A 242 36.11 -30.71 44.45
CA LYS A 242 36.67 -30.40 45.76
C LYS A 242 37.66 -29.24 45.71
N ARG A 243 38.48 -29.22 44.66
CA ARG A 243 39.47 -28.18 44.52
C ARG A 243 38.82 -26.81 44.39
N ILE A 244 37.72 -26.72 43.66
CA ILE A 244 37.08 -25.42 43.48
C ILE A 244 36.47 -24.93 44.78
N SER A 245 35.94 -25.84 45.60
CA SER A 245 35.43 -25.44 46.91
C SER A 245 36.57 -24.93 47.79
N HIS A 246 37.72 -25.63 47.78
CA HIS A 246 38.85 -25.15 48.56
C HIS A 246 39.34 -23.79 48.06
N ILE A 247 39.36 -23.61 46.74
CA ILE A 247 39.83 -22.34 46.17
C ILE A 247 38.90 -21.21 46.57
N LEU A 248 37.60 -21.42 46.48
CA LEU A 248 36.66 -20.36 46.84
C LEU A 248 36.69 -20.08 48.33
N ASP A 249 36.88 -21.11 49.16
CA ASP A 249 37.06 -20.86 50.59
C ASP A 249 38.29 -20.02 50.86
N SER A 250 39.40 -20.32 50.18
CA SER A 250 40.61 -19.53 50.36
C SER A 250 40.40 -18.09 49.88
N ILE A 251 39.72 -17.90 48.77
CA ILE A 251 39.43 -16.55 48.28
C ILE A 251 38.64 -15.77 49.33
N SER A 252 37.59 -16.39 49.87
CA SER A 252 36.75 -15.71 50.85
C SER A 252 37.54 -15.39 52.11
N GLN A 253 38.34 -16.34 52.61
CA GLN A 253 39.12 -16.09 53.82
C GLN A 253 40.14 -14.98 53.60
N ASN A 254 40.80 -14.96 52.44
CA ASN A 254 41.77 -13.91 52.17
C ASN A 254 41.10 -12.54 52.10
N TYR A 255 39.96 -12.45 51.42
CA TYR A 255 39.23 -11.18 51.38
C TYR A 255 38.78 -10.75 52.77
N LEU A 256 38.28 -11.70 53.57
CA LEU A 256 37.84 -11.37 54.92
C LEU A 256 39.00 -10.88 55.79
N ALA A 257 40.15 -11.55 55.71
CA ALA A 257 41.31 -11.10 56.49
C ALA A 257 41.83 -9.75 56.01
N GLN A 258 41.81 -9.52 54.70
CA GLN A 258 42.26 -8.25 54.17
C GLN A 258 41.37 -7.11 54.63
N ASN A 259 40.05 -7.32 54.64
CA ASN A 259 39.13 -6.23 54.96
C ASN A 259 39.31 -5.75 56.40
N ILE A 260 39.56 -6.68 57.33
CA ILE A 260 39.62 -6.32 58.75
C ILE A 260 41.01 -5.82 59.10
N ALA A 261 41.85 -5.62 58.08
CA ALA A 261 43.19 -5.07 58.30
C ALA A 261 43.55 -4.10 57.17
N VAL A 409 32.55 -7.15 56.68
CA VAL A 409 32.28 -8.31 55.84
C VAL A 409 32.05 -9.55 56.70
N ARG A 410 31.11 -10.38 56.28
CA ARG A 410 30.75 -11.59 57.00
C ARG A 410 30.53 -12.73 56.01
N ILE A 411 31.03 -13.91 56.36
CA ILE A 411 30.89 -15.10 55.52
C ILE A 411 29.68 -15.87 56.02
N ILE A 412 28.58 -15.79 55.27
CA ILE A 412 27.32 -16.40 55.65
C ILE A 412 27.28 -17.84 55.16
N ASP A 413 27.47 -18.04 53.85
CA ASP A 413 27.49 -19.36 53.24
C ASP A 413 28.88 -19.65 52.73
N ASN A 414 29.59 -20.56 53.40
CA ASN A 414 30.86 -21.02 52.87
C ASN A 414 30.62 -21.82 51.59
N ALA A 415 31.64 -21.85 50.73
CA ALA A 415 31.47 -22.38 49.39
C ALA A 415 31.15 -23.87 49.43
N VAL A 416 30.12 -24.27 48.68
CA VAL A 416 29.85 -25.68 48.42
C VAL A 416 29.61 -25.86 46.93
N THR A 417 29.82 -27.09 46.47
CA THR A 417 29.79 -27.42 45.05
C THR A 417 28.49 -28.14 44.71
N ASP A 418 27.83 -27.69 43.66
CA ASP A 418 26.64 -28.37 43.19
C ASP A 418 27.03 -29.68 42.52
N PRO A 419 26.58 -30.83 43.00
CA PRO A 419 27.02 -32.10 42.42
C PRO A 419 26.56 -32.32 40.98
N ASN A 420 25.55 -31.59 40.52
CA ASN A 420 25.13 -31.69 39.14
C ASN A 420 25.94 -30.72 38.29
N PRO A 421 26.70 -31.19 37.31
CA PRO A 421 27.52 -30.28 36.50
C PRO A 421 26.66 -29.27 35.75
N VAL A 422 27.22 -28.07 35.59
CA VAL A 422 26.53 -27.03 34.82
C VAL A 422 26.82 -27.12 33.33
N ARG A 423 27.93 -27.72 32.93
CA ARG A 423 28.28 -27.93 31.54
C ARG A 423 28.95 -29.29 31.40
N PRO A 424 28.73 -30.00 30.28
CA PRO A 424 27.84 -29.64 29.18
C PRO A 424 26.39 -29.95 29.46
N LYS A 425 25.48 -29.14 28.91
CA LYS A 425 24.05 -29.38 29.05
C LYS A 425 23.63 -30.34 27.95
N LYS A 426 23.46 -31.62 28.30
CA LYS A 426 23.34 -32.67 27.29
C LYS A 426 22.09 -32.51 26.45
N THR A 427 20.95 -32.23 27.09
CA THR A 427 19.68 -32.23 26.35
C THR A 427 19.65 -31.12 25.31
N ILE A 428 20.07 -29.91 25.67
CA ILE A 428 20.05 -28.83 24.70
C ILE A 428 21.05 -29.09 23.59
N ILE A 429 22.20 -29.71 23.91
CA ILE A 429 23.18 -30.04 22.88
C ILE A 429 22.60 -31.02 21.89
N ILE A 430 21.91 -32.06 22.38
CA ILE A 430 21.35 -33.06 21.48
C ILE A 430 20.22 -32.48 20.66
N VAL A 431 19.38 -31.64 21.26
CA VAL A 431 18.31 -30.99 20.50
C VAL A 431 18.88 -30.10 19.41
N ILE A 432 19.92 -29.33 19.73
CA ILE A 432 20.56 -28.48 18.72
C ILE A 432 21.14 -29.33 17.61
N GLY A 433 21.78 -30.45 17.96
CA GLY A 433 22.32 -31.32 16.93
C GLY A 433 21.25 -31.88 16.00
N VAL A 434 20.14 -32.33 16.56
CA VAL A 434 19.05 -32.88 15.75
C VAL A 434 18.48 -31.81 14.83
N VAL A 435 18.22 -30.61 15.36
CA VAL A 435 17.64 -29.56 14.55
C VAL A 435 18.62 -29.11 13.47
N LEU A 436 19.91 -29.07 13.80
CA LEU A 436 20.92 -28.70 12.80
C LEU A 436 20.96 -29.74 11.68
N GLY A 437 20.92 -31.03 12.04
CA GLY A 437 20.86 -32.06 11.01
C GLY A 437 19.65 -31.91 10.12
N LEU A 438 18.48 -31.66 10.71
CA LEU A 438 17.27 -31.51 9.92
C LEU A 438 17.37 -30.32 8.97
N ILE A 439 17.89 -29.19 9.45
CA ILE A 439 17.93 -28.01 8.59
C ILE A 439 18.95 -28.18 7.48
N VAL A 440 20.10 -28.78 7.78
CA VAL A 440 21.09 -28.98 6.70
C VAL A 440 20.56 -29.99 5.69
N SER A 441 19.85 -31.02 6.14
CA SER A 441 19.28 -31.97 5.20
C SER A 441 18.23 -31.31 4.31
N VAL A 442 17.37 -30.47 4.88
CA VAL A 442 16.36 -29.79 4.09
C VAL A 442 17.00 -28.84 3.10
N VAL A 443 18.05 -28.14 3.52
CA VAL A 443 18.75 -27.24 2.61
C VAL A 443 19.36 -28.01 1.45
N LEU A 444 20.02 -29.14 1.75
CA LEU A 444 20.63 -29.94 0.69
C LEU A 444 19.57 -30.48 -0.26
N VAL A 445 18.43 -30.93 0.27
CA VAL A 445 17.36 -31.44 -0.57
C VAL A 445 16.81 -30.35 -1.48
N LEU A 446 16.56 -29.17 -0.92
CA LEU A 446 16.06 -28.06 -1.75
C LEU A 446 17.08 -27.68 -2.82
N PHE A 447 18.37 -27.67 -2.46
CA PHE A 447 19.39 -27.33 -3.43
C PHE A 447 19.44 -28.34 -4.57
N GLN A 448 19.35 -29.63 -4.24
CA GLN A 448 19.35 -30.65 -5.29
C GLN A 448 18.10 -30.56 -6.15
N VAL A 449 16.94 -30.28 -5.55
CA VAL A 449 15.71 -30.17 -6.31
C VAL A 449 15.78 -28.99 -7.28
N PHE A 450 16.29 -27.86 -6.82
CA PHE A 450 16.36 -26.68 -7.68
C PHE A 450 17.42 -26.78 -8.76
N LEU A 451 18.32 -27.77 -8.68
CA LEU A 451 19.37 -27.95 -9.67
C LEU A 451 19.11 -29.11 -10.61
N ARG A 452 17.87 -29.59 -10.69
CA ARG A 452 17.53 -30.68 -11.58
C ARG A 452 17.03 -30.13 -12.92
N ARG A 453 17.54 -30.69 -14.01
CA ARG A 453 17.13 -30.30 -15.34
C ARG A 453 16.65 -31.44 -16.21
N GLY A 454 16.84 -32.69 -15.80
CA GLY A 454 16.45 -33.82 -16.62
C GLY A 454 14.94 -33.93 -16.77
N ILE A 455 14.56 -34.86 -17.66
CA ILE A 455 13.14 -35.11 -17.90
C ILE A 455 12.56 -35.85 -16.71
N GLU A 456 11.41 -35.39 -16.22
CA GLU A 456 10.75 -36.02 -15.09
C GLU A 456 9.58 -36.89 -15.47
N SER A 457 8.80 -36.48 -16.47
CA SER A 457 7.60 -37.22 -16.86
C SER A 457 7.41 -37.06 -18.36
N PRO A 458 6.68 -37.97 -19.00
CA PRO A 458 6.41 -37.81 -20.44
C PRO A 458 5.66 -36.53 -20.77
N GLU A 459 4.99 -35.92 -19.79
CA GLU A 459 4.24 -34.70 -20.08
C GLU A 459 5.17 -33.54 -20.37
N GLN A 460 6.39 -33.54 -19.83
CA GLN A 460 7.36 -32.52 -20.17
C GLN A 460 7.70 -32.54 -21.65
N LEU A 461 7.87 -33.74 -22.22
CA LEU A 461 8.10 -33.86 -23.65
C LEU A 461 6.83 -33.54 -24.44
N GLU A 462 5.67 -33.95 -23.94
CA GLU A 462 4.43 -33.74 -24.69
C GLU A 462 3.97 -32.29 -24.68
N GLU A 463 4.46 -31.48 -23.73
CA GLU A 463 4.20 -30.04 -23.79
C GLU A 463 4.77 -29.43 -25.05
N ILE A 464 5.99 -29.82 -25.41
CA ILE A 464 6.64 -29.29 -26.60
C ILE A 464 5.92 -29.75 -27.86
N GLY A 465 5.34 -30.95 -27.84
CA GLY A 465 4.70 -31.48 -29.01
C GLY A 465 5.40 -32.71 -29.54
N ILE A 466 6.00 -33.49 -28.64
CA ILE A 466 6.70 -34.71 -28.97
C ILE A 466 5.88 -35.88 -28.44
N ASN A 467 5.49 -36.79 -29.33
CA ASN A 467 4.68 -37.94 -28.95
C ASN A 467 5.57 -38.97 -28.27
N VAL A 468 5.36 -39.19 -26.98
CA VAL A 468 6.06 -40.23 -26.24
C VAL A 468 5.31 -41.53 -26.45
N TYR A 469 5.92 -42.49 -27.13
CA TYR A 469 5.26 -43.73 -27.48
C TYR A 469 5.37 -44.81 -26.41
N ALA A 470 6.26 -44.64 -25.44
CA ALA A 470 6.43 -45.64 -24.39
C ALA A 470 7.24 -45.03 -23.26
N SER A 471 7.32 -45.77 -22.17
CA SER A 471 8.19 -45.41 -21.04
C SER A 471 8.70 -46.71 -20.46
N ILE A 472 9.97 -47.03 -20.71
CA ILE A 472 10.55 -48.30 -20.32
C ILE A 472 11.15 -48.14 -18.93
N PRO A 473 10.79 -48.97 -17.97
CA PRO A 473 11.38 -48.87 -16.63
C PRO A 473 12.75 -49.53 -16.57
N ILE A 474 13.47 -49.26 -15.49
CA ILE A 474 14.76 -49.88 -15.26
C ILE A 474 14.58 -51.36 -15.00
N SER A 475 15.40 -52.18 -15.65
CA SER A 475 15.40 -53.63 -15.46
C SER A 475 16.53 -53.99 -14.51
N GLU A 476 16.20 -54.15 -13.22
CA GLU A 476 17.21 -54.48 -12.23
C GLU A 476 17.72 -55.92 -12.36
N TRP A 477 17.09 -56.74 -13.20
CA TRP A 477 17.51 -58.11 -13.41
C TRP A 477 18.96 -58.19 -13.89
N ASP A 494 25.75 -59.46 -21.60
CA ASP A 494 25.95 -59.94 -22.96
C ASP A 494 24.84 -60.91 -23.37
N THR A 495 23.60 -60.56 -23.04
CA THR A 495 22.45 -61.37 -23.41
C THR A 495 21.24 -60.47 -23.54
N LEU A 496 20.24 -60.94 -24.28
CA LEU A 496 19.03 -60.17 -24.51
C LEU A 496 18.05 -60.36 -23.36
N LEU A 497 17.59 -59.24 -22.80
CA LEU A 497 16.62 -59.29 -21.71
C LEU A 497 15.32 -59.94 -22.16
N ALA A 498 14.88 -59.65 -23.38
CA ALA A 498 13.66 -60.23 -23.93
C ALA A 498 13.80 -61.72 -24.15
N VAL A 499 14.98 -62.28 -23.86
CA VAL A 499 15.23 -63.70 -23.99
C VAL A 499 15.57 -64.34 -22.64
N GLY A 500 16.45 -63.70 -21.86
CA GLY A 500 16.77 -64.24 -20.56
C GLY A 500 15.59 -64.22 -19.60
N ASN A 501 14.87 -63.10 -19.55
CA ASN A 501 13.75 -62.91 -18.63
C ASN A 501 12.56 -62.35 -19.41
N PRO A 502 11.89 -63.19 -20.20
CA PRO A 502 10.81 -62.68 -21.07
C PRO A 502 9.66 -62.05 -20.30
N ALA A 503 9.51 -62.34 -19.02
CA ALA A 503 8.44 -61.79 -18.21
C ALA A 503 8.89 -60.59 -17.39
N ASP A 504 9.94 -59.91 -17.83
CA ASP A 504 10.40 -58.72 -17.13
C ASP A 504 9.43 -57.57 -17.36
N LEU A 505 9.43 -56.61 -16.44
CA LEU A 505 8.56 -55.45 -16.60
C LEU A 505 8.97 -54.60 -17.79
N ALA A 506 10.28 -54.46 -18.02
CA ALA A 506 10.77 -53.70 -19.16
C ALA A 506 10.36 -54.36 -20.47
N VAL A 507 10.36 -55.68 -20.52
CA VAL A 507 9.91 -56.36 -21.73
C VAL A 507 8.41 -56.17 -21.93
N GLU A 508 7.64 -56.05 -20.85
CA GLU A 508 6.23 -55.72 -20.98
C GLU A 508 6.05 -54.33 -21.57
N ALA A 509 6.82 -53.36 -21.09
CA ALA A 509 6.76 -52.02 -21.66
C ALA A 509 7.18 -52.03 -23.13
N ILE A 510 8.13 -52.88 -23.49
CA ILE A 510 8.55 -52.98 -24.88
C ILE A 510 7.46 -53.61 -25.74
N ARG A 511 6.71 -54.57 -25.19
CA ARG A 511 5.57 -55.11 -25.93
C ARG A 511 4.49 -54.05 -26.12
N GLY A 512 4.28 -53.21 -25.11
CA GLY A 512 3.41 -52.07 -25.32
C GLY A 512 3.87 -51.17 -26.44
N LEU A 513 5.18 -50.91 -26.49
CA LEU A 513 5.75 -50.14 -27.60
C LEU A 513 5.56 -50.86 -28.93
N ARG A 514 5.64 -52.19 -28.92
CA ARG A 514 5.46 -52.95 -30.16
C ARG A 514 4.06 -52.78 -30.71
N THR A 515 3.05 -52.89 -29.84
CA THR A 515 1.68 -52.73 -30.34
C THR A 515 1.37 -51.28 -30.68
N SER A 516 2.05 -50.33 -30.04
CA SER A 516 1.92 -48.93 -30.45
C SER A 516 2.53 -48.71 -31.84
N LEU A 517 3.68 -49.31 -32.11
CA LEU A 517 4.34 -49.16 -33.39
C LEU A 517 3.57 -49.83 -34.50
N HIS A 518 2.94 -50.97 -34.23
CA HIS A 518 2.18 -51.65 -35.27
C HIS A 518 1.08 -50.78 -35.85
N PHE A 519 0.65 -49.76 -35.11
CA PHE A 519 -0.32 -48.78 -35.60
C PHE A 519 0.35 -47.50 -36.09
N ALA A 520 1.42 -47.05 -35.42
CA ALA A 520 2.14 -45.88 -35.90
C ALA A 520 2.81 -46.12 -37.24
N MET A 521 3.39 -47.32 -37.43
CA MET A 521 4.16 -47.62 -38.63
C MET A 521 3.30 -47.98 -39.83
N MET A 522 1.99 -47.74 -39.79
CA MET A 522 1.18 -47.90 -40.98
C MET A 522 1.23 -46.63 -41.82
N GLU A 523 1.03 -46.81 -43.13
CA GLU A 523 1.12 -45.71 -44.11
C GLU A 523 2.52 -45.09 -44.12
N ALA A 524 3.53 -45.87 -43.78
CA ALA A 524 4.92 -45.45 -43.91
C ALA A 524 5.44 -45.89 -45.28
N LYS A 525 6.44 -45.14 -45.79
CA LYS A 525 6.90 -45.39 -47.15
C LYS A 525 7.61 -46.73 -47.29
N ASN A 526 8.17 -47.27 -46.21
CA ASN A 526 8.75 -48.61 -46.24
C ASN A 526 8.76 -49.15 -44.81
N ASN A 527 9.29 -50.36 -44.66
CA ASN A 527 9.27 -51.08 -43.39
C ASN A 527 10.58 -50.94 -42.63
N VAL A 528 11.20 -49.77 -42.70
CA VAL A 528 12.48 -49.51 -42.03
C VAL A 528 12.23 -48.57 -40.87
N LEU A 529 12.70 -48.98 -39.69
CA LEU A 529 12.58 -48.21 -38.46
C LEU A 529 13.98 -47.89 -37.97
N MET A 530 14.20 -46.64 -37.59
CA MET A 530 15.51 -46.16 -37.17
C MET A 530 15.39 -45.65 -35.74
N ILE A 531 16.06 -46.30 -34.82
CA ILE A 531 16.12 -45.87 -33.43
C ILE A 531 17.37 -45.04 -33.26
N SER A 532 17.24 -43.84 -32.70
CA SER A 532 18.38 -42.96 -32.49
C SER A 532 18.21 -42.30 -31.14
N GLY A 533 19.01 -41.29 -30.87
CA GLY A 533 18.94 -40.63 -29.58
C GLY A 533 19.73 -39.35 -29.60
N ALA A 534 19.76 -38.68 -28.44
CA ALA A 534 20.47 -37.42 -28.31
C ALA A 534 21.89 -37.61 -27.79
N SER A 535 22.05 -38.38 -26.72
CA SER A 535 23.34 -38.59 -26.10
C SER A 535 23.64 -40.08 -26.01
N PRO A 536 24.92 -40.45 -25.96
CA PRO A 536 25.26 -41.88 -25.86
C PRO A 536 24.84 -42.45 -24.51
N SER A 537 24.72 -43.78 -24.50
CA SER A 537 24.24 -44.51 -23.33
C SER A 537 22.86 -44.01 -22.89
N ALA A 538 21.97 -43.85 -23.88
CA ALA A 538 20.58 -43.54 -23.62
C ALA A 538 19.68 -44.76 -23.67
N GLY A 539 20.06 -45.77 -24.44
CA GLY A 539 19.31 -46.99 -24.50
C GLY A 539 18.95 -47.41 -25.91
N MET A 540 19.63 -46.86 -26.91
CA MET A 540 19.25 -47.15 -28.29
C MET A 540 19.45 -48.61 -28.64
N THR A 541 20.58 -49.20 -28.23
CA THR A 541 20.82 -50.60 -28.57
C THR A 541 19.95 -51.52 -27.71
N PHE A 542 19.78 -51.19 -26.44
CA PHE A 542 18.84 -51.94 -25.60
C PHE A 542 17.46 -51.95 -26.23
N ILE A 543 16.94 -50.76 -26.53
CA ILE A 543 15.58 -50.65 -27.08
C ILE A 543 15.48 -51.39 -28.41
N SER A 544 16.44 -51.17 -29.30
CA SER A 544 16.35 -51.74 -30.64
C SER A 544 16.44 -53.26 -30.60
N SER A 545 17.40 -53.80 -29.86
CA SER A 545 17.59 -55.24 -29.83
C SER A 545 16.41 -55.93 -29.17
N ASN A 546 15.95 -55.42 -28.03
CA ASN A 546 14.82 -56.03 -27.36
C ASN A 546 13.55 -55.90 -28.18
N LEU A 547 13.34 -54.75 -28.85
CA LEU A 547 12.19 -54.60 -29.71
C LEU A 547 12.22 -55.59 -30.86
N ALA A 548 13.40 -55.81 -31.45
CA ALA A 548 13.51 -56.79 -32.52
C ALA A 548 13.17 -58.19 -32.01
N ALA A 549 13.61 -58.51 -30.79
CA ALA A 549 13.30 -59.83 -30.24
C ALA A 549 11.80 -60.00 -30.02
N THR A 550 11.15 -58.99 -29.41
CA THR A 550 9.72 -59.08 -29.15
C THR A 550 8.90 -59.07 -30.43
N ILE A 551 9.41 -58.46 -31.50
CA ILE A 551 8.66 -58.51 -32.75
C ILE A 551 8.93 -59.81 -33.49
N ALA A 552 10.08 -60.43 -33.27
CA ALA A 552 10.36 -61.71 -33.91
C ALA A 552 9.61 -62.86 -33.26
N ILE A 553 9.35 -62.78 -31.95
CA ILE A 553 8.61 -63.86 -31.30
C ILE A 553 7.17 -63.98 -31.78
N THR A 554 6.66 -62.98 -32.51
CA THR A 554 5.31 -63.03 -33.03
C THR A 554 5.25 -63.60 -34.44
N GLY A 555 6.37 -64.09 -34.98
CA GLY A 555 6.36 -64.78 -36.24
C GLY A 555 6.65 -63.94 -37.47
N LYS A 556 7.14 -62.72 -37.30
CA LYS A 556 7.51 -61.87 -38.41
C LYS A 556 9.02 -61.87 -38.58
N LYS A 557 9.48 -61.93 -39.82
CA LYS A 557 10.92 -61.89 -40.10
C LYS A 557 11.46 -60.49 -39.83
N VAL A 558 12.50 -60.42 -39.01
CA VAL A 558 13.07 -59.15 -38.56
C VAL A 558 14.55 -59.12 -38.89
N LEU A 559 15.01 -58.01 -39.47
CA LEU A 559 16.43 -57.76 -39.68
C LEU A 559 16.88 -56.64 -38.76
N PHE A 560 18.00 -56.85 -38.09
CA PHE A 560 18.60 -55.86 -37.21
C PHE A 560 19.94 -55.44 -37.80
N ILE A 561 20.15 -54.13 -37.93
CA ILE A 561 21.37 -53.57 -38.51
C ILE A 561 22.03 -52.71 -37.45
N ASP A 562 23.32 -52.95 -37.21
CA ASP A 562 24.11 -52.15 -36.29
C ASP A 562 24.89 -51.15 -37.13
N ALA A 563 24.28 -49.98 -37.34
CA ALA A 563 24.90 -48.91 -38.11
C ALA A 563 25.67 -47.95 -37.23
N ASP A 564 25.95 -48.33 -35.99
CA ASP A 564 26.91 -47.63 -35.14
C ASP A 564 28.29 -48.17 -35.48
N LEU A 565 28.86 -47.64 -36.55
CA LEU A 565 30.17 -48.01 -37.06
C LEU A 565 31.29 -47.51 -36.20
N ARG A 566 31.02 -46.91 -35.05
CA ARG A 566 32.06 -46.35 -34.19
C ARG A 566 32.22 -47.09 -32.88
N LYS A 567 31.13 -47.42 -32.19
CA LYS A 567 31.20 -48.14 -30.91
C LYS A 567 30.11 -49.20 -30.82
N GLY A 568 29.89 -49.95 -31.90
CA GLY A 568 28.82 -50.93 -31.92
C GLY A 568 29.20 -52.29 -31.37
N TYR A 569 28.48 -52.76 -30.36
CA TYR A 569 28.78 -54.02 -29.67
C TYR A 569 27.68 -55.05 -29.84
N ALA A 570 26.83 -54.92 -30.85
CA ALA A 570 25.70 -55.84 -31.01
C ALA A 570 26.19 -57.26 -31.27
N HIS A 571 27.25 -57.42 -32.05
CA HIS A 571 27.76 -58.75 -32.33
C HIS A 571 28.22 -59.46 -31.06
N LYS A 572 28.72 -58.71 -30.08
CA LYS A 572 29.08 -59.31 -28.80
C LYS A 572 27.85 -59.83 -28.07
N MET A 573 26.74 -59.10 -28.15
CA MET A 573 25.51 -59.46 -27.48
C MET A 573 24.75 -60.57 -28.19
N PHE A 574 25.02 -60.81 -29.46
CA PHE A 574 24.28 -61.80 -30.23
C PHE A 574 25.05 -63.11 -30.44
N GLY A 575 26.36 -63.12 -30.21
CA GLY A 575 27.16 -64.27 -30.59
C GLY A 575 27.59 -64.08 -32.03
N HIS A 576 28.89 -64.02 -32.29
CA HIS A 576 29.34 -63.38 -33.51
C HIS A 576 30.44 -64.15 -34.21
N LYS A 577 30.54 -63.91 -35.51
CA LYS A 577 31.76 -64.05 -36.30
C LYS A 577 32.05 -62.63 -36.80
N ASN A 578 33.01 -61.96 -36.16
CA ASN A 578 33.17 -60.51 -36.33
C ASN A 578 33.56 -60.11 -37.75
N ASP A 579 33.97 -61.06 -38.59
CA ASP A 579 34.30 -60.73 -39.97
C ASP A 579 33.05 -60.34 -40.75
N LYS A 580 33.25 -59.54 -41.78
CA LYS A 580 32.22 -59.22 -42.77
C LYS A 580 31.01 -58.56 -42.12
N GLY A 581 31.23 -57.38 -41.55
CA GLY A 581 30.17 -56.57 -41.01
C GLY A 581 29.63 -55.59 -42.03
N LEU A 582 29.01 -54.51 -41.51
CA LEU A 582 28.49 -53.47 -42.39
C LEU A 582 29.61 -52.71 -43.07
N SER A 583 30.71 -52.46 -42.35
CA SER A 583 31.84 -51.75 -42.91
C SER A 583 32.37 -52.45 -44.15
N GLU A 584 32.65 -53.75 -44.04
CA GLU A 584 33.23 -54.50 -45.16
C GLU A 584 32.31 -54.46 -46.38
N PHE A 585 31.01 -54.51 -46.16
CA PHE A 585 30.06 -54.42 -47.28
C PHE A 585 30.11 -53.03 -47.91
N LEU A 586 30.08 -51.98 -47.08
CA LEU A 586 30.04 -50.62 -47.60
C LEU A 586 31.31 -50.28 -48.38
N SER A 587 32.46 -50.67 -47.84
CA SER A 587 33.73 -50.43 -48.54
C SER A 587 33.87 -51.27 -49.79
N GLY A 588 33.03 -52.27 -50.00
CA GLY A 588 33.00 -53.04 -51.22
C GLY A 588 33.68 -54.39 -51.17
N GLN A 589 34.23 -54.78 -50.03
CA GLN A 589 34.97 -56.03 -49.92
C GLN A 589 34.12 -57.16 -49.32
N ALA A 590 32.81 -57.13 -49.55
CA ALA A 590 31.91 -58.17 -49.06
C ALA A 590 30.63 -58.14 -49.87
N ALA A 591 29.88 -59.23 -49.80
CA ALA A 591 28.62 -59.37 -50.50
C ALA A 591 27.45 -59.12 -49.55
N ALA A 592 26.26 -59.04 -50.11
CA ALA A 592 25.05 -58.79 -49.34
C ALA A 592 24.57 -59.99 -48.55
N GLU A 593 25.13 -61.17 -48.80
CA GLU A 593 24.69 -62.40 -48.13
C GLU A 593 25.70 -62.94 -47.13
N MET A 594 26.94 -62.47 -47.15
CA MET A 594 27.96 -62.93 -46.21
C MET A 594 28.00 -62.10 -44.94
N ILE A 595 27.15 -61.08 -44.83
CA ILE A 595 27.15 -60.20 -43.65
C ILE A 595 26.00 -60.50 -42.71
N ILE A 596 24.99 -61.26 -43.14
CA ILE A 596 23.80 -61.54 -42.34
C ILE A 596 24.03 -62.79 -41.52
N ASP A 597 23.84 -62.67 -40.21
CA ASP A 597 23.97 -63.79 -39.28
C ASP A 597 22.66 -63.94 -38.51
N LYS A 598 22.57 -65.00 -37.70
CA LYS A 598 21.34 -65.31 -36.97
C LYS A 598 21.60 -65.29 -35.47
N VAL A 599 20.72 -64.61 -34.74
CA VAL A 599 20.79 -64.61 -33.28
C VAL A 599 20.34 -65.96 -32.75
N GLU A 600 21.08 -66.51 -31.79
CA GLU A 600 20.79 -67.86 -31.31
C GLU A 600 19.49 -67.91 -30.54
N GLY A 601 19.42 -67.18 -29.42
CA GLY A 601 18.24 -67.21 -28.59
C GLY A 601 17.21 -66.17 -28.98
N GLY A 602 17.35 -65.62 -30.19
CA GLY A 602 16.54 -64.53 -30.69
C GLY A 602 15.47 -65.06 -31.61
N GLY A 603 15.70 -65.02 -32.91
CA GLY A 603 14.71 -65.43 -33.88
C GLY A 603 14.73 -64.51 -35.07
N PHE A 604 15.70 -63.60 -35.05
CA PHE A 604 15.86 -62.59 -36.09
C PHE A 604 17.30 -62.58 -36.56
N ASP A 605 17.50 -62.15 -37.81
CA ASP A 605 18.84 -61.98 -38.35
C ASP A 605 19.41 -60.65 -37.92
N TYR A 606 20.73 -60.50 -38.09
CA TYR A 606 21.39 -59.25 -37.77
C TYR A 606 22.60 -59.05 -38.66
N ILE A 607 23.01 -57.78 -38.76
CA ILE A 607 24.22 -57.36 -39.46
C ILE A 607 25.06 -56.58 -38.46
N GLY A 608 26.28 -57.03 -38.23
CA GLY A 608 27.17 -56.33 -37.33
C GLY A 608 27.86 -55.17 -38.01
N ARG A 609 28.52 -54.33 -37.21
CA ARG A 609 29.21 -53.18 -37.78
C ARG A 609 30.42 -53.61 -38.57
N GLY A 610 31.13 -54.64 -38.11
CA GLY A 610 32.37 -55.04 -38.74
C GLY A 610 33.56 -54.36 -38.09
N GLN A 611 34.64 -54.20 -38.85
CA GLN A 611 35.79 -53.47 -38.35
C GLN A 611 35.48 -51.97 -38.32
N ILE A 612 36.02 -51.29 -37.33
CA ILE A 612 35.84 -49.84 -37.22
C ILE A 612 36.55 -49.17 -38.38
N PRO A 613 35.86 -48.40 -39.21
CA PRO A 613 36.51 -47.77 -40.35
C PRO A 613 37.07 -46.42 -39.97
N PRO A 614 37.94 -45.84 -40.81
CA PRO A 614 38.41 -44.47 -40.54
C PRO A 614 37.43 -43.40 -40.99
N ASN A 615 36.51 -43.70 -41.90
CA ASN A 615 35.56 -42.73 -42.44
C ASN A 615 34.14 -43.29 -42.37
N PRO A 616 33.58 -43.42 -41.17
CA PRO A 616 32.22 -43.98 -41.07
C PRO A 616 31.15 -43.14 -41.76
N ALA A 617 31.18 -41.82 -41.53
CA ALA A 617 30.15 -40.95 -42.09
C ALA A 617 30.22 -40.90 -43.61
N GLU A 618 31.40 -41.11 -44.18
CA GLU A 618 31.55 -41.13 -45.63
C GLU A 618 31.28 -42.50 -46.23
N LEU A 619 31.45 -43.57 -45.45
CA LEU A 619 30.99 -44.88 -45.89
C LEU A 619 29.47 -44.94 -45.95
N LEU A 620 28.80 -44.37 -44.94
CA LEU A 620 27.35 -44.43 -44.88
C LEU A 620 26.68 -43.65 -46.01
N MET A 621 27.41 -42.80 -46.73
CA MET A 621 26.84 -42.04 -47.84
C MET A 621 26.92 -42.79 -49.16
N HIS A 622 27.60 -43.92 -49.21
CA HIS A 622 27.71 -44.68 -50.44
C HIS A 622 26.33 -45.22 -50.84
N PRO A 623 26.03 -45.25 -52.14
CA PRO A 623 24.71 -45.79 -52.57
C PRO A 623 24.54 -47.28 -52.30
N ARG A 624 25.61 -48.00 -51.97
CA ARG A 624 25.45 -49.42 -51.63
C ARG A 624 24.64 -49.61 -50.36
N PHE A 625 24.63 -48.62 -49.46
CA PHE A 625 23.78 -48.70 -48.28
C PHE A 625 22.30 -48.70 -48.68
N GLU A 626 21.92 -47.79 -49.58
CA GLU A 626 20.55 -47.78 -50.07
C GLU A 626 20.22 -49.04 -50.84
N GLN A 627 21.19 -49.57 -51.59
CA GLN A 627 20.96 -50.85 -52.27
C GLN A 627 20.69 -51.96 -51.27
N LEU A 628 21.47 -52.00 -50.18
CA LEU A 628 21.26 -53.00 -49.14
C LEU A 628 19.88 -52.89 -48.54
N LEU A 629 19.46 -51.66 -48.21
CA LEU A 629 18.15 -51.49 -47.59
C LEU A 629 17.02 -51.85 -48.55
N ASN A 630 17.15 -51.48 -49.83
CA ASN A 630 16.12 -51.84 -50.80
C ASN A 630 16.05 -53.35 -51.00
N TRP A 631 17.19 -54.03 -51.00
CA TRP A 631 17.18 -55.49 -51.13
C TRP A 631 16.57 -56.14 -49.90
N ALA A 632 16.89 -55.62 -48.70
CA ALA A 632 16.37 -56.21 -47.48
C ALA A 632 14.89 -55.95 -47.31
N SER A 633 14.39 -54.82 -47.82
CA SER A 633 12.97 -54.49 -47.68
C SER A 633 12.05 -55.41 -48.45
N GLN A 634 12.59 -56.42 -49.13
CA GLN A 634 11.78 -57.39 -49.86
C GLN A 634 11.86 -58.80 -49.30
N ASN A 635 12.84 -59.08 -48.43
CA ASN A 635 13.00 -60.40 -47.84
C ASN A 635 12.65 -60.43 -46.36
N TYR A 636 12.34 -59.29 -45.76
CA TYR A 636 12.03 -59.20 -44.35
C TYR A 636 10.78 -58.38 -44.13
N ASP A 637 10.14 -58.59 -42.98
CA ASP A 637 8.93 -57.87 -42.62
C ASP A 637 9.23 -56.56 -41.90
N LEU A 638 10.34 -56.49 -41.17
CA LEU A 638 10.73 -55.29 -40.46
C LEU A 638 12.25 -55.19 -40.49
N ILE A 639 12.75 -53.96 -40.61
CA ILE A 639 14.18 -53.68 -40.50
C ILE A 639 14.37 -52.61 -39.44
N ILE A 640 15.16 -52.92 -38.42
CA ILE A 640 15.49 -51.98 -37.37
C ILE A 640 16.96 -51.62 -37.50
N ILE A 641 17.26 -50.32 -37.44
CA ILE A 641 18.62 -49.83 -37.58
C ILE A 641 18.99 -49.09 -36.31
N ASP A 642 20.11 -49.49 -35.70
CA ASP A 642 20.65 -48.79 -34.55
C ASP A 642 21.74 -47.84 -35.02
N THR A 643 21.77 -46.65 -34.43
CA THR A 643 22.58 -45.53 -34.89
C THR A 643 23.29 -44.90 -33.72
N PRO A 644 24.36 -44.14 -33.98
CA PRO A 644 24.97 -43.34 -32.92
C PRO A 644 24.07 -42.17 -32.56
N PRO A 645 24.39 -41.40 -31.52
CA PRO A 645 23.61 -40.20 -31.23
C PRO A 645 23.72 -39.18 -32.36
N ILE A 646 22.83 -38.19 -32.32
CA ILE A 646 22.81 -37.17 -33.36
C ILE A 646 23.50 -35.91 -32.86
N LEU A 647 23.46 -35.67 -31.55
CA LEU A 647 24.17 -34.51 -31.02
C LEU A 647 25.67 -34.71 -31.02
N ALA A 648 26.16 -35.92 -31.29
CA ALA A 648 27.58 -36.20 -31.34
C ALA A 648 28.10 -36.23 -32.78
N VAL A 649 27.51 -37.06 -33.62
CA VAL A 649 27.91 -37.22 -35.00
C VAL A 649 26.68 -37.07 -35.89
N THR A 650 26.87 -37.26 -37.18
CA THR A 650 25.81 -37.02 -38.17
C THR A 650 25.37 -38.28 -38.89
N ASP A 651 25.81 -39.46 -38.44
CA ASP A 651 25.48 -40.70 -39.13
C ASP A 651 23.98 -40.95 -39.14
N ALA A 652 23.32 -40.71 -38.01
CA ALA A 652 21.88 -40.94 -37.92
C ALA A 652 21.12 -40.14 -38.94
N ALA A 653 21.57 -38.92 -39.25
CA ALA A 653 20.89 -38.08 -40.22
C ALA A 653 21.12 -38.52 -41.64
N ILE A 654 22.26 -39.17 -41.92
CA ILE A 654 22.46 -39.79 -43.22
C ILE A 654 21.56 -41.01 -43.38
N ILE A 655 21.48 -41.84 -42.33
CA ILE A 655 20.69 -43.06 -42.42
C ILE A 655 19.20 -42.75 -42.48
N GLY A 656 18.76 -41.71 -41.77
CA GLY A 656 17.34 -41.39 -41.68
C GLY A 656 16.70 -40.99 -42.99
N ARG A 657 17.49 -40.73 -44.03
CA ARG A 657 16.89 -40.45 -45.33
C ARG A 657 16.14 -41.65 -45.87
N TYR A 658 16.67 -42.85 -45.64
CA TYR A 658 16.09 -44.07 -46.17
C TYR A 658 15.25 -44.82 -45.15
N ALA A 659 14.97 -44.22 -44.00
CA ALA A 659 14.16 -44.84 -42.97
C ALA A 659 12.72 -44.34 -43.08
N GLY A 660 11.77 -45.27 -43.11
CA GLY A 660 10.38 -44.88 -43.13
C GLY A 660 9.93 -44.25 -41.81
N THR A 661 10.38 -44.81 -40.70
CA THR A 661 10.02 -44.31 -39.37
C THR A 661 11.29 -44.07 -38.57
N CYS A 662 11.31 -42.98 -37.81
CA CYS A 662 12.45 -42.65 -36.96
C CYS A 662 11.95 -42.30 -35.57
N LEU A 663 12.56 -42.88 -34.56
CA LEU A 663 12.18 -42.63 -33.17
C LEU A 663 13.41 -42.27 -32.36
N LEU A 664 13.28 -41.28 -31.49
CA LEU A 664 14.36 -40.94 -30.59
C LEU A 664 14.18 -41.63 -29.26
N VAL A 665 15.28 -41.85 -28.55
CA VAL A 665 15.27 -42.42 -27.21
C VAL A 665 15.82 -41.39 -26.26
N ALA A 666 15.05 -41.04 -25.25
CA ALA A 666 15.47 -40.09 -24.23
C ALA A 666 15.64 -40.83 -22.91
N ARG A 667 16.82 -40.72 -22.31
CA ARG A 667 17.02 -41.31 -21.00
C ARG A 667 16.27 -40.48 -19.96
N PHE A 668 15.80 -41.16 -18.91
CA PHE A 668 14.87 -40.58 -17.96
C PHE A 668 15.44 -39.35 -17.26
N GLU A 669 16.48 -39.53 -16.45
CA GLU A 669 17.02 -38.41 -15.70
C GLU A 669 18.14 -37.68 -16.43
N LYS A 670 18.86 -38.35 -17.33
CA LYS A 670 20.06 -37.76 -17.92
C LYS A 670 19.70 -36.65 -18.90
N ASN A 671 19.00 -36.98 -19.98
CA ASN A 671 18.71 -36.00 -21.01
C ASN A 671 17.74 -34.96 -20.48
N THR A 672 17.69 -33.83 -21.17
CA THR A 672 16.78 -32.74 -20.84
C THR A 672 15.85 -32.49 -22.02
N VAL A 673 14.82 -31.68 -21.78
CA VAL A 673 13.90 -31.34 -22.86
C VAL A 673 14.60 -30.53 -23.94
N LYS A 674 15.56 -29.70 -23.53
CA LYS A 674 16.32 -28.91 -24.49
C LYS A 674 17.11 -29.80 -25.44
N GLU A 675 17.76 -30.84 -24.91
CA GLU A 675 18.52 -31.75 -25.76
C GLU A 675 17.62 -32.44 -26.76
N ILE A 676 16.45 -32.89 -26.32
CA ILE A 676 15.55 -33.62 -27.21
C ILE A 676 14.99 -32.70 -28.28
N ASP A 677 14.66 -31.46 -27.90
CA ASP A 677 14.19 -30.50 -28.91
C ASP A 677 15.29 -30.18 -29.92
N VAL A 678 16.52 -29.97 -29.45
CA VAL A 678 17.63 -29.72 -30.35
C VAL A 678 17.83 -30.90 -31.30
N SER A 679 17.68 -32.12 -30.80
CA SER A 679 17.85 -33.30 -31.65
C SER A 679 16.75 -33.38 -32.70
N MET A 680 15.50 -33.15 -32.30
CA MET A 680 14.40 -33.18 -33.27
C MET A 680 14.60 -32.12 -34.34
N LYS A 681 15.01 -30.92 -33.94
CA LYS A 681 15.22 -29.84 -34.89
C LYS A 681 16.39 -30.13 -35.82
N ARG A 682 17.47 -30.73 -35.30
CA ARG A 682 18.59 -31.06 -36.15
C ARG A 682 18.25 -32.18 -37.12
N PHE A 683 17.35 -33.09 -36.73
CA PHE A 683 16.89 -34.10 -37.67
C PHE A 683 16.00 -33.48 -38.75
N GLU A 684 15.12 -32.56 -38.37
CA GLU A 684 14.23 -31.94 -39.36
C GLU A 684 15.00 -31.03 -40.31
N GLN A 685 16.08 -30.42 -39.82
CA GLN A 685 16.91 -29.58 -40.68
C GLN A 685 17.55 -30.37 -41.81
N SER A 686 17.78 -31.66 -41.60
CA SER A 686 18.42 -32.51 -42.58
C SER A 686 17.41 -33.32 -43.39
N GLY A 687 16.13 -33.05 -43.24
CA GLY A 687 15.12 -33.71 -44.03
C GLY A 687 14.63 -35.03 -43.48
N VAL A 688 14.70 -35.24 -42.18
CA VAL A 688 14.29 -36.48 -41.55
C VAL A 688 13.17 -36.15 -40.57
N VAL A 689 12.02 -36.79 -40.74
CA VAL A 689 10.86 -36.55 -39.89
C VAL A 689 10.88 -37.55 -38.74
N VAL A 690 10.97 -37.06 -37.52
CA VAL A 690 10.99 -37.91 -36.34
C VAL A 690 9.56 -38.15 -35.90
N LYS A 691 9.16 -39.43 -35.84
CA LYS A 691 7.80 -39.76 -35.45
C LYS A 691 7.54 -39.42 -33.99
N GLY A 692 8.49 -39.71 -33.11
CA GLY A 692 8.28 -39.43 -31.71
C GLY A 692 9.44 -39.89 -30.87
N CYS A 693 9.19 -39.96 -29.57
CA CYS A 693 10.22 -40.22 -28.56
C CYS A 693 9.87 -41.47 -27.77
N ILE A 694 10.87 -41.98 -27.07
CA ILE A 694 10.74 -43.15 -26.20
C ILE A 694 11.50 -42.83 -24.92
N LEU A 695 10.78 -42.66 -23.82
CA LEU A 695 11.43 -42.42 -22.54
C LEU A 695 11.93 -43.75 -21.99
N ASN A 696 13.17 -43.75 -21.49
CA ASN A 696 13.81 -45.00 -21.08
C ASN A 696 14.41 -44.82 -19.69
N GLY A 697 14.59 -45.95 -19.00
CA GLY A 697 15.16 -45.95 -17.67
C GLY A 697 14.33 -45.23 -16.63
N VAL A 698 13.01 -45.39 -16.69
CA VAL A 698 12.11 -44.70 -15.77
C VAL A 698 12.12 -45.43 -14.43
N VAL A 699 12.02 -44.66 -13.35
CA VAL A 699 11.92 -45.19 -11.99
C VAL A 699 10.77 -44.50 -11.29
N LYS A 700 10.35 -45.09 -10.17
CA LYS A 700 9.17 -44.65 -9.45
C LYS A 700 9.57 -43.58 -8.43
N LYS A 701 8.95 -42.42 -8.53
CA LYS A 701 9.25 -41.28 -7.66
C LYS A 701 7.95 -40.81 -7.01
N ALA A 702 7.99 -40.64 -5.69
CA ALA A 702 6.80 -40.23 -4.94
C ALA A 702 6.41 -38.79 -5.21
N SER A 703 7.29 -37.98 -5.81
CA SER A 703 6.97 -36.60 -6.12
C SER A 703 6.15 -36.46 -7.39
N SER A 704 5.93 -37.54 -8.12
CA SER A 704 5.13 -37.51 -9.34
C SER A 704 3.71 -38.03 -9.06
N ILE B 17 -11.09 -21.74 -1.82
CA ILE B 17 -11.84 -22.63 -0.95
C ILE B 17 -13.10 -21.93 -0.44
N ASP B 18 -14.04 -22.71 0.09
CA ASP B 18 -15.30 -22.16 0.60
C ASP B 18 -15.70 -22.90 1.86
N LEU B 19 -16.58 -22.25 2.64
CA LEU B 19 -16.95 -22.79 3.95
C LEU B 19 -17.67 -24.12 3.83
N GLY B 20 -18.47 -24.29 2.78
CA GLY B 20 -19.23 -25.53 2.63
C GLY B 20 -18.33 -26.75 2.51
N ARG B 21 -17.23 -26.61 1.76
CA ARG B 21 -16.28 -27.72 1.61
C ARG B 21 -15.69 -28.12 2.95
N VAL B 22 -15.25 -27.14 3.75
CA VAL B 22 -14.59 -27.47 5.00
C VAL B 22 -15.59 -28.09 5.99
N ILE B 23 -16.83 -27.57 5.99
CA ILE B 23 -17.85 -28.14 6.87
C ILE B 23 -18.17 -29.56 6.45
N GLY B 24 -18.23 -29.81 5.14
CA GLY B 24 -18.46 -31.17 4.68
C GLY B 24 -17.33 -32.12 5.05
N GLU B 25 -16.09 -31.66 4.91
CA GLU B 25 -14.96 -32.50 5.31
C GLU B 25 -15.01 -32.83 6.79
N LEU B 26 -15.36 -31.84 7.62
CA LEU B 26 -15.49 -32.08 9.06
C LEU B 26 -16.59 -33.09 9.36
N ILE B 27 -17.70 -33.01 8.62
CA ILE B 27 -18.79 -33.95 8.83
C ILE B 27 -18.39 -35.36 8.40
N ASP B 28 -17.64 -35.48 7.29
CA ASP B 28 -17.23 -36.79 6.81
C ASP B 28 -16.28 -37.48 7.78
N HIS B 29 -15.33 -36.74 8.34
CA HIS B 29 -14.33 -37.31 9.26
C HIS B 29 -14.76 -37.18 10.71
N ARG B 30 -16.06 -37.18 10.99
CA ARG B 30 -16.53 -36.97 12.36
C ARG B 30 -16.05 -38.07 13.30
N LYS B 31 -16.03 -39.31 12.82
CA LYS B 31 -15.64 -40.42 13.70
C LYS B 31 -14.18 -40.28 14.15
N LEU B 32 -13.28 -39.94 13.22
CA LEU B 32 -11.88 -39.77 13.58
C LEU B 32 -11.69 -38.63 14.58
N ILE B 33 -12.35 -37.50 14.33
CA ILE B 33 -12.23 -36.35 15.23
C ILE B 33 -12.74 -36.70 16.61
N ILE B 34 -13.91 -37.35 16.68
CA ILE B 34 -14.49 -37.71 17.97
C ILE B 34 -13.57 -38.68 18.71
N SER B 35 -13.04 -39.68 18.00
CA SER B 35 -12.18 -40.66 18.66
C SER B 35 -10.92 -40.01 19.21
N ILE B 36 -10.27 -39.16 18.41
CA ILE B 36 -9.03 -38.52 18.86
C ILE B 36 -9.30 -37.61 20.05
N THR B 37 -10.35 -36.78 19.95
CA THR B 37 -10.67 -35.86 21.04
C THR B 37 -11.04 -36.62 22.31
N SER B 38 -11.79 -37.71 22.18
CA SER B 38 -12.14 -38.50 23.36
C SER B 38 -10.91 -39.15 23.99
N VAL B 39 -9.98 -39.64 23.18
CA VAL B 39 -8.76 -40.23 23.73
C VAL B 39 -7.95 -39.17 24.50
N PHE B 40 -7.80 -37.99 23.90
CA PHE B 40 -7.04 -36.93 24.58
C PHE B 40 -7.73 -36.49 25.86
N THR B 41 -9.06 -36.36 25.84
CA THR B 41 -9.78 -35.95 27.04
C THR B 41 -9.70 -37.03 28.11
N LEU B 42 -9.73 -38.31 27.73
CA LEU B 42 -9.58 -39.38 28.71
C LEU B 42 -8.20 -39.35 29.35
N PHE B 43 -7.15 -39.12 28.54
CA PHE B 43 -5.82 -39.00 29.12
C PHE B 43 -5.72 -37.82 30.06
N ALA B 44 -6.31 -36.68 29.67
CA ALA B 44 -6.28 -35.51 30.53
C ALA B 44 -7.01 -35.76 31.85
N ILE B 45 -8.17 -36.42 31.79
CA ILE B 45 -8.92 -36.73 33.00
C ILE B 45 -8.13 -37.69 33.89
N LEU B 46 -7.51 -38.70 33.29
CA LEU B 46 -6.70 -39.63 34.09
C LEU B 46 -5.55 -38.90 34.79
N TYR B 47 -4.87 -38.01 34.07
CA TYR B 47 -3.79 -37.26 34.70
C TYR B 47 -4.30 -36.35 35.81
N ALA B 48 -5.42 -35.66 35.57
CA ALA B 48 -5.93 -34.71 36.55
C ALA B 48 -6.55 -35.40 37.75
N LEU B 49 -6.91 -36.68 37.64
CA LEU B 49 -7.44 -37.41 38.78
C LEU B 49 -6.42 -38.33 39.44
N LEU B 50 -5.26 -38.55 38.82
CA LEU B 50 -4.24 -39.39 39.41
C LEU B 50 -2.99 -38.63 39.85
N ALA B 51 -2.78 -37.41 39.37
CA ALA B 51 -1.63 -36.63 39.80
C ALA B 51 -1.75 -36.31 41.29
N THR B 52 -0.63 -36.39 41.99
CA THR B 52 -0.64 -36.18 43.43
C THR B 52 -0.99 -34.73 43.76
N PRO B 53 -1.87 -34.49 44.71
CA PRO B 53 -2.21 -33.11 45.07
C PRO B 53 -1.07 -32.43 45.81
N ILE B 54 -0.91 -31.14 45.56
CA ILE B 54 0.16 -30.33 46.16
C ILE B 54 -0.49 -29.19 46.93
N TYR B 55 -0.32 -29.19 48.24
CA TYR B 55 -0.86 -28.16 49.12
C TYR B 55 0.15 -27.04 49.32
N GLU B 56 -0.37 -25.88 49.74
CA GLU B 56 0.44 -24.70 49.94
C GLU B 56 0.15 -24.12 51.31
N THR B 57 1.20 -23.84 52.08
CA THR B 57 1.09 -23.22 53.38
C THR B 57 1.75 -21.85 53.34
N ASP B 58 1.20 -20.94 54.13
CA ASP B 58 1.64 -19.55 54.13
C ASP B 58 1.87 -19.05 55.55
N ALA B 59 2.77 -18.09 55.66
CA ALA B 59 3.04 -17.36 56.89
C ALA B 59 3.33 -15.91 56.54
N LEU B 60 3.14 -15.03 57.53
CA LEU B 60 3.35 -13.60 57.35
C LEU B 60 4.17 -13.07 58.51
N ILE B 61 5.33 -12.48 58.22
CA ILE B 61 6.19 -11.92 59.24
C ILE B 61 6.37 -10.43 58.96
N GLN B 62 6.76 -9.71 60.00
CA GLN B 62 6.92 -8.26 59.93
C GLN B 62 8.37 -7.87 60.13
N ILE B 63 8.92 -7.09 59.21
CA ILE B 63 10.27 -6.59 59.31
C ILE B 63 10.23 -5.22 59.98
N GLU B 64 10.90 -5.10 61.12
CA GLU B 64 10.94 -3.84 61.86
C GLU B 64 11.66 -2.76 61.06
N GLN B 85 14.29 -1.93 54.23
CA GLN B 85 14.92 -3.23 54.35
C GLN B 85 14.18 -4.26 53.48
N SER B 86 14.16 -5.50 53.96
CA SER B 86 13.48 -6.65 53.37
C SER B 86 14.07 -7.08 52.04
N ALA B 87 15.04 -6.35 51.51
CA ALA B 87 15.75 -6.78 50.31
C ALA B 87 16.83 -7.82 50.66
N PRO B 88 17.64 -7.62 51.71
CA PRO B 88 18.58 -8.68 52.11
C PRO B 88 17.96 -9.80 52.90
N GLU B 89 16.79 -9.58 53.51
CA GLU B 89 16.14 -10.62 54.31
C GLU B 89 15.63 -11.76 53.44
N THR B 90 15.24 -11.47 52.20
CA THR B 90 14.87 -12.53 51.28
C THR B 90 16.04 -13.47 51.03
N ALA B 91 17.25 -12.93 50.90
CA ALA B 91 18.43 -13.76 50.71
C ALA B 91 18.87 -14.43 52.01
N LEU B 92 18.63 -13.79 53.15
CA LEU B 92 18.97 -14.41 54.42
C LEU B 92 18.06 -15.59 54.75
N LEU B 93 16.79 -15.50 54.37
CA LEU B 93 15.86 -16.60 54.63
C LEU B 93 16.19 -17.82 53.78
N GLN B 94 16.60 -17.59 52.54
CA GLN B 94 16.92 -18.67 51.62
C GLN B 94 18.38 -19.09 51.68
N SER B 95 19.15 -18.55 52.61
CA SER B 95 20.53 -18.98 52.79
C SER B 95 20.58 -20.39 53.37
N ARG B 96 21.70 -21.07 53.13
CA ARG B 96 21.82 -22.45 53.57
C ARG B 96 21.90 -22.59 55.08
N MET B 97 22.20 -21.52 55.81
CA MET B 97 22.28 -21.64 57.26
C MET B 97 20.91 -21.85 57.89
N ILE B 98 19.93 -21.03 57.50
CA ILE B 98 18.58 -21.15 58.04
C ILE B 98 17.96 -22.48 57.65
N LEU B 99 18.01 -22.79 56.35
CA LEU B 99 17.41 -24.04 55.87
C LEU B 99 18.13 -25.25 56.46
N GLY B 100 19.45 -25.17 56.60
CA GLY B 100 20.18 -26.27 57.19
C GLY B 100 19.81 -26.48 58.65
N LYS B 101 19.65 -25.40 59.40
CA LYS B 101 19.23 -25.54 60.79
C LYS B 101 17.84 -26.16 60.87
N THR B 102 16.94 -25.75 59.97
CA THR B 102 15.60 -26.34 59.95
C THR B 102 15.67 -27.84 59.65
N ILE B 103 16.49 -28.23 58.67
CA ILE B 103 16.57 -29.63 58.27
C ILE B 103 17.21 -30.47 59.36
N ASP B 104 18.21 -29.93 60.06
CA ASP B 104 18.77 -30.65 61.19
C ASP B 104 17.74 -30.80 62.31
N ASP B 105 16.91 -29.76 62.53
CA ASP B 105 15.91 -29.83 63.58
C ASP B 105 14.83 -30.88 63.28
N LEU B 106 14.32 -30.88 62.05
CA LEU B 106 13.18 -31.72 61.70
C LEU B 106 13.57 -33.03 61.05
N ASN B 107 14.86 -33.32 60.91
CA ASN B 107 15.35 -34.56 60.31
C ASN B 107 14.77 -34.76 58.91
N LEU B 108 14.81 -33.70 58.11
CA LEU B 108 14.30 -33.79 56.75
C LEU B 108 15.21 -34.55 55.82
N GLN B 109 16.34 -35.06 56.32
CA GLN B 109 17.27 -35.85 55.54
C GLN B 109 16.92 -37.33 55.49
N ILE B 110 15.84 -37.73 56.15
CA ILE B 110 15.35 -39.10 56.11
C ILE B 110 14.09 -39.08 55.26
N GLN B 111 14.20 -39.55 54.02
CA GLN B 111 13.08 -39.53 53.10
C GLN B 111 12.33 -40.85 53.18
N ILE B 112 11.07 -40.80 53.60
CA ILE B 112 10.23 -41.98 53.71
C ILE B 112 9.15 -41.89 52.65
N GLU B 113 9.05 -42.91 51.81
CA GLU B 113 8.10 -42.90 50.70
C GLU B 113 7.28 -44.17 50.71
N GLN B 114 5.96 -44.03 50.63
CA GLN B 114 5.09 -45.19 50.52
C GLN B 114 5.35 -45.89 49.20
N LYS B 115 5.33 -47.23 49.24
CA LYS B 115 5.75 -48.05 48.11
C LYS B 115 4.53 -48.50 47.32
N TYR B 116 4.42 -48.03 46.09
CA TYR B 116 3.46 -48.55 45.11
C TYR B 116 4.23 -48.88 43.85
N PHE B 117 4.09 -50.13 43.38
CA PHE B 117 4.85 -50.55 42.21
C PHE B 117 4.55 -49.75 40.94
N PRO B 118 3.28 -49.40 40.60
CA PRO B 118 3.06 -48.74 39.31
C PRO B 118 3.17 -47.22 39.41
N VAL B 119 3.05 -46.53 38.28
CA VAL B 119 3.07 -45.07 38.28
C VAL B 119 1.72 -44.47 38.62
N ILE B 120 0.70 -45.30 38.84
CA ILE B 120 -0.64 -44.80 39.15
C ILE B 120 -1.14 -45.44 40.43
N GLY B 121 -0.29 -46.21 41.10
CA GLY B 121 -0.71 -46.89 42.32
C GLY B 121 -1.11 -45.92 43.42
N ARG B 122 -0.34 -44.85 43.60
CA ARG B 122 -0.66 -43.88 44.64
C ARG B 122 -1.98 -43.18 44.35
N GLY B 123 -2.21 -42.78 43.10
CA GLY B 123 -3.46 -42.14 42.75
C GLY B 123 -4.66 -43.04 42.95
N LEU B 124 -4.52 -44.31 42.55
CA LEU B 124 -5.62 -45.26 42.77
C LEU B 124 -5.88 -45.46 44.25
N ALA B 125 -4.81 -45.57 45.05
CA ALA B 125 -4.99 -45.75 46.49
C ALA B 125 -5.69 -44.55 47.11
N ARG B 126 -5.33 -43.34 46.68
CA ARG B 126 -6.03 -42.16 47.17
C ARG B 126 -7.48 -42.14 46.75
N LEU B 127 -7.77 -42.50 45.49
CA LEU B 127 -9.14 -42.46 45.00
C LEU B 127 -10.02 -43.48 45.73
N MET B 128 -9.50 -44.68 45.99
CA MET B 128 -10.26 -45.69 46.70
C MET B 128 -10.47 -45.36 48.17
N GLY B 129 -10.00 -44.21 48.64
CA GLY B 129 -10.20 -43.83 50.03
C GLY B 129 -9.21 -44.43 51.00
N GLU B 130 -8.20 -45.13 50.51
CA GLU B 130 -7.21 -45.72 51.40
C GLU B 130 -6.43 -44.63 52.13
N LYS B 131 -6.22 -44.83 53.42
CA LYS B 131 -5.49 -43.87 54.25
C LYS B 131 -4.01 -44.17 54.18
N PRO B 132 -3.17 -43.24 53.72
CA PRO B 132 -1.73 -43.49 53.71
C PRO B 132 -1.18 -43.63 55.11
N GLY B 133 -0.21 -44.53 55.28
CA GLY B 133 0.46 -44.70 56.56
C GLY B 133 1.71 -43.86 56.67
N ASN B 134 2.30 -43.87 57.87
CA ASN B 134 3.51 -43.10 58.11
C ASN B 134 4.30 -43.70 59.25
N ILE B 135 5.60 -43.41 59.26
CA ILE B 135 6.52 -43.89 60.28
C ILE B 135 7.34 -42.71 60.77
N ASP B 136 7.49 -42.60 62.08
CA ASP B 136 8.32 -41.56 62.70
C ASP B 136 9.70 -42.16 62.97
N ILE B 137 10.69 -41.76 62.18
CA ILE B 137 12.07 -42.23 62.33
C ILE B 137 12.89 -41.08 62.91
N THR B 138 13.50 -41.33 64.06
CA THR B 138 14.30 -40.33 64.73
C THR B 138 15.80 -40.58 64.61
N ARG B 139 16.21 -41.66 63.95
CA ARG B 139 17.64 -41.92 63.76
C ARG B 139 17.81 -42.94 62.64
N LEU B 140 18.56 -42.56 61.61
CA LEU B 140 18.87 -43.45 60.49
C LEU B 140 20.32 -43.24 60.09
N TYR B 141 21.04 -44.33 59.89
CA TYR B 141 22.44 -44.28 59.45
C TYR B 141 22.71 -45.50 58.57
N LEU B 142 22.80 -45.28 57.29
CA LEU B 142 23.08 -46.35 56.34
C LEU B 142 24.58 -46.48 56.12
N PRO B 143 25.04 -47.61 55.56
CA PRO B 143 26.49 -47.81 55.42
C PRO B 143 27.18 -46.80 54.53
N ASP B 144 26.43 -46.03 53.73
CA ASP B 144 26.99 -44.95 52.92
C ASP B 144 28.04 -45.49 51.94
N SER B 145 27.54 -46.29 50.99
CA SER B 145 28.40 -46.83 49.94
C SER B 145 29.17 -45.72 49.24
N ASP B 146 28.47 -44.65 48.85
CA ASP B 146 29.08 -43.43 48.32
C ASP B 146 29.99 -43.72 47.13
N ASP B 147 29.42 -44.37 46.12
CA ASP B 147 30.14 -44.62 44.87
C ASP B 147 30.08 -43.37 44.00
N ILE B 148 30.42 -43.50 42.72
CA ILE B 148 30.52 -42.35 41.84
C ILE B 148 29.16 -41.67 41.69
N SER B 149 28.09 -42.45 41.52
CA SER B 149 26.77 -41.91 41.21
C SER B 149 25.79 -42.03 42.37
N ASN B 150 25.61 -43.21 42.93
CA ASN B 150 24.61 -43.44 43.97
C ASN B 150 25.12 -42.87 45.29
N ASN B 151 24.88 -41.58 45.50
CA ASN B 151 25.24 -40.91 46.72
C ASN B 151 24.13 -40.98 47.77
N THR B 152 22.98 -41.56 47.44
CA THR B 152 21.85 -41.66 48.35
C THR B 152 21.57 -43.13 48.67
N PRO B 153 22.07 -43.64 49.80
CA PRO B 153 21.70 -45.01 50.20
C PRO B 153 20.23 -45.10 50.57
N SER B 154 19.67 -46.29 50.36
CA SER B 154 18.25 -46.51 50.60
C SER B 154 18.02 -47.97 50.98
N ILE B 155 16.97 -48.19 51.77
CA ILE B 155 16.53 -49.52 52.18
C ILE B 155 15.02 -49.60 51.96
N ILE B 156 14.49 -50.81 52.01
CA ILE B 156 13.06 -51.06 51.90
C ILE B 156 12.59 -51.75 53.17
N LEU B 157 11.54 -51.21 53.78
CA LEU B 157 10.99 -51.71 55.03
C LEU B 157 9.59 -52.26 54.74
N THR B 158 9.38 -53.52 55.10
CA THR B 158 8.07 -54.17 54.95
C THR B 158 7.44 -54.31 56.33
N VAL B 159 6.19 -53.86 56.45
CA VAL B 159 5.48 -53.86 57.73
C VAL B 159 4.79 -55.22 57.88
N LYS B 160 5.22 -55.98 58.89
CA LYS B 160 4.60 -57.26 59.17
C LYS B 160 3.47 -57.15 60.18
N ASP B 161 3.58 -56.24 61.14
CA ASP B 161 2.54 -56.02 62.14
C ASP B 161 2.70 -54.61 62.70
N LYS B 162 2.02 -54.33 63.80
CA LYS B 162 2.15 -53.04 64.46
C LYS B 162 3.48 -52.89 65.19
N GLU B 163 4.23 -53.96 65.39
CA GLU B 163 5.44 -53.93 66.20
C GLU B 163 6.70 -54.20 65.40
N ASN B 164 6.77 -55.33 64.69
CA ASN B 164 7.99 -55.72 64.00
C ASN B 164 7.89 -55.43 62.50
N TYR B 165 9.05 -55.49 61.85
CA TYR B 165 9.16 -55.18 60.43
C TYR B 165 10.40 -55.86 59.87
N SER B 166 10.46 -55.94 58.55
CA SER B 166 11.60 -56.51 57.85
C SER B 166 12.31 -55.43 57.03
N ILE B 167 13.63 -55.56 56.92
CA ILE B 167 14.48 -54.59 56.27
C ILE B 167 15.30 -55.29 55.20
N ASN B 168 15.34 -54.71 54.00
CA ASN B 168 16.22 -55.22 52.96
C ASN B 168 16.87 -54.05 52.23
N SER B 169 18.21 -54.08 52.17
CA SER B 169 18.96 -53.02 51.49
C SER B 169 19.41 -53.46 50.09
N ASP B 170 20.15 -54.55 50.01
CA ASP B 170 20.62 -55.11 48.74
C ASP B 170 20.45 -56.62 48.74
N GLY B 171 19.30 -57.10 49.22
CA GLY B 171 19.07 -58.51 49.40
C GLY B 171 19.39 -59.02 50.79
N ILE B 172 20.02 -58.21 51.63
CA ILE B 172 20.35 -58.61 52.99
C ILE B 172 19.11 -58.40 53.85
N GLN B 173 18.52 -59.50 54.31
CA GLN B 173 17.29 -59.44 55.08
C GLN B 173 17.60 -59.33 56.58
N LEU B 174 16.90 -58.43 57.24
CA LEU B 174 17.01 -58.26 58.69
C LEU B 174 15.61 -58.05 59.27
N ASN B 175 15.48 -58.30 60.56
CA ASN B 175 14.23 -58.12 61.27
C ASN B 175 14.42 -57.11 62.39
N GLY B 176 13.48 -56.18 62.51
CA GLY B 176 13.56 -55.15 63.53
C GLY B 176 12.23 -55.00 64.27
N VAL B 177 12.32 -54.39 65.44
CA VAL B 177 11.17 -54.18 66.31
C VAL B 177 11.10 -52.71 66.69
N VAL B 178 9.90 -52.15 66.67
CA VAL B 178 9.70 -50.79 67.14
C VAL B 178 10.19 -50.67 68.58
N GLY B 179 10.68 -49.49 68.94
CA GLY B 179 11.27 -49.32 70.26
C GLY B 179 12.78 -49.47 70.24
N THR B 180 13.26 -50.68 70.54
CA THR B 180 14.69 -50.92 70.64
C THR B 180 15.40 -50.55 69.33
N LEU B 181 16.53 -49.85 69.47
CA LEU B 181 17.30 -49.40 68.32
C LEU B 181 18.00 -50.60 67.66
N LEU B 182 18.27 -50.46 66.36
CA LEU B 182 18.95 -51.47 65.57
C LEU B 182 20.32 -50.97 65.15
N ASN B 183 21.36 -51.75 65.46
CA ASN B 183 22.73 -51.51 65.02
C ASN B 183 23.27 -52.82 64.46
N GLU B 184 23.02 -53.09 63.19
CA GLU B 184 23.43 -54.35 62.58
C GLU B 184 23.84 -54.12 61.13
N LYS B 185 24.92 -54.80 60.72
CA LYS B 185 25.39 -54.80 59.33
C LYS B 185 25.70 -53.38 58.85
N GLY B 186 26.29 -52.58 59.73
CA GLY B 186 26.58 -51.20 59.39
C GLY B 186 25.36 -50.34 59.18
N ILE B 187 24.21 -50.75 59.71
CA ILE B 187 22.96 -50.05 59.56
C ILE B 187 22.41 -49.74 60.94
N SER B 188 22.11 -48.47 61.19
CA SER B 188 21.51 -48.00 62.43
C SER B 188 20.12 -47.46 62.12
N LEU B 189 19.14 -47.89 62.90
CA LEU B 189 17.76 -47.48 62.64
C LEU B 189 16.97 -47.42 63.93
N LEU B 190 16.17 -46.37 64.07
CA LEU B 190 15.23 -46.23 65.18
C LEU B 190 13.88 -45.84 64.61
N VAL B 191 12.88 -46.71 64.82
CA VAL B 191 11.56 -46.55 64.24
C VAL B 191 10.55 -46.40 65.36
N ASN B 192 9.68 -45.39 65.25
CA ASN B 192 8.64 -45.14 66.24
C ASN B 192 7.31 -44.92 65.54
N GLU B 193 6.26 -45.50 66.12
CA GLU B 193 4.86 -45.21 65.76
C GLU B 193 4.59 -45.50 64.28
N ILE B 194 4.69 -46.78 63.94
CA ILE B 194 4.25 -47.24 62.62
C ILE B 194 2.74 -47.10 62.54
N ASP B 195 2.24 -46.53 61.43
CA ASP B 195 0.81 -46.36 61.21
C ASP B 195 0.52 -46.79 59.77
N ALA B 196 0.27 -48.08 59.59
CA ALA B 196 -0.08 -48.62 58.28
C ALA B 196 -0.62 -50.03 58.50
N LYS B 197 -1.29 -50.55 57.47
CA LYS B 197 -1.74 -51.93 57.53
C LYS B 197 -0.57 -52.88 57.28
N PRO B 198 -0.60 -54.08 57.84
CA PRO B 198 0.48 -55.03 57.60
C PRO B 198 0.60 -55.38 56.12
N GLY B 199 1.84 -55.61 55.70
CA GLY B 199 2.14 -55.86 54.30
C GLY B 199 2.53 -54.62 53.50
N ASP B 200 2.39 -53.43 54.08
CA ASP B 200 2.82 -52.22 53.40
C ASP B 200 4.34 -52.12 53.36
N GLN B 201 4.85 -51.41 52.36
CA GLN B 201 6.28 -51.23 52.18
C GLN B 201 6.60 -49.75 52.08
N PHE B 202 7.78 -49.39 52.58
CA PHE B 202 8.24 -48.00 52.60
C PHE B 202 9.70 -47.96 52.20
N VAL B 203 10.02 -47.10 51.24
CA VAL B 203 11.40 -46.83 50.85
C VAL B 203 11.95 -45.76 51.77
N ILE B 204 13.07 -46.07 52.44
CA ILE B 204 13.71 -45.15 53.37
C ILE B 204 15.07 -44.79 52.80
N THR B 205 15.24 -43.52 52.43
CA THR B 205 16.46 -43.03 51.82
C THR B 205 17.15 -42.04 52.75
N GLN B 206 18.47 -42.10 52.80
CA GLN B 206 19.27 -41.13 53.55
C GLN B 206 19.98 -40.24 52.53
N LEU B 207 19.28 -39.21 52.09
CA LEU B 207 19.83 -38.33 51.07
C LEU B 207 20.78 -37.31 51.69
N PRO B 208 21.75 -36.82 50.92
CA PRO B 208 22.74 -35.90 51.48
C PRO B 208 22.13 -34.57 51.88
N ARG B 209 22.80 -33.91 52.83
CA ARG B 209 22.27 -32.69 53.43
C ARG B 209 22.05 -31.60 52.39
N LEU B 210 22.98 -31.44 51.45
CA LEU B 210 22.80 -30.44 50.42
C LEU B 210 21.61 -30.77 49.51
N LYS B 211 21.37 -32.05 49.25
CA LYS B 211 20.20 -32.41 48.45
C LYS B 211 18.91 -32.05 49.17
N ALA B 212 18.84 -32.30 50.48
CA ALA B 212 17.67 -31.92 51.25
C ALA B 212 17.48 -30.40 51.24
N ILE B 213 18.58 -29.66 51.40
CA ILE B 213 18.48 -28.20 51.40
C ILE B 213 18.02 -27.70 50.04
N SER B 214 18.53 -28.28 48.96
CA SER B 214 18.11 -27.86 47.63
C SER B 214 16.63 -28.16 47.40
N ASP B 215 16.17 -29.34 47.85
CA ASP B 215 14.75 -29.67 47.69
C ASP B 215 13.87 -28.73 48.49
N LEU B 216 14.28 -28.39 49.72
CA LEU B 216 13.51 -27.45 50.52
C LEU B 216 13.49 -26.07 49.87
N LEU B 217 14.64 -25.63 49.36
CA LEU B 217 14.73 -24.31 48.74
C LEU B 217 13.99 -24.22 47.42
N LYS B 218 13.78 -25.35 46.74
CA LYS B 218 13.06 -25.31 45.47
C LYS B 218 11.59 -24.97 45.67
N SER B 219 10.98 -25.43 46.76
CA SER B 219 9.56 -25.25 47.00
C SER B 219 9.26 -24.14 48.00
N PHE B 220 10.24 -23.32 48.35
CA PHE B 220 10.09 -22.27 49.35
C PHE B 220 10.26 -20.92 48.66
N SER B 221 9.33 -20.00 48.93
CA SER B 221 9.35 -18.69 48.31
C SER B 221 9.13 -17.60 49.35
N VAL B 222 9.77 -16.46 49.13
CA VAL B 222 9.61 -15.28 49.97
C VAL B 222 9.22 -14.11 49.08
N ALA B 223 8.24 -13.33 49.53
CA ALA B 223 7.80 -12.17 48.77
C ALA B 223 7.54 -11.01 49.72
N ASP B 224 7.57 -9.79 49.18
CA ASP B 224 7.32 -8.61 49.97
C ASP B 224 5.86 -8.17 49.92
N LEU B 225 5.24 -8.24 48.74
CA LEU B 225 3.81 -8.01 48.55
C LEU B 225 3.46 -6.53 48.67
N GLY B 226 4.43 -5.71 49.07
CA GLY B 226 4.23 -4.27 49.08
C GLY B 226 5.40 -3.50 48.50
N LYS B 227 6.55 -4.17 48.39
CA LYS B 227 7.78 -3.64 47.79
C LYS B 227 8.42 -2.57 48.66
N ASP B 228 7.74 -2.19 49.75
CA ASP B 228 8.29 -1.22 50.69
C ASP B 228 8.00 -1.53 52.15
N THR B 229 6.96 -2.30 52.45
CA THR B 229 6.58 -2.59 53.82
C THR B 229 7.50 -3.63 54.44
N GLY B 230 7.45 -3.72 55.76
CA GLY B 230 8.14 -4.78 56.47
C GLY B 230 7.45 -6.11 56.43
N MET B 231 6.35 -6.21 55.69
CA MET B 231 5.58 -7.44 55.62
C MET B 231 6.21 -8.38 54.60
N LEU B 232 6.56 -9.58 55.04
CA LEU B 232 7.07 -10.63 54.17
C LEU B 232 6.12 -11.81 54.23
N THR B 233 5.74 -12.32 53.06
CA THR B 233 4.93 -13.51 52.95
C THR B 233 5.84 -14.67 52.59
N LEU B 234 5.84 -15.71 53.43
CA LEU B 234 6.61 -16.92 53.20
C LEU B 234 5.64 -18.01 52.74
N THR B 235 6.00 -18.70 51.67
CA THR B 235 5.16 -19.69 51.04
C THR B 235 5.92 -21.00 50.90
N LEU B 236 5.26 -22.11 51.20
CA LEU B 236 5.89 -23.43 51.06
C LEU B 236 4.88 -24.41 50.47
N THR B 237 5.26 -25.12 49.42
CA THR B 237 4.39 -26.08 48.77
C THR B 237 4.90 -27.50 49.01
N GLY B 238 3.98 -28.42 49.27
CA GLY B 238 4.35 -29.80 49.49
C GLY B 238 3.11 -30.68 49.54
N ASP B 239 3.34 -31.98 49.46
CA ASP B 239 2.25 -32.94 49.35
C ASP B 239 1.70 -33.40 50.70
N ASN B 240 2.34 -33.02 51.80
CA ASN B 240 1.84 -33.38 53.13
C ASN B 240 1.36 -32.11 53.82
N PRO B 241 0.05 -31.92 53.99
CA PRO B 241 -0.45 -30.64 54.50
C PRO B 241 -0.01 -30.31 55.92
N LYS B 242 0.36 -31.28 56.74
CA LYS B 242 0.81 -31.00 58.10
C LYS B 242 2.32 -30.80 58.17
N ARG B 243 3.06 -31.61 57.41
CA ARG B 243 4.50 -31.51 57.43
C ARG B 243 4.96 -30.15 56.93
N ILE B 244 4.31 -29.62 55.89
CA ILE B 244 4.75 -28.34 55.35
C ILE B 244 4.47 -27.21 56.33
N SER B 245 3.37 -27.30 57.07
CA SER B 245 3.11 -26.30 58.11
C SER B 245 4.16 -26.37 59.21
N HIS B 246 4.52 -27.58 59.63
CA HIS B 246 5.58 -27.71 60.63
C HIS B 246 6.91 -27.18 60.12
N ILE B 247 7.22 -27.45 58.86
CA ILE B 247 8.48 -26.99 58.28
C ILE B 247 8.53 -25.48 58.20
N LEU B 248 7.44 -24.85 57.77
CA LEU B 248 7.43 -23.40 57.69
C LEU B 248 7.45 -22.75 59.07
N ASP B 249 6.79 -23.37 60.05
CA ASP B 249 6.90 -22.87 61.42
C ASP B 249 8.33 -22.94 61.92
N SER B 250 9.03 -24.06 61.64
CA SER B 250 10.42 -24.17 62.05
C SER B 250 11.29 -23.15 61.35
N ILE B 251 11.07 -22.92 60.06
CA ILE B 251 11.83 -21.90 59.33
C ILE B 251 11.64 -20.54 59.98
N SER B 252 10.40 -20.18 60.26
CA SER B 252 10.12 -18.87 60.85
C SER B 252 10.74 -18.73 62.23
N GLN B 253 10.62 -19.77 63.06
CA GLN B 253 11.21 -19.70 64.39
C GLN B 253 12.73 -19.60 64.34
N ASN B 254 13.37 -20.34 63.43
CA ASN B 254 14.82 -20.25 63.32
C ASN B 254 15.26 -18.88 62.86
N TYR B 255 14.57 -18.30 61.87
CA TYR B 255 14.91 -16.96 61.43
C TYR B 255 14.69 -15.94 62.55
N LEU B 256 13.59 -16.08 63.29
CA LEU B 256 13.32 -15.16 64.40
C LEU B 256 14.39 -15.26 65.49
N ALA B 257 14.79 -16.47 65.85
CA ALA B 257 15.82 -16.64 66.87
C ALA B 257 17.17 -16.13 66.38
N GLN B 258 17.48 -16.34 65.11
CA GLN B 258 18.74 -15.86 64.56
C GLN B 258 18.79 -14.34 64.56
N ASN B 259 17.69 -13.67 64.21
CA ASN B 259 17.71 -12.22 64.09
C ASN B 259 17.98 -11.55 65.44
N ILE B 260 17.42 -12.09 66.51
CA ILE B 260 17.53 -11.44 67.83
C ILE B 260 18.83 -11.83 68.50
N ALA B 261 19.70 -12.51 67.76
CA ALA B 261 21.02 -12.88 68.27
C ALA B 261 22.07 -12.73 67.18
N VAL B 409 12.09 -8.30 63.89
CA VAL B 409 11.21 -9.22 63.19
C VAL B 409 10.10 -9.72 64.11
N ARG B 410 8.91 -9.87 63.55
CA ARG B 410 7.74 -10.31 64.29
C ARG B 410 6.94 -11.30 63.46
N ILE B 411 6.46 -12.36 64.10
CA ILE B 411 5.66 -13.38 63.44
C ILE B 411 4.20 -13.05 63.65
N ILE B 412 3.55 -12.53 62.61
CA ILE B 412 2.18 -12.08 62.69
C ILE B 412 1.24 -13.25 62.42
N ASP B 413 1.41 -13.91 61.27
CA ASP B 413 0.60 -15.05 60.88
C ASP B 413 1.49 -16.29 60.86
N ASN B 414 1.31 -17.18 61.82
CA ASN B 414 2.00 -18.47 61.76
C ASN B 414 1.45 -19.28 60.60
N ALA B 415 2.27 -20.18 60.09
CA ALA B 415 1.96 -20.87 58.85
C ALA B 415 0.72 -21.75 59.00
N VAL B 416 -0.20 -21.63 58.04
CA VAL B 416 -1.32 -22.57 57.92
C VAL B 416 -1.42 -23.00 56.47
N THR B 417 -2.04 -24.15 56.27
CA THR B 417 -2.11 -24.81 54.97
C THR B 417 -3.49 -24.63 54.35
N ASP B 418 -3.53 -24.21 53.11
CA ASP B 418 -4.80 -24.10 52.41
C ASP B 418 -5.31 -25.50 52.08
N PRO B 419 -6.49 -25.91 52.57
CA PRO B 419 -6.93 -27.29 52.32
C PRO B 419 -7.24 -27.59 50.86
N ASN B 420 -7.42 -26.58 50.02
CA ASN B 420 -7.62 -26.80 48.59
C ASN B 420 -6.26 -26.86 47.90
N PRO B 421 -5.91 -27.97 47.27
CA PRO B 421 -4.60 -28.06 46.62
C PRO B 421 -4.44 -27.03 45.51
N VAL B 422 -3.21 -26.55 45.35
CA VAL B 422 -2.91 -25.61 44.29
C VAL B 422 -2.58 -26.29 42.97
N ARG B 423 -2.12 -27.54 43.00
CA ARG B 423 -1.84 -28.33 41.82
C ARG B 423 -2.25 -29.77 42.09
N PRO B 424 -2.73 -30.49 41.07
CA PRO B 424 -2.99 -30.00 39.71
C PRO B 424 -4.31 -29.25 39.59
N LYS B 425 -4.36 -28.27 38.69
CA LYS B 425 -5.58 -27.51 38.42
C LYS B 425 -6.38 -28.29 37.39
N LYS B 426 -7.41 -29.00 37.86
CA LYS B 426 -8.08 -30.00 37.02
C LYS B 426 -8.78 -29.36 35.83
N THR B 427 -9.50 -28.25 36.06
CA THR B 427 -10.33 -27.69 34.99
C THR B 427 -9.48 -27.18 33.84
N ILE B 428 -8.40 -26.46 34.13
CA ILE B 428 -7.56 -25.96 33.05
C ILE B 428 -6.86 -27.10 32.34
N ILE B 429 -6.49 -28.16 33.07
CA ILE B 429 -5.87 -29.33 32.45
C ILE B 429 -6.83 -29.97 31.45
N ILE B 430 -8.08 -30.15 31.86
CA ILE B 430 -9.06 -30.81 31.01
C ILE B 430 -9.39 -29.93 29.80
N VAL B 431 -9.50 -28.62 30.00
CA VAL B 431 -9.76 -27.72 28.88
C VAL B 431 -8.59 -27.76 27.89
N ILE B 432 -7.36 -27.74 28.39
CA ILE B 432 -6.20 -27.82 27.52
C ILE B 432 -6.20 -29.14 26.75
N GLY B 433 -6.54 -30.24 27.42
CA GLY B 433 -6.60 -31.52 26.74
C GLY B 433 -7.63 -31.54 25.62
N VAL B 434 -8.83 -31.01 25.90
CA VAL B 434 -9.88 -30.99 24.89
C VAL B 434 -9.46 -30.13 23.69
N VAL B 435 -8.92 -28.95 23.95
CA VAL B 435 -8.52 -28.07 22.86
C VAL B 435 -7.37 -28.68 22.06
N LEU B 436 -6.43 -29.34 22.75
CA LEU B 436 -5.33 -30.00 22.06
C LEU B 436 -5.85 -31.12 21.16
N GLY B 437 -6.80 -31.91 21.65
CA GLY B 437 -7.40 -32.93 20.82
C GLY B 437 -8.08 -32.35 19.60
N LEU B 438 -8.84 -31.27 19.79
CA LEU B 438 -9.52 -30.65 18.65
C LEU B 438 -8.52 -30.14 17.61
N ILE B 439 -7.44 -29.49 18.06
CA ILE B 439 -6.52 -28.91 17.09
C ILE B 439 -5.74 -30.01 16.37
N VAL B 440 -5.35 -31.07 17.08
CA VAL B 440 -4.62 -32.15 16.38
C VAL B 440 -5.55 -32.87 15.41
N SER B 441 -6.83 -33.04 15.78
CA SER B 441 -7.77 -33.65 14.85
C SER B 441 -7.97 -32.80 13.61
N VAL B 442 -8.10 -31.49 13.78
CA VAL B 442 -8.28 -30.60 12.64
C VAL B 442 -7.04 -30.61 11.75
N VAL B 443 -5.86 -30.62 12.36
CA VAL B 443 -4.63 -30.67 11.57
C VAL B 443 -4.56 -31.96 10.78
N LEU B 444 -4.88 -33.09 11.41
CA LEU B 444 -4.84 -34.38 10.70
C LEU B 444 -5.86 -34.41 9.56
N VAL B 445 -7.05 -33.87 9.80
CA VAL B 445 -8.07 -33.83 8.75
C VAL B 445 -7.62 -32.97 7.58
N LEU B 446 -7.07 -31.80 7.86
CA LEU B 446 -6.59 -30.94 6.79
C LEU B 446 -5.46 -31.60 6.02
N PHE B 447 -4.57 -32.29 6.74
CA PHE B 447 -3.46 -32.97 6.08
C PHE B 447 -3.95 -34.07 5.16
N GLN B 448 -4.94 -34.85 5.62
CA GLN B 448 -5.50 -35.91 4.77
C GLN B 448 -6.23 -35.33 3.57
N VAL B 449 -6.96 -34.23 3.76
CA VAL B 449 -7.68 -33.62 2.67
C VAL B 449 -6.72 -33.10 1.60
N PHE B 450 -5.64 -32.45 2.03
CA PHE B 450 -4.69 -31.90 1.07
C PHE B 450 -3.84 -32.97 0.38
N LEU B 451 -3.87 -34.21 0.86
CA LEU B 451 -3.10 -35.29 0.26
C LEU B 451 -3.96 -36.26 -0.54
N ARG B 452 -5.16 -35.86 -0.91
CA ARG B 452 -6.04 -36.70 -1.71
C ARG B 452 -5.86 -36.40 -3.19
N ARG B 453 -5.74 -37.46 -3.99
CA ARG B 453 -5.59 -37.31 -5.43
C ARG B 453 -6.60 -38.12 -6.24
N GLY B 454 -7.35 -39.01 -5.61
CA GLY B 454 -8.29 -39.83 -6.34
C GLY B 454 -9.46 -39.04 -6.91
N ILE B 455 -10.25 -39.73 -7.73
CA ILE B 455 -11.41 -39.12 -8.35
C ILE B 455 -12.50 -38.94 -7.29
N GLU B 456 -13.08 -37.75 -7.23
CA GLU B 456 -14.12 -37.45 -6.26
C GLU B 456 -15.52 -37.47 -6.86
N SER B 457 -15.68 -36.98 -8.08
CA SER B 457 -17.00 -36.91 -8.70
C SER B 457 -16.84 -37.12 -10.19
N PRO B 458 -17.90 -37.53 -10.88
CA PRO B 458 -17.81 -37.67 -12.34
C PRO B 458 -17.46 -36.39 -13.06
N GLU B 459 -17.66 -35.23 -12.42
CA GLU B 459 -17.34 -33.97 -13.08
C GLU B 459 -15.84 -33.79 -13.26
N GLN B 460 -15.04 -34.39 -12.38
CA GLN B 460 -13.59 -34.34 -12.56
C GLN B 460 -13.18 -35.03 -13.86
N LEU B 461 -13.79 -36.16 -14.17
CA LEU B 461 -13.51 -36.83 -15.44
C LEU B 461 -14.11 -36.06 -16.60
N GLU B 462 -15.30 -35.47 -16.42
CA GLU B 462 -15.96 -34.79 -17.53
C GLU B 462 -15.33 -33.44 -17.85
N GLU B 463 -14.55 -32.87 -16.93
CA GLU B 463 -13.77 -31.69 -17.26
C GLU B 463 -12.77 -31.98 -18.37
N ILE B 464 -12.10 -33.13 -18.30
CA ILE B 464 -11.12 -33.50 -19.31
C ILE B 464 -11.79 -33.78 -20.65
N GLY B 465 -13.03 -34.28 -20.63
CA GLY B 465 -13.71 -34.63 -21.85
C GLY B 465 -13.96 -36.11 -21.97
N ILE B 466 -14.17 -36.76 -20.83
CA ILE B 466 -14.44 -38.19 -20.76
C ILE B 466 -15.89 -38.37 -20.34
N ASN B 467 -16.66 -39.06 -21.17
CA ASN B 467 -18.08 -39.28 -20.89
C ASN B 467 -18.21 -40.37 -19.84
N VAL B 468 -18.67 -40.00 -18.65
CA VAL B 468 -18.95 -40.97 -17.59
C VAL B 468 -20.36 -41.52 -17.82
N TYR B 469 -20.47 -42.79 -18.16
CA TYR B 469 -21.75 -43.39 -18.50
C TYR B 469 -22.52 -43.91 -17.31
N ALA B 470 -21.89 -44.05 -16.15
CA ALA B 470 -22.57 -44.57 -14.96
C ALA B 470 -21.71 -44.29 -13.75
N SER B 471 -22.28 -44.53 -12.59
CA SER B 471 -21.56 -44.48 -11.32
C SER B 471 -22.14 -45.56 -10.42
N ILE B 472 -21.40 -46.65 -10.25
CA ILE B 472 -21.88 -47.82 -9.53
C ILE B 472 -21.52 -47.65 -8.06
N PRO B 473 -22.46 -47.74 -7.13
CA PRO B 473 -22.13 -47.63 -5.71
C PRO B 473 -21.58 -48.93 -5.17
N ILE B 474 -21.01 -48.85 -3.97
CA ILE B 474 -20.51 -50.03 -3.28
C ILE B 474 -21.69 -50.92 -2.87
N SER B 475 -21.55 -52.21 -3.13
CA SER B 475 -22.55 -53.21 -2.75
C SER B 475 -22.10 -53.88 -1.47
N GLU B 476 -22.61 -53.40 -0.33
CA GLU B 476 -22.22 -53.97 0.96
C GLU B 476 -22.80 -55.37 1.18
N TRP B 477 -23.70 -55.83 0.32
CA TRP B 477 -24.29 -57.14 0.45
C TRP B 477 -23.23 -58.25 0.43
N ASP B 494 -18.16 -65.69 -4.66
CA ASP B 494 -18.18 -66.57 -5.82
C ASP B 494 -19.58 -66.72 -6.40
N THR B 495 -20.29 -65.60 -6.50
CA THR B 495 -21.62 -65.59 -7.09
C THR B 495 -21.88 -64.22 -7.69
N LEU B 496 -22.83 -64.18 -8.62
CA LEU B 496 -23.17 -62.94 -9.30
C LEU B 496 -24.15 -62.12 -8.47
N LEU B 497 -23.81 -60.85 -8.24
CA LEU B 497 -24.69 -59.96 -7.49
C LEU B 497 -26.01 -59.76 -8.21
N ALA B 498 -25.98 -59.65 -9.53
CA ALA B 498 -27.19 -59.48 -10.33
C ALA B 498 -28.07 -60.72 -10.29
N VAL B 499 -27.62 -61.76 -9.58
CA VAL B 499 -28.39 -62.99 -9.43
C VAL B 499 -28.73 -63.25 -7.97
N GLY B 500 -27.77 -63.10 -7.06
CA GLY B 500 -28.06 -63.29 -5.65
C GLY B 500 -29.03 -62.26 -5.12
N ASN B 501 -28.80 -60.99 -5.44
CA ASN B 501 -29.61 -59.88 -4.93
C ASN B 501 -30.00 -58.98 -6.09
N PRO B 502 -30.95 -59.40 -6.92
CA PRO B 502 -31.28 -58.63 -8.12
C PRO B 502 -31.79 -57.23 -7.83
N ALA B 503 -32.26 -56.97 -6.61
CA ALA B 503 -32.77 -55.65 -6.24
C ALA B 503 -31.74 -54.82 -5.51
N ASP B 504 -30.45 -55.10 -5.71
CA ASP B 504 -29.40 -54.32 -5.09
C ASP B 504 -29.32 -52.95 -5.75
N LEU B 505 -28.78 -51.98 -5.02
CA LEU B 505 -28.62 -50.64 -5.59
C LEU B 505 -27.60 -50.64 -6.71
N ALA B 506 -26.52 -51.42 -6.55
CA ALA B 506 -25.50 -51.51 -7.60
C ALA B 506 -26.08 -52.13 -8.87
N VAL B 507 -26.97 -53.11 -8.73
CA VAL B 507 -27.60 -53.69 -9.91
C VAL B 507 -28.53 -52.68 -10.57
N GLU B 508 -29.15 -51.80 -9.79
CA GLU B 508 -29.94 -50.73 -10.38
C GLU B 508 -29.06 -49.77 -11.18
N ALA B 509 -27.90 -49.41 -10.64
CA ALA B 509 -26.97 -48.57 -11.39
C ALA B 509 -26.48 -49.28 -12.65
N ILE B 510 -26.32 -50.61 -12.58
CA ILE B 510 -25.90 -51.35 -13.76
C ILE B 510 -27.01 -51.39 -14.80
N ARG B 511 -28.28 -51.46 -14.38
CA ARG B 511 -29.38 -51.37 -15.33
C ARG B 511 -29.43 -49.99 -15.99
N GLY B 512 -29.14 -48.95 -15.22
CA GLY B 512 -28.99 -47.63 -15.83
C GLY B 512 -27.90 -47.61 -16.88
N LEU B 513 -26.76 -48.24 -16.58
CA LEU B 513 -25.69 -48.38 -17.57
C LEU B 513 -26.14 -49.19 -18.78
N ARG B 514 -26.98 -50.19 -18.56
CA ARG B 514 -27.47 -51.02 -19.67
C ARG B 514 -28.32 -50.19 -20.63
N THR B 515 -29.22 -49.38 -20.09
CA THR B 515 -30.05 -48.57 -20.98
C THR B 515 -29.25 -47.43 -21.61
N SER B 516 -28.20 -46.97 -20.93
CA SER B 516 -27.30 -46.00 -21.57
C SER B 516 -26.53 -46.63 -22.72
N LEU B 517 -26.07 -47.87 -22.55
CA LEU B 517 -25.31 -48.55 -23.58
C LEU B 517 -26.19 -48.90 -24.77
N HIS B 518 -27.45 -49.24 -24.54
CA HIS B 518 -28.33 -49.60 -25.65
C HIS B 518 -28.47 -48.44 -26.65
N PHE B 519 -28.19 -47.22 -26.23
CA PHE B 519 -28.17 -46.06 -27.10
C PHE B 519 -26.77 -45.69 -27.55
N ALA B 520 -25.77 -45.83 -26.67
CA ALA B 520 -24.39 -45.57 -27.07
C ALA B 520 -23.90 -46.57 -28.10
N MET B 521 -24.25 -47.84 -27.95
CA MET B 521 -23.75 -48.91 -28.82
C MET B 521 -24.47 -49.00 -30.15
N MET B 522 -25.26 -48.01 -30.53
CA MET B 522 -25.81 -47.97 -31.87
C MET B 522 -24.82 -47.34 -32.84
N GLU B 523 -24.90 -47.74 -34.11
CA GLU B 523 -23.98 -47.29 -35.14
C GLU B 523 -22.55 -47.71 -34.85
N ALA B 524 -22.38 -48.80 -34.11
CA ALA B 524 -21.07 -49.39 -33.90
C ALA B 524 -20.80 -50.45 -34.96
N LYS B 525 -19.52 -50.67 -35.25
CA LYS B 525 -19.18 -51.55 -36.36
C LYS B 525 -19.53 -53.01 -36.10
N ASN B 526 -19.63 -53.42 -34.84
CA ASN B 526 -20.11 -54.75 -34.50
C ASN B 526 -20.65 -54.73 -33.08
N ASN B 527 -21.09 -55.88 -32.60
CA ASN B 527 -21.75 -56.01 -31.31
C ASN B 527 -20.80 -56.48 -30.22
N VAL B 528 -19.55 -56.05 -30.26
CA VAL B 528 -18.54 -56.44 -29.30
C VAL B 528 -18.23 -55.25 -28.40
N LEU B 529 -18.32 -55.49 -27.10
CA LEU B 529 -18.04 -54.49 -26.08
C LEU B 529 -16.86 -54.98 -25.25
N MET B 530 -15.91 -54.08 -25.00
CA MET B 530 -14.69 -54.42 -24.28
C MET B 530 -14.61 -53.53 -23.04
N ILE B 531 -14.68 -54.16 -21.88
CA ILE B 531 -14.52 -53.45 -20.61
C ILE B 531 -13.08 -53.58 -20.19
N SER B 532 -12.44 -52.46 -19.88
CA SER B 532 -11.04 -52.46 -19.46
C SER B 532 -10.89 -51.47 -18.32
N GLY B 533 -9.64 -51.15 -17.98
CA GLY B 533 -9.42 -50.24 -16.88
C GLY B 533 -7.98 -49.80 -16.84
N ALA B 534 -7.67 -48.98 -15.85
CA ALA B 534 -6.30 -48.47 -15.68
C ALA B 534 -5.48 -49.34 -14.75
N SER B 535 -6.02 -49.67 -13.58
CA SER B 535 -5.30 -50.42 -12.58
C SER B 535 -6.09 -51.66 -12.19
N PRO B 536 -5.42 -52.71 -11.72
CA PRO B 536 -6.14 -53.92 -11.31
C PRO B 536 -7.01 -53.67 -10.09
N SER B 537 -7.99 -54.55 -9.92
CA SER B 537 -8.99 -54.44 -8.86
C SER B 537 -9.70 -53.09 -8.93
N ALA B 538 -10.11 -52.72 -10.15
CA ALA B 538 -10.94 -51.55 -10.36
C ALA B 538 -12.42 -51.90 -10.50
N GLY B 539 -12.72 -53.10 -10.96
CA GLY B 539 -14.09 -53.54 -11.08
C GLY B 539 -14.46 -54.05 -12.46
N MET B 540 -13.46 -54.38 -13.28
CA MET B 540 -13.76 -54.77 -14.65
C MET B 540 -14.55 -56.06 -14.70
N THR B 541 -14.18 -57.06 -13.91
CA THR B 541 -14.90 -58.32 -13.95
C THR B 541 -16.26 -58.20 -13.28
N PHE B 542 -16.34 -57.47 -12.17
CA PHE B 542 -17.62 -57.19 -11.55
C PHE B 542 -18.56 -56.52 -12.55
N ILE B 543 -18.11 -55.43 -13.17
CA ILE B 543 -18.94 -54.68 -14.09
C ILE B 543 -19.35 -55.55 -15.27
N SER B 544 -18.38 -56.26 -15.87
CA SER B 544 -18.66 -57.01 -17.07
C SER B 544 -19.62 -58.16 -16.80
N SER B 545 -19.38 -58.93 -15.74
CA SER B 545 -20.22 -60.08 -15.45
C SER B 545 -21.63 -59.64 -15.08
N ASN B 546 -21.76 -58.65 -14.21
CA ASN B 546 -23.09 -58.19 -13.83
C ASN B 546 -23.82 -57.55 -15.00
N LEU B 547 -23.11 -56.80 -15.84
CA LEU B 547 -23.74 -56.23 -17.03
C LEU B 547 -24.24 -57.32 -17.97
N ALA B 548 -23.45 -58.39 -18.14
CA ALA B 548 -23.90 -59.49 -18.97
C ALA B 548 -25.14 -60.14 -18.40
N ALA B 549 -25.20 -60.28 -17.07
CA ALA B 549 -26.38 -60.87 -16.45
C ALA B 549 -27.62 -60.00 -16.66
N THR B 550 -27.48 -58.69 -16.44
CA THR B 550 -28.61 -57.79 -16.58
C THR B 550 -29.05 -57.66 -18.03
N ILE B 551 -28.14 -57.86 -18.99
CA ILE B 551 -28.55 -57.81 -20.38
C ILE B 551 -29.14 -59.14 -20.82
N ALA B 552 -28.75 -60.24 -20.19
CA ALA B 552 -29.33 -61.54 -20.53
C ALA B 552 -30.73 -61.71 -19.96
N ILE B 553 -31.03 -61.09 -18.82
CA ILE B 553 -32.37 -61.22 -18.27
C ILE B 553 -33.44 -60.57 -19.14
N THR B 554 -33.05 -59.75 -20.11
CA THR B 554 -34.00 -59.10 -21.00
C THR B 554 -34.25 -59.90 -22.28
N GLY B 555 -33.70 -61.11 -22.37
CA GLY B 555 -34.01 -61.99 -23.49
C GLY B 555 -33.08 -61.93 -24.67
N LYS B 556 -31.92 -61.29 -24.53
CA LYS B 556 -30.94 -61.25 -25.60
C LYS B 556 -29.81 -62.23 -25.31
N LYS B 557 -29.36 -62.93 -26.34
CA LYS B 557 -28.26 -63.87 -26.17
C LYS B 557 -26.95 -63.12 -25.96
N VAL B 558 -26.25 -63.46 -24.89
CA VAL B 558 -25.04 -62.75 -24.48
C VAL B 558 -23.90 -63.75 -24.36
N LEU B 559 -22.75 -63.40 -24.93
CA LEU B 559 -21.52 -64.17 -24.75
C LEU B 559 -20.56 -63.35 -23.89
N PHE B 560 -19.95 -64.00 -22.91
CA PHE B 560 -18.97 -63.38 -22.03
C PHE B 560 -17.63 -64.08 -22.25
N ILE B 561 -16.58 -63.30 -22.50
CA ILE B 561 -15.25 -63.82 -22.76
C ILE B 561 -14.31 -63.29 -21.69
N ASP B 562 -13.57 -64.18 -21.06
CA ASP B 562 -12.58 -63.82 -20.06
C ASP B 562 -11.22 -63.82 -20.77
N ALA B 563 -10.84 -62.67 -21.32
CA ALA B 563 -9.58 -62.51 -22.00
C ALA B 563 -8.48 -62.02 -21.08
N ASP B 564 -8.70 -62.08 -19.77
CA ASP B 564 -7.64 -61.91 -18.78
C ASP B 564 -6.95 -63.28 -18.62
N LEU B 565 -6.03 -63.56 -19.55
CA LEU B 565 -5.26 -64.80 -19.59
C LEU B 565 -4.23 -64.87 -18.52
N ARG B 566 -4.17 -63.92 -17.59
CA ARG B 566 -3.15 -63.90 -16.56
C ARG B 566 -3.69 -64.13 -15.15
N LYS B 567 -4.79 -63.49 -14.77
CA LYS B 567 -5.39 -63.66 -13.45
C LYS B 567 -6.91 -63.74 -13.53
N GLY B 568 -7.44 -64.47 -14.52
CA GLY B 568 -8.88 -64.53 -14.70
C GLY B 568 -9.58 -65.58 -13.89
N TYR B 569 -10.56 -65.16 -13.08
CA TYR B 569 -11.26 -66.06 -12.17
C TYR B 569 -12.75 -66.18 -12.50
N ALA B 570 -13.14 -65.87 -13.73
CA ALA B 570 -14.56 -65.88 -14.08
C ALA B 570 -15.14 -67.29 -13.97
N HIS B 571 -14.38 -68.31 -14.39
CA HIS B 571 -14.86 -69.67 -14.31
C HIS B 571 -15.17 -70.08 -12.88
N LYS B 572 -14.42 -69.54 -11.90
CA LYS B 572 -14.72 -69.82 -10.50
C LYS B 572 -16.07 -69.22 -10.11
N MET B 573 -16.36 -68.02 -10.62
CA MET B 573 -17.60 -67.33 -10.29
C MET B 573 -18.81 -67.87 -11.03
N PHE B 574 -18.60 -68.60 -12.12
CA PHE B 574 -19.72 -69.10 -12.92
C PHE B 574 -20.01 -70.57 -12.72
N GLY B 575 -19.11 -71.33 -12.10
CA GLY B 575 -19.24 -72.77 -12.07
C GLY B 575 -18.61 -73.33 -13.32
N HIS B 576 -17.59 -74.18 -13.19
CA HIS B 576 -16.67 -74.35 -14.30
C HIS B 576 -16.30 -75.81 -14.52
N LYS B 577 -15.92 -76.09 -15.76
CA LYS B 577 -15.02 -77.18 -16.13
C LYS B 577 -13.80 -76.49 -16.72
N ASN B 578 -12.72 -76.39 -15.92
CA ASN B 578 -11.61 -75.51 -16.24
C ASN B 578 -10.87 -75.88 -17.51
N ASP B 579 -11.10 -77.07 -18.06
CA ASP B 579 -10.47 -77.46 -19.30
C ASP B 579 -11.02 -76.63 -20.47
N LYS B 580 -10.19 -76.49 -21.51
CA LYS B 580 -10.61 -75.91 -22.79
C LYS B 580 -11.13 -74.49 -22.63
N GLY B 581 -10.25 -73.61 -22.19
CA GLY B 581 -10.54 -72.19 -22.10
C GLY B 581 -10.14 -71.46 -23.36
N LEU B 582 -9.93 -70.15 -23.21
CA LEU B 582 -9.51 -69.33 -24.33
C LEU B 582 -8.08 -69.68 -24.77
N SER B 583 -7.21 -69.95 -23.80
CA SER B 583 -5.82 -70.31 -24.09
C SER B 583 -5.76 -71.53 -25.00
N GLU B 584 -6.44 -72.61 -24.63
CA GLU B 584 -6.39 -73.84 -25.41
C GLU B 584 -6.88 -73.62 -26.83
N PHE B 585 -7.89 -72.77 -27.02
CA PHE B 585 -8.37 -72.47 -28.36
C PHE B 585 -7.33 -71.67 -29.14
N LEU B 586 -6.74 -70.65 -28.51
CA LEU B 586 -5.79 -69.80 -29.21
C LEU B 586 -4.54 -70.56 -29.62
N SER B 587 -4.03 -71.41 -28.72
CA SER B 587 -2.85 -72.21 -29.03
C SER B 587 -3.15 -73.31 -30.06
N GLY B 588 -4.42 -73.56 -30.36
CA GLY B 588 -4.80 -74.47 -31.41
C GLY B 588 -5.22 -75.86 -30.97
N GLN B 589 -5.23 -76.14 -29.67
CA GLN B 589 -5.55 -77.47 -29.17
C GLN B 589 -7.01 -77.59 -28.71
N ALA B 590 -7.91 -76.82 -29.31
CA ALA B 590 -9.32 -76.87 -28.96
C ALA B 590 -10.13 -76.31 -30.12
N ALA B 591 -11.43 -76.61 -30.11
CA ALA B 591 -12.35 -76.13 -31.12
C ALA B 591 -13.15 -74.94 -30.61
N ALA B 592 -13.90 -74.32 -31.52
CA ALA B 592 -14.69 -73.15 -31.17
C ALA B 592 -15.97 -73.50 -30.39
N GLU B 593 -16.32 -74.78 -30.30
CA GLU B 593 -17.54 -75.19 -29.63
C GLU B 593 -17.31 -75.91 -28.30
N MET B 594 -16.08 -76.34 -28.02
CA MET B 594 -15.78 -77.02 -26.77
C MET B 594 -15.35 -76.06 -25.68
N ILE B 595 -15.29 -74.76 -25.97
CA ILE B 595 -14.85 -73.77 -24.97
C ILE B 595 -16.01 -72.98 -24.39
N ILE B 596 -17.19 -73.05 -24.99
CA ILE B 596 -18.35 -72.27 -24.54
C ILE B 596 -19.13 -73.07 -23.52
N ASP B 597 -19.36 -72.46 -22.35
CA ASP B 597 -20.14 -73.08 -21.29
C ASP B 597 -21.29 -72.15 -20.92
N LYS B 598 -22.16 -72.61 -20.04
CA LYS B 598 -23.36 -71.86 -19.66
C LYS B 598 -23.35 -71.55 -18.17
N VAL B 599 -23.63 -70.29 -17.83
CA VAL B 599 -23.76 -69.90 -16.44
C VAL B 599 -25.08 -70.43 -15.89
N GLU B 600 -25.02 -71.00 -14.68
CA GLU B 600 -26.20 -71.67 -14.12
C GLU B 600 -27.28 -70.65 -13.76
N GLY B 601 -26.99 -69.74 -12.83
CA GLY B 601 -27.97 -68.78 -12.40
C GLY B 601 -27.96 -67.51 -13.21
N GLY B 602 -27.34 -67.56 -14.39
CA GLY B 602 -27.14 -66.42 -15.25
C GLY B 602 -28.16 -66.42 -16.37
N GLY B 603 -27.80 -66.93 -17.53
CA GLY B 603 -28.67 -66.91 -18.68
C GLY B 603 -27.87 -66.61 -19.92
N PHE B 604 -26.56 -66.55 -19.76
CA PHE B 604 -25.64 -66.23 -20.83
C PHE B 604 -24.52 -67.26 -20.86
N ASP B 605 -23.93 -67.44 -22.03
CA ASP B 605 -22.77 -68.32 -22.18
C ASP B 605 -21.50 -67.57 -21.78
N TYR B 606 -20.43 -68.33 -21.58
CA TYR B 606 -19.14 -67.73 -21.26
C TYR B 606 -18.01 -68.60 -21.77
N ILE B 607 -16.85 -67.96 -21.93
CA ILE B 607 -15.60 -68.62 -22.28
C ILE B 607 -14.58 -68.27 -21.20
N GLY B 608 -14.04 -69.29 -20.55
CA GLY B 608 -13.03 -69.07 -19.55
C GLY B 608 -11.66 -68.85 -20.16
N ARG B 609 -10.72 -68.40 -19.32
CA ARG B 609 -9.37 -68.16 -19.82
C ARG B 609 -8.68 -69.47 -20.15
N GLY B 610 -8.91 -70.52 -19.35
CA GLY B 610 -8.20 -71.76 -19.52
C GLY B 610 -6.95 -71.81 -18.66
N GLN B 611 -5.97 -72.59 -19.07
CA GLN B 611 -4.69 -72.62 -18.37
C GLN B 611 -3.92 -71.33 -18.64
N ILE B 612 -3.18 -70.87 -17.64
CA ILE B 612 -2.37 -69.68 -17.80
C ILE B 612 -1.24 -69.98 -18.78
N PRO B 613 -1.12 -69.24 -19.87
CA PRO B 613 -0.08 -69.54 -20.84
C PRO B 613 1.20 -68.79 -20.51
N PRO B 614 2.32 -69.16 -21.13
CA PRO B 614 3.55 -68.37 -20.93
C PRO B 614 3.62 -67.13 -21.80
N ASN B 615 2.86 -67.06 -22.89
CA ASN B 615 2.89 -65.93 -23.82
C ASN B 615 1.47 -65.44 -24.10
N PRO B 616 0.83 -64.81 -23.11
CA PRO B 616 -0.55 -64.36 -23.33
C PRO B 616 -0.68 -63.29 -24.41
N ALA B 617 0.19 -62.29 -24.39
CA ALA B 617 0.10 -61.18 -25.35
C ALA B 617 0.38 -61.65 -26.76
N GLU B 618 1.18 -62.71 -26.92
CA GLU B 618 1.45 -63.25 -28.25
C GLU B 618 0.41 -64.25 -28.69
N LEU B 619 -0.29 -64.90 -27.76
CA LEU B 619 -1.45 -65.70 -28.13
C LEU B 619 -2.59 -64.81 -28.62
N LEU B 620 -2.82 -63.70 -27.94
CA LEU B 620 -3.92 -62.81 -28.31
C LEU B 620 -3.74 -62.18 -29.69
N MET B 621 -2.55 -62.23 -30.27
CA MET B 621 -2.31 -61.67 -31.59
C MET B 621 -2.58 -62.65 -32.72
N HIS B 622 -2.84 -63.91 -32.40
CA HIS B 622 -3.13 -64.90 -33.43
C HIS B 622 -4.43 -64.57 -34.14
N PRO B 623 -4.52 -64.78 -35.45
CA PRO B 623 -5.78 -64.50 -36.16
C PRO B 623 -6.95 -65.39 -35.75
N ARG B 624 -6.70 -66.47 -35.02
CA ARG B 624 -7.80 -67.31 -34.54
C ARG B 624 -8.69 -66.56 -33.55
N PHE B 625 -8.14 -65.57 -32.85
CA PHE B 625 -8.97 -64.73 -31.98
C PHE B 625 -9.99 -63.95 -32.79
N GLU B 626 -9.54 -63.33 -33.88
CA GLU B 626 -10.47 -62.61 -34.75
C GLU B 626 -11.46 -63.56 -35.40
N GLN B 627 -11.02 -64.77 -35.74
CA GLN B 627 -11.96 -65.76 -36.27
C GLN B 627 -13.03 -66.09 -35.25
N LEU B 628 -12.63 -66.27 -33.99
CA LEU B 628 -13.59 -66.56 -32.93
C LEU B 628 -14.59 -65.44 -32.78
N LEU B 629 -14.12 -64.19 -32.76
CA LEU B 629 -15.02 -63.07 -32.59
C LEU B 629 -15.97 -62.92 -33.78
N ASN B 630 -15.47 -63.13 -35.00
CA ASN B 630 -16.34 -63.04 -36.17
C ASN B 630 -17.38 -64.15 -36.17
N TRP B 631 -17.01 -65.36 -35.75
CA TRP B 631 -17.98 -66.44 -35.66
C TRP B 631 -19.02 -66.16 -34.57
N ALA B 632 -18.59 -65.62 -33.44
CA ALA B 632 -19.52 -65.36 -32.35
C ALA B 632 -20.45 -64.20 -32.66
N SER B 633 -19.99 -63.23 -33.46
CA SER B 633 -20.81 -62.07 -33.78
C SER B 633 -22.00 -62.40 -34.66
N GLN B 634 -22.21 -63.68 -35.00
CA GLN B 634 -23.36 -64.09 -35.78
C GLN B 634 -24.32 -65.00 -35.03
N ASN B 635 -23.91 -65.55 -33.88
CA ASN B 635 -24.76 -66.42 -33.10
C ASN B 635 -25.22 -65.79 -31.80
N TYR B 636 -24.75 -64.58 -31.48
CA TYR B 636 -25.09 -63.90 -30.24
C TYR B 636 -25.48 -62.46 -30.53
N ASP B 637 -26.23 -61.88 -29.59
CA ASP B 637 -26.66 -60.50 -29.72
C ASP B 637 -25.66 -59.52 -29.14
N LEU B 638 -24.90 -59.93 -28.13
CA LEU B 638 -23.89 -59.08 -27.51
C LEU B 638 -22.73 -59.96 -27.10
N ILE B 639 -21.51 -59.42 -27.24
CA ILE B 639 -20.30 -60.07 -26.76
C ILE B 639 -19.58 -59.08 -25.85
N ILE B 640 -19.33 -59.49 -24.61
CA ILE B 640 -18.59 -58.68 -23.65
C ILE B 640 -17.27 -59.38 -23.40
N ILE B 641 -16.19 -58.61 -23.42
CA ILE B 641 -14.84 -59.13 -23.23
C ILE B 641 -14.23 -58.44 -22.02
N ASP B 642 -13.76 -59.23 -21.07
CA ASP B 642 -13.05 -58.71 -19.92
C ASP B 642 -11.55 -58.84 -20.17
N THR B 643 -10.80 -57.82 -19.77
CA THR B 643 -9.41 -57.65 -20.13
C THR B 643 -8.60 -57.27 -18.89
N PRO B 644 -7.29 -57.47 -18.93
CA PRO B 644 -6.43 -56.94 -17.87
C PRO B 644 -6.35 -55.43 -17.96
N PRO B 645 -5.74 -54.76 -17.00
CA PRO B 645 -5.53 -53.32 -17.13
C PRO B 645 -4.62 -52.98 -18.31
N ILE B 646 -4.60 -51.70 -18.66
CA ILE B 646 -3.80 -51.26 -19.80
C ILE B 646 -2.51 -50.62 -19.30
N LEU B 647 -2.55 -50.03 -18.11
CA LEU B 647 -1.32 -49.47 -17.56
C LEU B 647 -0.35 -50.54 -17.08
N ALA B 648 -0.78 -51.80 -17.04
CA ALA B 648 0.07 -52.90 -16.62
C ALA B 648 0.60 -53.67 -17.82
N VAL B 649 -0.28 -54.17 -18.67
CA VAL B 649 0.09 -54.95 -19.84
C VAL B 649 -0.60 -54.34 -21.06
N THR B 650 -0.43 -55.00 -22.20
CA THR B 650 -0.90 -54.46 -23.47
C THR B 650 -1.99 -55.33 -24.11
N ASP B 651 -2.52 -56.31 -23.39
CA ASP B 651 -3.50 -57.22 -23.96
C ASP B 651 -4.76 -56.48 -24.37
N ALA B 652 -5.22 -55.54 -23.53
CA ALA B 652 -6.43 -54.81 -23.84
C ALA B 652 -6.32 -54.05 -25.15
N ALA B 653 -5.13 -53.55 -25.47
CA ALA B 653 -4.95 -52.80 -26.72
C ALA B 653 -4.89 -53.71 -27.94
N ILE B 654 -4.47 -54.96 -27.76
CA ILE B 654 -4.56 -55.93 -28.86
C ILE B 654 -6.02 -56.31 -29.09
N ILE B 655 -6.77 -56.53 -28.01
CA ILE B 655 -8.16 -56.96 -28.15
C ILE B 655 -9.03 -55.83 -28.69
N GLY B 656 -8.75 -54.59 -28.30
CA GLY B 656 -9.57 -53.46 -28.67
C GLY B 656 -9.60 -53.16 -30.15
N ARG B 657 -8.72 -53.77 -30.94
CA ARG B 657 -8.79 -53.60 -32.39
C ARG B 657 -10.09 -54.17 -32.95
N TYR B 658 -10.54 -55.30 -32.41
CA TYR B 658 -11.71 -55.99 -32.91
C TYR B 658 -12.96 -55.69 -32.09
N ALA B 659 -12.91 -54.74 -31.18
CA ALA B 659 -14.04 -54.38 -30.35
C ALA B 659 -14.74 -53.15 -30.94
N GLY B 660 -16.05 -53.26 -31.13
CA GLY B 660 -16.80 -52.11 -31.61
C GLY B 660 -16.88 -50.99 -30.60
N THR B 661 -17.06 -51.34 -29.33
CA THR B 661 -17.15 -50.35 -28.25
C THR B 661 -16.17 -50.72 -27.16
N CYS B 662 -15.51 -49.72 -26.58
CA CYS B 662 -14.58 -49.92 -25.48
C CYS B 662 -14.89 -48.93 -24.38
N LEU B 663 -14.96 -49.42 -23.15
CA LEU B 663 -15.24 -48.59 -21.99
C LEU B 663 -14.21 -48.86 -20.91
N LEU B 664 -13.74 -47.79 -20.27
CA LEU B 664 -12.83 -47.92 -19.14
C LEU B 664 -13.61 -47.91 -17.84
N VAL B 665 -13.04 -48.55 -16.83
CA VAL B 665 -13.62 -48.55 -15.48
C VAL B 665 -12.62 -47.85 -14.56
N ALA B 666 -13.08 -46.81 -13.88
CA ALA B 666 -12.27 -46.08 -12.92
C ALA B 666 -12.82 -46.33 -11.53
N ARG B 667 -11.96 -46.79 -10.63
CA ARG B 667 -12.37 -46.95 -9.25
C ARG B 667 -12.49 -45.58 -8.60
N PHE B 668 -13.42 -45.46 -7.65
CA PHE B 668 -13.83 -44.17 -7.11
C PHE B 668 -12.68 -43.42 -6.45
N GLU B 669 -12.15 -43.94 -5.36
CA GLU B 669 -11.09 -43.24 -4.65
C GLU B 669 -9.69 -43.63 -5.12
N LYS B 670 -9.51 -44.84 -5.66
CA LYS B 670 -8.17 -45.32 -5.94
C LYS B 670 -7.55 -44.59 -7.13
N ASN B 671 -8.15 -44.73 -8.31
CA ASN B 671 -7.57 -44.15 -9.50
C ASN B 671 -7.64 -42.62 -9.44
N THR B 672 -6.82 -41.99 -10.27
CA THR B 672 -6.79 -40.54 -10.39
C THR B 672 -7.16 -40.13 -11.81
N VAL B 673 -7.39 -38.84 -12.00
CA VAL B 673 -7.70 -38.35 -13.34
C VAL B 673 -6.50 -38.52 -14.26
N LYS B 674 -5.30 -38.38 -13.71
CA LYS B 674 -4.09 -38.57 -14.51
C LYS B 674 -3.99 -39.99 -15.04
N GLU B 675 -4.28 -40.99 -14.20
CA GLU B 675 -4.23 -42.38 -14.65
C GLU B 675 -5.23 -42.63 -15.77
N ILE B 676 -6.45 -42.10 -15.64
CA ILE B 676 -7.47 -42.34 -16.64
C ILE B 676 -7.13 -41.64 -17.94
N ASP B 677 -6.58 -40.43 -17.87
CA ASP B 677 -6.14 -39.74 -19.08
C ASP B 677 -5.00 -40.49 -19.76
N VAL B 678 -4.04 -40.97 -18.98
CA VAL B 678 -2.94 -41.75 -19.54
C VAL B 678 -3.46 -43.01 -20.21
N SER B 679 -4.46 -43.66 -19.60
CA SER B 679 -5.02 -44.87 -20.20
C SER B 679 -5.75 -44.58 -21.50
N MET B 680 -6.55 -43.50 -21.53
CA MET B 680 -7.24 -43.14 -22.76
C MET B 680 -6.26 -42.82 -23.87
N LYS B 681 -5.20 -42.08 -23.53
CA LYS B 681 -4.20 -41.72 -24.52
C LYS B 681 -3.42 -42.93 -25.02
N ARG B 682 -3.10 -43.87 -24.12
CA ARG B 682 -2.40 -45.07 -24.55
C ARG B 682 -3.29 -45.96 -25.41
N PHE B 683 -4.60 -45.95 -25.17
CA PHE B 683 -5.49 -46.67 -26.06
C PHE B 683 -5.59 -46.01 -27.42
N GLU B 684 -5.66 -44.67 -27.45
CA GLU B 684 -5.76 -43.97 -28.74
C GLU B 684 -4.47 -44.07 -29.54
N GLN B 685 -3.33 -44.16 -28.85
CA GLN B 685 -2.05 -44.32 -29.53
C GLN B 685 -1.97 -45.63 -30.29
N SER B 686 -2.69 -46.65 -29.85
CA SER B 686 -2.68 -47.96 -30.48
C SER B 686 -3.86 -48.16 -31.41
N GLY B 687 -4.63 -47.12 -31.69
CA GLY B 687 -5.71 -47.22 -32.64
C GLY B 687 -7.02 -47.72 -32.08
N VAL B 688 -7.28 -47.51 -30.80
CA VAL B 688 -8.50 -47.96 -30.15
C VAL B 688 -9.22 -46.74 -29.61
N VAL B 689 -10.46 -46.55 -30.02
CA VAL B 689 -11.25 -45.40 -29.59
C VAL B 689 -12.06 -45.79 -28.36
N VAL B 690 -11.81 -45.11 -27.24
CA VAL B 690 -12.53 -45.40 -26.00
C VAL B 690 -13.79 -44.55 -25.97
N LYS B 691 -14.94 -45.21 -25.87
CA LYS B 691 -16.21 -44.50 -25.85
C LYS B 691 -16.36 -43.65 -24.59
N GLY B 692 -15.97 -44.17 -23.44
CA GLY B 692 -16.11 -43.41 -22.22
C GLY B 692 -15.68 -44.22 -21.01
N CYS B 693 -16.07 -43.71 -19.85
CA CYS B 693 -15.63 -44.24 -18.57
C CYS B 693 -16.83 -44.69 -17.73
N ILE B 694 -16.54 -45.47 -16.69
CA ILE B 694 -17.53 -45.98 -15.76
C ILE B 694 -16.93 -45.82 -14.37
N LEU B 695 -17.47 -44.91 -13.57
CA LEU B 695 -17.00 -44.76 -12.20
C LEU B 695 -17.59 -45.87 -11.35
N ASN B 696 -16.76 -46.49 -10.51
CA ASN B 696 -17.18 -47.65 -9.74
C ASN B 696 -16.81 -47.49 -8.28
N GLY B 697 -17.52 -48.22 -7.43
CA GLY B 697 -17.28 -48.16 -5.99
C GLY B 697 -17.53 -46.81 -5.37
N VAL B 698 -18.59 -46.13 -5.78
CA VAL B 698 -18.89 -44.80 -5.28
C VAL B 698 -19.55 -44.92 -3.90
N VAL B 699 -19.24 -43.97 -3.02
CA VAL B 699 -19.84 -43.89 -1.70
C VAL B 699 -20.30 -42.46 -1.46
N LYS B 700 -21.16 -42.30 -0.45
CA LYS B 700 -21.80 -41.02 -0.19
C LYS B 700 -20.93 -40.19 0.75
N LYS B 701 -20.57 -38.98 0.30
CA LYS B 701 -19.71 -38.09 1.05
C LYS B 701 -20.42 -36.75 1.22
N ALA B 702 -20.44 -36.25 2.46
CA ALA B 702 -21.12 -34.99 2.75
C ALA B 702 -20.40 -33.78 2.18
N SER B 703 -19.14 -33.93 1.77
CA SER B 703 -18.41 -32.82 1.17
C SER B 703 -18.75 -32.59 -0.29
N SER B 704 -19.55 -33.47 -0.89
CA SER B 704 -19.96 -33.32 -2.28
C SER B 704 -21.37 -32.74 -2.36
N ILE C 17 -22.35 -9.63 -1.79
CA ILE C 17 -23.61 -9.57 -1.06
C ILE C 17 -24.13 -8.13 -1.04
N ASP C 18 -25.41 -7.97 -0.69
CA ASP C 18 -26.04 -6.65 -0.66
C ASP C 18 -26.98 -6.57 0.53
N LEU C 19 -27.29 -5.33 0.93
CA LEU C 19 -28.08 -5.10 2.13
C LEU C 19 -29.49 -5.69 2.01
N GLY C 20 -30.07 -5.63 0.81
CA GLY C 20 -31.42 -6.12 0.62
C GLY C 20 -31.55 -7.60 0.94
N ARG C 21 -30.56 -8.40 0.53
CA ARG C 21 -30.58 -9.82 0.81
C ARG C 21 -30.57 -10.09 2.31
N VAL C 22 -29.70 -9.41 3.05
CA VAL C 22 -29.59 -9.68 4.49
C VAL C 22 -30.85 -9.22 5.21
N ILE C 23 -31.43 -8.09 4.79
CA ILE C 23 -32.65 -7.62 5.41
C ILE C 23 -33.79 -8.59 5.13
N GLY C 24 -33.85 -9.12 3.90
CA GLY C 24 -34.86 -10.12 3.59
C GLY C 24 -34.70 -11.40 4.40
N GLU C 25 -33.46 -11.86 4.57
CA GLU C 25 -33.23 -13.05 5.38
C GLU C 25 -33.68 -12.82 6.82
N LEU C 26 -33.37 -11.64 7.36
CA LEU C 26 -33.81 -11.31 8.72
C LEU C 26 -35.33 -11.29 8.83
N ILE C 27 -36.01 -10.77 7.80
CA ILE C 27 -37.47 -10.74 7.83
C ILE C 27 -38.05 -12.13 7.73
N ASP C 28 -37.44 -13.00 6.92
CA ASP C 28 -37.95 -14.37 6.77
C ASP C 28 -37.84 -15.16 8.06
N HIS C 29 -36.70 -15.04 8.75
CA HIS C 29 -36.45 -15.79 9.99
C HIS C 29 -36.86 -15.02 11.23
N ARG C 30 -37.86 -14.13 11.12
CA ARG C 30 -38.23 -13.28 12.25
C ARG C 30 -38.73 -14.10 13.43
N LYS C 31 -39.49 -15.17 13.16
CA LYS C 31 -40.04 -15.97 14.26
C LYS C 31 -38.93 -16.61 15.08
N LEU C 32 -37.92 -17.19 14.42
CA LEU C 32 -36.82 -17.82 15.14
C LEU C 32 -36.05 -16.81 15.97
N ILE C 33 -35.75 -15.64 15.39
CA ILE C 33 -35.00 -14.61 16.11
C ILE C 33 -35.78 -14.15 17.32
N ILE C 34 -37.09 -13.89 17.14
CA ILE C 34 -37.91 -13.42 18.25
C ILE C 34 -37.98 -14.47 19.35
N SER C 35 -38.16 -15.73 18.98
CA SER C 35 -38.26 -16.78 19.99
C SER C 35 -36.96 -16.92 20.78
N ILE C 36 -35.82 -16.93 20.09
CA ILE C 36 -34.54 -17.09 20.79
C ILE C 36 -34.28 -15.89 21.70
N THR C 37 -34.50 -14.69 21.19
CA THR C 37 -34.25 -13.50 22.00
C THR C 37 -35.18 -13.46 23.20
N SER C 38 -36.44 -13.83 23.02
CA SER C 38 -37.37 -13.84 24.14
C SER C 38 -36.97 -14.88 25.19
N VAL C 39 -36.51 -16.04 24.75
CA VAL C 39 -36.07 -17.06 25.71
C VAL C 39 -34.87 -16.55 26.51
N PHE C 40 -33.90 -15.96 25.83
CA PHE C 40 -32.73 -15.45 26.53
C PHE C 40 -33.10 -14.33 27.49
N THR C 41 -33.98 -13.43 27.07
CA THR C 41 -34.39 -12.34 27.94
C THR C 41 -35.18 -12.85 29.15
N LEU C 42 -36.01 -13.88 28.94
CA LEU C 42 -36.72 -14.48 30.07
C LEU C 42 -35.76 -15.10 31.07
N PHE C 43 -34.74 -15.81 30.57
CA PHE C 43 -33.76 -16.38 31.49
C PHE C 43 -33.00 -15.29 32.24
N ALA C 44 -32.65 -14.21 31.54
CA ALA C 44 -31.95 -13.11 32.20
C ALA C 44 -32.82 -12.46 33.27
N ILE C 45 -34.10 -12.25 32.97
CA ILE C 45 -35.01 -11.66 33.94
C ILE C 45 -35.18 -12.58 35.15
N LEU C 46 -35.31 -13.89 34.91
CA LEU C 46 -35.43 -14.82 36.03
C LEU C 46 -34.20 -14.78 36.92
N TYR C 47 -33.00 -14.75 36.31
CA TYR C 47 -31.78 -14.69 37.11
C TYR C 47 -31.70 -13.38 37.88
N ALA C 48 -32.03 -12.26 37.22
CA ALA C 48 -31.90 -10.96 37.88
C ALA C 48 -32.97 -10.73 38.93
N LEU C 49 -34.06 -11.48 38.91
CA LEU C 49 -35.08 -11.35 39.94
C LEU C 49 -35.03 -12.45 40.98
N LEU C 50 -34.24 -13.50 40.77
CA LEU C 50 -34.11 -14.58 41.74
C LEU C 50 -32.75 -14.66 42.41
N ALA C 51 -31.72 -14.04 41.83
CA ALA C 51 -30.41 -14.04 42.46
C ALA C 51 -30.47 -13.29 43.79
N THR C 52 -29.78 -13.83 44.79
CA THR C 52 -29.82 -13.24 46.13
C THR C 52 -29.16 -11.87 46.12
N PRO C 53 -29.77 -10.86 46.74
CA PRO C 53 -29.14 -9.54 46.79
C PRO C 53 -27.94 -9.53 47.73
N ILE C 54 -26.94 -8.74 47.35
CA ILE C 54 -25.69 -8.63 48.10
C ILE C 54 -25.51 -7.17 48.49
N TYR C 55 -25.53 -6.89 49.79
CA TYR C 55 -25.37 -5.54 50.30
C TYR C 55 -23.90 -5.28 50.62
N GLU C 56 -23.56 -4.00 50.71
CA GLU C 56 -22.20 -3.55 50.97
C GLU C 56 -22.20 -2.54 52.10
N THR C 57 -21.34 -2.77 53.08
CA THR C 57 -21.17 -1.86 54.20
C THR C 57 -19.77 -1.27 54.17
N ASP C 58 -19.66 -0.02 54.62
CA ASP C 58 -18.42 0.73 54.55
C ASP C 58 -18.08 1.37 55.89
N ALA C 59 -16.79 1.55 56.11
CA ALA C 59 -16.27 2.30 57.25
C ALA C 59 -15.05 3.08 56.80
N LEU C 60 -14.72 4.12 57.55
CA LEU C 60 -13.59 4.99 57.24
C LEU C 60 -12.79 5.22 58.50
N ILE C 61 -11.50 4.85 58.47
CA ILE C 61 -10.62 5.04 59.61
C ILE C 61 -9.46 5.95 59.18
N GLN C 62 -8.81 6.55 60.18
CA GLN C 62 -7.73 7.50 59.95
C GLN C 62 -6.43 6.94 60.50
N ILE C 63 -5.40 6.91 59.67
CA ILE C 63 -4.07 6.48 60.08
C ILE C 63 -3.28 7.71 60.51
N GLU C 64 -2.85 7.72 61.77
CA GLU C 64 -2.07 8.84 62.30
C GLU C 64 -0.72 8.96 61.60
N GLN C 85 2.61 5.93 55.76
CA GLN C 85 2.19 4.63 56.24
C GLN C 85 1.08 4.07 55.35
N SER C 86 0.17 3.31 55.98
CA SER C 86 -1.03 2.71 55.39
C SER C 86 -0.71 1.64 54.35
N ALA C 87 0.55 1.42 54.02
CA ALA C 87 0.94 0.32 53.17
C ALA C 87 1.01 -0.99 53.95
N PRO C 88 1.60 -1.03 55.15
CA PRO C 88 1.55 -2.28 55.94
C PRO C 88 0.24 -2.48 56.67
N GLU C 89 -0.54 -1.42 56.88
CA GLU C 89 -1.80 -1.55 57.61
C GLU C 89 -2.84 -2.33 56.80
N THR C 90 -2.77 -2.25 55.47
CA THR C 90 -3.64 -3.07 54.63
C THR C 90 -3.38 -4.55 54.87
N ALA C 91 -2.11 -4.93 55.02
CA ALA C 91 -1.78 -6.32 55.31
C ALA C 91 -2.06 -6.69 56.75
N LEU C 92 -1.94 -5.74 57.67
CA LEU C 92 -2.26 -6.03 59.07
C LEU C 92 -3.75 -6.24 59.28
N LEU C 93 -4.59 -5.50 58.54
CA LEU C 93 -6.03 -5.67 58.68
C LEU C 93 -6.50 -7.01 58.14
N GLN C 94 -5.89 -7.47 57.05
CA GLN C 94 -6.25 -8.72 56.42
C GLN C 94 -5.48 -9.91 56.97
N SER C 95 -4.66 -9.71 57.99
CA SER C 95 -3.95 -10.81 58.61
C SER C 95 -4.92 -11.70 59.38
N ARG C 96 -4.52 -12.95 59.57
CA ARG C 96 -5.40 -13.93 60.21
C ARG C 96 -5.62 -13.63 61.69
N MET C 97 -4.78 -12.81 62.32
CA MET C 97 -4.98 -12.53 63.74
C MET C 97 -6.21 -11.64 63.96
N ILE C 98 -6.33 -10.56 63.19
CA ILE C 98 -7.47 -9.66 63.35
C ILE C 98 -8.77 -10.37 62.97
N LEU C 99 -8.78 -11.02 61.80
CA LEU C 99 -9.99 -11.71 61.37
C LEU C 99 -10.34 -12.86 62.29
N GLY C 100 -9.33 -13.57 62.80
CA GLY C 100 -9.59 -14.65 63.72
C GLY C 100 -10.18 -14.15 65.02
N LYS C 101 -9.68 -13.04 65.54
CA LYS C 101 -10.25 -12.46 66.75
C LYS C 101 -11.70 -12.05 66.51
N THR C 102 -11.98 -11.46 65.36
CA THR C 102 -13.36 -11.08 65.04
C THR C 102 -14.26 -12.31 64.98
N ILE C 103 -13.80 -13.38 64.35
CA ILE C 103 -14.61 -14.58 64.19
C ILE C 103 -14.85 -15.26 65.53
N ASP C 104 -13.84 -15.28 66.39
CA ASP C 104 -14.04 -15.80 67.74
C ASP C 104 -15.03 -14.95 68.52
N ASP C 105 -14.99 -13.63 68.33
CA ASP C 105 -15.90 -12.75 69.06
C ASP C 105 -17.34 -12.96 68.62
N LEU C 106 -17.57 -13.00 67.31
CA LEU C 106 -18.93 -13.03 66.76
C LEU C 106 -19.44 -14.42 66.45
N ASN C 107 -18.66 -15.46 66.73
CA ASN C 107 -19.04 -16.85 66.47
C ASN C 107 -19.44 -17.06 65.01
N LEU C 108 -18.61 -16.54 64.12
CA LEU C 108 -18.87 -16.69 62.69
C LEU C 108 -18.59 -18.09 62.18
N GLN C 109 -18.16 -19.00 63.05
CA GLN C 109 -17.89 -20.39 62.69
C GLN C 109 -19.14 -21.26 62.75
N ILE C 110 -20.28 -20.71 63.13
CA ILE C 110 -21.55 -21.42 63.15
C ILE C 110 -22.36 -20.89 61.97
N GLN C 111 -22.43 -21.67 60.90
CA GLN C 111 -23.13 -21.24 59.70
C GLN C 111 -24.57 -21.73 59.75
N ILE C 112 -25.52 -20.80 59.78
CA ILE C 112 -26.95 -21.10 59.82
C ILE C 112 -27.54 -20.69 58.48
N GLU C 113 -28.18 -21.62 57.80
CA GLU C 113 -28.74 -21.37 56.48
C GLU C 113 -30.20 -21.79 56.44
N GLN C 114 -31.06 -20.91 55.96
CA GLN C 114 -32.46 -21.25 55.77
C GLN C 114 -32.58 -22.33 54.70
N LYS C 115 -33.48 -23.28 54.92
CA LYS C 115 -33.58 -24.47 54.08
C LYS C 115 -34.68 -24.29 53.05
N TYR C 116 -34.30 -24.24 51.78
CA TYR C 116 -35.23 -24.32 50.66
C TYR C 116 -34.73 -25.42 49.74
N PHE C 117 -35.61 -26.38 49.42
CA PHE C 117 -35.19 -27.50 48.59
C PHE C 117 -34.72 -27.10 47.19
N PRO C 118 -35.38 -26.18 46.45
CA PRO C 118 -34.94 -25.93 45.07
C PRO C 118 -33.87 -24.86 44.99
N VAL C 119 -33.36 -24.62 43.77
CA VAL C 119 -32.36 -23.55 43.58
C VAL C 119 -33.00 -22.19 43.43
N ILE C 120 -34.33 -22.10 43.47
CA ILE C 120 -35.03 -20.84 43.30
C ILE C 120 -35.99 -20.61 44.46
N GLY C 121 -35.95 -21.51 45.45
CA GLY C 121 -36.86 -21.38 46.57
C GLY C 121 -36.66 -20.10 47.37
N ARG C 122 -35.39 -19.73 47.61
CA ARG C 122 -35.11 -18.52 48.36
C ARG C 122 -35.58 -17.28 47.61
N GLY C 123 -35.33 -17.23 46.31
CA GLY C 123 -35.78 -16.08 45.52
C GLY C 123 -37.29 -15.95 45.50
N LEU C 124 -37.98 -17.08 45.34
CA LEU C 124 -39.44 -17.05 45.38
C LEU C 124 -39.96 -16.60 46.73
N ALA C 125 -39.34 -17.11 47.81
CA ALA C 125 -39.76 -16.70 49.14
C ALA C 125 -39.56 -15.20 49.35
N ARG C 126 -38.45 -14.66 48.87
CA ARG C 126 -38.23 -13.22 48.98
C ARG C 126 -39.24 -12.44 48.16
N LEU C 127 -39.54 -12.90 46.94
CA LEU C 127 -40.46 -12.18 46.07
C LEU C 127 -41.87 -12.17 46.66
N MET C 128 -42.32 -13.29 47.22
CA MET C 128 -43.64 -13.36 47.82
C MET C 128 -43.76 -12.56 49.10
N GLY C 129 -42.71 -11.85 49.52
CA GLY C 129 -42.77 -11.05 50.72
C GLY C 129 -42.56 -11.81 52.01
N GLU C 130 -42.22 -13.09 51.94
CA GLU C 130 -42.00 -13.86 53.15
C GLU C 130 -40.79 -13.33 53.91
N LYS C 131 -40.92 -13.22 55.23
CA LYS C 131 -39.85 -12.71 56.07
C LYS C 131 -38.95 -13.86 56.49
N PRO C 132 -37.66 -13.83 56.15
CA PRO C 132 -36.75 -14.90 56.59
C PRO C 132 -36.61 -14.92 58.11
N GLY C 133 -36.52 -16.13 58.67
CA GLY C 133 -36.30 -16.27 60.09
C GLY C 133 -34.83 -16.41 60.44
N ASN C 134 -34.55 -16.42 61.75
CA ASN C 134 -33.18 -16.52 62.21
C ASN C 134 -33.13 -17.10 63.60
N ILE C 135 -31.99 -17.68 63.94
CA ILE C 135 -31.75 -18.30 65.24
C ILE C 135 -30.42 -17.79 65.77
N ASP C 136 -30.40 -17.41 67.05
CA ASP C 136 -29.18 -16.98 67.72
C ASP C 136 -28.59 -18.18 68.46
N ILE C 137 -27.49 -18.72 67.94
CA ILE C 137 -26.81 -19.86 68.53
C ILE C 137 -25.52 -19.35 69.15
N THR C 138 -25.37 -19.57 70.46
CA THR C 138 -24.20 -19.13 71.19
C THR C 138 -23.24 -20.27 71.53
N ARG C 139 -23.58 -21.51 71.18
CA ARG C 139 -22.69 -22.63 71.45
C ARG C 139 -23.09 -23.80 70.58
N LEU C 140 -22.16 -24.30 69.76
CA LEU C 140 -22.38 -25.47 68.92
C LEU C 140 -21.12 -26.32 68.92
N TYR C 141 -21.30 -27.63 69.10
CA TYR C 141 -20.18 -28.56 69.08
C TYR C 141 -20.69 -29.88 68.50
N LEU C 142 -20.31 -30.17 67.27
CA LEU C 142 -20.70 -31.40 66.60
C LEU C 142 -19.66 -32.48 66.85
N PRO C 143 -20.00 -33.75 66.62
CA PRO C 143 -19.05 -34.83 66.94
C PRO C 143 -17.75 -34.78 66.14
N ASP C 144 -17.69 -33.99 65.06
CA ASP C 144 -16.47 -33.77 64.29
C ASP C 144 -15.93 -35.11 63.74
N SER C 145 -16.72 -35.67 62.81
CA SER C 145 -16.31 -36.91 62.14
C SER C 145 -14.92 -36.76 61.54
N ASP C 146 -14.68 -35.67 60.81
CA ASP C 146 -13.35 -35.30 60.32
C ASP C 146 -12.72 -36.42 59.49
N ASP C 147 -13.45 -36.85 58.46
CA ASP C 147 -12.94 -37.85 57.52
C ASP C 147 -12.04 -37.14 56.50
N ILE C 148 -11.72 -37.84 55.41
CA ILE C 148 -10.78 -37.31 54.43
C ILE C 148 -11.30 -36.02 53.81
N SER C 149 -12.59 -36.00 53.45
CA SER C 149 -13.16 -34.88 52.72
C SER C 149 -14.10 -34.02 53.54
N ASN C 150 -15.11 -34.62 54.18
CA ASN C 150 -16.12 -33.85 54.92
C ASN C 150 -15.52 -33.36 56.22
N ASN C 151 -14.86 -32.21 56.17
CA ASN C 151 -14.31 -31.57 57.35
C ASN C 151 -15.30 -30.64 58.03
N THR C 152 -16.49 -30.48 57.47
CA THR C 152 -17.51 -29.57 58.02
C THR C 152 -18.72 -30.38 58.46
N PRO C 153 -18.84 -30.73 59.74
CA PRO C 153 -20.06 -31.38 60.21
C PRO C 153 -21.25 -30.45 60.14
N SER C 154 -22.43 -31.04 59.96
CA SER C 154 -23.65 -30.27 59.81
C SER C 154 -24.84 -31.07 60.30
N ILE C 155 -25.86 -30.36 60.80
CA ILE C 155 -27.12 -30.94 61.23
C ILE C 155 -28.26 -30.14 60.60
N ILE C 156 -29.46 -30.70 60.69
CA ILE C 156 -30.66 -30.05 60.20
C ILE C 156 -31.62 -29.88 61.37
N LEU C 157 -32.11 -28.66 61.57
CA LEU C 157 -33.01 -28.32 62.66
C LEU C 157 -34.36 -27.96 62.08
N THR C 158 -35.41 -28.63 62.52
CA THR C 158 -36.78 -28.35 62.10
C THR C 158 -37.52 -27.67 63.25
N VAL C 159 -38.15 -26.55 62.94
CA VAL C 159 -38.83 -25.73 63.94
C VAL C 159 -40.25 -26.26 64.09
N LYS C 160 -40.57 -26.79 65.27
CA LYS C 160 -41.92 -27.26 65.54
C LYS C 160 -42.80 -26.19 66.16
N ASP C 161 -42.23 -25.30 66.97
CA ASP C 161 -42.97 -24.20 67.58
C ASP C 161 -41.98 -23.11 67.96
N LYS C 162 -42.45 -22.16 68.77
CA LYS C 162 -41.57 -21.09 69.26
C LYS C 162 -40.57 -21.57 70.30
N GLU C 163 -40.77 -22.77 70.86
CA GLU C 163 -39.94 -23.24 71.97
C GLU C 163 -39.10 -24.46 71.62
N ASN C 164 -39.71 -25.53 71.12
CA ASN C 164 -38.99 -26.77 70.88
C ASN C 164 -38.69 -26.95 69.38
N TYR C 165 -37.80 -27.89 69.11
CA TYR C 165 -37.34 -28.15 67.75
C TYR C 165 -36.80 -29.57 67.67
N SER C 166 -36.64 -30.05 66.44
CA SER C 166 -36.10 -31.37 66.19
C SER C 166 -34.76 -31.26 65.47
N ILE C 167 -33.86 -32.20 65.76
CA ILE C 167 -32.50 -32.20 65.25
C ILE C 167 -32.23 -33.54 64.57
N ASN C 168 -31.67 -33.50 63.37
CA ASN C 168 -31.24 -34.72 62.71
C ASN C 168 -29.88 -34.47 62.04
N SER C 169 -28.91 -35.31 62.35
CA SER C 169 -27.57 -35.21 61.78
C SER C 169 -27.36 -36.21 60.65
N ASP C 170 -27.53 -37.50 60.95
CA ASP C 170 -27.39 -38.56 59.96
C ASP C 170 -28.52 -39.58 60.13
N GLY C 171 -29.74 -39.08 60.31
CA GLY C 171 -30.88 -39.91 60.62
C GLY C 171 -31.16 -40.07 62.10
N ILE C 172 -30.25 -39.62 62.96
CA ILE C 172 -30.44 -39.71 64.41
C ILE C 172 -31.32 -38.55 64.83
N GLN C 173 -32.55 -38.86 65.25
CA GLN C 173 -33.52 -37.83 65.63
C GLN C 173 -33.40 -37.50 67.11
N LEU C 174 -33.40 -36.20 67.42
CA LEU C 174 -33.38 -35.72 68.78
C LEU C 174 -34.34 -34.55 68.91
N ASN C 175 -34.75 -34.27 70.13
CA ASN C 175 -35.65 -33.16 70.42
C ASN C 175 -34.98 -32.20 71.39
N GLY C 176 -35.07 -30.91 71.11
CA GLY C 176 -34.45 -29.90 71.95
C GLY C 176 -35.42 -28.77 72.24
N VAL C 177 -35.10 -28.02 73.29
CA VAL C 177 -35.91 -26.90 73.75
C VAL C 177 -35.03 -25.68 73.89
N VAL C 178 -35.55 -24.53 73.44
CA VAL C 178 -34.83 -23.27 73.64
C VAL C 178 -34.58 -23.06 75.13
N GLY C 179 -33.47 -22.39 75.44
CA GLY C 179 -33.09 -22.23 76.82
C GLY C 179 -32.08 -23.27 77.27
N THR C 180 -32.56 -24.36 77.86
CA THR C 180 -31.68 -25.39 78.39
C THR C 180 -30.75 -25.93 77.31
N LEU C 181 -29.48 -26.07 77.67
CA LEU C 181 -28.47 -26.56 76.74
C LEU C 181 -28.66 -28.05 76.48
N LEU C 182 -28.21 -28.50 75.30
CA LEU C 182 -28.29 -29.90 74.90
C LEU C 182 -26.90 -30.50 74.82
N ASN C 183 -26.69 -31.61 75.52
CA ASN C 183 -25.45 -32.40 75.46
C ASN C 183 -25.86 -33.87 75.28
N GLU C 184 -26.07 -34.28 74.04
CA GLU C 184 -26.52 -35.63 73.76
C GLU C 184 -25.89 -36.15 72.47
N LYS C 185 -25.50 -37.44 72.49
CA LYS C 185 -24.98 -38.13 71.31
C LYS C 185 -23.75 -37.42 70.74
N GLY C 186 -22.89 -36.93 71.63
CA GLY C 186 -21.72 -36.21 71.20
C GLY C 186 -22.02 -34.88 70.53
N ILE C 187 -23.21 -34.34 70.76
CA ILE C 187 -23.66 -33.09 70.15
C ILE C 187 -24.02 -32.12 71.26
N SER C 188 -23.42 -30.93 71.22
CA SER C 188 -23.70 -29.85 72.16
C SER C 188 -24.32 -28.70 71.40
N LEU C 189 -25.43 -28.18 71.91
CA LEU C 189 -26.14 -27.11 71.21
C LEU C 189 -26.85 -26.21 72.21
N LEU C 190 -26.76 -24.91 71.95
CA LEU C 190 -27.49 -23.89 72.72
C LEU C 190 -28.16 -22.95 71.73
N VAL C 191 -29.49 -22.91 71.77
CA VAL C 191 -30.30 -22.16 70.81
C VAL C 191 -31.08 -21.10 71.57
N ASN C 192 -31.03 -19.86 71.07
CA ASN C 192 -31.75 -18.75 71.67
C ASN C 192 -32.50 -17.98 70.60
N GLU C 193 -33.74 -17.58 70.92
CA GLU C 193 -34.52 -16.63 70.14
C GLU C 193 -34.74 -17.12 68.70
N ILE C 194 -35.48 -18.22 68.60
CA ILE C 194 -35.94 -18.67 67.29
C ILE C 194 -36.96 -17.67 66.75
N ASP C 195 -36.79 -17.27 65.48
CA ASP C 195 -37.71 -16.34 64.83
C ASP C 195 -38.03 -16.90 63.45
N ALA C 196 -39.06 -17.74 63.38
CA ALA C 196 -39.52 -18.32 62.12
C ALA C 196 -40.89 -18.95 62.38
N LYS C 197 -41.59 -19.24 61.29
CA LYS C 197 -42.84 -19.95 61.41
C LYS C 197 -42.57 -21.44 61.65
N PRO C 198 -43.48 -22.12 62.34
CA PRO C 198 -43.28 -23.57 62.56
C PRO C 198 -43.23 -24.33 61.24
N GLY C 199 -42.42 -25.38 61.23
CA GLY C 199 -42.19 -26.16 60.03
C GLY C 199 -40.99 -25.72 59.21
N ASP C 200 -40.37 -24.60 59.55
CA ASP C 200 -39.17 -24.17 58.84
C ASP C 200 -37.98 -25.04 59.24
N GLN C 201 -37.01 -25.13 58.33
CA GLN C 201 -35.81 -25.93 58.54
C GLN C 201 -34.58 -25.07 58.34
N PHE C 202 -33.53 -25.37 59.09
CA PHE C 202 -32.28 -24.64 59.05
C PHE C 202 -31.11 -25.62 59.08
N VAL C 203 -30.19 -25.45 58.15
CA VAL C 203 -28.95 -26.23 58.13
C VAL C 203 -27.94 -25.51 59.01
N ILE C 204 -27.41 -26.22 60.00
CA ILE C 204 -26.44 -25.67 60.94
C ILE C 204 -25.13 -26.40 60.74
N THR C 205 -24.11 -25.69 60.26
CA THR C 205 -22.81 -26.25 59.96
C THR C 205 -21.77 -25.68 60.90
N GLN C 206 -20.83 -26.51 61.33
CA GLN C 206 -19.69 -26.06 62.13
C GLN C 206 -18.46 -26.15 61.25
N LEU C 207 -18.23 -25.09 60.47
CA LEU C 207 -17.12 -25.08 59.54
C LEU C 207 -15.81 -24.74 60.26
N PRO C 208 -14.67 -25.20 59.74
CA PRO C 208 -13.40 -24.97 60.42
C PRO C 208 -13.02 -23.50 60.44
N ARG C 209 -12.20 -23.14 61.44
CA ARG C 209 -11.86 -21.75 61.68
C ARG C 209 -11.18 -21.12 60.47
N LEU C 210 -10.26 -21.85 59.83
CA LEU C 210 -9.60 -21.31 58.66
C LEU C 210 -10.58 -21.10 57.51
N LYS C 211 -11.58 -21.96 57.37
CA LYS C 211 -12.58 -21.75 56.33
C LYS C 211 -13.38 -20.48 56.58
N ALA C 212 -13.76 -20.24 57.84
CA ALA C 212 -14.47 -19.01 58.18
C ALA C 212 -13.59 -17.79 57.91
N ILE C 213 -12.31 -17.86 58.27
CA ILE C 213 -11.41 -16.73 58.02
C ILE C 213 -11.25 -16.48 56.53
N SER C 214 -11.13 -17.55 55.74
CA SER C 214 -11.01 -17.37 54.29
C SER C 214 -12.26 -16.76 53.70
N ASP C 215 -13.44 -17.20 54.16
CA ASP C 215 -14.68 -16.63 53.65
C ASP C 215 -14.80 -15.16 54.02
N LEU C 216 -14.43 -14.81 55.25
CA LEU C 216 -14.47 -13.40 55.66
C LEU C 216 -13.49 -12.57 54.85
N LEU C 217 -12.28 -13.10 54.61
CA LEU C 217 -11.26 -12.37 53.88
C LEU C 217 -11.60 -12.24 52.40
N LYS C 218 -12.41 -13.14 51.86
CA LYS C 218 -12.75 -13.05 50.45
C LYS C 218 -13.64 -11.85 50.15
N SER C 219 -14.52 -11.48 51.08
CA SER C 219 -15.49 -10.41 50.87
C SER C 219 -15.09 -9.12 51.58
N PHE C 220 -13.87 -9.01 52.08
CA PHE C 220 -13.41 -7.85 52.83
C PHE C 220 -12.30 -7.17 52.04
N SER C 221 -12.40 -5.85 51.90
CA SER C 221 -11.44 -5.08 51.12
C SER C 221 -11.01 -3.84 51.90
N VAL C 222 -9.74 -3.47 51.70
CA VAL C 222 -9.19 -2.25 52.28
C VAL C 222 -8.60 -1.42 51.16
N ALA C 223 -8.84 -0.12 51.19
CA ALA C 223 -8.30 0.78 50.18
C ALA C 223 -7.84 2.06 50.84
N ASP C 224 -6.95 2.78 50.16
CA ASP C 224 -6.44 4.05 50.68
C ASP C 224 -7.22 5.25 50.14
N LEU C 225 -7.59 5.22 48.86
CA LEU C 225 -8.46 6.21 48.23
C LEU C 225 -7.75 7.55 48.05
N GLY C 226 -6.54 7.67 48.58
CA GLY C 226 -5.73 8.84 48.33
C GLY C 226 -4.29 8.53 48.01
N LYS C 227 -3.87 7.30 48.34
CA LYS C 227 -2.54 6.77 48.03
C LYS C 227 -1.46 7.41 48.90
N ASP C 228 -1.83 8.43 49.68
CA ASP C 228 -0.90 9.09 50.58
C ASP C 228 -1.50 9.46 51.93
N THR C 229 -2.82 9.62 52.02
CA THR C 229 -3.46 10.05 53.26
C THR C 229 -3.55 8.90 54.25
N GLY C 230 -3.82 9.26 55.50
CA GLY C 230 -4.09 8.28 56.52
C GLY C 230 -5.49 7.70 56.48
N MET C 231 -6.26 8.09 55.47
CA MET C 231 -7.65 7.63 55.36
C MET C 231 -7.68 6.26 54.71
N LEU C 232 -8.28 5.29 55.40
CA LEU C 232 -8.49 3.95 54.88
C LEU C 232 -9.98 3.69 54.82
N THR C 233 -10.44 3.21 53.68
CA THR C 233 -11.83 2.78 53.51
C THR C 233 -11.89 1.27 53.60
N LEU C 234 -12.68 0.77 54.54
CA LEU C 234 -12.89 -0.66 54.71
C LEU C 234 -14.26 -1.01 54.16
N THR C 235 -14.32 -2.05 53.34
CA THR C 235 -15.53 -2.45 52.65
C THR C 235 -15.82 -3.91 52.91
N LEU C 236 -17.09 -4.25 53.18
CA LEU C 236 -17.48 -5.63 53.41
C LEU C 236 -18.81 -5.90 52.70
N THR C 237 -18.87 -6.97 51.92
CA THR C 237 -20.07 -7.33 51.19
C THR C 237 -20.65 -8.61 51.77
N GLY C 238 -21.98 -8.65 51.88
CA GLY C 238 -22.66 -9.83 52.39
C GLY C 238 -24.15 -9.69 52.21
N ASP C 239 -24.84 -10.82 52.38
CA ASP C 239 -26.27 -10.88 52.11
C ASP C 239 -27.15 -10.49 53.29
N ASN C 240 -26.56 -10.27 54.47
CA ASN C 240 -27.33 -9.84 55.63
C ASN C 240 -26.93 -8.41 55.97
N PRO C 241 -27.79 -7.42 55.73
CA PRO C 241 -27.37 -6.02 55.88
C PRO C 241 -27.00 -5.62 57.30
N LYS C 242 -27.48 -6.33 58.32
CA LYS C 242 -27.12 -5.99 59.70
C LYS C 242 -25.89 -6.75 60.17
N ARG C 243 -25.79 -8.02 59.78
CA ARG C 243 -24.65 -8.82 60.21
C ARG C 243 -23.35 -8.26 59.66
N ILE C 244 -23.36 -7.78 58.42
CA ILE C 244 -22.11 -7.26 57.84
C ILE C 244 -21.69 -5.98 58.54
N SER C 245 -22.66 -5.14 58.94
CA SER C 245 -22.30 -3.94 59.70
C SER C 245 -21.71 -4.31 61.05
N HIS C 246 -22.30 -5.30 61.73
CA HIS C 246 -21.73 -5.75 63.01
C HIS C 246 -20.33 -6.32 62.82
N ILE C 247 -20.13 -7.09 61.75
CA ILE C 247 -18.83 -7.70 61.50
C ILE C 247 -17.78 -6.64 61.23
N LEU C 248 -18.11 -5.63 60.42
CA LEU C 248 -17.14 -4.59 60.13
C LEU C 248 -16.87 -3.72 61.35
N ASP C 249 -17.89 -3.47 62.18
CA ASP C 249 -17.64 -2.78 63.43
C ASP C 249 -16.69 -3.56 64.33
N SER C 250 -16.89 -4.87 64.42
CA SER C 250 -15.99 -5.70 65.23
C SER C 250 -14.57 -5.69 64.67
N ILE C 251 -14.43 -5.76 63.35
CA ILE C 251 -13.11 -5.71 62.74
C ILE C 251 -12.41 -4.40 63.10
N SER C 252 -13.13 -3.28 62.95
CA SER C 252 -12.54 -1.98 63.25
C SER C 252 -12.16 -1.85 64.71
N GLN C 253 -13.04 -2.30 65.61
CA GLN C 253 -12.73 -2.21 67.04
C GLN C 253 -11.54 -3.08 67.40
N ASN C 254 -11.45 -4.28 66.83
CA ASN C 254 -10.31 -5.14 67.13
C ASN C 254 -9.01 -4.54 66.63
N TYR C 255 -9.01 -4.00 65.41
CA TYR C 255 -7.81 -3.33 64.90
C TYR C 255 -7.43 -2.12 65.75
N LEU C 256 -8.42 -1.34 66.17
CA LEU C 256 -8.15 -0.17 67.00
C LEU C 256 -7.56 -0.57 68.34
N ALA C 257 -8.12 -1.60 68.98
CA ALA C 257 -7.60 -2.05 70.26
C ALA C 257 -6.21 -2.64 70.12
N GLN C 258 -5.96 -3.37 69.03
CA GLN C 258 -4.64 -3.95 68.80
C GLN C 258 -3.59 -2.87 68.60
N ASN C 259 -3.92 -1.82 67.86
CA ASN C 259 -2.92 -0.79 67.55
C ASN C 259 -2.45 -0.07 68.81
N ILE C 260 -3.35 0.20 69.74
CA ILE C 260 -3.01 1.00 70.93
C ILE C 260 -2.39 0.10 71.99
N ALA C 261 -2.10 -1.14 71.64
CA ALA C 261 -1.44 -2.06 72.55
C ALA C 261 -0.42 -2.93 71.80
N VAL C 409 -4.44 5.47 65.19
CA VAL C 409 -5.60 5.13 64.40
C VAL C 409 -6.87 5.70 65.03
N ARG C 410 -7.78 6.16 64.17
CA ARG C 410 -9.02 6.78 64.61
C ARG C 410 -10.17 6.29 63.72
N ILE C 411 -11.31 6.00 64.36
CA ILE C 411 -12.49 5.54 63.64
C ILE C 411 -13.38 6.75 63.38
N ILE C 412 -13.37 7.21 62.13
CA ILE C 412 -14.11 8.41 61.74
C ILE C 412 -15.54 8.04 61.38
N ASP C 413 -15.71 7.12 60.44
CA ASP C 413 -17.02 6.65 60.01
C ASP C 413 -17.18 5.20 60.41
N ASN C 414 -18.02 4.93 61.41
CA ASN C 414 -18.37 3.56 61.72
C ASN C 414 -19.18 2.96 60.59
N ALA C 415 -19.10 1.63 60.46
CA ALA C 415 -19.64 0.96 59.30
C ALA C 415 -21.15 1.12 59.20
N VAL C 416 -21.63 1.49 58.02
CA VAL C 416 -23.07 1.44 57.72
C VAL C 416 -23.24 0.76 56.38
N THR C 417 -24.45 0.23 56.17
CA THR C 417 -24.77 -0.59 55.02
C THR C 417 -25.60 0.20 54.02
N ASP C 418 -25.19 0.17 52.76
CA ASP C 418 -25.97 0.82 51.71
C ASP C 418 -27.23 0.00 51.46
N PRO C 419 -28.44 0.57 51.65
CA PRO C 419 -29.66 -0.24 51.48
C PRO C 419 -29.91 -0.70 50.05
N ASN C 420 -29.25 -0.10 49.06
CA ASN C 420 -29.38 -0.56 47.68
C ASN C 420 -28.34 -1.64 47.41
N PRO C 421 -28.73 -2.86 47.07
CA PRO C 421 -27.75 -3.92 46.86
C PRO C 421 -26.81 -3.59 45.71
N VAL C 422 -25.56 -4.03 45.83
CA VAL C 422 -24.57 -3.84 44.78
C VAL C 422 -24.62 -4.94 43.72
N ARG C 423 -25.13 -6.12 44.07
CA ARG C 423 -25.29 -7.23 43.14
C ARG C 423 -26.58 -7.95 43.48
N PRO C 424 -27.29 -8.48 42.48
CA PRO C 424 -27.00 -8.37 41.05
C PRO C 424 -27.46 -7.05 40.45
N LYS C 425 -26.73 -6.57 39.44
CA LYS C 425 -27.08 -5.34 38.73
C LYS C 425 -28.07 -5.72 37.63
N LYS C 426 -29.36 -5.48 37.89
CA LYS C 426 -30.41 -6.04 37.05
C LYS C 426 -30.36 -5.50 35.62
N THR C 427 -30.18 -4.18 35.47
CA THR C 427 -30.28 -3.58 34.15
C THR C 427 -29.18 -4.07 33.22
N ILE C 428 -27.93 -4.11 33.71
CA ILE C 428 -26.86 -4.58 32.85
C ILE C 428 -27.02 -6.06 32.54
N ILE C 429 -27.53 -6.84 33.49
CA ILE C 429 -27.77 -8.26 33.24
C ILE C 429 -28.79 -8.44 32.12
N ILE C 430 -29.88 -7.68 32.17
CA ILE C 430 -30.93 -7.82 31.18
C ILE C 430 -30.44 -7.33 29.81
N VAL C 431 -29.67 -6.24 29.79
CA VAL C 431 -29.12 -5.76 28.52
C VAL C 431 -28.17 -6.78 27.92
N ILE C 432 -27.32 -7.39 28.75
CA ILE C 432 -26.41 -8.41 28.26
C ILE C 432 -27.19 -9.61 27.73
N GLY C 433 -28.25 -10.01 28.43
CA GLY C 433 -29.06 -11.11 27.94
C GLY C 433 -29.70 -10.82 26.59
N VAL C 434 -30.25 -9.62 26.43
CA VAL C 434 -30.90 -9.26 25.17
C VAL C 434 -29.88 -9.25 24.03
N VAL C 435 -28.71 -8.63 24.27
CA VAL C 435 -27.70 -8.55 23.22
C VAL C 435 -27.16 -9.93 22.89
N LEU C 436 -27.00 -10.80 23.90
CA LEU C 436 -26.55 -12.15 23.65
C LEU C 436 -27.57 -12.92 22.81
N GLY C 437 -28.85 -12.78 23.13
CA GLY C 437 -29.87 -13.41 22.30
C GLY C 437 -29.83 -12.93 20.87
N LEU C 438 -29.69 -11.61 20.67
CA LEU C 438 -29.64 -11.08 19.31
C LEU C 438 -28.45 -11.62 18.56
N ILE C 439 -27.28 -11.67 19.19
CA ILE C 439 -26.08 -12.11 18.46
C ILE C 439 -26.15 -13.59 18.15
N VAL C 440 -26.65 -14.41 19.08
CA VAL C 440 -26.75 -15.84 18.78
C VAL C 440 -27.79 -16.09 17.70
N SER C 441 -28.88 -15.32 17.70
CA SER C 441 -29.88 -15.47 16.65
C SER C 441 -29.31 -15.09 15.29
N VAL C 442 -28.55 -13.99 15.23
CA VAL C 442 -27.96 -13.58 13.97
C VAL C 442 -26.93 -14.60 13.48
N VAL C 443 -26.15 -15.16 14.41
CA VAL C 443 -25.18 -16.18 14.02
C VAL C 443 -25.89 -17.41 13.46
N LEU C 444 -26.95 -17.85 14.14
CA LEU C 444 -27.69 -19.02 13.67
C LEU C 444 -28.31 -18.76 12.29
N VAL C 445 -28.87 -17.56 12.10
CA VAL C 445 -29.48 -17.22 10.81
C VAL C 445 -28.42 -17.21 9.71
N LEU C 446 -27.26 -16.60 9.96
CA LEU C 446 -26.21 -16.58 8.96
C LEU C 446 -25.72 -17.99 8.65
N PHE C 447 -25.61 -18.83 9.68
CA PHE C 447 -25.17 -20.21 9.48
C PHE C 447 -26.16 -20.98 8.62
N GLN C 448 -27.46 -20.82 8.88
CA GLN C 448 -28.47 -21.50 8.08
C GLN C 448 -28.48 -20.98 6.64
N VAL C 449 -28.30 -19.67 6.47
CA VAL C 449 -28.29 -19.10 5.12
C VAL C 449 -27.10 -19.62 4.32
N PHE C 450 -25.93 -19.68 4.95
CA PHE C 450 -24.75 -20.15 4.23
C PHE C 450 -24.75 -21.66 3.97
N LEU C 451 -25.65 -22.41 4.59
CA LEU C 451 -25.72 -23.85 4.40
C LEU C 451 -26.90 -24.27 3.54
N ARG C 452 -27.48 -23.35 2.77
CA ARG C 452 -28.60 -23.67 1.89
C ARG C 452 -28.08 -24.00 0.50
N ARG C 453 -28.59 -25.08 -0.08
CA ARG C 453 -28.21 -25.49 -1.41
C ARG C 453 -29.38 -25.70 -2.36
N GLY C 454 -30.62 -25.71 -1.85
CA GLY C 454 -31.76 -25.95 -2.70
C GLY C 454 -32.02 -24.83 -3.69
N ILE C 455 -32.96 -25.10 -4.60
CA ILE C 455 -33.34 -24.11 -5.59
C ILE C 455 -34.15 -23.00 -4.93
N GLU C 456 -33.79 -21.76 -5.21
CA GLU C 456 -34.49 -20.62 -4.63
C GLU C 456 -35.46 -19.95 -5.59
N SER C 457 -35.11 -19.85 -6.87
CA SER C 457 -35.94 -19.17 -7.84
C SER C 457 -35.79 -19.88 -9.18
N PRO C 458 -36.76 -19.72 -10.08
CA PRO C 458 -36.60 -20.32 -11.42
C PRO C 458 -35.40 -19.80 -12.18
N GLU C 459 -34.86 -18.65 -11.80
CA GLU C 459 -33.71 -18.11 -12.51
C GLU C 459 -32.46 -18.94 -12.28
N GLN C 460 -32.36 -19.62 -11.13
CA GLN C 460 -31.25 -20.53 -10.89
C GLN C 460 -31.23 -21.66 -11.91
N LEU C 461 -32.41 -22.22 -12.21
CA LEU C 461 -32.49 -23.24 -13.24
C LEU C 461 -32.27 -22.65 -14.64
N GLU C 462 -32.79 -21.45 -14.88
CA GLU C 462 -32.69 -20.86 -16.21
C GLU C 462 -31.29 -20.36 -16.54
N GLU C 463 -30.44 -20.15 -15.52
CA GLU C 463 -29.04 -19.86 -15.78
C GLU C 463 -28.36 -21.01 -16.50
N ILE C 464 -28.64 -22.24 -16.07
CA ILE C 464 -28.04 -23.42 -16.70
C ILE C 464 -28.56 -23.60 -18.12
N GLY C 465 -29.80 -23.21 -18.38
CA GLY C 465 -30.38 -23.40 -19.69
C GLY C 465 -31.54 -24.38 -19.65
N ILE C 466 -32.26 -24.39 -18.54
CA ILE C 466 -33.43 -25.26 -18.35
C ILE C 466 -34.66 -24.37 -18.35
N ASN C 467 -35.59 -24.64 -19.26
CA ASN C 467 -36.82 -23.86 -19.36
C ASN C 467 -37.77 -24.27 -18.25
N VAL C 468 -38.01 -23.37 -17.31
CA VAL C 468 -38.99 -23.59 -16.26
C VAL C 468 -40.36 -23.19 -16.80
N TYR C 469 -41.24 -24.17 -16.96
CA TYR C 469 -42.54 -23.92 -17.57
C TYR C 469 -43.61 -23.47 -16.59
N ALA C 470 -43.38 -23.62 -15.29
CA ALA C 470 -44.37 -23.24 -14.30
C ALA C 470 -43.70 -23.19 -12.93
N SER C 471 -44.43 -22.68 -11.96
CA SER C 471 -44.01 -22.71 -10.55
C SER C 471 -45.27 -22.88 -9.72
N ILE C 472 -45.47 -24.08 -9.19
CA ILE C 472 -46.70 -24.43 -8.48
C ILE C 472 -46.49 -24.11 -7.01
N PRO C 473 -47.36 -23.31 -6.39
CA PRO C 473 -47.22 -23.01 -4.96
C PRO C 473 -47.75 -24.15 -4.09
N ILE C 474 -47.42 -24.08 -2.81
CA ILE C 474 -47.92 -25.05 -1.85
C ILE C 474 -49.43 -24.86 -1.68
N SER C 475 -50.16 -25.97 -1.70
CA SER C 475 -51.60 -25.97 -1.48
C SER C 475 -51.87 -26.36 -0.04
N GLU C 476 -52.07 -25.37 0.83
CA GLU C 476 -52.33 -25.64 2.23
C GLU C 476 -53.71 -26.24 2.48
N TRP C 477 -54.57 -26.27 1.47
CA TRP C 477 -55.90 -26.85 1.61
C TRP C 477 -55.85 -28.30 2.05
N ASP C 494 -56.43 -38.37 -0.25
CA ASP C 494 -56.88 -39.36 -1.23
C ASP C 494 -57.94 -38.78 -2.15
N THR C 495 -57.71 -37.55 -2.62
CA THR C 495 -58.62 -36.90 -3.56
C THR C 495 -57.82 -35.91 -4.40
N LEU C 496 -58.37 -35.58 -5.55
CA LEU C 496 -57.71 -34.67 -6.47
C LEU C 496 -58.00 -33.23 -6.09
N LEU C 497 -56.93 -32.43 -5.95
CA LEU C 497 -57.07 -31.02 -5.63
C LEU C 497 -57.84 -30.28 -6.71
N ALA C 498 -57.57 -30.61 -7.97
CA ALA C 498 -58.26 -29.98 -9.10
C ALA C 498 -59.73 -30.34 -9.14
N VAL C 499 -60.18 -31.16 -8.20
CA VAL C 499 -61.58 -31.56 -8.08
C VAL C 499 -62.19 -31.10 -6.76
N GLY C 500 -61.49 -31.31 -5.65
CA GLY C 500 -62.01 -30.85 -4.37
C GLY C 500 -62.10 -29.34 -4.29
N ASN C 501 -61.05 -28.64 -4.71
CA ASN C 501 -60.97 -27.19 -4.61
C ASN C 501 -60.51 -26.63 -5.95
N PRO C 502 -61.40 -26.61 -6.95
CA PRO C 502 -60.98 -26.20 -8.30
C PRO C 502 -60.46 -24.77 -8.37
N ALA C 503 -60.78 -23.93 -7.39
CA ALA C 503 -60.33 -22.55 -7.37
C ALA C 503 -59.10 -22.35 -6.50
N ASP C 504 -58.33 -23.40 -6.28
CA ASP C 504 -57.11 -23.28 -5.50
C ASP C 504 -56.05 -22.53 -6.30
N LEU C 505 -55.09 -21.92 -5.59
CA LEU C 505 -54.02 -21.21 -6.28
C LEU C 505 -53.12 -22.18 -7.04
N ALA C 506 -52.87 -23.36 -6.48
CA ALA C 506 -52.06 -24.35 -7.17
C ALA C 506 -52.73 -24.83 -8.44
N VAL C 507 -54.06 -24.97 -8.43
CA VAL C 507 -54.76 -25.35 -9.65
C VAL C 507 -54.70 -24.23 -10.68
N GLU C 508 -54.66 -22.98 -10.24
CA GLU C 508 -54.46 -21.88 -11.19
C GLU C 508 -53.08 -21.96 -11.82
N ALA C 509 -52.05 -22.23 -11.03
CA ALA C 509 -50.72 -22.42 -11.59
C ALA C 509 -50.68 -23.61 -12.55
N ILE C 510 -51.44 -24.66 -12.25
CA ILE C 510 -51.49 -25.82 -13.14
C ILE C 510 -52.20 -25.48 -14.44
N ARG C 511 -53.22 -24.62 -14.39
CA ARG C 511 -53.86 -24.16 -15.62
C ARG C 511 -52.91 -23.31 -16.46
N GLY C 512 -52.10 -22.50 -15.79
CA GLY C 512 -51.02 -21.81 -16.51
C GLY C 512 -50.09 -22.78 -17.20
N LEU C 513 -49.71 -23.84 -16.50
CA LEU C 513 -48.88 -24.89 -17.11
C LEU C 513 -49.60 -25.56 -18.27
N ARG C 514 -50.91 -25.73 -18.15
CA ARG C 514 -51.69 -26.35 -19.23
C ARG C 514 -51.64 -25.52 -20.50
N THR C 515 -51.83 -24.21 -20.36
CA THR C 515 -51.80 -23.37 -21.56
C THR C 515 -50.38 -23.21 -22.09
N SER C 516 -49.37 -23.31 -21.22
CA SER C 516 -48.00 -23.34 -21.70
C SER C 516 -47.71 -24.62 -22.48
N LEU C 517 -48.21 -25.75 -22.01
CA LEU C 517 -47.97 -27.03 -22.68
C LEU C 517 -48.70 -27.11 -24.01
N HIS C 518 -49.90 -26.51 -24.09
CA HIS C 518 -50.64 -26.55 -25.35
C HIS C 518 -49.85 -25.93 -26.49
N PHE C 519 -48.88 -25.07 -26.19
CA PHE C 519 -47.98 -24.49 -27.18
C PHE C 519 -46.65 -25.22 -27.25
N ALA C 520 -46.12 -25.66 -26.11
CA ALA C 520 -44.88 -26.44 -26.14
C ALA C 520 -45.05 -27.78 -26.84
N MET C 521 -46.19 -28.44 -26.61
CA MET C 521 -46.41 -29.79 -27.13
C MET C 521 -46.84 -29.81 -28.58
N MET C 522 -46.72 -28.71 -29.32
CA MET C 522 -46.93 -28.75 -30.76
C MET C 522 -45.66 -29.17 -31.47
N GLU C 523 -45.84 -29.79 -32.64
CA GLU C 523 -44.73 -30.35 -33.43
C GLU C 523 -43.99 -31.44 -32.67
N ALA C 524 -44.68 -32.12 -31.77
CA ALA C 524 -44.14 -33.29 -31.10
C ALA C 524 -44.51 -34.54 -31.88
N LYS C 525 -43.68 -35.58 -31.76
CA LYS C 525 -43.88 -36.77 -32.59
C LYS C 525 -45.14 -37.53 -32.23
N ASN C 526 -45.64 -37.41 -31.01
CA ASN C 526 -46.92 -37.99 -30.63
C ASN C 526 -47.48 -37.22 -29.44
N ASN C 527 -48.63 -37.65 -28.96
CA ASN C 527 -49.36 -36.97 -27.90
C ASN C 527 -49.11 -37.58 -26.54
N VAL C 528 -47.88 -38.03 -26.28
CA VAL C 528 -47.52 -38.66 -25.02
C VAL C 528 -46.62 -37.71 -24.25
N LEU C 529 -47.00 -37.43 -23.00
CA LEU C 529 -46.26 -36.57 -22.10
C LEU C 529 -45.81 -37.41 -20.91
N MET C 530 -44.56 -37.26 -20.52
CA MET C 530 -43.96 -38.04 -19.45
C MET C 530 -43.47 -37.08 -18.38
N ILE C 531 -44.08 -37.14 -17.21
CA ILE C 531 -43.65 -36.35 -16.07
C ILE C 531 -42.71 -37.20 -15.23
N SER C 532 -41.54 -36.67 -14.92
CA SER C 532 -40.57 -37.41 -14.12
C SER C 532 -39.94 -36.44 -13.13
N GLY C 533 -38.85 -36.86 -12.51
CA GLY C 533 -38.21 -36.00 -11.52
C GLY C 533 -36.86 -36.56 -11.14
N ALA C 534 -36.21 -35.86 -10.22
CA ALA C 534 -34.89 -36.26 -9.75
C ALA C 534 -34.97 -37.13 -8.50
N SER C 535 -35.73 -36.70 -7.51
CA SER C 535 -35.83 -37.40 -6.24
C SER C 535 -37.28 -37.70 -5.92
N PRO C 536 -37.54 -38.75 -5.14
CA PRO C 536 -38.93 -39.08 -4.79
C PRO C 536 -39.55 -38.01 -3.91
N SER C 537 -40.88 -38.00 -3.90
CA SER C 537 -41.68 -36.99 -3.20
C SER C 537 -41.29 -35.58 -3.67
N ALA C 538 -41.20 -35.41 -4.98
CA ALA C 538 -41.02 -34.11 -5.60
C ALA C 538 -42.31 -33.51 -6.10
N GLY C 539 -43.28 -34.35 -6.46
CA GLY C 539 -44.57 -33.86 -6.89
C GLY C 539 -45.00 -34.42 -8.23
N MET C 540 -44.38 -35.50 -8.68
CA MET C 540 -44.69 -36.02 -10.01
C MET C 540 -46.14 -36.50 -10.11
N THR C 541 -46.62 -37.23 -9.10
CA THR C 541 -47.98 -37.72 -9.16
C THR C 541 -48.99 -36.60 -8.94
N PHE C 542 -48.69 -35.69 -8.01
CA PHE C 542 -49.52 -34.51 -7.84
C PHE C 542 -49.65 -33.74 -9.15
N ILE C 543 -48.52 -33.40 -9.75
CA ILE C 543 -48.52 -32.61 -10.98
C ILE C 543 -49.25 -33.35 -12.09
N SER C 544 -48.94 -34.64 -12.28
CA SER C 544 -49.50 -35.37 -13.39
C SER C 544 -51.01 -35.56 -13.25
N SER C 545 -51.47 -35.95 -12.06
CA SER C 545 -52.89 -36.19 -11.87
C SER C 545 -53.69 -34.90 -11.98
N ASN C 546 -53.23 -33.83 -11.33
CA ASN C 546 -53.95 -32.57 -11.42
C ASN C 546 -53.92 -32.01 -12.83
N LEU C 547 -52.79 -32.14 -13.53
CA LEU C 547 -52.73 -31.68 -14.92
C LEU C 547 -53.70 -32.46 -15.79
N ALA C 548 -53.81 -33.77 -15.59
CA ALA C 548 -54.77 -34.56 -16.35
C ALA C 548 -56.20 -34.10 -16.06
N ALA C 549 -56.50 -33.77 -14.80
CA ALA C 549 -57.83 -33.30 -14.46
C ALA C 549 -58.14 -31.97 -15.15
N THR C 550 -57.20 -31.02 -15.07
CA THR C 550 -57.42 -29.71 -15.68
C THR C 550 -57.47 -29.79 -17.19
N ILE C 551 -56.81 -30.76 -17.80
CA ILE C 551 -56.92 -30.89 -19.25
C ILE C 551 -58.18 -31.64 -19.65
N ALA C 552 -58.70 -32.49 -18.77
CA ALA C 552 -59.94 -33.19 -19.08
C ALA C 552 -61.16 -32.29 -18.93
N ILE C 553 -61.12 -31.32 -18.01
CA ILE C 553 -62.26 -30.43 -17.86
C ILE C 553 -62.50 -29.55 -19.08
N THR C 554 -61.55 -29.47 -20.01
CA THR C 554 -61.71 -28.68 -21.21
C THR C 554 -62.27 -29.49 -22.37
N GLY C 555 -62.65 -30.74 -22.15
CA GLY C 555 -63.33 -31.52 -23.15
C GLY C 555 -62.46 -32.40 -24.02
N LYS C 556 -61.20 -32.61 -23.66
CA LYS C 556 -60.31 -33.49 -24.38
C LYS C 556 -60.17 -34.81 -23.64
N LYS C 557 -60.17 -35.91 -24.39
CA LYS C 557 -60.01 -37.23 -23.79
C LYS C 557 -58.58 -37.40 -23.32
N VAL C 558 -58.41 -37.77 -22.05
CA VAL C 558 -57.10 -37.88 -21.43
C VAL C 558 -56.94 -39.27 -20.84
N LEU C 559 -55.78 -39.89 -21.09
CA LEU C 559 -55.41 -41.15 -20.45
C LEU C 559 -54.27 -40.89 -19.49
N PHE C 560 -54.38 -41.44 -18.29
CA PHE C 560 -53.35 -41.33 -17.27
C PHE C 560 -52.81 -42.73 -17.00
N ILE C 561 -51.48 -42.87 -17.05
CA ILE C 561 -50.81 -44.15 -16.83
C ILE C 561 -49.90 -44.00 -15.62
N ASP C 562 -50.03 -44.93 -14.69
CA ASP C 562 -49.17 -44.98 -13.51
C ASP C 562 -48.09 -46.02 -13.79
N ALA C 563 -46.98 -45.56 -14.36
CA ALA C 563 -45.85 -46.42 -14.68
C ALA C 563 -44.83 -46.47 -13.56
N ASP C 564 -45.20 -46.00 -12.37
CA ASP C 564 -44.42 -46.23 -11.16
C ASP C 564 -44.85 -47.60 -10.61
N LEU C 565 -44.24 -48.64 -11.18
CA LEU C 565 -44.50 -50.03 -10.82
C LEU C 565 -43.91 -50.40 -9.50
N ARG C 566 -43.35 -49.47 -8.74
CA ARG C 566 -42.71 -49.77 -7.47
C ARG C 566 -43.43 -49.20 -6.27
N LYS C 567 -43.87 -47.94 -6.31
CA LYS C 567 -44.59 -47.31 -5.21
C LYS C 567 -45.75 -46.46 -5.71
N GLY C 568 -46.50 -46.97 -6.68
CA GLY C 568 -47.57 -46.19 -7.28
C GLY C 568 -48.89 -46.28 -6.54
N TYR C 569 -49.44 -45.13 -6.12
CA TYR C 569 -50.67 -45.09 -5.33
C TYR C 569 -51.80 -44.37 -6.05
N ALA C 570 -51.73 -44.26 -7.38
CA ALA C 570 -52.74 -43.51 -8.12
C ALA C 570 -54.12 -44.16 -7.98
N HIS C 571 -54.17 -45.49 -8.00
CA HIS C 571 -55.46 -46.17 -7.87
C HIS C 571 -56.13 -45.86 -6.55
N LYS C 572 -55.34 -45.63 -5.49
CA LYS C 572 -55.92 -45.23 -4.21
C LYS C 572 -56.57 -43.86 -4.31
N MET C 573 -55.93 -42.95 -5.05
CA MET C 573 -56.40 -41.59 -5.18
C MET C 573 -57.57 -41.46 -6.16
N PHE C 574 -57.77 -42.45 -7.03
CA PHE C 574 -58.82 -42.37 -8.04
C PHE C 574 -60.05 -43.21 -7.72
N GLY C 575 -59.96 -44.13 -6.77
CA GLY C 575 -61.02 -45.10 -6.56
C GLY C 575 -60.77 -46.27 -7.50
N HIS C 576 -60.60 -47.47 -6.96
CA HIS C 576 -59.91 -48.50 -7.72
C HIS C 576 -60.58 -49.86 -7.62
N LYS C 577 -60.32 -50.66 -8.64
CA LYS C 577 -60.34 -52.13 -8.57
C LYS C 577 -58.90 -52.54 -8.88
N ASN C 578 -58.15 -52.89 -7.84
CA ASN C 578 -56.70 -53.01 -7.94
C ASN C 578 -56.24 -54.12 -8.89
N ASP C 579 -57.14 -55.01 -9.29
CA ASP C 579 -56.78 -56.05 -10.24
C ASP C 579 -56.49 -55.45 -11.62
N LYS C 580 -55.66 -56.16 -12.38
CA LYS C 580 -55.43 -55.86 -13.80
C LYS C 580 -54.88 -54.44 -14.00
N GLY C 581 -53.70 -54.22 -13.45
CA GLY C 581 -52.99 -52.97 -13.66
C GLY C 581 -52.04 -53.05 -14.84
N LEU C 582 -51.05 -52.17 -14.83
CA LEU C 582 -50.05 -52.17 -15.89
C LEU C 582 -49.18 -53.42 -15.83
N SER C 583 -48.83 -53.86 -14.62
CA SER C 583 -48.01 -55.06 -14.46
C SER C 583 -48.66 -56.27 -15.14
N GLU C 584 -49.93 -56.53 -14.82
CA GLU C 584 -50.61 -57.69 -15.37
C GLU C 584 -50.65 -57.65 -16.89
N PHE C 585 -50.82 -56.47 -17.47
CA PHE C 585 -50.80 -56.35 -18.92
C PHE C 585 -49.41 -56.64 -19.47
N LEU C 586 -48.37 -56.06 -18.86
CA LEU C 586 -47.01 -56.22 -19.37
C LEU C 586 -46.56 -57.67 -19.29
N SER C 587 -46.85 -58.33 -18.17
CA SER C 587 -46.48 -59.74 -18.02
C SER C 587 -47.30 -60.66 -18.91
N GLY C 588 -48.37 -60.17 -19.53
CA GLY C 588 -49.13 -60.91 -20.51
C GLY C 588 -50.41 -61.53 -20.02
N GLN C 589 -50.76 -61.35 -18.75
CA GLN C 589 -51.95 -61.98 -18.17
C GLN C 589 -53.15 -61.04 -18.14
N ALA C 590 -53.23 -60.11 -19.07
CA ALA C 590 -54.35 -59.17 -19.15
C ALA C 590 -54.43 -58.61 -20.55
N ALA C 591 -55.59 -58.03 -20.87
CA ALA C 591 -55.83 -57.42 -22.16
C ALA C 591 -55.69 -55.91 -22.07
N ALA C 592 -55.71 -55.26 -23.24
CA ALA C 592 -55.57 -53.81 -23.31
C ALA C 592 -56.83 -53.07 -22.89
N GLU C 593 -57.96 -53.75 -22.72
CA GLU C 593 -59.21 -53.11 -22.38
C GLU C 593 -59.68 -53.39 -20.95
N MET C 594 -59.10 -54.37 -20.27
CA MET C 594 -59.48 -54.68 -18.90
C MET C 594 -58.65 -53.92 -17.87
N ILE C 595 -57.72 -53.09 -18.32
CA ILE C 595 -56.86 -52.34 -17.40
C ILE C 595 -57.26 -50.87 -17.28
N ILE C 596 -58.10 -50.37 -18.18
CA ILE C 596 -58.49 -48.97 -18.21
C ILE C 596 -59.73 -48.78 -17.34
N ASP C 597 -59.63 -47.84 -16.39
CA ASP C 597 -60.74 -47.51 -15.52
C ASP C 597 -61.02 -46.01 -15.63
N LYS C 598 -62.08 -45.54 -14.98
CA LYS C 598 -62.52 -44.16 -15.07
C LYS C 598 -62.48 -43.49 -13.70
N VAL C 599 -61.89 -42.30 -13.65
CA VAL C 599 -61.91 -41.52 -12.41
C VAL C 599 -63.29 -40.94 -12.19
N GLU C 600 -63.78 -41.04 -10.95
CA GLU C 600 -65.15 -40.64 -10.66
C GLU C 600 -65.33 -39.13 -10.78
N GLY C 601 -64.62 -38.37 -9.94
CA GLY C 601 -64.76 -36.93 -9.95
C GLY C 601 -63.80 -36.25 -10.90
N GLY C 602 -63.24 -37.01 -11.83
CA GLY C 602 -62.22 -36.56 -12.76
C GLY C 602 -62.84 -36.26 -14.10
N GLY C 603 -62.77 -37.20 -15.03
CA GLY C 603 -63.26 -36.99 -16.38
C GLY C 603 -62.32 -37.62 -17.37
N PHE C 604 -61.33 -38.34 -16.85
CA PHE C 604 -60.31 -38.98 -17.64
C PHE C 604 -60.15 -40.42 -17.20
N ASP C 605 -59.70 -41.27 -18.12
CA ASP C 605 -59.41 -42.65 -17.79
C ASP C 605 -58.03 -42.77 -17.16
N TYR C 606 -57.77 -43.92 -16.55
CA TYR C 606 -56.47 -44.17 -15.97
C TYR C 606 -56.15 -45.67 -16.00
N ILE C 607 -54.85 -45.95 -15.91
CA ILE C 607 -54.32 -47.31 -15.79
C ILE C 607 -53.47 -47.35 -14.53
N GLY C 608 -53.83 -48.25 -13.61
CA GLY C 608 -53.05 -48.40 -12.40
C GLY C 608 -51.82 -49.26 -12.62
N ARG C 609 -50.94 -49.25 -11.62
CA ARG C 609 -49.73 -50.06 -11.73
C ARG C 609 -50.05 -51.55 -11.66
N GLY C 610 -51.00 -51.93 -10.83
CA GLY C 610 -51.29 -53.33 -10.60
C GLY C 610 -50.51 -53.87 -9.43
N GLN C 611 -50.26 -55.17 -9.42
CA GLN C 611 -49.42 -55.76 -8.39
C GLN C 611 -47.97 -55.37 -8.61
N ILE C 612 -47.23 -55.19 -7.52
CA ILE C 612 -45.81 -54.86 -7.60
C ILE C 612 -45.07 -56.06 -8.16
N PRO C 613 -44.36 -55.92 -9.27
CA PRO C 613 -43.67 -57.05 -9.85
C PRO C 613 -42.27 -57.19 -9.27
N PRO C 614 -41.61 -58.33 -9.48
CA PRO C 614 -40.21 -58.45 -9.06
C PRO C 614 -39.22 -57.83 -10.03
N ASN C 615 -39.60 -57.64 -11.30
CA ASN C 615 -38.72 -57.11 -12.33
C ASN C 615 -39.40 -55.96 -13.07
N PRO C 616 -39.57 -54.81 -12.40
CA PRO C 616 -40.27 -53.69 -13.08
C PRO C 616 -39.52 -53.17 -14.29
N ALA C 617 -38.21 -52.95 -14.16
CA ALA C 617 -37.43 -52.37 -15.25
C ALA C 617 -37.35 -53.30 -16.44
N GLU C 618 -37.45 -54.61 -16.22
CA GLU C 618 -37.45 -55.56 -17.32
C GLU C 618 -38.83 -55.80 -17.90
N LEU C 619 -39.88 -55.57 -17.12
CA LEU C 619 -41.23 -55.55 -17.69
C LEU C 619 -41.42 -54.36 -18.61
N LEU C 620 -40.93 -53.18 -18.19
CA LEU C 620 -41.11 -51.98 -18.98
C LEU C 620 -40.38 -52.03 -20.32
N MET C 621 -39.47 -52.98 -20.52
CA MET C 621 -38.76 -53.09 -21.79
C MET C 621 -39.47 -53.99 -22.79
N HIS C 622 -40.55 -54.65 -22.38
CA HIS C 622 -41.28 -55.51 -23.30
C HIS C 622 -41.93 -54.67 -24.39
N PRO C 623 -41.98 -55.17 -25.63
CA PRO C 623 -42.63 -54.41 -26.71
C PRO C 623 -44.13 -54.21 -26.52
N ARG C 624 -44.76 -54.95 -25.61
CA ARG C 624 -46.18 -54.74 -25.36
C ARG C 624 -46.46 -53.35 -24.78
N PHE C 625 -45.48 -52.76 -24.10
CA PHE C 625 -45.66 -51.39 -23.63
C PHE C 625 -45.78 -50.41 -24.79
N GLU C 626 -44.90 -50.56 -25.80
CA GLU C 626 -45.01 -49.72 -26.99
C GLU C 626 -46.29 -50.00 -27.75
N GLN C 627 -46.72 -51.26 -27.78
CA GLN C 627 -48.01 -51.57 -28.41
C GLN C 627 -49.15 -50.86 -27.69
N LEU C 628 -49.13 -50.87 -26.36
CA LEU C 628 -50.16 -50.18 -25.60
C LEU C 628 -50.17 -48.69 -25.90
N LEU C 629 -48.99 -48.07 -25.92
CA LEU C 629 -48.93 -46.63 -26.18
C LEU C 629 -49.39 -46.30 -27.60
N ASN C 630 -49.00 -47.12 -28.59
CA ASN C 630 -49.45 -46.87 -29.95
C ASN C 630 -50.95 -47.04 -30.10
N TRP C 631 -51.53 -48.04 -29.41
CA TRP C 631 -52.98 -48.20 -29.45
C TRP C 631 -53.68 -47.05 -28.77
N ALA C 632 -53.16 -46.57 -27.65
CA ALA C 632 -53.80 -45.48 -26.91
C ALA C 632 -53.67 -44.16 -27.65
N SER C 633 -52.60 -43.97 -28.41
CA SER C 633 -52.39 -42.71 -29.12
C SER C 633 -53.38 -42.49 -30.24
N GLN C 634 -54.34 -43.39 -30.44
CA GLN C 634 -55.37 -43.23 -31.45
C GLN C 634 -56.77 -43.08 -30.89
N ASN C 635 -56.97 -43.39 -29.61
CA ASN C 635 -58.27 -43.29 -28.97
C ASN C 635 -58.34 -42.15 -27.96
N TYR C 636 -57.24 -41.46 -27.71
CA TYR C 636 -57.20 -40.39 -26.73
C TYR C 636 -56.49 -39.18 -27.32
N ASP C 637 -56.78 -38.02 -26.74
CA ASP C 637 -56.15 -36.77 -27.17
C ASP C 637 -54.84 -36.50 -26.47
N LEU C 638 -54.68 -36.97 -25.24
CA LEU C 638 -53.45 -36.78 -24.49
C LEU C 638 -53.22 -38.01 -23.64
N ILE C 639 -51.95 -38.40 -23.49
CA ILE C 639 -51.55 -39.47 -22.60
C ILE C 639 -50.47 -38.94 -21.68
N ILE C 640 -50.71 -39.02 -20.37
CA ILE C 640 -49.76 -38.59 -19.36
C ILE C 640 -49.26 -39.84 -18.65
N ILE C 641 -47.96 -39.94 -18.47
CA ILE C 641 -47.34 -41.09 -17.83
C ILE C 641 -46.58 -40.60 -16.60
N ASP C 642 -46.88 -41.19 -15.46
CA ASP C 642 -46.15 -40.90 -14.23
C ASP C 642 -45.09 -41.99 -14.02
N THR C 643 -43.92 -41.58 -13.57
CA THR C 643 -42.73 -42.42 -13.53
C THR C 643 -42.04 -42.26 -12.19
N PRO C 644 -41.19 -43.22 -11.82
CA PRO C 644 -40.35 -43.04 -10.65
C PRO C 644 -39.27 -42.01 -10.93
N PRO C 645 -38.49 -41.62 -9.92
CA PRO C 645 -37.35 -40.72 -10.19
C PRO C 645 -36.33 -41.39 -11.11
N ILE C 646 -35.41 -40.57 -11.62
CA ILE C 646 -34.39 -41.06 -12.53
C ILE C 646 -33.07 -41.23 -11.78
N LEU C 647 -32.85 -40.43 -10.74
CA LEU C 647 -31.64 -40.61 -9.95
C LEU C 647 -31.71 -41.84 -9.08
N ALA C 648 -32.87 -42.49 -8.96
CA ALA C 648 -33.02 -43.69 -8.17
C ALA C 648 -32.99 -44.94 -9.04
N VAL C 649 -33.87 -45.02 -10.04
CA VAL C 649 -33.98 -46.16 -10.92
C VAL C 649 -33.93 -45.66 -12.36
N THR C 650 -34.09 -46.57 -13.31
CA THR C 650 -33.94 -46.27 -14.72
C THR C 650 -35.22 -46.43 -15.51
N ASP C 651 -36.36 -46.62 -14.83
CA ASP C 651 -37.62 -46.85 -15.54
C ASP C 651 -38.00 -45.65 -16.39
N ALA C 652 -37.83 -44.45 -15.87
CA ALA C 652 -38.19 -43.25 -16.61
C ALA C 652 -37.45 -43.15 -17.92
N ALA C 653 -36.19 -43.61 -17.97
CA ALA C 653 -35.40 -43.54 -19.19
C ALA C 653 -35.82 -44.60 -20.20
N ILE C 654 -36.36 -45.73 -19.73
CA ILE C 654 -36.95 -46.69 -20.66
C ILE C 654 -38.24 -46.16 -21.25
N ILE C 655 -39.07 -45.54 -20.41
CA ILE C 655 -40.37 -45.04 -20.87
C ILE C 655 -40.18 -43.85 -21.80
N GLY C 656 -39.20 -43.00 -21.53
CA GLY C 656 -39.01 -41.78 -22.28
C GLY C 656 -38.65 -41.97 -23.73
N ARG C 657 -38.31 -43.19 -24.14
CA ARG C 657 -38.06 -43.44 -25.56
C ARG C 657 -39.34 -43.24 -26.38
N TYR C 658 -40.48 -43.63 -25.83
CA TYR C 658 -41.75 -43.56 -26.54
C TYR C 658 -42.58 -42.34 -26.18
N ALA C 659 -42.01 -41.41 -25.42
CA ALA C 659 -42.71 -40.20 -25.02
C ALA C 659 -42.34 -39.05 -25.95
N GLY C 660 -43.36 -38.38 -26.49
CA GLY C 660 -43.09 -37.22 -27.32
C GLY C 660 -42.52 -36.05 -26.55
N THR C 661 -43.04 -35.82 -25.34
CA THR C 661 -42.58 -34.73 -24.50
C THR C 661 -42.24 -35.27 -23.13
N CYS C 662 -41.16 -34.77 -22.53
CA CYS C 662 -40.75 -35.17 -21.20
C CYS C 662 -40.45 -33.92 -20.39
N LEU C 663 -40.98 -33.87 -19.17
CA LEU C 663 -40.78 -32.75 -18.26
C LEU C 663 -40.32 -33.25 -16.91
N LEU C 664 -39.36 -32.57 -16.32
CA LEU C 664 -38.91 -32.89 -14.98
C LEU C 664 -39.64 -32.02 -13.97
N VAL C 665 -39.77 -32.53 -12.74
CA VAL C 665 -40.35 -31.79 -11.63
C VAL C 665 -39.27 -31.61 -10.59
N ALA C 666 -39.00 -30.37 -10.22
CA ALA C 666 -38.04 -30.05 -9.19
C ALA C 666 -38.77 -29.48 -7.98
N ARG C 667 -38.57 -30.09 -6.82
CA ARG C 667 -39.13 -29.53 -5.60
C ARG C 667 -38.39 -28.27 -5.22
N PHE C 668 -39.12 -27.33 -4.60
CA PHE C 668 -38.63 -25.97 -4.40
C PHE C 668 -37.37 -25.93 -3.56
N GLU C 669 -37.46 -26.32 -2.29
CA GLU C 669 -36.30 -26.24 -1.42
C GLU C 669 -35.46 -27.52 -1.39
N LYS C 670 -36.06 -28.67 -1.69
CA LYS C 670 -35.36 -29.94 -1.50
C LYS C 670 -34.29 -30.14 -2.55
N ASN C 671 -34.67 -30.22 -3.82
CA ASN C 671 -33.70 -30.51 -4.87
C ASN C 671 -32.75 -29.32 -5.05
N THR C 672 -31.62 -29.59 -5.70
CA THR C 672 -30.63 -28.59 -5.99
C THR C 672 -30.46 -28.49 -7.50
N VAL C 673 -29.74 -27.45 -7.94
CA VAL C 673 -29.47 -27.29 -9.36
C VAL C 673 -28.60 -28.43 -9.87
N LYS C 674 -27.69 -28.90 -9.03
CA LYS C 674 -26.82 -30.02 -9.41
C LYS C 674 -27.63 -31.28 -9.68
N GLU C 675 -28.61 -31.58 -8.83
CA GLU C 675 -29.44 -32.76 -9.05
C GLU C 675 -30.20 -32.66 -10.35
N ILE C 676 -30.76 -31.49 -10.65
CA ILE C 676 -31.56 -31.34 -11.86
C ILE C 676 -30.68 -31.43 -13.10
N ASP C 677 -29.48 -30.85 -13.04
CA ASP C 677 -28.56 -30.97 -14.16
C ASP C 677 -28.12 -32.42 -14.37
N VAL C 678 -27.83 -33.12 -13.29
CA VAL C 678 -27.47 -34.54 -13.38
C VAL C 678 -28.61 -35.34 -14.01
N SER C 679 -29.85 -35.02 -13.61
CA SER C 679 -30.99 -35.75 -14.17
C SER C 679 -31.17 -35.47 -15.66
N MET C 680 -31.05 -34.20 -16.07
CA MET C 680 -31.16 -33.87 -17.48
C MET C 680 -30.09 -34.58 -18.29
N LYS C 681 -28.86 -34.58 -17.77
CA LYS C 681 -27.75 -35.22 -18.48
C LYS C 681 -27.94 -36.73 -18.55
N ARG C 682 -28.42 -37.34 -17.48
CA ARG C 682 -28.65 -38.78 -17.51
C ARG C 682 -29.79 -39.14 -18.45
N PHE C 683 -30.78 -38.27 -18.60
CA PHE C 683 -31.82 -38.51 -19.60
C PHE C 683 -31.27 -38.37 -21.02
N GLU C 684 -30.44 -37.35 -21.26
CA GLU C 684 -29.89 -37.16 -22.60
C GLU C 684 -28.91 -38.26 -22.96
N GLN C 685 -28.20 -38.82 -21.98
CA GLN C 685 -27.28 -39.92 -22.24
C GLN C 685 -28.01 -41.16 -22.75
N SER C 686 -29.28 -41.33 -22.39
CA SER C 686 -30.05 -42.48 -22.79
C SER C 686 -30.95 -42.19 -23.99
N GLY C 687 -30.78 -41.03 -24.62
CA GLY C 687 -31.53 -40.73 -25.82
C GLY C 687 -32.90 -40.13 -25.60
N VAL C 688 -33.10 -39.44 -24.48
CA VAL C 688 -34.39 -38.83 -24.16
C VAL C 688 -34.16 -37.33 -24.01
N VAL C 689 -34.91 -36.55 -24.79
CA VAL C 689 -34.78 -35.10 -24.78
C VAL C 689 -35.78 -34.53 -23.79
N VAL C 690 -35.29 -33.85 -22.76
CA VAL C 690 -36.16 -33.25 -21.75
C VAL C 690 -36.53 -31.85 -22.20
N LYS C 691 -37.83 -31.60 -22.34
CA LYS C 691 -38.30 -30.29 -22.79
C LYS C 691 -38.00 -29.21 -21.76
N GLY C 692 -38.20 -29.49 -20.48
CA GLY C 692 -37.94 -28.48 -19.47
C GLY C 692 -38.31 -28.98 -18.09
N CYS C 693 -38.41 -28.03 -17.16
CA CYS C 693 -38.59 -28.30 -15.76
C CYS C 693 -39.88 -27.65 -15.24
N ILE C 694 -40.30 -28.10 -14.07
CA ILE C 694 -41.50 -27.59 -13.39
C ILE C 694 -41.11 -27.44 -11.92
N LEU C 695 -41.01 -26.20 -11.45
CA LEU C 695 -40.73 -25.97 -10.04
C LEU C 695 -42.01 -26.17 -9.24
N ASN C 696 -41.92 -26.88 -8.12
CA ASN C 696 -43.09 -27.25 -7.36
C ASN C 696 -42.89 -26.93 -5.88
N GLY C 697 -44.00 -26.77 -5.18
CA GLY C 697 -43.96 -26.45 -3.75
C GLY C 697 -43.33 -25.13 -3.43
N VAL C 698 -43.60 -24.11 -4.23
CA VAL C 698 -43.00 -22.78 -4.02
C VAL C 698 -43.74 -22.07 -2.89
N VAL C 699 -43.00 -21.30 -2.10
CA VAL C 699 -43.55 -20.48 -1.03
C VAL C 699 -42.96 -19.09 -1.15
N LYS C 700 -43.60 -18.15 -0.46
CA LYS C 700 -43.26 -16.73 -0.57
C LYS C 700 -42.19 -16.37 0.45
N LYS C 701 -41.07 -15.85 -0.05
CA LYS C 701 -39.92 -15.50 0.78
C LYS C 701 -39.58 -14.04 0.55
N ALA C 702 -39.42 -13.29 1.65
CA ALA C 702 -39.12 -11.87 1.54
C ALA C 702 -37.71 -11.58 1.04
N SER C 703 -36.84 -12.59 1.03
CA SER C 703 -35.48 -12.40 0.52
C SER C 703 -35.41 -12.46 -1.00
N SER C 704 -36.50 -12.79 -1.68
CA SER C 704 -36.52 -12.83 -3.13
C SER C 704 -37.17 -11.57 -3.70
N ILE D 17 -22.56 6.07 -6.82
CA ILE D 17 -23.53 7.11 -6.50
C ILE D 17 -22.96 8.49 -6.85
N ASP D 18 -23.82 9.49 -6.91
CA ASP D 18 -23.41 10.85 -7.24
C ASP D 18 -24.20 11.84 -6.41
N LEU D 19 -23.65 13.05 -6.29
CA LEU D 19 -24.23 14.07 -5.42
C LEU D 19 -25.63 14.46 -5.86
N GLY D 20 -25.87 14.51 -7.18
CA GLY D 20 -27.17 14.93 -7.67
C GLY D 20 -28.29 14.02 -7.20
N ARG D 21 -28.04 12.71 -7.18
CA ARG D 21 -29.05 11.76 -6.72
C ARG D 21 -29.41 12.01 -5.26
N VAL D 22 -28.40 12.19 -4.40
CA VAL D 22 -28.68 12.36 -2.98
C VAL D 22 -29.40 13.69 -2.72
N ILE D 23 -29.00 14.74 -3.45
CA ILE D 23 -29.67 16.02 -3.29
C ILE D 23 -31.12 15.92 -3.75
N GLY D 24 -31.36 15.20 -4.84
CA GLY D 24 -32.73 15.00 -5.29
C GLY D 24 -33.56 14.21 -4.30
N GLU D 25 -32.98 13.17 -3.71
CA GLU D 25 -33.72 12.40 -2.71
C GLU D 25 -34.07 13.27 -1.50
N LEU D 26 -33.12 14.12 -1.08
CA LEU D 26 -33.39 15.03 0.04
C LEU D 26 -34.50 16.00 -0.31
N ILE D 27 -34.52 16.50 -1.55
CA ILE D 27 -35.58 17.42 -1.96
C ILE D 27 -36.93 16.73 -2.01
N ASP D 28 -36.96 15.47 -2.47
CA ASP D 28 -38.23 14.75 -2.58
C ASP D 28 -38.83 14.48 -1.20
N HIS D 29 -38.01 14.08 -0.23
CA HIS D 29 -38.47 13.76 1.11
C HIS D 29 -38.42 14.94 2.06
N ARG D 30 -38.55 16.17 1.54
CA ARG D 30 -38.39 17.36 2.37
C ARG D 30 -39.46 17.42 3.46
N LYS D 31 -40.69 17.02 3.15
CA LYS D 31 -41.75 17.10 4.14
C LYS D 31 -41.47 16.19 5.34
N LEU D 32 -41.04 14.96 5.08
CA LEU D 32 -40.74 14.04 6.17
C LEU D 32 -39.61 14.56 7.04
N ILE D 33 -38.54 15.04 6.40
CA ILE D 33 -37.39 15.56 7.15
C ILE D 33 -37.80 16.75 8.01
N ILE D 34 -38.56 17.68 7.42
CA ILE D 34 -38.99 18.85 8.17
C ILE D 34 -39.88 18.46 9.33
N SER D 35 -40.81 17.53 9.11
CA SER D 35 -41.70 17.13 10.19
C SER D 35 -40.95 16.47 11.34
N ILE D 36 -40.03 15.56 11.02
CA ILE D 36 -39.29 14.86 12.07
C ILE D 36 -38.41 15.85 12.83
N THR D 37 -37.69 16.71 12.12
CA THR D 37 -36.82 17.67 12.79
C THR D 37 -37.62 18.64 13.65
N SER D 38 -38.78 19.08 13.16
CA SER D 38 -39.61 19.99 13.95
C SER D 38 -40.13 19.29 15.21
N VAL D 39 -40.52 18.02 15.10
CA VAL D 39 -41.00 17.30 16.28
C VAL D 39 -39.88 17.18 17.31
N PHE D 40 -38.68 16.80 16.86
CA PHE D 40 -37.57 16.67 17.80
C PHE D 40 -37.22 18.00 18.44
N THR D 41 -37.21 19.08 17.66
CA THR D 41 -36.89 20.39 18.20
C THR D 41 -37.96 20.85 19.18
N LEU D 42 -39.23 20.55 18.91
CA LEU D 42 -40.29 20.90 19.84
C LEU D 42 -40.13 20.15 21.16
N PHE D 43 -39.79 18.86 21.08
CA PHE D 43 -39.56 18.10 22.32
C PHE D 43 -38.38 18.66 23.09
N ALA D 44 -37.30 19.02 22.38
CA ALA D 44 -36.14 19.60 23.05
C ALA D 44 -36.47 20.92 23.72
N ILE D 45 -37.24 21.78 23.03
CA ILE D 45 -37.64 23.05 23.61
C ILE D 45 -38.52 22.85 24.83
N LEU D 46 -39.47 21.91 24.75
CA LEU D 46 -40.31 21.63 25.91
C LEU D 46 -39.49 21.16 27.10
N TYR D 47 -38.53 20.27 26.87
CA TYR D 47 -37.69 19.82 27.97
C TYR D 47 -36.83 20.95 28.53
N ALA D 48 -36.25 21.77 27.66
CA ALA D 48 -35.37 22.84 28.13
C ALA D 48 -36.13 23.98 28.78
N LEU D 49 -37.43 24.09 28.55
CA LEU D 49 -38.22 25.12 29.21
C LEU D 49 -39.06 24.59 30.38
N LEU D 50 -39.15 23.27 30.55
CA LEU D 50 -39.89 22.71 31.66
C LEU D 50 -39.04 22.01 32.70
N ALA D 51 -37.79 21.67 32.37
CA ALA D 51 -36.91 21.06 33.35
C ALA D 51 -36.61 22.03 34.47
N THR D 52 -36.59 21.52 35.70
CA THR D 52 -36.40 22.37 36.86
C THR D 52 -34.99 22.96 36.86
N PRO D 53 -34.84 24.25 37.12
CA PRO D 53 -33.50 24.84 37.15
C PRO D 53 -32.74 24.40 38.39
N ILE D 54 -31.42 24.24 38.21
CA ILE D 54 -30.53 23.79 39.27
C ILE D 54 -29.47 24.86 39.48
N TYR D 55 -29.46 25.47 40.66
CA TYR D 55 -28.50 26.50 41.00
C TYR D 55 -27.29 25.89 41.69
N GLU D 56 -26.19 26.65 41.70
CA GLU D 56 -24.93 26.22 42.26
C GLU D 56 -24.39 27.29 43.19
N THR D 57 -24.04 26.89 44.40
CA THR D 57 -23.44 27.78 45.38
C THR D 57 -22.01 27.35 45.67
N ASP D 58 -21.16 28.32 45.95
CA ASP D 58 -19.74 28.08 46.14
C ASP D 58 -19.24 28.75 47.40
N ALA D 59 -18.19 28.16 47.96
CA ALA D 59 -17.46 28.72 49.09
C ALA D 59 -15.98 28.40 48.90
N LEU D 60 -15.13 29.20 49.56
CA LEU D 60 -13.69 29.05 49.47
C LEU D 60 -13.09 29.09 50.86
N ILE D 61 -12.39 28.03 51.25
CA ILE D 61 -11.76 27.96 52.56
C ILE D 61 -10.26 27.79 52.38
N GLN D 62 -9.50 28.13 53.41
CA GLN D 62 -8.05 28.09 53.38
C GLN D 62 -7.53 27.05 54.37
N ILE D 63 -6.69 26.14 53.87
CA ILE D 63 -6.05 25.13 54.72
C ILE D 63 -4.71 25.68 55.18
N GLU D 64 -4.53 25.80 56.48
CA GLU D 64 -3.29 26.30 57.05
C GLU D 64 -2.13 25.35 56.77
N GLN D 85 -0.97 19.34 52.63
CA GLN D 85 -2.22 18.79 53.16
C GLN D 85 -3.30 18.80 52.08
N SER D 86 -4.54 18.99 52.51
CA SER D 86 -5.75 19.11 51.70
C SER D 86 -6.11 17.83 50.97
N ALA D 87 -5.28 16.79 51.06
CA ALA D 87 -5.63 15.49 50.51
C ALA D 87 -6.55 14.73 51.46
N PRO D 88 -6.29 14.68 52.77
CA PRO D 88 -7.26 14.05 53.68
C PRO D 88 -8.45 14.93 54.03
N GLU D 89 -8.34 16.25 53.85
CA GLU D 89 -9.45 17.14 54.18
C GLU D 89 -10.62 16.97 53.23
N THR D 90 -10.36 16.59 51.98
CA THR D 90 -11.44 16.27 51.06
C THR D 90 -12.26 15.10 51.56
N ALA D 91 -11.60 14.08 52.12
CA ALA D 91 -12.32 12.94 52.69
C ALA D 91 -12.95 13.28 54.04
N LEU D 92 -12.35 14.18 54.81
CA LEU D 92 -12.95 14.58 56.08
C LEU D 92 -14.22 15.41 55.87
N LEU D 93 -14.25 16.24 54.83
CA LEU D 93 -15.43 17.05 54.57
C LEU D 93 -16.60 16.19 54.11
N GLN D 94 -16.33 15.16 53.32
CA GLN D 94 -17.36 14.28 52.80
C GLN D 94 -17.64 13.10 53.71
N SER D 95 -17.04 13.05 54.89
CA SER D 95 -17.33 12.00 55.84
C SER D 95 -18.74 12.17 56.41
N ARG D 96 -19.30 11.05 56.89
CA ARG D 96 -20.66 11.09 57.38
C ARG D 96 -20.82 11.88 58.67
N MET D 97 -19.74 12.15 59.39
CA MET D 97 -19.86 12.90 60.63
C MET D 97 -20.20 14.37 60.36
N ILE D 98 -19.48 15.01 59.44
CA ILE D 98 -19.73 16.41 59.13
C ILE D 98 -21.11 16.58 58.50
N LEU D 99 -21.41 15.77 57.48
CA LEU D 99 -22.70 15.88 56.82
C LEU D 99 -23.84 15.52 57.76
N GLY D 100 -23.63 14.53 58.63
CA GLY D 100 -24.66 14.19 59.59
C GLY D 100 -24.93 15.31 60.58
N LYS D 101 -23.88 15.97 61.05
CA LYS D 101 -24.07 17.10 61.95
C LYS D 101 -24.83 18.22 61.24
N THR D 102 -24.49 18.47 59.98
CA THR D 102 -25.22 19.50 59.22
C THR D 102 -26.70 19.14 59.08
N ILE D 103 -26.99 17.87 58.78
CA ILE D 103 -28.37 17.46 58.56
C ILE D 103 -29.17 17.50 59.86
N ASP D 104 -28.53 17.13 60.98
CA ASP D 104 -29.21 17.27 62.26
C ASP D 104 -29.46 18.73 62.59
N ASP D 105 -28.51 19.62 62.24
CA ASP D 105 -28.69 21.04 62.53
C ASP D 105 -29.83 21.65 61.72
N LEU D 106 -29.87 21.36 60.42
CA LEU D 106 -30.82 22.01 59.52
C LEU D 106 -32.08 21.21 59.27
N ASN D 107 -32.24 20.06 59.92
CA ASN D 107 -33.42 19.20 59.75
C ASN D 107 -33.66 18.86 58.29
N LEU D 108 -32.59 18.45 57.61
CA LEU D 108 -32.70 18.08 56.20
C LEU D 108 -33.37 16.72 56.00
N GLN D 109 -33.78 16.07 57.09
CA GLN D 109 -34.46 14.78 57.02
C GLN D 109 -35.97 14.92 56.85
N ILE D 110 -36.49 16.14 56.79
CA ILE D 110 -37.89 16.41 56.55
C ILE D 110 -37.99 16.94 55.12
N GLN D 111 -38.43 16.09 54.19
CA GLN D 111 -38.51 16.47 52.79
C GLN D 111 -39.90 17.02 52.49
N ILE D 112 -39.97 18.29 52.12
CA ILE D 112 -41.23 18.95 51.77
C ILE D 112 -41.22 19.22 50.28
N GLU D 113 -42.24 18.73 49.58
CA GLU D 113 -42.31 18.86 48.13
C GLU D 113 -43.66 19.43 47.73
N GLN D 114 -43.64 20.47 46.91
CA GLN D 114 -44.88 21.02 46.36
C GLN D 114 -45.55 19.99 45.47
N LYS D 115 -46.87 19.92 45.56
CA LYS D 115 -47.64 18.85 44.91
C LYS D 115 -48.20 19.35 43.59
N TYR D 116 -47.73 18.77 42.49
CA TYR D 116 -48.32 18.94 41.18
C TYR D 116 -48.58 17.56 40.59
N PHE D 117 -49.82 17.30 40.19
CA PHE D 117 -50.16 15.98 39.68
C PHE D 117 -49.38 15.57 38.43
N PRO D 118 -49.15 16.42 37.41
CA PRO D 118 -48.50 15.92 36.20
C PRO D 118 -46.98 16.02 36.28
N VAL D 119 -46.29 15.52 35.25
CA VAL D 119 -44.84 15.63 35.20
C VAL D 119 -44.37 16.97 34.67
N ILE D 120 -45.29 17.86 34.30
CA ILE D 120 -44.93 19.17 33.77
C ILE D 120 -45.63 20.26 34.56
N GLY D 121 -46.32 19.89 35.63
CA GLY D 121 -47.05 20.87 36.41
C GLY D 121 -46.15 21.92 37.03
N ARG D 122 -45.01 21.49 37.58
CA ARG D 122 -44.07 22.43 38.20
C ARG D 122 -43.50 23.39 37.18
N GLY D 123 -43.12 22.89 36.00
CA GLY D 123 -42.59 23.76 34.97
C GLY D 123 -43.61 24.78 34.48
N LEU D 124 -44.86 24.34 34.29
CA LEU D 124 -45.91 25.26 33.90
C LEU D 124 -46.15 26.31 34.97
N ALA D 125 -46.17 25.89 36.24
CA ALA D 125 -46.37 26.85 37.33
C ALA D 125 -45.26 27.88 37.36
N ARG D 126 -44.01 27.44 37.15
CA ARG D 126 -42.90 28.40 37.12
C ARG D 126 -43.03 29.34 35.94
N LEU D 127 -43.39 28.81 34.76
CA LEU D 127 -43.49 29.66 33.57
C LEU D 127 -44.59 30.70 33.70
N MET D 128 -45.74 30.32 34.27
CA MET D 128 -46.83 31.26 34.46
C MET D 128 -46.54 32.31 35.53
N GLY D 129 -45.34 32.31 36.13
CA GLY D 129 -45.00 33.29 37.13
C GLY D 129 -45.52 32.99 38.52
N GLU D 130 -46.11 31.83 38.75
CA GLU D 130 -46.61 31.49 40.07
C GLU D 130 -45.46 31.36 41.05
N LYS D 131 -45.65 31.92 42.24
CA LYS D 131 -44.63 31.88 43.29
C LYS D 131 -44.79 30.62 44.10
N PRO D 132 -43.78 29.74 44.15
CA PRO D 132 -43.88 28.54 44.99
C PRO D 132 -43.98 28.89 46.46
N GLY D 133 -44.79 28.12 47.20
CA GLY D 133 -44.91 28.30 48.63
C GLY D 133 -43.96 27.41 49.41
N ASN D 134 -43.92 27.63 50.72
CA ASN D 134 -43.03 26.84 51.56
C ASN D 134 -43.58 26.81 52.99
N ILE D 135 -43.16 25.78 53.72
CA ILE D 135 -43.56 25.57 55.11
C ILE D 135 -42.30 25.30 55.93
N ASP D 136 -42.20 25.93 57.09
CA ASP D 136 -41.10 25.70 58.02
C ASP D 136 -41.55 24.68 59.06
N ILE D 137 -41.05 23.46 58.95
CA ILE D 137 -41.38 22.39 59.88
C ILE D 137 -40.17 22.16 60.78
N THR D 138 -40.37 22.29 62.09
CA THR D 138 -39.30 22.11 63.05
C THR D 138 -39.40 20.80 63.82
N ARG D 139 -40.44 20.00 63.57
CA ARG D 139 -40.57 18.70 64.24
C ARG D 139 -41.53 17.84 63.46
N LEU D 140 -41.08 16.65 63.04
CA LEU D 140 -41.92 15.68 62.34
C LEU D 140 -41.57 14.29 62.84
N TYR D 141 -42.60 13.50 63.13
CA TYR D 141 -42.40 12.12 63.58
C TYR D 141 -43.57 11.30 63.07
N LEU D 142 -43.33 10.48 62.06
CA LEU D 142 -44.36 9.63 61.50
C LEU D 142 -44.34 8.27 62.18
N PRO D 143 -45.42 7.48 62.06
CA PRO D 143 -45.48 6.20 62.77
C PRO D 143 -44.40 5.21 62.40
N ASP D 144 -43.69 5.43 61.28
CA ASP D 144 -42.56 4.60 60.88
C ASP D 144 -42.98 3.14 60.69
N SER D 145 -43.82 2.93 59.68
CA SER D 145 -44.26 1.58 59.33
C SER D 145 -43.07 0.65 59.14
N ASP D 146 -42.08 1.09 58.37
CA ASP D 146 -40.80 0.38 58.24
C ASP D 146 -40.99 -1.07 57.80
N ASP D 147 -41.67 -1.25 56.68
CA ASP D 147 -41.84 -2.56 56.08
C ASP D 147 -40.59 -2.91 55.27
N ILE D 148 -40.68 -3.94 54.43
CA ILE D 148 -39.51 -4.42 53.71
C ILE D 148 -38.96 -3.34 52.77
N SER D 149 -39.84 -2.65 52.07
CA SER D 149 -39.43 -1.70 51.04
C SER D 149 -39.64 -0.24 51.43
N ASN D 150 -40.85 0.13 51.83
CA ASN D 150 -41.19 1.52 52.12
C ASN D 150 -40.58 1.90 53.46
N ASN D 151 -39.32 2.33 53.43
CA ASN D 151 -38.64 2.81 54.62
C ASN D 151 -38.83 4.30 54.84
N THR D 152 -39.52 4.99 53.94
CA THR D 152 -39.73 6.44 54.03
C THR D 152 -41.22 6.71 54.21
N PRO D 153 -41.69 6.92 55.43
CA PRO D 153 -43.09 7.33 55.62
C PRO D 153 -43.33 8.73 55.08
N SER D 154 -44.57 8.97 54.65
CA SER D 154 -44.94 10.24 54.04
C SER D 154 -46.40 10.53 54.29
N ILE D 155 -46.73 11.82 54.35
CA ILE D 155 -48.10 12.30 54.48
C ILE D 155 -48.32 13.39 53.44
N ILE D 156 -49.59 13.74 53.25
CA ILE D 156 -49.97 14.82 52.34
C ILE D 156 -50.72 15.87 53.15
N LEU D 157 -50.28 17.12 53.02
CA LEU D 157 -50.86 18.25 53.74
C LEU D 157 -51.53 19.18 52.74
N THR D 158 -52.81 19.46 52.96
CA THR D 158 -53.57 20.38 52.13
C THR D 158 -53.79 21.67 52.90
N VAL D 159 -53.47 22.79 52.27
CA VAL D 159 -53.56 24.11 52.90
C VAL D 159 -54.97 24.64 52.69
N LYS D 160 -55.70 24.81 53.80
CA LYS D 160 -57.04 25.37 53.73
C LYS D 160 -57.05 26.88 53.91
N ASP D 161 -56.14 27.41 54.71
CA ASP D 161 -56.03 28.85 54.91
C ASP D 161 -54.62 29.16 55.40
N LYS D 162 -54.42 30.38 55.90
CA LYS D 162 -53.13 30.76 56.46
C LYS D 162 -52.85 30.11 57.80
N GLU D 163 -53.86 29.53 58.45
CA GLU D 163 -53.71 29.00 59.80
C GLU D 163 -53.86 27.49 59.89
N ASN D 164 -54.95 26.94 59.40
CA ASN D 164 -55.23 25.51 59.56
C ASN D 164 -54.94 24.76 58.26
N TYR D 165 -54.88 23.43 58.39
CA TYR D 165 -54.54 22.56 57.27
C TYR D 165 -55.09 21.17 57.56
N SER D 166 -55.15 20.35 56.52
CA SER D 166 -55.59 18.97 56.62
C SER D 166 -54.45 18.02 56.31
N ILE D 167 -54.46 16.88 56.98
CA ILE D 167 -53.39 15.88 56.89
C ILE D 167 -54.00 14.54 56.53
N ASN D 168 -53.41 13.87 55.54
CA ASN D 168 -53.82 12.51 55.22
C ASN D 168 -52.59 11.66 54.95
N SER D 169 -52.47 10.53 55.66
CA SER D 169 -51.34 9.62 55.47
C SER D 169 -51.73 8.42 54.62
N ASP D 170 -52.75 7.67 55.03
CA ASP D 170 -53.24 6.52 54.29
C ASP D 170 -54.76 6.52 54.27
N GLY D 171 -55.35 7.69 54.01
CA GLY D 171 -56.78 7.86 54.10
C GLY D 171 -57.27 8.36 55.44
N ILE D 172 -56.41 8.40 56.45
CA ILE D 172 -56.79 8.88 57.77
C ILE D 172 -56.72 10.41 57.75
N GLN D 173 -57.87 11.06 57.84
CA GLN D 173 -57.94 12.51 57.77
C GLN D 173 -57.81 13.12 59.16
N LEU D 174 -56.99 14.16 59.26
CA LEU D 174 -56.82 14.91 60.49
C LEU D 174 -56.76 16.39 60.16
N ASN D 175 -57.03 17.22 61.16
CA ASN D 175 -56.99 18.67 61.01
C ASN D 175 -55.98 19.24 62.00
N GLY D 176 -55.13 20.16 61.51
CA GLY D 176 -54.12 20.77 62.33
C GLY D 176 -54.11 22.27 62.17
N VAL D 177 -53.50 22.93 63.14
CA VAL D 177 -53.41 24.38 63.20
C VAL D 177 -51.95 24.79 63.40
N VAL D 178 -51.52 25.81 62.66
CA VAL D 178 -50.18 26.35 62.86
C VAL D 178 -50.03 26.79 64.32
N GLY D 179 -48.82 26.69 64.84
CA GLY D 179 -48.60 26.99 66.24
C GLY D 179 -48.61 25.75 67.11
N THR D 180 -49.76 25.42 67.69
CA THR D 180 -49.87 24.28 68.59
C THR D 180 -49.42 23.00 67.92
N LEU D 181 -48.62 22.22 68.64
CA LEU D 181 -48.09 20.96 68.13
C LEU D 181 -49.20 19.91 68.04
N LEU D 182 -49.01 18.96 67.13
CA LEU D 182 -49.96 17.87 66.93
C LEU D 182 -49.33 16.55 67.34
N ASN D 183 -50.01 15.82 68.23
CA ASN D 183 -49.62 14.46 68.63
C ASN D 183 -50.87 13.59 68.56
N GLU D 184 -51.14 13.05 67.38
CA GLU D 184 -52.35 12.24 67.18
C GLU D 184 -52.08 11.10 66.22
N LYS D 185 -52.65 9.93 66.53
CA LYS D 185 -52.58 8.75 65.67
C LYS D 185 -51.13 8.34 65.39
N GLY D 186 -50.29 8.44 66.41
CA GLY D 186 -48.88 8.11 66.23
C GLY D 186 -48.15 9.07 65.32
N ILE D 187 -48.68 10.27 65.11
CA ILE D 187 -48.10 11.27 64.23
C ILE D 187 -47.85 12.54 65.04
N SER D 188 -46.61 13.02 65.00
CA SER D 188 -46.22 14.26 65.65
C SER D 188 -45.81 15.27 64.58
N LEU D 189 -46.35 16.48 64.67
CA LEU D 189 -46.07 17.48 63.66
C LEU D 189 -46.10 18.87 64.26
N LEU D 190 -45.13 19.69 63.86
CA LEU D 190 -45.09 21.11 64.23
C LEU D 190 -44.83 21.92 62.97
N VAL D 191 -45.79 22.77 62.61
CA VAL D 191 -45.75 23.53 61.36
C VAL D 191 -45.73 25.01 61.69
N ASN D 192 -44.80 25.74 61.07
CA ASN D 192 -44.66 27.17 61.26
C ASN D 192 -44.57 27.88 59.92
N GLU D 193 -45.24 29.02 59.81
CA GLU D 193 -45.09 29.96 58.71
C GLU D 193 -45.39 29.30 57.35
N ILE D 194 -46.65 28.93 57.19
CA ILE D 194 -47.14 28.49 55.88
C ILE D 194 -47.14 29.69 54.93
N ASP D 195 -46.61 29.49 53.73
CA ASP D 195 -46.58 30.55 52.71
C ASP D 195 -47.01 29.92 51.40
N ALA D 196 -48.32 29.91 51.15
CA ALA D 196 -48.90 29.39 49.92
C ALA D 196 -50.34 29.84 49.84
N LYS D 197 -50.91 29.75 48.65
CA LYS D 197 -52.32 30.03 48.50
C LYS D 197 -53.15 28.85 49.02
N PRO D 198 -54.36 29.11 49.51
CA PRO D 198 -55.20 28.01 49.98
C PRO D 198 -55.52 27.03 48.86
N GLY D 199 -55.63 25.75 49.23
CA GLY D 199 -55.82 24.68 48.27
C GLY D 199 -54.56 24.02 47.79
N ASP D 200 -53.38 24.56 48.12
CA ASP D 200 -52.13 23.93 47.75
C ASP D 200 -51.88 22.68 48.59
N GLN D 201 -51.13 21.74 48.03
CA GLN D 201 -50.80 20.49 48.70
C GLN D 201 -49.30 20.30 48.74
N PHE D 202 -48.82 19.65 49.80
CA PHE D 202 -47.41 19.41 50.01
C PHE D 202 -47.22 17.99 50.52
N VAL D 203 -46.32 17.26 49.88
CA VAL D 203 -45.92 15.93 50.34
C VAL D 203 -44.81 16.10 51.36
N ILE D 204 -45.01 15.55 52.55
CA ILE D 204 -44.05 15.64 53.65
C ILE D 204 -43.54 14.24 53.94
N THR D 205 -42.27 14.00 53.68
CA THR D 205 -41.65 12.70 53.84
C THR D 205 -40.62 12.76 54.96
N GLN D 206 -40.54 11.70 55.76
CA GLN D 206 -39.51 11.57 56.79
C GLN D 206 -38.54 10.49 56.32
N LEU D 207 -37.58 10.88 55.50
CA LEU D 207 -36.63 9.93 54.94
C LEU D 207 -35.54 9.59 55.95
N PRO D 208 -34.94 8.41 55.85
CA PRO D 208 -33.94 8.00 56.83
C PRO D 208 -32.68 8.84 56.76
N ARG D 209 -31.97 8.90 57.89
CA ARG D 209 -30.82 9.77 58.01
C ARG D 209 -29.75 9.45 56.98
N LEU D 210 -29.49 8.17 56.74
CA LEU D 210 -28.49 7.81 55.75
C LEU D 210 -28.92 8.22 54.35
N LYS D 211 -30.22 8.16 54.05
CA LYS D 211 -30.68 8.61 52.74
C LYS D 211 -30.45 10.11 52.57
N ALA D 212 -30.73 10.90 53.61
CA ALA D 212 -30.47 12.33 53.55
C ALA D 212 -28.98 12.60 53.37
N ILE D 213 -28.13 11.88 54.09
CA ILE D 213 -26.69 12.07 53.97
C ILE D 213 -26.22 11.72 52.57
N SER D 214 -26.74 10.62 52.00
CA SER D 214 -26.35 10.24 50.65
C SER D 214 -26.79 11.28 49.63
N ASP D 215 -28.01 11.81 49.79
CA ASP D 215 -28.48 12.84 48.86
C ASP D 215 -27.63 14.11 48.97
N LEU D 216 -27.27 14.50 50.19
CA LEU D 216 -26.42 15.67 50.37
C LEU D 216 -25.04 15.43 49.76
N LEU D 217 -24.48 14.25 49.96
CA LEU D 217 -23.15 13.93 49.46
C LEU D 217 -23.12 13.78 47.94
N LYS D 218 -24.26 13.46 47.33
CA LYS D 218 -24.28 13.32 45.88
C LYS D 218 -24.08 14.65 45.17
N SER D 219 -24.61 15.74 45.74
CA SER D 219 -24.57 17.06 45.11
C SER D 219 -23.50 17.97 45.70
N PHE D 220 -22.61 17.44 46.52
CA PHE D 220 -21.58 18.22 47.19
C PHE D 220 -20.21 17.81 46.67
N SER D 221 -19.39 18.79 46.32
CA SER D 221 -18.07 18.53 45.75
C SER D 221 -17.03 19.40 46.44
N VAL D 222 -15.82 18.85 46.56
CA VAL D 222 -14.67 19.56 47.10
C VAL D 222 -13.54 19.47 46.09
N ALA D 223 -12.86 20.59 45.86
CA ALA D 223 -11.73 20.61 44.94
C ALA D 223 -10.62 21.47 45.51
N ASP D 224 -9.41 21.24 45.02
CA ASP D 224 -8.26 22.00 45.48
C ASP D 224 -7.96 23.19 44.57
N LEU D 225 -8.09 23.01 43.25
CA LEU D 225 -7.99 24.09 42.27
C LEU D 225 -6.55 24.58 42.11
N GLY D 226 -5.65 24.08 42.94
CA GLY D 226 -4.23 24.37 42.77
C GLY D 226 -3.35 23.15 42.93
N LYS D 227 -3.89 22.09 43.54
CA LYS D 227 -3.25 20.80 43.72
C LYS D 227 -2.13 20.87 44.75
N ASP D 228 -1.82 22.08 45.24
CA ASP D 228 -0.81 22.25 46.27
C ASP D 228 -1.17 23.29 47.32
N THR D 229 -2.04 24.25 47.00
CA THR D 229 -2.38 25.33 47.92
C THR D 229 -3.33 24.85 49.00
N GLY D 230 -3.44 25.64 50.05
CA GLY D 230 -4.42 25.40 51.09
C GLY D 230 -5.83 25.82 50.72
N MET D 231 -6.03 26.28 49.49
CA MET D 231 -7.32 26.76 49.03
C MET D 231 -8.18 25.58 48.61
N LEU D 232 -9.35 25.44 49.23
CA LEU D 232 -10.34 24.45 48.86
C LEU D 232 -11.60 25.15 48.42
N THR D 233 -12.13 24.74 47.27
CA THR D 233 -13.40 25.24 46.77
C THR D 233 -14.47 24.19 47.05
N LEU D 234 -15.50 24.59 47.79
CA LEU D 234 -16.64 23.73 48.10
C LEU D 234 -17.80 24.15 47.23
N THR D 235 -18.44 23.18 46.58
CA THR D 235 -19.51 23.43 45.64
C THR D 235 -20.73 22.61 46.01
N LEU D 236 -21.91 23.23 45.94
CA LEU D 236 -23.16 22.53 46.24
C LEU D 236 -24.22 22.94 45.24
N THR D 237 -24.88 21.96 44.62
CA THR D 237 -25.92 22.22 43.64
C THR D 237 -27.27 21.81 44.20
N GLY D 238 -28.29 22.62 43.92
CA GLY D 238 -29.64 22.34 44.38
C GLY D 238 -30.62 23.30 43.75
N ASP D 239 -31.89 22.96 43.88
CA ASP D 239 -32.95 23.70 43.21
C ASP D 239 -33.48 24.88 44.02
N ASN D 240 -33.05 25.03 45.27
CA ASN D 240 -33.47 26.17 46.08
C ASN D 240 -32.26 27.07 46.32
N PRO D 241 -32.21 28.24 45.70
CA PRO D 241 -30.98 29.05 45.76
C PRO D 241 -30.62 29.54 47.16
N LYS D 242 -31.57 29.62 48.09
CA LYS D 242 -31.26 30.06 49.45
C LYS D 242 -30.92 28.90 50.36
N ARG D 243 -31.64 27.79 50.20
CA ARG D 243 -31.39 26.63 51.05
C ARG D 243 -29.99 26.08 50.83
N ILE D 244 -29.52 26.06 49.59
CA ILE D 244 -28.20 25.50 49.33
C ILE D 244 -27.11 26.39 49.92
N SER D 245 -27.31 27.71 49.90
CA SER D 245 -26.35 28.60 50.55
C SER D 245 -26.33 28.38 52.05
N HIS D 246 -27.51 28.22 52.67
CA HIS D 246 -27.55 27.93 54.10
C HIS D 246 -26.88 26.59 54.42
N ILE D 247 -27.11 25.59 53.57
CA ILE D 247 -26.54 24.27 53.80
C ILE D 247 -25.01 24.31 53.70
N LEU D 248 -24.50 25.01 52.69
CA LEU D 248 -23.04 25.08 52.55
C LEU D 248 -22.42 25.92 53.66
N ASP D 249 -23.10 26.98 54.12
CA ASP D 249 -22.61 27.71 55.27
C ASP D 249 -22.55 26.83 56.51
N SER D 250 -23.57 26.01 56.73
CA SER D 250 -23.57 25.10 57.87
C SER D 250 -22.46 24.08 57.75
N ILE D 251 -22.24 23.54 56.55
CA ILE D 251 -21.15 22.58 56.34
C ILE D 251 -19.82 23.22 56.70
N SER D 252 -19.58 24.43 56.20
CA SER D 252 -18.31 25.11 56.46
C SER D 252 -18.13 25.41 57.94
N GLN D 253 -19.18 25.88 58.61
CA GLN D 253 -19.08 26.19 60.02
C GLN D 253 -18.82 24.94 60.85
N ASN D 254 -19.49 23.83 60.51
CA ASN D 254 -19.27 22.58 61.24
C ASN D 254 -17.84 22.08 61.06
N TYR D 255 -17.33 22.12 59.82
CA TYR D 255 -15.94 21.71 59.60
C TYR D 255 -14.97 22.61 60.34
N LEU D 256 -15.22 23.92 60.32
CA LEU D 256 -14.35 24.86 61.03
C LEU D 256 -14.35 24.61 62.53
N ALA D 257 -15.53 24.38 63.11
CA ALA D 257 -15.61 24.12 64.55
C ALA D 257 -14.95 22.79 64.90
N GLN D 258 -15.13 21.77 64.04
CA GLN D 258 -14.52 20.48 64.29
C GLN D 258 -13.00 20.56 64.25
N ASN D 259 -12.44 21.32 63.31
CA ASN D 259 -11.00 21.35 63.16
C ASN D 259 -10.32 21.97 64.38
N ILE D 260 -10.91 23.00 64.97
CA ILE D 260 -10.28 23.73 66.06
C ILE D 260 -10.55 23.01 67.38
N ALA D 261 -11.13 21.82 67.32
CA ALA D 261 -11.38 21.01 68.50
C ALA D 261 -11.11 19.54 68.21
N VAL D 409 -7.63 26.16 59.59
CA VAL D 409 -8.62 26.38 58.54
C VAL D 409 -9.25 27.77 58.68
N ARG D 410 -9.51 28.41 57.55
CA ARG D 410 -10.05 29.76 57.51
C ARG D 410 -11.11 29.84 56.42
N ILE D 411 -12.22 30.50 56.72
CA ILE D 411 -13.31 30.69 55.77
C ILE D 411 -13.12 32.04 55.10
N ILE D 412 -12.66 32.00 53.84
CA ILE D 412 -12.35 33.21 53.09
C ILE D 412 -13.59 33.71 52.38
N ASP D 413 -14.21 32.85 51.58
CA ASP D 413 -15.44 33.18 50.86
C ASP D 413 -16.58 32.35 51.40
N ASN D 414 -17.49 32.98 52.13
CA ASN D 414 -18.71 32.27 52.53
C ASN D 414 -19.56 31.98 51.30
N ALA D 415 -20.37 30.94 51.41
CA ALA D 415 -21.08 30.42 50.24
C ALA D 415 -22.06 31.44 49.69
N VAL D 416 -22.02 31.66 48.37
CA VAL D 416 -23.06 32.41 47.68
C VAL D 416 -23.48 31.62 46.46
N THR D 417 -24.70 31.91 45.99
CA THR D 417 -25.34 31.16 44.92
C THR D 417 -25.30 31.95 43.62
N ASP D 418 -24.86 31.31 42.55
CA ASP D 418 -24.87 31.95 41.25
C ASP D 418 -26.31 32.04 40.75
N PRO D 419 -26.84 33.25 40.50
CA PRO D 419 -28.25 33.36 40.10
C PRO D 419 -28.56 32.75 38.75
N ASN D 420 -27.57 32.49 37.91
CA ASN D 420 -27.80 31.81 36.64
C ASN D 420 -27.72 30.31 36.85
N PRO D 421 -28.78 29.56 36.59
CA PRO D 421 -28.74 28.11 36.81
C PRO D 421 -27.68 27.44 35.95
N VAL D 422 -27.09 26.38 36.51
CA VAL D 422 -26.10 25.61 35.75
C VAL D 422 -26.74 24.52 34.91
N ARG D 423 -27.94 24.06 35.26
CA ARG D 423 -28.68 23.09 34.49
C ARG D 423 -30.16 23.45 34.54
N PRO D 424 -30.91 23.20 33.45
CA PRO D 424 -30.44 22.67 32.17
C PRO D 424 -29.82 23.73 31.28
N LYS D 425 -28.83 23.34 30.48
CA LYS D 425 -28.19 24.25 29.53
C LYS D 425 -29.04 24.24 28.26
N LYS D 426 -29.85 25.29 28.09
CA LYS D 426 -30.89 25.26 27.06
C LYS D 426 -30.31 25.20 25.66
N THR D 427 -29.30 26.01 25.37
CA THR D 427 -28.80 26.12 24.01
C THR D 427 -28.20 24.80 23.52
N ILE D 428 -27.37 24.16 24.35
CA ILE D 428 -26.78 22.90 23.92
C ILE D 428 -27.85 21.82 23.79
N ILE D 429 -28.87 21.85 24.65
CA ILE D 429 -29.96 20.88 24.55
C ILE D 429 -30.69 21.05 23.23
N ILE D 430 -30.99 22.29 22.85
CA ILE D 430 -31.74 22.53 21.61
C ILE D 430 -30.88 22.17 20.40
N VAL D 431 -29.58 22.49 20.44
CA VAL D 431 -28.70 22.13 19.33
C VAL D 431 -28.62 20.62 19.19
N ILE D 432 -28.49 19.90 20.32
CA ILE D 432 -28.45 18.45 20.26
C ILE D 432 -29.75 17.90 19.70
N GLY D 433 -30.88 18.47 20.11
CA GLY D 433 -32.16 18.01 19.57
C GLY D 433 -32.27 18.21 18.07
N VAL D 434 -31.85 19.38 17.58
CA VAL D 434 -31.92 19.66 16.15
C VAL D 434 -31.03 18.70 15.37
N VAL D 435 -29.79 18.51 15.85
CA VAL D 435 -28.86 17.64 15.13
C VAL D 435 -29.35 16.19 15.17
N LEU D 436 -29.93 15.77 16.30
CA LEU D 436 -30.48 14.42 16.39
C LEU D 436 -31.63 14.23 15.41
N GLY D 437 -32.52 15.22 15.32
CA GLY D 437 -33.58 15.15 14.33
C GLY D 437 -33.05 15.05 12.92
N LEU D 438 -32.05 15.86 12.59
CA LEU D 438 -31.50 15.80 11.24
C LEU D 438 -30.88 14.44 10.94
N ILE D 439 -30.13 13.88 11.89
CA ILE D 439 -29.46 12.62 11.61
C ILE D 439 -30.46 11.47 11.51
N VAL D 440 -31.50 11.47 12.37
CA VAL D 440 -32.48 10.39 12.26
C VAL D 440 -33.28 10.53 10.96
N SER D 441 -33.58 11.76 10.54
CA SER D 441 -34.27 11.94 9.28
C SER D 441 -33.43 11.46 8.10
N VAL D 442 -32.13 11.79 8.10
CA VAL D 442 -31.26 11.35 7.03
C VAL D 442 -31.13 9.83 7.01
N VAL D 443 -31.04 9.21 8.20
CA VAL D 443 -30.97 7.76 8.25
C VAL D 443 -32.23 7.13 7.70
N LEU D 444 -33.41 7.66 8.10
CA LEU D 444 -34.66 7.12 7.60
C LEU D 444 -34.77 7.28 6.08
N VAL D 445 -34.36 8.44 5.56
CA VAL D 445 -34.42 8.67 4.13
C VAL D 445 -33.50 7.70 3.38
N LEU D 446 -32.28 7.52 3.87
CA LEU D 446 -31.36 6.58 3.23
C LEU D 446 -31.91 5.16 3.28
N PHE D 447 -32.52 4.78 4.41
CA PHE D 447 -33.08 3.45 4.54
C PHE D 447 -34.22 3.23 3.55
N GLN D 448 -35.09 4.23 3.41
CA GLN D 448 -36.19 4.11 2.44
C GLN D 448 -35.67 4.06 1.02
N VAL D 449 -34.66 4.86 0.71
CA VAL D 449 -34.10 4.87 -0.65
C VAL D 449 -33.48 3.52 -0.98
N PHE D 450 -32.73 2.94 -0.04
CA PHE D 450 -32.09 1.66 -0.32
C PHE D 450 -33.05 0.49 -0.33
N LEU D 451 -34.30 0.68 0.10
CA LEU D 451 -35.29 -0.39 0.10
C LEU D 451 -36.33 -0.23 -1.00
N ARG D 452 -36.05 0.57 -2.02
CA ARG D 452 -36.97 0.76 -3.13
C ARG D 452 -36.63 -0.22 -4.25
N ARG D 453 -37.66 -0.87 -4.79
CA ARG D 453 -37.49 -1.81 -5.89
C ARG D 453 -38.38 -1.51 -7.09
N GLY D 454 -39.34 -0.62 -6.97
CA GLY D 454 -40.25 -0.34 -8.06
C GLY D 454 -39.57 0.34 -9.23
N ILE D 455 -40.32 0.45 -10.33
CA ILE D 455 -39.82 1.10 -11.53
C ILE D 455 -39.76 2.60 -11.30
N GLU D 456 -38.63 3.21 -11.64
CA GLU D 456 -38.44 4.65 -11.46
C GLU D 456 -38.59 5.44 -12.75
N SER D 457 -38.12 4.91 -13.86
CA SER D 457 -38.16 5.63 -15.12
C SER D 457 -38.34 4.62 -16.24
N PRO D 458 -38.84 5.06 -17.40
CA PRO D 458 -38.96 4.14 -18.53
C PRO D 458 -37.64 3.54 -18.97
N GLU D 459 -36.52 4.17 -18.62
CA GLU D 459 -35.22 3.64 -19.04
C GLU D 459 -34.90 2.34 -18.33
N GLN D 460 -35.42 2.13 -17.12
CA GLN D 460 -35.23 0.84 -16.45
C GLN D 460 -35.85 -0.29 -17.24
N LEU D 461 -37.05 -0.07 -17.80
CA LEU D 461 -37.66 -1.08 -18.65
C LEU D 461 -36.95 -1.19 -19.98
N GLU D 462 -36.49 -0.07 -20.54
CA GLU D 462 -35.85 -0.10 -21.85
C GLU D 462 -34.45 -0.70 -21.82
N GLU D 463 -33.81 -0.75 -20.65
CA GLU D 463 -32.56 -1.48 -20.53
C GLU D 463 -32.74 -2.95 -20.85
N ILE D 464 -33.82 -3.55 -20.35
CA ILE D 464 -34.08 -4.97 -20.60
C ILE D 464 -34.41 -5.21 -22.06
N GLY D 465 -35.03 -4.24 -22.73
CA GLY D 465 -35.43 -4.42 -24.11
C GLY D 465 -36.93 -4.41 -24.27
N ILE D 466 -37.61 -3.64 -23.43
CA ILE D 466 -39.06 -3.51 -23.46
C ILE D 466 -39.38 -2.10 -23.94
N ASN D 467 -40.13 -2.00 -25.03
CA ASN D 467 -40.49 -0.70 -25.60
C ASN D 467 -41.60 -0.08 -24.77
N VAL D 468 -41.29 1.01 -24.08
CA VAL D 468 -42.30 1.76 -23.33
C VAL D 468 -42.97 2.73 -24.30
N TYR D 469 -44.25 2.50 -24.57
CA TYR D 469 -44.96 3.30 -25.57
C TYR D 469 -45.57 4.58 -25.01
N ALA D 470 -45.66 4.72 -23.69
CA ALA D 470 -46.25 5.91 -23.09
C ALA D 470 -45.90 5.94 -21.62
N SER D 471 -46.21 7.05 -20.97
CA SER D 471 -46.10 7.19 -19.53
C SER D 471 -47.24 8.09 -19.08
N ILE D 472 -48.26 7.49 -18.47
CA ILE D 472 -49.48 8.20 -18.09
C ILE D 472 -49.29 8.75 -16.68
N PRO D 473 -49.47 10.05 -16.47
CA PRO D 473 -49.35 10.61 -15.12
C PRO D 473 -50.61 10.36 -14.29
N ILE D 474 -50.48 10.61 -12.99
CA ILE D 474 -51.62 10.49 -12.09
C ILE D 474 -52.61 11.60 -12.39
N SER D 475 -53.89 11.24 -12.47
CA SER D 475 -54.98 12.19 -12.68
C SER D 475 -55.61 12.49 -11.33
N GLU D 476 -55.20 13.61 -10.71
CA GLU D 476 -55.75 13.99 -9.42
C GLU D 476 -57.19 14.46 -9.50
N TRP D 477 -57.72 14.66 -10.69
CA TRP D 477 -59.10 15.10 -10.87
C TRP D 477 -60.09 14.14 -10.23
N ASP D 494 -66.96 6.45 -11.14
CA ASP D 494 -67.82 5.73 -12.05
C ASP D 494 -68.11 6.51 -13.32
N THR D 495 -67.05 7.14 -13.86
CA THR D 495 -67.17 7.88 -15.10
C THR D 495 -65.82 7.86 -15.81
N LEU D 496 -65.85 8.11 -17.12
CA LEU D 496 -64.65 8.09 -17.93
C LEU D 496 -63.94 9.43 -17.86
N LEU D 497 -62.65 9.40 -17.53
CA LEU D 497 -61.85 10.62 -17.46
C LEU D 497 -61.78 11.30 -18.82
N ALA D 498 -61.65 10.52 -19.88
CA ALA D 498 -61.59 11.06 -21.24
C ALA D 498 -62.91 11.69 -21.65
N VAL D 499 -63.91 11.66 -20.78
CA VAL D 499 -65.21 12.25 -21.02
C VAL D 499 -65.52 13.35 -20.01
N GLY D 500 -65.28 13.11 -18.73
CA GLY D 500 -65.51 14.14 -17.73
C GLY D 500 -64.59 15.33 -17.89
N ASN D 501 -63.30 15.06 -18.09
CA ASN D 501 -62.28 16.11 -18.19
C ASN D 501 -61.40 15.83 -19.40
N PRO D 502 -61.91 16.09 -20.61
CA PRO D 502 -61.16 15.74 -21.81
C PRO D 502 -59.82 16.44 -21.94
N ALA D 503 -59.62 17.54 -21.23
CA ALA D 503 -58.36 18.28 -21.28
C ALA D 503 -57.44 17.93 -20.12
N ASP D 504 -57.60 16.75 -19.54
CA ASP D 504 -56.72 16.32 -18.47
C ASP D 504 -55.34 15.98 -19.03
N LEU D 505 -54.33 16.05 -18.16
CA LEU D 505 -52.98 15.71 -18.59
C LEU D 505 -52.86 14.23 -18.93
N ALA D 506 -53.54 13.38 -18.15
CA ALA D 506 -53.52 11.94 -18.42
C ALA D 506 -54.18 11.63 -19.75
N VAL D 507 -55.24 12.34 -20.11
CA VAL D 507 -55.87 12.13 -21.41
C VAL D 507 -54.95 12.60 -22.53
N GLU D 508 -54.14 13.63 -22.28
CA GLU D 508 -53.14 14.02 -23.27
C GLU D 508 -52.10 12.92 -23.47
N ALA D 509 -51.63 12.32 -22.38
CA ALA D 509 -50.70 11.20 -22.50
C ALA D 509 -51.35 10.02 -23.21
N ILE D 510 -52.65 9.81 -23.00
CA ILE D 510 -53.34 8.74 -23.69
C ILE D 510 -53.48 9.04 -25.18
N ARG D 511 -53.67 10.30 -25.55
CA ARG D 511 -53.67 10.65 -26.97
C ARG D 511 -52.30 10.45 -27.60
N GLY D 512 -51.24 10.74 -26.85
CA GLY D 512 -49.91 10.37 -27.32
C GLY D 512 -49.78 8.89 -27.56
N LEU D 513 -50.30 8.07 -26.63
CA LEU D 513 -50.32 6.63 -26.82
C LEU D 513 -51.15 6.23 -28.03
N ARG D 514 -52.24 6.95 -28.29
CA ARG D 514 -53.09 6.65 -29.44
C ARG D 514 -52.35 6.85 -30.74
N THR D 515 -51.62 7.96 -30.87
CA THR D 515 -50.90 8.19 -32.11
C THR D 515 -49.68 7.28 -32.21
N SER D 516 -49.12 6.85 -31.08
CA SER D 516 -48.06 5.84 -31.14
C SER D 516 -48.60 4.49 -31.60
N LEU D 517 -49.80 4.11 -31.13
CA LEU D 517 -50.39 2.84 -31.52
C LEU D 517 -50.81 2.83 -32.98
N HIS D 518 -51.27 3.97 -33.49
CA HIS D 518 -51.70 4.02 -34.90
C HIS D 518 -50.57 3.66 -35.84
N PHE D 519 -49.32 3.78 -35.39
CA PHE D 519 -48.15 3.35 -36.15
C PHE D 519 -47.64 1.98 -35.73
N ALA D 520 -47.70 1.66 -34.44
CA ALA D 520 -47.30 0.34 -33.98
C ALA D 520 -48.24 -0.74 -34.50
N MET D 521 -49.54 -0.47 -34.52
CA MET D 521 -50.53 -1.47 -34.88
C MET D 521 -50.68 -1.66 -36.38
N MET D 522 -49.77 -1.15 -37.19
CA MET D 522 -49.77 -1.47 -38.61
C MET D 522 -49.03 -2.79 -38.86
N GLU D 523 -49.44 -3.48 -39.93
CA GLU D 523 -48.89 -4.79 -40.28
C GLU D 523 -49.16 -5.82 -39.19
N ALA D 524 -50.25 -5.62 -38.43
CA ALA D 524 -50.71 -6.62 -37.48
C ALA D 524 -51.72 -7.53 -38.15
N LYS D 525 -51.82 -8.76 -37.64
CA LYS D 525 -52.65 -9.75 -38.30
C LYS D 525 -54.13 -9.43 -38.23
N ASN D 526 -54.57 -8.67 -37.23
CA ASN D 526 -55.94 -8.19 -37.17
C ASN D 526 -55.98 -6.94 -36.31
N ASN D 527 -57.19 -6.41 -36.13
CA ASN D 527 -57.39 -5.13 -35.45
C ASN D 527 -57.78 -5.32 -33.99
N VAL D 528 -57.22 -6.33 -33.33
CA VAL D 528 -57.54 -6.63 -31.94
C VAL D 528 -56.33 -6.27 -31.08
N LEU D 529 -56.58 -5.46 -30.06
CA LEU D 529 -55.58 -5.02 -29.11
C LEU D 529 -55.95 -5.54 -27.73
N MET D 530 -54.97 -6.09 -27.02
CA MET D 530 -55.20 -6.70 -25.72
C MET D 530 -54.32 -5.98 -24.71
N ILE D 531 -54.95 -5.30 -23.77
CA ILE D 531 -54.26 -4.64 -22.67
C ILE D 531 -54.24 -5.59 -21.49
N SER D 532 -53.07 -5.84 -20.93
CA SER D 532 -52.95 -6.73 -19.78
C SER D 532 -51.95 -6.12 -18.81
N GLY D 533 -51.52 -6.91 -17.84
CA GLY D 533 -50.60 -6.37 -16.85
C GLY D 533 -50.03 -7.49 -16.01
N ALA D 534 -49.19 -7.10 -15.05
CA ALA D 534 -48.56 -8.07 -14.17
C ALA D 534 -49.35 -8.28 -12.88
N SER D 535 -49.74 -7.20 -12.23
CA SER D 535 -50.43 -7.27 -10.95
C SER D 535 -51.75 -6.51 -11.03
N PRO D 536 -52.73 -6.88 -10.21
CA PRO D 536 -54.01 -6.15 -10.24
C PRO D 536 -53.87 -4.73 -9.74
N SER D 537 -54.84 -3.91 -10.12
CA SER D 537 -54.83 -2.47 -9.84
C SER D 537 -53.56 -1.81 -10.37
N ALA D 538 -53.21 -2.15 -11.61
CA ALA D 538 -52.13 -1.49 -12.33
C ALA D 538 -52.61 -0.40 -13.26
N GLY D 539 -53.84 -0.53 -13.76
CA GLY D 539 -54.41 0.48 -14.61
C GLY D 539 -54.93 -0.06 -15.93
N MET D 540 -55.15 -1.37 -16.02
CA MET D 540 -55.55 -1.95 -17.29
C MET D 540 -56.93 -1.44 -17.74
N THR D 541 -57.88 -1.38 -16.82
CA THR D 541 -59.22 -0.91 -17.21
C THR D 541 -59.23 0.59 -17.44
N PHE D 542 -58.52 1.34 -16.62
CA PHE D 542 -58.37 2.77 -16.86
C PHE D 542 -57.78 3.02 -18.24
N ILE D 543 -56.65 2.39 -18.54
CA ILE D 543 -55.97 2.60 -19.82
C ILE D 543 -56.86 2.17 -20.96
N SER D 544 -57.47 0.99 -20.87
CA SER D 544 -58.23 0.46 -21.99
C SER D 544 -59.47 1.30 -22.26
N SER D 545 -60.23 1.64 -21.22
CA SER D 545 -61.46 2.39 -21.41
C SER D 545 -61.17 3.80 -21.93
N ASN D 546 -60.19 4.49 -21.34
CA ASN D 546 -59.87 5.82 -21.82
C ASN D 546 -59.30 5.80 -23.22
N LEU D 547 -58.47 4.80 -23.54
CA LEU D 547 -57.95 4.69 -24.90
C LEU D 547 -59.07 4.45 -25.89
N ALA D 548 -60.05 3.63 -25.54
CA ALA D 548 -61.19 3.41 -26.42
C ALA D 548 -61.96 4.71 -26.64
N ALA D 549 -62.12 5.50 -25.58
CA ALA D 549 -62.83 6.78 -25.72
C ALA D 549 -62.08 7.72 -26.65
N THR D 550 -60.77 7.86 -26.43
CA THR D 550 -59.98 8.77 -27.26
C THR D 550 -59.87 8.29 -28.70
N ILE D 551 -59.98 7.00 -28.94
CA ILE D 551 -59.95 6.54 -30.32
C ILE D 551 -61.33 6.65 -30.96
N ALA D 552 -62.40 6.60 -30.16
CA ALA D 552 -63.73 6.76 -30.71
C ALA D 552 -64.05 8.21 -31.05
N ILE D 553 -63.48 9.17 -30.30
CA ILE D 553 -63.74 10.57 -30.63
C ILE D 553 -63.18 10.99 -31.98
N THR D 554 -62.31 10.19 -32.58
CA THR D 554 -61.76 10.50 -33.89
C THR D 554 -62.57 9.91 -35.04
N GLY D 555 -63.71 9.30 -34.75
CA GLY D 555 -64.61 8.84 -35.79
C GLY D 555 -64.44 7.40 -36.22
N LYS D 556 -63.70 6.59 -35.49
CA LYS D 556 -63.55 5.17 -35.79
C LYS D 556 -64.42 4.35 -34.86
N LYS D 557 -65.07 3.33 -35.41
CA LYS D 557 -65.90 2.44 -34.61
C LYS D 557 -65.02 1.57 -33.72
N VAL D 558 -65.30 1.59 -32.42
CA VAL D 558 -64.49 0.89 -31.43
C VAL D 558 -65.37 -0.05 -30.63
N LEU D 559 -64.91 -1.28 -30.45
CA LEU D 559 -65.55 -2.24 -29.56
C LEU D 559 -64.66 -2.47 -28.35
N PHE D 560 -65.26 -2.45 -27.16
CA PHE D 560 -64.56 -2.69 -25.92
C PHE D 560 -65.12 -3.97 -25.30
N ILE D 561 -64.24 -4.89 -24.94
CA ILE D 561 -64.62 -6.17 -24.36
C ILE D 561 -64.01 -6.27 -22.97
N ASP D 562 -64.84 -6.59 -21.98
CA ASP D 562 -64.39 -6.80 -20.61
C ASP D 562 -64.26 -8.30 -20.43
N ALA D 563 -63.06 -8.82 -20.71
CA ALA D 563 -62.77 -10.23 -20.56
C ALA D 563 -62.20 -10.56 -19.19
N ASP D 564 -62.30 -9.63 -18.24
CA ASP D 564 -62.04 -9.92 -16.83
C ASP D 564 -63.32 -10.50 -16.25
N LEU D 565 -63.50 -11.79 -16.46
CA LEU D 565 -64.67 -12.55 -15.99
C LEU D 565 -64.65 -12.78 -14.52
N ARG D 566 -63.71 -12.22 -13.77
CA ARG D 566 -63.59 -12.46 -12.34
C ARG D 566 -63.90 -11.23 -11.50
N LYS D 567 -63.37 -10.05 -11.85
CA LYS D 567 -63.61 -8.82 -11.10
C LYS D 567 -63.83 -7.64 -12.04
N GLY D 568 -64.60 -7.84 -13.10
CA GLY D 568 -64.80 -6.79 -14.08
C GLY D 568 -65.93 -5.82 -13.76
N TYR D 569 -65.61 -4.52 -13.68
CA TYR D 569 -66.58 -3.50 -13.31
C TYR D 569 -66.85 -2.50 -14.42
N ALA D 570 -66.54 -2.86 -15.67
CA ALA D 570 -66.71 -1.91 -16.76
C ALA D 570 -68.16 -1.51 -16.95
N HIS D 571 -69.09 -2.45 -16.79
CA HIS D 571 -70.50 -2.12 -16.95
C HIS D 571 -70.95 -1.08 -15.92
N LYS D 572 -70.36 -1.09 -14.73
CA LYS D 572 -70.67 -0.05 -13.75
C LYS D 572 -70.21 1.32 -14.23
N MET D 573 -69.05 1.37 -14.86
CA MET D 573 -68.47 2.62 -15.33
C MET D 573 -69.12 3.13 -16.61
N PHE D 574 -69.82 2.27 -17.35
CA PHE D 574 -70.41 2.68 -18.62
C PHE D 574 -71.92 2.91 -18.55
N GLY D 575 -72.58 2.46 -17.49
CA GLY D 575 -74.03 2.46 -17.47
C GLY D 575 -74.51 1.19 -18.11
N HIS D 576 -75.26 0.36 -17.38
CA HIS D 576 -75.34 -1.05 -17.76
C HIS D 576 -76.75 -1.59 -17.66
N LYS D 577 -76.98 -2.65 -18.43
CA LYS D 577 -77.97 -3.68 -18.17
C LYS D 577 -77.15 -4.95 -17.98
N ASN D 578 -76.97 -5.37 -16.72
CA ASN D 578 -75.97 -6.37 -16.39
C ASN D 578 -76.26 -7.74 -16.99
N ASP D 579 -77.46 -7.97 -17.50
CA ASP D 579 -77.77 -9.23 -18.15
C ASP D 579 -76.99 -9.39 -19.45
N LYS D 580 -76.76 -10.63 -19.84
CA LYS D 580 -76.22 -10.99 -21.15
C LYS D 580 -74.85 -10.35 -21.39
N GLY D 581 -73.88 -10.74 -20.56
CA GLY D 581 -72.50 -10.33 -20.72
C GLY D 581 -71.72 -11.32 -21.56
N LEU D 582 -70.41 -11.29 -21.38
CA LEU D 582 -69.54 -12.22 -22.10
C LEU D 582 -69.74 -13.64 -21.61
N SER D 583 -69.94 -13.82 -20.30
CA SER D 583 -70.16 -15.15 -19.74
C SER D 583 -71.35 -15.84 -20.39
N GLU D 584 -72.50 -15.16 -20.42
CA GLU D 584 -73.70 -15.75 -20.97
C GLU D 584 -73.52 -16.15 -22.43
N PHE D 585 -72.78 -15.36 -23.20
CA PHE D 585 -72.51 -15.73 -24.58
C PHE D 585 -71.61 -16.96 -24.66
N LEU D 586 -70.54 -16.98 -23.86
CA LEU D 586 -69.59 -18.08 -23.93
C LEU D 586 -70.23 -19.40 -23.51
N SER D 587 -71.03 -19.38 -22.44
CA SER D 587 -71.71 -20.57 -21.99
C SER D 587 -72.82 -21.01 -22.95
N GLY D 588 -73.19 -20.17 -23.91
CA GLY D 588 -74.13 -20.56 -24.94
C GLY D 588 -75.55 -20.07 -24.76
N GLN D 589 -75.85 -19.35 -23.69
CA GLN D 589 -77.21 -18.90 -23.40
C GLN D 589 -77.47 -17.47 -23.84
N ALA D 590 -76.78 -17.02 -24.90
CA ALA D 590 -76.97 -15.67 -25.42
C ALA D 590 -76.47 -15.63 -26.86
N ALA D 591 -76.91 -14.59 -27.57
CA ALA D 591 -76.51 -14.39 -28.96
C ALA D 591 -75.41 -13.34 -29.05
N ALA D 592 -74.85 -13.20 -30.25
CA ALA D 592 -73.77 -12.26 -30.48
C ALA D 592 -74.25 -10.81 -30.55
N GLU D 593 -75.56 -10.57 -30.62
CA GLU D 593 -76.09 -9.23 -30.75
C GLU D 593 -76.79 -8.71 -29.51
N MET D 594 -77.11 -9.58 -28.55
CA MET D 594 -77.76 -9.17 -27.32
C MET D 594 -76.78 -8.80 -26.22
N ILE D 595 -75.48 -8.91 -26.49
CA ILE D 595 -74.46 -8.61 -25.47
C ILE D 595 -73.81 -7.27 -25.69
N ILE D 596 -73.97 -6.66 -26.86
CA ILE D 596 -73.32 -5.40 -27.19
C ILE D 596 -74.20 -4.23 -26.76
N ASP D 597 -73.63 -3.32 -25.98
CA ASP D 597 -74.33 -2.14 -25.51
C ASP D 597 -73.51 -0.91 -25.93
N LYS D 598 -74.07 0.28 -25.68
CA LYS D 598 -73.45 1.53 -26.09
C LYS D 598 -73.14 2.40 -24.88
N VAL D 599 -71.92 2.94 -24.83
CA VAL D 599 -71.56 3.87 -23.77
C VAL D 599 -72.23 5.21 -24.06
N GLU D 600 -72.81 5.82 -23.01
CA GLU D 600 -73.58 7.04 -23.20
C GLU D 600 -72.68 8.22 -23.57
N GLY D 601 -71.76 8.58 -22.69
CA GLY D 601 -70.90 9.72 -22.93
C GLY D 601 -69.62 9.35 -23.66
N GLY D 602 -69.60 8.17 -24.27
CA GLY D 602 -68.45 7.59 -24.91
C GLY D 602 -68.53 7.79 -26.41
N GLY D 603 -68.99 6.78 -27.13
CA GLY D 603 -69.04 6.83 -28.56
C GLY D 603 -68.65 5.50 -29.15
N PHE D 604 -68.46 4.53 -28.26
CA PHE D 604 -68.05 3.18 -28.63
C PHE D 604 -68.96 2.17 -27.96
N ASP D 605 -69.07 1.01 -28.57
CA ASP D 605 -69.82 -0.09 -27.98
C ASP D 605 -68.97 -0.84 -26.97
N TYR D 606 -69.63 -1.66 -26.15
CA TYR D 606 -68.90 -2.47 -25.18
C TYR D 606 -69.66 -3.76 -24.90
N ILE D 607 -68.92 -4.74 -24.40
CA ILE D 607 -69.44 -6.02 -23.95
C ILE D 607 -69.00 -6.20 -22.49
N GLY D 608 -69.97 -6.35 -21.60
CA GLY D 608 -69.66 -6.58 -20.21
C GLY D 608 -69.31 -8.03 -19.93
N ARG D 609 -68.78 -8.26 -18.73
CA ARG D 609 -68.41 -9.63 -18.37
C ARG D 609 -69.64 -10.50 -18.18
N GLY D 610 -70.71 -9.94 -17.62
CA GLY D 610 -71.88 -10.72 -17.29
C GLY D 610 -71.82 -11.24 -15.87
N GLN D 611 -72.50 -12.35 -15.61
CA GLN D 611 -72.41 -12.99 -14.30
C GLN D 611 -71.06 -13.66 -14.14
N ILE D 612 -70.52 -13.64 -12.93
CA ILE D 612 -69.25 -14.30 -12.63
C ILE D 612 -69.44 -15.80 -12.77
N PRO D 613 -68.69 -16.47 -13.64
CA PRO D 613 -68.87 -17.90 -13.82
C PRO D 613 -68.01 -18.68 -12.86
N PRO D 614 -68.25 -19.98 -12.69
CA PRO D 614 -67.35 -20.80 -11.88
C PRO D 614 -66.10 -21.24 -12.60
N ASN D 615 -66.10 -21.26 -13.93
CA ASN D 615 -64.96 -21.72 -14.73
C ASN D 615 -64.60 -20.68 -15.78
N PRO D 616 -64.05 -19.53 -15.37
CA PRO D 616 -63.72 -18.49 -16.37
C PRO D 616 -62.67 -18.93 -17.38
N ALA D 617 -61.58 -19.53 -16.91
CA ALA D 617 -60.49 -19.92 -17.79
C ALA D 617 -60.90 -21.01 -18.76
N GLU D 618 -61.88 -21.83 -18.40
CA GLU D 618 -62.38 -22.86 -19.30
C GLU D 618 -63.49 -22.36 -20.21
N LEU D 619 -64.20 -21.31 -19.82
CA LEU D 619 -65.10 -20.65 -20.74
C LEU D 619 -64.33 -19.93 -21.84
N LEU D 620 -63.24 -19.25 -21.47
CA LEU D 620 -62.47 -18.50 -22.45
C LEU D 620 -61.80 -19.37 -23.51
N MET D 621 -61.74 -20.69 -23.29
CA MET D 621 -61.14 -21.60 -24.26
C MET D 621 -62.13 -22.10 -25.29
N HIS D 622 -63.42 -21.81 -25.13
CA HIS D 622 -64.42 -22.26 -26.07
C HIS D 622 -64.20 -21.57 -27.42
N PRO D 623 -64.41 -22.28 -28.53
CA PRO D 623 -64.25 -21.65 -29.86
C PRO D 623 -65.24 -20.53 -30.14
N ARG D 624 -66.31 -20.40 -29.35
CA ARG D 624 -67.25 -19.30 -29.56
C ARG D 624 -66.60 -17.95 -29.29
N PHE D 625 -65.57 -17.90 -28.45
CA PHE D 625 -64.83 -16.66 -28.25
C PHE D 625 -64.13 -16.23 -29.54
N GLU D 626 -63.46 -17.17 -30.21
CA GLU D 626 -62.83 -16.85 -31.48
C GLU D 626 -63.87 -16.49 -32.53
N GLN D 627 -65.02 -17.16 -32.50
CA GLN D 627 -66.09 -16.78 -33.43
C GLN D 627 -66.54 -15.36 -33.19
N LEU D 628 -66.69 -14.97 -31.93
CA LEU D 628 -67.09 -13.60 -31.60
C LEU D 628 -66.06 -12.60 -32.10
N LEU D 629 -64.78 -12.88 -31.87
CA LEU D 629 -63.75 -11.94 -32.31
C LEU D 629 -63.69 -11.84 -33.83
N ASN D 630 -63.83 -12.97 -34.53
CA ASN D 630 -63.81 -12.93 -35.99
C ASN D 630 -65.02 -12.18 -36.54
N TRP D 631 -66.19 -12.34 -35.92
CA TRP D 631 -67.35 -11.59 -36.35
C TRP D 631 -67.19 -10.10 -36.08
N ALA D 632 -66.63 -9.74 -34.91
CA ALA D 632 -66.47 -8.33 -34.57
C ALA D 632 -65.40 -7.66 -35.42
N SER D 633 -64.38 -8.41 -35.85
CA SER D 633 -63.30 -7.84 -36.64
C SER D 633 -63.75 -7.40 -38.02
N GLN D 634 -65.03 -7.53 -38.36
CA GLN D 634 -65.54 -7.09 -39.64
C GLN D 634 -66.54 -5.94 -39.54
N ASN D 635 -67.06 -5.67 -38.34
CA ASN D 635 -68.02 -4.60 -38.15
C ASN D 635 -67.45 -3.42 -37.37
N TYR D 636 -66.20 -3.52 -36.90
CA TYR D 636 -65.58 -2.47 -36.11
C TYR D 636 -64.18 -2.20 -36.64
N ASP D 637 -63.68 -1.00 -36.34
CA ASP D 637 -62.35 -0.60 -36.75
C ASP D 637 -61.27 -1.00 -35.75
N LEU D 638 -61.63 -1.07 -34.47
CA LEU D 638 -60.70 -1.46 -33.43
C LEU D 638 -61.45 -2.25 -32.37
N ILE D 639 -60.79 -3.27 -31.82
CA ILE D 639 -61.34 -4.04 -30.71
C ILE D 639 -60.29 -4.03 -29.60
N ILE D 640 -60.69 -3.55 -28.42
CA ILE D 640 -59.82 -3.52 -27.25
C ILE D 640 -60.39 -4.52 -26.24
N ILE D 641 -59.52 -5.35 -25.69
CA ILE D 641 -59.91 -6.38 -24.73
C ILE D 641 -59.18 -6.12 -23.42
N ASP D 642 -59.93 -6.02 -22.34
CA ASP D 642 -59.36 -5.89 -21.01
C ASP D 642 -59.34 -7.27 -20.35
N THR D 643 -58.25 -7.56 -19.65
CA THR D 643 -57.95 -8.88 -19.15
C THR D 643 -57.51 -8.79 -17.69
N PRO D 644 -57.57 -9.90 -16.96
CA PRO D 644 -56.98 -9.94 -15.62
C PRO D 644 -55.46 -9.93 -15.73
N PRO D 645 -54.74 -9.82 -14.61
CA PRO D 645 -53.29 -9.95 -14.67
C PRO D 645 -52.86 -11.33 -15.13
N ILE D 646 -51.57 -11.45 -15.47
CA ILE D 646 -51.04 -12.71 -15.96
C ILE D 646 -50.29 -13.42 -14.85
N LEU D 647 -49.72 -12.66 -13.92
CA LEU D 647 -49.05 -13.29 -12.80
C LEU D 647 -50.03 -13.89 -11.80
N ALA D 648 -51.32 -13.62 -11.94
CA ALA D 648 -52.34 -14.17 -11.06
C ALA D 648 -53.05 -15.36 -11.69
N VAL D 649 -53.61 -15.18 -12.88
CA VAL D 649 -54.33 -16.21 -13.59
C VAL D 649 -53.79 -16.31 -15.00
N THR D 650 -54.41 -17.16 -15.82
CA THR D 650 -53.92 -17.45 -17.15
C THR D 650 -54.87 -17.01 -18.25
N ASP D 651 -55.91 -16.26 -17.91
CA ASP D 651 -56.91 -15.86 -18.92
C ASP D 651 -56.29 -15.01 -20.02
N ALA D 652 -55.41 -14.07 -19.64
CA ALA D 652 -54.79 -13.19 -20.61
C ALA D 652 -54.02 -13.98 -21.66
N ALA D 653 -53.39 -15.09 -21.26
CA ALA D 653 -52.61 -15.89 -22.20
C ALA D 653 -53.51 -16.72 -23.12
N ILE D 654 -54.71 -17.07 -22.69
CA ILE D 654 -55.68 -17.69 -23.58
C ILE D 654 -56.18 -16.68 -24.60
N ILE D 655 -56.50 -15.47 -24.14
CA ILE D 655 -57.05 -14.45 -25.02
C ILE D 655 -56.01 -13.96 -26.01
N GLY D 656 -54.75 -13.86 -25.59
CA GLY D 656 -53.70 -13.32 -26.43
C GLY D 656 -53.39 -14.12 -27.67
N ARG D 657 -53.91 -15.34 -27.78
CA ARG D 657 -53.72 -16.10 -29.02
C ARG D 657 -54.41 -15.42 -30.18
N TYR D 658 -55.58 -14.83 -29.95
CA TYR D 658 -56.38 -14.21 -31.00
C TYR D 658 -56.22 -12.71 -31.07
N ALA D 659 -55.28 -12.14 -30.32
CA ALA D 659 -55.03 -10.71 -30.32
C ALA D 659 -53.88 -10.38 -31.25
N GLY D 660 -54.10 -9.43 -32.16
CA GLY D 660 -53.03 -9.00 -33.03
C GLY D 660 -51.93 -8.26 -32.30
N THR D 661 -52.31 -7.40 -31.35
CA THR D 661 -51.34 -6.64 -30.57
C THR D 661 -51.62 -6.83 -29.10
N CYS D 662 -50.57 -6.95 -28.29
CA CYS D 662 -50.70 -7.10 -26.85
C CYS D 662 -49.76 -6.13 -26.18
N LEU D 663 -50.27 -5.40 -25.18
CA LEU D 663 -49.47 -4.44 -24.44
C LEU D 663 -49.64 -4.68 -22.95
N LEU D 664 -48.56 -4.60 -22.21
CA LEU D 664 -48.61 -4.70 -20.76
C LEU D 664 -48.68 -3.32 -20.14
N VAL D 665 -49.27 -3.24 -18.95
CA VAL D 665 -49.35 -2.01 -18.18
C VAL D 665 -48.56 -2.23 -16.90
N ALA D 666 -47.57 -1.38 -16.65
CA ALA D 666 -46.78 -1.42 -15.44
C ALA D 666 -47.09 -0.21 -14.60
N ARG D 667 -47.49 -0.42 -13.35
CA ARG D 667 -47.69 0.70 -12.44
C ARG D 667 -46.34 1.28 -12.04
N PHE D 668 -46.34 2.59 -11.81
CA PHE D 668 -45.09 3.34 -11.67
C PHE D 668 -44.24 2.86 -10.51
N GLU D 669 -44.73 3.00 -9.28
CA GLU D 669 -43.93 2.61 -8.12
C GLU D 669 -44.18 1.17 -7.68
N LYS D 670 -45.35 0.61 -7.97
CA LYS D 670 -45.71 -0.68 -7.41
C LYS D 670 -44.92 -1.81 -8.07
N ASN D 671 -45.10 -2.02 -9.37
CA ASN D 671 -44.45 -3.12 -10.03
C ASN D 671 -42.94 -2.90 -10.10
N THR D 672 -42.21 -3.99 -10.34
CA THR D 672 -40.76 -3.96 -10.48
C THR D 672 -40.39 -4.44 -11.87
N VAL D 673 -39.11 -4.25 -12.22
CA VAL D 673 -38.64 -4.72 -13.52
C VAL D 673 -38.70 -6.24 -13.58
N LYS D 674 -38.44 -6.90 -12.44
CA LYS D 674 -38.50 -8.36 -12.40
C LYS D 674 -39.91 -8.87 -12.71
N GLU D 675 -40.94 -8.23 -12.14
CA GLU D 675 -42.30 -8.64 -12.41
C GLU D 675 -42.64 -8.50 -13.89
N ILE D 676 -42.23 -7.38 -14.50
CA ILE D 676 -42.56 -7.15 -15.90
C ILE D 676 -41.82 -8.12 -16.80
N ASP D 677 -40.56 -8.42 -16.49
CA ASP D 677 -39.82 -9.41 -17.26
C ASP D 677 -40.44 -10.79 -17.13
N VAL D 678 -40.84 -11.17 -15.91
CA VAL D 678 -41.50 -12.45 -15.70
C VAL D 678 -42.80 -12.52 -16.49
N SER D 679 -43.55 -11.42 -16.53
CA SER D 679 -44.80 -11.41 -17.29
C SER D 679 -44.56 -11.53 -18.78
N MET D 680 -43.58 -10.82 -19.32
CA MET D 680 -43.27 -10.92 -20.74
C MET D 680 -42.83 -12.34 -21.10
N LYS D 681 -42.01 -12.95 -20.24
CA LYS D 681 -41.54 -14.29 -20.51
C LYS D 681 -42.67 -15.31 -20.40
N ARG D 682 -43.57 -15.14 -19.45
CA ARG D 682 -44.70 -16.05 -19.34
C ARG D 682 -45.65 -15.91 -20.51
N PHE D 683 -45.78 -14.70 -21.07
CA PHE D 683 -46.58 -14.54 -22.27
C PHE D 683 -45.91 -15.19 -23.47
N GLU D 684 -44.60 -15.04 -23.61
CA GLU D 684 -43.89 -15.64 -24.74
C GLU D 684 -43.86 -17.16 -24.65
N GLN D 685 -43.84 -17.69 -23.43
CA GLN D 685 -43.86 -19.14 -23.25
C GLN D 685 -45.16 -19.76 -23.76
N SER D 686 -46.25 -19.00 -23.76
CA SER D 686 -47.54 -19.48 -24.21
C SER D 686 -47.86 -19.07 -25.64
N GLY D 687 -46.89 -18.52 -26.36
CA GLY D 687 -47.07 -18.19 -27.75
C GLY D 687 -47.70 -16.86 -28.03
N VAL D 688 -47.54 -15.89 -27.13
CA VAL D 688 -48.10 -14.56 -27.28
C VAL D 688 -46.97 -13.56 -27.30
N VAL D 689 -46.89 -12.77 -28.36
CA VAL D 689 -45.83 -11.79 -28.51
C VAL D 689 -46.31 -10.45 -27.95
N VAL D 690 -45.63 -9.96 -26.93
CA VAL D 690 -45.99 -8.68 -26.32
C VAL D 690 -45.27 -7.57 -27.06
N LYS D 691 -46.04 -6.62 -27.59
CA LYS D 691 -45.46 -5.51 -28.34
C LYS D 691 -44.64 -4.61 -27.44
N GLY D 692 -45.13 -4.30 -26.25
CA GLY D 692 -44.40 -3.42 -25.36
C GLY D 692 -45.17 -3.14 -24.09
N CYS D 693 -44.72 -2.12 -23.39
CA CYS D 693 -45.22 -1.78 -22.07
C CYS D 693 -45.78 -0.36 -22.05
N ILE D 694 -46.55 -0.07 -21.00
CA ILE D 694 -47.16 1.23 -20.77
C ILE D 694 -46.97 1.55 -19.30
N LEU D 695 -46.12 2.52 -19.00
CA LEU D 695 -45.94 2.95 -17.62
C LEU D 695 -47.10 3.83 -17.20
N ASN D 696 -47.65 3.59 -16.02
CA ASN D 696 -48.86 4.26 -15.58
C ASN D 696 -48.68 4.81 -14.17
N GLY D 697 -49.47 5.83 -13.85
CA GLY D 697 -49.41 6.46 -12.54
C GLY D 697 -48.10 7.14 -12.24
N VAL D 698 -47.52 7.81 -13.22
CA VAL D 698 -46.22 8.47 -13.04
C VAL D 698 -46.43 9.78 -12.29
N VAL D 699 -45.47 10.13 -11.43
CA VAL D 699 -45.45 11.38 -10.70
C VAL D 699 -44.08 12.01 -10.84
N LYS D 700 -44.00 13.29 -10.51
CA LYS D 700 -42.80 14.09 -10.72
C LYS D 700 -41.90 13.99 -9.50
N LYS D 701 -40.66 13.54 -9.71
CA LYS D 701 -39.69 13.34 -8.65
C LYS D 701 -38.43 14.13 -8.98
N ALA D 702 -37.95 14.91 -8.00
CA ALA D 702 -36.77 15.72 -8.22
C ALA D 702 -35.48 14.92 -8.32
N SER D 703 -35.51 13.64 -7.94
CA SER D 703 -34.33 12.80 -8.05
C SER D 703 -34.12 12.25 -9.46
N SER D 704 -35.06 12.48 -10.36
CA SER D 704 -34.93 12.03 -11.74
C SER D 704 -34.49 13.18 -12.65
N ILE E 17 -11.79 16.37 -13.87
CA ILE E 17 -11.86 17.82 -13.99
C ILE E 17 -10.48 18.37 -14.35
N ASP E 18 -10.44 19.63 -14.81
CA ASP E 18 -9.19 20.27 -15.19
C ASP E 18 -9.21 21.73 -14.77
N LEU E 19 -8.02 22.32 -14.68
CA LEU E 19 -7.88 23.67 -14.16
C LEU E 19 -8.60 24.70 -15.04
N GLY E 20 -8.59 24.47 -16.36
CA GLY E 20 -9.20 25.44 -17.25
C GLY E 20 -10.69 25.60 -17.00
N ARG E 21 -11.38 24.49 -16.73
CA ARG E 21 -12.81 24.54 -16.44
C ARG E 21 -13.09 25.37 -15.20
N VAL E 22 -12.33 25.15 -14.12
CA VAL E 22 -12.61 25.87 -12.88
C VAL E 22 -12.28 27.35 -13.03
N ILE E 23 -11.21 27.66 -13.75
CA ILE E 23 -10.86 29.06 -13.98
C ILE E 23 -11.94 29.75 -14.82
N GLY E 24 -12.47 29.04 -15.82
CA GLY E 24 -13.55 29.59 -16.61
C GLY E 24 -14.81 29.82 -15.80
N GLU E 25 -15.15 28.87 -14.92
CA GLU E 25 -16.33 29.05 -14.07
C GLU E 25 -16.15 30.26 -13.16
N LEU E 26 -14.95 30.43 -12.60
CA LEU E 26 -14.69 31.59 -11.76
C LEU E 26 -14.81 32.89 -12.54
N ILE E 27 -14.35 32.90 -13.79
CA ILE E 27 -14.45 34.11 -14.61
C ILE E 27 -15.91 34.40 -14.95
N ASP E 28 -16.71 33.36 -15.22
CA ASP E 28 -18.11 33.57 -15.58
C ASP E 28 -18.90 34.16 -14.42
N HIS E 29 -18.69 33.64 -13.20
CA HIS E 29 -19.41 34.09 -12.02
C HIS E 29 -18.69 35.20 -11.27
N ARG E 30 -17.90 36.03 -11.98
CA ARG E 30 -17.11 37.05 -11.31
C ARG E 30 -17.98 38.07 -10.59
N LYS E 31 -19.12 38.44 -11.19
CA LYS E 31 -19.97 39.44 -10.57
C LYS E 31 -20.53 38.96 -9.23
N LEU E 32 -20.99 37.71 -9.17
CA LEU E 32 -21.52 37.18 -7.91
C LEU E 32 -20.44 37.12 -6.85
N ILE E 33 -19.25 36.64 -7.20
CA ILE E 33 -18.16 36.53 -6.25
C ILE E 33 -17.78 37.91 -5.72
N ILE E 34 -17.65 38.88 -6.62
CA ILE E 34 -17.27 40.23 -6.21
C ILE E 34 -18.34 40.83 -5.30
N SER E 35 -19.61 40.65 -5.64
CA SER E 35 -20.68 41.22 -4.83
C SER E 35 -20.69 40.62 -3.43
N ILE E 36 -20.59 39.28 -3.34
CA ILE E 36 -20.63 38.64 -2.03
C ILE E 36 -19.42 39.04 -1.19
N THR E 37 -18.23 39.03 -1.79
CA THR E 37 -17.03 39.40 -1.04
C THR E 37 -17.09 40.86 -0.59
N SER E 38 -17.59 41.74 -1.45
CA SER E 38 -17.70 43.15 -1.07
C SER E 38 -18.70 43.34 0.07
N VAL E 39 -19.81 42.61 0.04
CA VAL E 39 -20.79 42.71 1.13
C VAL E 39 -20.18 42.25 2.44
N PHE E 40 -19.48 41.11 2.41
CA PHE E 40 -18.87 40.60 3.64
C PHE E 40 -17.80 41.55 4.16
N THR E 41 -16.98 42.11 3.25
CA THR E 41 -15.94 43.04 3.68
C THR E 41 -16.55 44.33 4.24
N LEU E 42 -17.65 44.79 3.66
CA LEU E 42 -18.32 45.98 4.19
C LEU E 42 -18.86 45.71 5.59
N PHE E 43 -19.46 44.54 5.80
CA PHE E 43 -19.94 44.21 7.15
C PHE E 43 -18.79 44.13 8.13
N ALA E 44 -17.67 43.52 7.72
CA ALA E 44 -16.51 43.43 8.60
C ALA E 44 -15.96 44.81 8.94
N ILE E 45 -15.89 45.70 7.95
CA ILE E 45 -15.40 47.05 8.20
C ILE E 45 -16.33 47.80 9.14
N LEU E 46 -17.64 47.66 8.93
CA LEU E 46 -18.59 48.32 9.82
C LEU E 46 -18.45 47.83 11.26
N TYR E 47 -18.30 46.51 11.44
CA TYR E 47 -18.12 45.99 12.79
C TYR E 47 -16.81 46.47 13.41
N ALA E 48 -15.73 46.46 12.63
CA ALA E 48 -14.43 46.84 13.18
C ALA E 48 -14.31 48.34 13.42
N LEU E 49 -15.17 49.15 12.81
CA LEU E 49 -15.15 50.59 13.05
C LEU E 49 -16.25 51.05 13.99
N LEU E 50 -17.22 50.19 14.32
CA LEU E 50 -18.29 50.55 15.24
C LEU E 50 -18.23 49.83 16.56
N ALA E 51 -17.51 48.72 16.66
CA ALA E 51 -17.38 48.01 17.93
C ALA E 51 -16.66 48.88 18.95
N THR E 52 -17.14 48.86 20.18
CA THR E 52 -16.57 49.71 21.22
C THR E 52 -15.15 49.27 21.53
N PRO E 53 -14.21 50.21 21.64
CA PRO E 53 -12.83 49.84 21.97
C PRO E 53 -12.71 49.41 23.43
N ILE E 54 -11.83 48.45 23.66
CA ILE E 54 -11.60 47.88 24.98
C ILE E 54 -10.13 48.07 25.33
N TYR E 55 -9.87 48.86 26.36
CA TYR E 55 -8.52 49.14 26.82
C TYR E 55 -8.11 48.15 27.91
N GLU E 56 -6.80 48.04 28.11
CA GLU E 56 -6.23 47.11 29.08
C GLU E 56 -5.24 47.85 29.96
N THR E 57 -5.39 47.70 31.26
CA THR E 57 -4.48 48.28 32.23
C THR E 57 -3.74 47.17 32.98
N ASP E 58 -2.50 47.45 33.35
CA ASP E 58 -1.64 46.46 33.97
C ASP E 58 -0.98 47.03 35.22
N ALA E 59 -0.68 46.11 36.14
CA ALA E 59 0.11 46.41 37.33
C ALA E 59 1.01 45.22 37.63
N LEU E 60 2.07 45.47 38.38
CA LEU E 60 3.05 44.45 38.72
C LEU E 60 3.35 44.54 40.22
N ILE E 61 3.11 43.45 40.94
CA ILE E 61 3.37 43.40 42.37
C ILE E 61 4.39 42.30 42.64
N GLN E 62 5.03 42.39 43.80
CA GLN E 62 6.09 41.46 44.19
C GLN E 62 5.66 40.67 45.41
N ILE E 63 5.74 39.35 45.32
CA ILE E 63 5.43 38.46 46.44
C ILE E 63 6.73 38.18 47.19
N GLU E 64 6.78 38.55 48.46
CA GLU E 64 7.96 38.33 49.29
C GLU E 64 8.22 36.84 49.48
N GLN E 85 5.60 30.50 46.76
CA GLN E 85 4.24 31.00 46.98
C GLN E 85 3.58 31.36 45.65
N SER E 86 2.74 32.39 45.67
CA SER E 86 2.03 32.97 44.54
C SER E 86 1.01 32.02 43.92
N ALA E 87 0.92 30.79 44.39
CA ALA E 87 -0.13 29.89 43.96
C ALA E 87 -1.44 30.17 44.70
N PRO E 88 -1.44 30.38 46.03
CA PRO E 88 -2.69 30.77 46.70
C PRO E 88 -3.02 32.24 46.57
N GLU E 89 -2.04 33.09 46.23
CA GLU E 89 -2.31 34.52 46.10
C GLU E 89 -3.17 34.83 44.89
N THR E 90 -3.08 34.02 43.83
CA THR E 90 -3.97 34.18 42.70
C THR E 90 -5.42 33.96 43.11
N ALA E 91 -5.67 32.98 43.98
CA ALA E 91 -7.03 32.75 44.47
C ALA E 91 -7.44 33.78 45.51
N LEU E 92 -6.49 34.31 46.28
CA LEU E 92 -6.83 35.34 47.26
C LEU E 92 -7.18 36.66 46.58
N LEU E 93 -6.53 36.99 45.46
CA LEU E 93 -6.83 38.22 44.76
C LEU E 93 -8.20 38.17 44.11
N GLN E 94 -8.59 37.01 43.60
CA GLN E 94 -9.87 36.84 42.94
C GLN E 94 -10.98 36.42 43.88
N SER E 95 -10.71 36.37 45.18
CA SER E 95 -11.74 36.05 46.15
C SER E 95 -12.73 37.20 46.26
N ARG E 96 -13.95 36.87 46.71
CA ARG E 96 -15.00 37.88 46.77
C ARG E 96 -14.74 38.93 47.84
N MET E 97 -13.85 38.68 48.80
CA MET E 97 -13.59 39.68 49.83
C MET E 97 -12.84 40.89 49.26
N ILE E 98 -11.77 40.64 48.52
CA ILE E 98 -10.99 41.73 47.94
C ILE E 98 -11.81 42.51 46.93
N LEU E 99 -12.46 41.80 46.00
CA LEU E 99 -13.25 42.46 44.98
C LEU E 99 -14.44 43.18 45.60
N GLY E 100 -15.05 42.60 46.62
CA GLY E 100 -16.16 43.25 47.28
C GLY E 100 -15.74 44.52 47.98
N LYS E 101 -14.58 44.50 48.64
CA LYS E 101 -14.08 45.72 49.26
C LYS E 101 -13.81 46.79 48.23
N THR E 102 -13.24 46.40 47.09
CA THR E 102 -13.00 47.37 46.02
C THR E 102 -14.30 47.97 45.52
N ILE E 103 -15.32 47.13 45.32
CA ILE E 103 -16.59 47.61 44.77
C ILE E 103 -17.31 48.51 45.77
N ASP E 104 -17.23 48.19 47.06
CA ASP E 104 -17.80 49.08 48.06
C ASP E 104 -17.05 50.41 48.11
N ASP E 105 -15.72 50.37 47.91
CA ASP E 105 -14.95 51.61 47.93
C ASP E 105 -15.28 52.51 46.75
N LEU E 106 -15.34 51.95 45.55
CA LEU E 106 -15.49 52.74 44.34
C LEU E 106 -16.93 52.84 43.85
N ASN E 107 -17.89 52.28 44.58
CA ASN E 107 -19.31 52.33 44.21
C ASN E 107 -19.53 51.79 42.81
N LEU E 108 -18.93 50.64 42.52
CA LEU E 108 -19.09 50.02 41.21
C LEU E 108 -20.45 49.37 41.03
N GLN E 109 -21.32 49.46 42.02
CA GLN E 109 -22.67 48.91 41.95
C GLN E 109 -23.67 49.89 41.33
N ILE E 110 -23.23 51.08 40.96
CA ILE E 110 -24.06 52.07 40.28
C ILE E 110 -23.61 52.09 38.83
N GLN E 111 -24.37 51.47 37.94
CA GLN E 111 -24.01 51.38 36.54
C GLN E 111 -24.64 52.55 35.78
N ILE E 112 -23.79 53.41 35.22
CA ILE E 112 -24.24 54.56 34.45
C ILE E 112 -23.88 54.31 32.99
N GLU E 113 -24.88 54.37 32.11
CA GLU E 113 -24.66 54.08 30.70
C GLU E 113 -25.22 55.21 29.85
N GLN E 114 -24.42 55.71 28.93
CA GLN E 114 -24.89 56.71 27.97
C GLN E 114 -25.97 56.10 27.08
N LYS E 115 -27.00 56.88 26.80
CA LYS E 115 -28.19 56.38 26.12
C LYS E 115 -28.11 56.70 24.63
N TYR E 116 -28.02 55.65 23.81
CA TYR E 116 -28.18 55.75 22.37
C TYR E 116 -29.21 54.73 21.94
N PHE E 117 -30.25 55.18 21.23
CA PHE E 117 -31.32 54.26 20.85
C PHE E 117 -30.85 53.11 19.95
N PRO E 118 -30.00 53.30 18.93
CA PRO E 118 -29.70 52.17 18.03
C PRO E 118 -28.52 51.35 18.53
N VAL E 119 -28.22 50.25 17.82
CA VAL E 119 -27.06 49.42 18.18
C VAL E 119 -25.76 49.97 17.62
N ILE E 120 -25.81 51.08 16.88
CA ILE E 120 -24.61 51.66 16.29
C ILE E 120 -24.50 53.12 16.68
N GLY E 121 -25.39 53.59 17.55
CA GLY E 121 -25.37 54.99 17.94
C GLY E 121 -24.08 55.39 18.65
N ARG E 122 -23.60 54.53 19.55
CA ARG E 122 -22.36 54.84 20.28
C ARG E 122 -21.16 54.89 19.34
N GLY E 123 -21.08 53.95 18.40
CA GLY E 123 -19.98 53.96 17.45
C GLY E 123 -20.00 55.18 16.55
N LEU E 124 -21.18 55.56 16.08
CA LEU E 124 -21.30 56.77 15.27
C LEU E 124 -20.92 58.00 16.07
N ALA E 125 -21.37 58.09 17.32
CA ALA E 125 -21.01 59.23 18.16
C ALA E 125 -19.51 59.32 18.37
N ARG E 126 -18.85 58.17 18.59
CA ARG E 126 -17.40 58.19 18.73
C ARG E 126 -16.71 58.60 17.44
N LEU E 127 -17.19 58.10 16.29
CA LEU E 127 -16.56 58.42 15.02
C LEU E 127 -16.69 59.90 14.69
N MET E 128 -17.86 60.48 14.95
CA MET E 128 -18.06 61.91 14.68
C MET E 128 -17.29 62.81 15.63
N GLY E 129 -16.49 62.26 16.54
CA GLY E 129 -15.70 63.06 17.45
C GLY E 129 -16.45 63.57 18.66
N GLU E 130 -17.69 63.15 18.87
CA GLU E 130 -18.45 63.60 20.02
C GLU E 130 -17.81 63.09 21.30
N LYS E 131 -17.73 63.97 22.30
CA LYS E 131 -17.13 63.62 23.58
C LYS E 131 -18.18 63.03 24.49
N PRO E 132 -18.03 61.79 24.95
CA PRO E 132 -19.00 61.22 25.89
C PRO E 132 -19.02 61.97 27.20
N GLY E 133 -20.21 62.12 27.78
CA GLY E 133 -20.36 62.75 29.07
C GLY E 133 -20.35 61.74 30.21
N ASN E 134 -20.35 62.26 31.44
CA ASN E 134 -20.32 61.40 32.61
C ASN E 134 -20.91 62.13 33.80
N ILE E 135 -21.38 61.33 34.76
CA ILE E 135 -21.97 61.84 35.99
C ILE E 135 -21.34 61.10 37.16
N ASP E 136 -20.98 61.84 38.21
CA ASP E 136 -20.44 61.27 39.43
C ASP E 136 -21.58 61.13 40.43
N ILE E 137 -22.01 59.88 40.65
CA ILE E 137 -23.08 59.57 41.59
C ILE E 137 -22.46 58.93 42.82
N THR E 138 -22.68 59.54 43.98
CA THR E 138 -22.12 59.04 45.23
C THR E 138 -23.17 58.37 46.11
N ARG E 139 -24.43 58.33 45.70
CA ARG E 139 -25.46 57.65 46.48
C ARG E 139 -26.66 57.39 45.58
N LEU E 140 -27.05 56.12 45.49
CA LEU E 140 -28.23 55.71 44.72
C LEU E 140 -28.96 54.62 45.49
N TYR E 141 -30.28 54.75 45.59
CA TYR E 141 -31.10 53.75 46.26
C TYR E 141 -32.45 53.72 45.57
N LEU E 142 -32.69 52.68 44.79
CA LEU E 142 -33.94 52.50 44.08
C LEU E 142 -34.92 51.70 44.94
N PRO E 143 -36.23 51.74 44.61
CA PRO E 143 -37.21 51.05 45.46
C PRO E 143 -37.02 49.55 45.54
N ASP E 144 -36.22 48.95 44.67
CA ASP E 144 -35.88 47.53 44.72
C ASP E 144 -37.14 46.66 44.64
N SER E 145 -37.77 46.72 43.46
CA SER E 145 -38.95 45.90 43.21
C SER E 145 -38.67 44.44 43.51
N ASP E 146 -37.55 43.91 43.00
CA ASP E 146 -37.05 42.57 43.35
C ASP E 146 -38.10 41.50 43.07
N ASP E 147 -38.59 41.46 41.83
CA ASP E 147 -39.51 40.41 41.42
C ASP E 147 -38.72 39.16 41.07
N ILE E 148 -39.37 38.21 40.38
CA ILE E 148 -38.74 36.93 40.10
C ILE E 148 -37.51 37.11 39.22
N SER E 149 -37.60 37.95 38.19
CA SER E 149 -36.54 38.08 37.20
C SER E 149 -35.78 39.40 37.31
N ASN E 150 -36.48 40.53 37.28
CA ASN E 150 -35.84 41.84 37.27
C ASN E 150 -35.30 42.16 38.65
N ASN E 151 -34.08 41.69 38.93
CA ASN E 151 -33.41 41.97 40.19
C ASN E 151 -32.58 43.25 40.13
N THR E 152 -32.53 43.91 38.98
CA THR E 152 -31.73 45.13 38.80
C THR E 152 -32.67 46.30 38.50
N PRO E 153 -33.03 47.10 39.50
CA PRO E 153 -33.81 48.30 39.21
C PRO E 153 -32.99 49.32 38.43
N SER E 154 -33.70 50.13 37.62
CA SER E 154 -33.05 51.11 36.77
C SER E 154 -33.97 52.29 36.53
N ILE E 155 -33.37 53.45 36.32
CA ILE E 155 -34.06 54.68 35.99
C ILE E 155 -33.38 55.31 34.78
N ILE E 156 -34.06 56.29 34.18
CA ILE E 156 -33.51 57.05 33.06
C ILE E 156 -33.46 58.51 33.46
N LEU E 157 -32.30 59.13 33.29
CA LEU E 157 -32.06 60.51 33.64
C LEU E 157 -31.81 61.32 32.37
N THR E 158 -32.60 62.37 32.17
CA THR E 158 -32.45 63.26 31.03
C THR E 158 -31.85 64.58 31.52
N VAL E 159 -30.78 65.01 30.84
CA VAL E 159 -30.06 66.21 31.23
C VAL E 159 -30.72 67.42 30.56
N LYS E 160 -31.29 68.30 31.37
CA LYS E 160 -31.90 69.51 30.84
C LYS E 160 -30.92 70.68 30.79
N ASP E 161 -29.99 70.76 31.74
CA ASP E 161 -28.98 71.81 31.76
C ASP E 161 -27.79 71.32 32.58
N LYS E 162 -26.90 72.23 32.94
CA LYS E 162 -25.76 71.88 33.78
C LYS E 162 -26.15 71.64 35.23
N GLU E 163 -27.37 72.02 35.64
CA GLU E 163 -27.77 71.95 37.03
C GLU E 163 -28.89 70.95 37.29
N ASN E 164 -30.02 71.07 36.59
CA ASN E 164 -31.17 70.23 36.86
C ASN E 164 -31.30 69.13 35.83
N TYR E 165 -32.16 68.15 36.15
CA TYR E 165 -32.36 66.97 35.32
C TYR E 165 -33.71 66.38 35.63
N SER E 166 -34.16 65.50 34.73
CA SER E 166 -35.43 64.80 34.91
C SER E 166 -35.17 63.31 35.08
N ILE E 167 -36.03 62.66 35.87
CA ILE E 167 -35.89 61.26 36.25
C ILE E 167 -37.19 60.54 35.91
N ASN E 168 -37.08 59.39 35.25
CA ASN E 168 -38.24 58.55 35.01
C ASN E 168 -37.86 57.09 35.22
N SER E 169 -38.61 56.40 36.09
CA SER E 169 -38.37 54.99 36.38
C SER E 169 -39.34 54.09 35.63
N ASP E 170 -40.63 54.29 35.83
CA ASP E 170 -41.67 53.51 35.15
C ASP E 170 -42.79 54.44 34.70
N GLY E 171 -42.41 55.58 34.11
CA GLY E 171 -43.36 56.62 33.76
C GLY E 171 -43.57 57.68 34.82
N ILE E 172 -43.03 57.48 36.02
CA ILE E 172 -43.15 58.46 37.10
C ILE E 172 -42.09 59.52 36.88
N GLN E 173 -42.51 60.73 36.54
CA GLN E 173 -41.59 61.82 36.25
C GLN E 173 -41.26 62.60 37.51
N LEU E 174 -39.98 62.89 37.69
CA LEU E 174 -39.51 63.71 38.80
C LEU E 174 -38.44 64.66 38.29
N ASN E 175 -38.22 65.73 39.04
CA ASN E 175 -37.20 66.72 38.71
C ASN E 175 -36.19 66.81 39.85
N GLY E 176 -34.90 66.83 39.50
CA GLY E 176 -33.86 66.90 40.48
C GLY E 176 -32.83 67.94 40.12
N VAL E 177 -32.06 68.34 41.13
CA VAL E 177 -31.03 69.38 40.98
C VAL E 177 -29.72 68.84 41.55
N VAL E 178 -28.62 69.10 40.83
CA VAL E 178 -27.31 68.75 41.33
C VAL E 178 -27.09 69.41 42.68
N GLY E 179 -26.32 68.75 43.55
CA GLY E 179 -26.14 69.25 44.89
C GLY E 179 -27.08 68.59 45.88
N THR E 180 -28.22 69.23 46.14
CA THR E 180 -29.16 68.74 47.14
C THR E 180 -29.59 67.31 46.81
N LEU E 181 -29.61 66.46 47.84
CA LEU E 181 -30.00 65.07 47.67
C LEU E 181 -31.49 64.95 47.43
N LEU E 182 -31.89 63.86 46.76
CA LEU E 182 -33.28 63.58 46.44
C LEU E 182 -33.74 62.34 47.20
N ASN E 183 -34.83 62.49 47.95
CA ASN E 183 -35.50 61.38 48.65
C ASN E 183 -36.99 61.48 48.34
N GLU E 184 -37.42 60.90 47.22
CA GLU E 184 -38.81 60.99 46.80
C GLU E 184 -39.24 59.69 46.14
N LYS E 185 -40.49 59.28 46.43
CA LYS E 185 -41.11 58.12 45.80
C LYS E 185 -40.28 56.85 46.01
N GLY E 186 -39.72 56.71 47.20
CA GLY E 186 -38.87 55.56 47.49
C GLY E 186 -37.58 55.54 46.70
N ILE E 187 -37.16 56.69 46.18
CA ILE E 187 -35.96 56.80 45.37
C ILE E 187 -35.04 57.82 46.03
N SER E 188 -33.79 57.41 46.27
CA SER E 188 -32.76 58.28 46.83
C SER E 188 -31.66 58.44 45.79
N LEU E 189 -31.26 59.69 45.55
CA LEU E 189 -30.26 59.95 44.52
C LEU E 189 -29.44 61.18 44.88
N LEU E 190 -28.13 61.07 44.66
CA LEU E 190 -27.20 62.18 44.83
C LEU E 190 -26.33 62.25 43.58
N VAL E 191 -26.41 63.36 42.86
CA VAL E 191 -25.73 63.52 41.57
C VAL E 191 -24.77 64.69 41.69
N ASN E 192 -23.52 64.47 41.25
CA ASN E 192 -22.49 65.50 41.28
C ASN E 192 -21.79 65.56 39.93
N GLU E 193 -21.53 66.78 39.47
CA GLU E 193 -20.64 67.05 38.34
C GLU E 193 -21.13 66.35 37.06
N ILE E 194 -22.29 66.80 36.60
CA ILE E 194 -22.78 66.39 35.28
C ILE E 194 -21.88 66.99 34.22
N ASP E 195 -21.46 66.17 33.25
CA ASP E 195 -20.61 66.61 32.14
C ASP E 195 -21.18 66.03 30.86
N ALA E 196 -22.13 66.76 30.25
CA ALA E 196 -22.73 66.36 29.00
C ALA E 196 -23.50 67.56 28.44
N LYS E 197 -23.83 67.48 27.16
CA LYS E 197 -24.68 68.52 26.58
C LYS E 197 -26.13 68.30 27.01
N PRO E 198 -26.91 69.38 27.08
CA PRO E 198 -28.33 69.22 27.44
C PRO E 198 -29.06 68.36 26.44
N GLY E 199 -30.04 67.60 26.93
CA GLY E 199 -30.77 66.65 26.13
C GLY E 199 -30.22 65.24 26.12
N ASP E 200 -29.04 65.02 26.70
CA ASP E 200 -28.48 63.69 26.80
C ASP E 200 -29.24 62.87 27.84
N GLN E 201 -29.23 61.55 27.66
CA GLN E 201 -29.90 60.64 28.56
C GLN E 201 -28.92 59.58 29.05
N PHE E 202 -29.14 59.14 30.29
CA PHE E 202 -28.29 58.15 30.93
C PHE E 202 -29.15 57.15 31.67
N VAL E 203 -28.89 55.87 31.44
CA VAL E 203 -29.53 54.79 32.16
C VAL E 203 -28.73 54.53 33.43
N ILE E 204 -29.39 54.61 34.58
CA ILE E 204 -28.75 54.41 35.87
C ILE E 204 -29.36 53.16 36.50
N THR E 205 -28.54 52.12 36.65
CA THR E 205 -28.97 50.83 37.18
C THR E 205 -28.30 50.58 38.52
N GLN E 206 -29.05 50.00 39.45
CA GLN E 206 -28.50 49.57 40.74
C GLN E 206 -28.45 48.05 40.72
N LEU E 207 -27.37 47.51 40.18
CA LEU E 207 -27.25 46.07 40.05
C LEU E 207 -26.78 45.45 41.37
N PRO E 208 -27.12 44.19 41.61
CA PRO E 208 -26.77 43.57 42.89
C PRO E 208 -25.27 43.39 43.06
N ARG E 209 -24.85 43.32 44.32
CA ARG E 209 -23.44 43.30 44.65
C ARG E 209 -22.73 42.11 44.02
N LEU E 210 -23.36 40.94 44.06
CA LEU E 210 -22.74 39.77 43.45
C LEU E 210 -22.61 39.92 41.94
N LYS E 211 -23.57 40.58 41.30
CA LYS E 211 -23.45 40.82 39.86
C LYS E 211 -22.27 41.72 39.55
N ALA E 212 -22.08 42.78 40.34
CA ALA E 212 -20.93 43.65 40.16
C ALA E 212 -19.63 42.89 40.38
N ILE E 213 -19.57 42.04 41.41
CA ILE E 213 -18.37 41.27 41.68
C ILE E 213 -18.08 40.30 40.54
N SER E 214 -19.12 39.66 40.01
CA SER E 214 -18.92 38.74 38.89
C SER E 214 -18.43 39.47 37.65
N ASP E 215 -18.99 40.65 37.37
CA ASP E 215 -18.54 41.43 36.22
C ASP E 215 -17.09 41.87 36.38
N LEU E 216 -16.71 42.30 37.58
CA LEU E 216 -15.32 42.68 37.82
C LEU E 216 -14.39 41.49 37.69
N LEU E 217 -14.80 40.34 38.21
CA LEU E 217 -13.97 39.14 38.16
C LEU E 217 -13.86 38.57 36.76
N LYS E 218 -14.83 38.84 35.89
CA LYS E 218 -14.76 38.33 34.53
C LYS E 218 -13.64 38.98 33.73
N SER E 219 -13.38 40.26 33.95
CA SER E 219 -12.40 41.01 33.19
C SER E 219 -11.08 41.21 33.92
N PHE E 220 -10.87 40.51 35.04
CA PHE E 220 -9.67 40.66 35.85
C PHE E 220 -8.87 39.37 35.81
N SER E 221 -7.57 39.48 35.57
CA SER E 221 -6.70 38.32 35.45
C SER E 221 -5.44 38.52 36.27
N VAL E 222 -4.93 37.42 36.81
CA VAL E 222 -3.68 37.40 37.56
C VAL E 222 -2.78 36.34 36.94
N ALA E 223 -1.51 36.68 36.75
CA ALA E 223 -0.55 35.73 36.20
C ALA E 223 0.77 35.85 36.94
N ASP E 224 1.58 34.79 36.86
CA ASP E 224 2.88 34.78 37.51
C ASP E 224 4.00 35.22 36.57
N LEU E 225 3.94 34.77 35.31
CA LEU E 225 4.85 35.20 34.25
C LEU E 225 6.26 34.63 34.44
N GLY E 226 6.50 33.96 35.57
CA GLY E 226 7.75 33.26 35.76
C GLY E 226 7.57 31.87 36.34
N LYS E 227 6.39 31.61 36.91
CA LYS E 227 5.99 30.32 37.45
C LYS E 227 6.73 29.99 38.74
N ASP E 228 7.70 30.83 39.12
CA ASP E 228 8.44 30.65 40.36
C ASP E 228 8.73 31.94 41.10
N THR E 229 8.77 33.09 40.41
CA THR E 229 9.12 34.36 41.03
C THR E 229 7.95 34.90 41.85
N GLY E 230 8.28 35.87 42.71
CA GLY E 230 7.26 36.60 43.43
C GLY E 230 6.55 37.65 42.63
N MET E 231 6.86 37.74 41.34
CA MET E 231 6.28 38.76 40.47
C MET E 231 4.92 38.30 39.98
N LEU E 232 3.90 39.09 40.26
CA LEU E 232 2.54 38.85 39.77
C LEU E 232 2.13 40.01 38.88
N THR E 233 1.61 39.69 37.71
CA THR E 233 1.06 40.69 36.80
C THR E 233 -0.45 40.65 36.91
N LEU E 234 -1.04 41.79 37.25
CA LEU E 234 -2.48 41.95 37.34
C LEU E 234 -2.96 42.71 36.12
N THR E 235 -4.00 42.20 35.46
CA THR E 235 -4.51 42.76 34.22
C THR E 235 -5.99 43.02 34.35
N LEU E 236 -6.44 44.17 33.85
CA LEU E 236 -7.86 44.51 33.88
C LEU E 236 -8.25 45.16 32.56
N THR E 237 -9.31 44.65 31.93
CA THR E 237 -9.78 45.19 30.67
C THR E 237 -11.12 45.89 30.86
N GLY E 238 -11.29 47.02 30.20
CA GLY E 238 -12.54 47.77 30.28
C GLY E 238 -12.55 48.89 29.27
N ASP E 239 -13.73 49.46 29.07
CA ASP E 239 -13.94 50.46 28.03
C ASP E 239 -13.63 51.88 28.48
N ASN E 240 -13.39 52.11 29.76
CA ASN E 240 -13.03 53.43 30.25
C ASN E 240 -11.58 53.43 30.69
N PRO E 241 -10.68 54.07 29.95
CA PRO E 241 -9.24 53.93 30.25
C PRO E 241 -8.83 54.49 31.61
N LYS E 242 -9.58 55.40 32.21
CA LYS E 242 -9.23 55.93 33.52
C LYS E 242 -9.86 55.14 34.65
N ARG E 243 -11.11 54.72 34.45
CA ARG E 243 -11.81 53.98 35.48
C ARG E 243 -11.11 52.65 35.76
N ILE E 244 -10.62 51.98 34.72
CA ILE E 244 -9.99 50.69 34.93
C ILE E 244 -8.67 50.85 35.69
N SER E 245 -7.93 51.93 35.42
CA SER E 245 -6.72 52.19 36.18
C SER E 245 -7.04 52.45 37.64
N HIS E 246 -8.09 53.24 37.91
CA HIS E 246 -8.49 53.48 39.30
C HIS E 246 -8.92 52.18 39.98
N ILE E 247 -9.66 51.33 39.26
CA ILE E 247 -10.13 50.08 39.82
C ILE E 247 -8.97 49.16 40.15
N LEU E 248 -8.00 49.05 39.25
CA LEU E 248 -6.86 48.18 39.52
C LEU E 248 -5.98 48.74 40.63
N ASP E 249 -5.85 50.07 40.72
CA ASP E 249 -5.13 50.64 41.86
C ASP E 249 -5.83 50.32 43.17
N SER E 250 -7.16 50.42 43.19
CA SER E 250 -7.90 50.08 44.41
C SER E 250 -7.74 48.61 44.76
N ILE E 251 -7.79 47.73 43.76
CA ILE E 251 -7.59 46.30 44.02
C ILE E 251 -6.24 46.07 44.65
N SER E 252 -5.19 46.66 44.06
CA SER E 252 -3.84 46.45 44.58
C SER E 252 -3.69 47.00 45.99
N GLN E 253 -4.23 48.20 46.25
CA GLN E 253 -4.13 48.77 47.59
C GLN E 253 -4.88 47.94 48.62
N ASN E 254 -6.06 47.43 48.26
CA ASN E 254 -6.81 46.60 49.20
C ASN E 254 -6.07 45.30 49.50
N TYR E 255 -5.51 44.66 48.47
CA TYR E 255 -4.74 43.45 48.72
C TYR E 255 -3.50 43.73 49.57
N LEU E 256 -2.82 44.84 49.30
CA LEU E 256 -1.65 45.20 50.08
C LEU E 256 -2.00 45.46 51.54
N ALA E 257 -3.08 46.19 51.78
CA ALA E 257 -3.49 46.47 53.16
C ALA E 257 -3.95 45.20 53.88
N GLN E 258 -4.64 44.31 53.15
CA GLN E 258 -5.08 43.06 53.75
C GLN E 258 -3.90 42.18 54.14
N ASN E 259 -2.88 42.12 53.29
CA ASN E 259 -1.76 41.21 53.56
C ASN E 259 -1.00 41.60 54.82
N ILE E 260 -0.83 42.90 55.06
CA ILE E 260 -0.02 43.37 56.18
C ILE E 260 -0.86 43.41 57.46
N ALA E 261 -2.07 42.86 57.39
CA ALA E 261 -2.93 42.77 58.57
C ALA E 261 -3.68 41.44 58.57
N VAL E 409 4.35 41.62 50.46
CA VAL E 409 3.90 42.09 49.16
C VAL E 409 4.34 43.53 48.92
N ARG E 410 4.71 43.81 47.67
CA ARG E 410 5.21 45.13 47.28
C ARG E 410 4.63 45.52 45.93
N ILE E 411 4.20 46.78 45.80
CA ILE E 411 3.64 47.29 44.57
C ILE E 411 4.76 47.96 43.79
N ILE E 412 5.23 47.28 42.74
CA ILE E 412 6.36 47.76 41.95
C ILE E 412 5.85 48.68 40.85
N ASP E 413 4.93 48.20 40.03
CA ASP E 413 4.33 48.97 38.94
C ASP E 413 2.87 49.21 39.26
N ASN E 414 2.52 50.45 39.60
CA ASN E 414 1.12 50.80 39.72
C ASN E 414 0.45 50.75 38.36
N ALA E 415 -0.86 50.51 38.37
CA ALA E 415 -1.58 50.21 37.14
C ALA E 415 -1.56 51.40 36.19
N VAL E 416 -1.23 51.14 34.92
CA VAL E 416 -1.41 52.12 33.87
C VAL E 416 -2.09 51.44 32.69
N THR E 417 -2.74 52.26 31.86
CA THR E 417 -3.59 51.79 30.77
C THR E 417 -2.86 51.96 29.45
N ASP E 418 -2.84 50.90 28.64
CA ASP E 418 -2.26 51.00 27.32
C ASP E 418 -3.19 51.80 26.42
N PRO E 419 -2.75 52.93 25.86
CA PRO E 419 -3.67 53.76 25.07
C PRO E 419 -4.14 53.10 23.77
N ASN E 420 -3.48 52.05 23.30
CA ASN E 420 -3.93 51.33 22.14
C ASN E 420 -4.90 50.23 22.57
N PRO E 421 -6.15 50.25 22.12
CA PRO E 421 -7.10 49.23 22.56
C PRO E 421 -6.66 47.83 22.14
N VAL E 422 -7.00 46.85 22.98
CA VAL E 422 -6.70 45.46 22.66
C VAL E 422 -7.78 44.80 21.83
N ARG E 423 -9.01 45.31 21.88
CA ARG E 423 -10.12 44.82 21.09
C ARG E 423 -10.98 46.00 20.65
N PRO E 424 -11.55 45.96 19.45
CA PRO E 424 -11.40 44.90 18.44
C PRO E 424 -10.12 45.03 17.63
N LYS E 425 -9.56 43.91 17.20
CA LYS E 425 -8.37 43.90 16.36
C LYS E 425 -8.84 44.04 14.91
N LYS E 426 -8.73 45.25 14.37
CA LYS E 426 -9.38 45.57 13.11
C LYS E 426 -8.83 44.75 11.95
N THR E 427 -7.50 44.65 11.86
CA THR E 427 -6.89 44.01 10.69
C THR E 427 -7.26 42.53 10.59
N ILE E 428 -7.18 41.80 11.70
CA ILE E 428 -7.53 40.39 11.64
C ILE E 428 -9.02 40.21 11.37
N ILE E 429 -9.86 41.12 11.89
CA ILE E 429 -11.30 41.05 11.62
C ILE E 429 -11.56 41.22 10.13
N ILE E 430 -10.91 42.21 9.50
CA ILE E 430 -11.14 42.46 8.09
C ILE E 430 -10.60 41.33 7.24
N VAL E 431 -9.44 40.78 7.60
CA VAL E 431 -8.89 39.65 6.86
C VAL E 431 -9.82 38.44 6.96
N ILE E 432 -10.34 38.17 8.16
CA ILE E 432 -11.26 37.06 8.34
C ILE E 432 -12.52 37.29 7.50
N GLY E 433 -13.03 38.52 7.49
CA GLY E 433 -14.20 38.80 6.68
C GLY E 433 -13.97 38.57 5.20
N VAL E 434 -12.82 39.03 4.69
CA VAL E 434 -12.52 38.86 3.27
C VAL E 434 -12.39 37.38 2.93
N VAL E 435 -11.67 36.63 3.75
CA VAL E 435 -11.48 35.20 3.47
C VAL E 435 -12.80 34.46 3.57
N LEU E 436 -13.65 34.83 4.54
CA LEU E 436 -14.95 34.21 4.66
C LEU E 436 -15.81 34.48 3.43
N GLY E 437 -15.79 35.72 2.94
CA GLY E 437 -16.51 36.02 1.71
C GLY E 437 -16.01 35.21 0.54
N LEU E 438 -14.70 35.09 0.40
CA LEU E 438 -14.15 34.32 -0.71
C LEU E 438 -14.56 32.86 -0.62
N ILE E 439 -14.50 32.26 0.57
CA ILE E 439 -14.81 30.84 0.68
C ILE E 439 -16.30 30.59 0.47
N VAL E 440 -17.17 31.47 0.98
CA VAL E 440 -18.60 31.25 0.74
C VAL E 440 -18.93 31.45 -0.73
N SER E 441 -18.28 32.41 -1.39
CA SER E 441 -18.51 32.60 -2.82
C SER E 441 -18.06 31.38 -3.62
N VAL E 442 -16.90 30.83 -3.29
CA VAL E 442 -16.41 29.66 -4.01
C VAL E 442 -17.33 28.46 -3.76
N VAL E 443 -17.81 28.30 -2.53
CA VAL E 443 -18.74 27.20 -2.23
C VAL E 443 -20.01 27.36 -3.04
N LEU E 444 -20.57 28.57 -3.08
CA LEU E 444 -21.81 28.80 -3.83
C LEU E 444 -21.59 28.54 -5.32
N VAL E 445 -20.45 28.98 -5.86
CA VAL E 445 -20.15 28.76 -7.27
C VAL E 445 -20.03 27.28 -7.57
N LEU E 446 -19.31 26.54 -6.73
CA LEU E 446 -19.19 25.09 -6.95
C LEU E 446 -20.54 24.41 -6.85
N PHE E 447 -21.38 24.83 -5.90
CA PHE E 447 -22.69 24.23 -5.75
C PHE E 447 -23.55 24.48 -6.98
N GLN E 448 -23.52 25.71 -7.51
CA GLN E 448 -24.29 26.00 -8.73
C GLN E 448 -23.76 25.23 -9.93
N VAL E 449 -22.44 25.10 -10.04
CA VAL E 449 -21.86 24.37 -11.16
C VAL E 449 -22.25 22.90 -11.11
N PHE E 450 -22.21 22.30 -9.92
CA PHE E 450 -22.55 20.88 -9.81
C PHE E 450 -24.04 20.60 -9.94
N LEU E 451 -24.88 21.63 -9.92
CA LEU E 451 -26.33 21.45 -10.05
C LEU E 451 -26.85 21.88 -11.41
N ARG E 452 -25.98 22.00 -12.41
CA ARG E 452 -26.41 22.37 -13.75
C ARG E 452 -26.66 21.12 -14.58
N ARG E 453 -27.79 21.11 -15.28
CA ARG E 453 -28.15 19.99 -16.15
C ARG E 453 -28.46 20.39 -17.58
N GLY E 454 -28.59 21.68 -17.87
CA GLY E 454 -28.94 22.11 -19.20
C GLY E 454 -27.85 21.84 -20.22
N ILE E 455 -28.19 22.06 -21.48
CA ILE E 455 -27.24 21.88 -22.57
C ILE E 455 -26.22 23.02 -22.55
N GLU E 456 -24.94 22.67 -22.63
CA GLU E 456 -23.87 23.66 -22.61
C GLU E 456 -23.30 23.96 -23.99
N SER E 457 -23.16 22.95 -24.84
CA SER E 457 -22.56 23.13 -26.14
C SER E 457 -23.23 22.16 -27.12
N PRO E 458 -23.16 22.45 -28.41
CA PRO E 458 -23.72 21.50 -29.40
C PRO E 458 -23.09 20.13 -29.35
N GLU E 459 -21.89 20.01 -28.78
CA GLU E 459 -21.23 18.71 -28.73
C GLU E 459 -21.95 17.76 -27.78
N GLN E 460 -22.61 18.29 -26.76
CA GLN E 460 -23.41 17.44 -25.88
C GLN E 460 -24.53 16.75 -26.65
N LEU E 461 -25.19 17.47 -27.54
CA LEU E 461 -26.22 16.86 -28.39
C LEU E 461 -25.59 15.93 -29.43
N GLU E 462 -24.44 16.32 -29.98
CA GLU E 462 -23.84 15.52 -31.04
C GLU E 462 -23.19 14.24 -30.52
N GLU E 463 -22.91 14.15 -29.22
CA GLU E 463 -22.48 12.88 -28.64
C GLU E 463 -23.55 11.82 -28.79
N ILE E 464 -24.81 12.19 -28.54
CA ILE E 464 -25.91 11.24 -28.65
C ILE E 464 -26.14 10.83 -30.10
N GLY E 465 -25.86 11.72 -31.05
CA GLY E 465 -26.11 11.43 -32.44
C GLY E 465 -27.19 12.31 -33.02
N ILE E 466 -27.29 13.53 -32.54
CA ILE E 466 -28.26 14.51 -33.01
C ILE E 466 -27.50 15.60 -33.75
N ASN E 467 -27.86 15.80 -35.01
CA ASN E 467 -27.19 16.81 -35.84
C ASN E 467 -27.70 18.18 -35.46
N VAL E 468 -26.84 19.00 -34.87
CA VAL E 468 -27.16 20.39 -34.55
C VAL E 468 -26.90 21.22 -35.80
N TYR E 469 -27.95 21.77 -36.40
CA TYR E 469 -27.84 22.49 -37.66
C TYR E 469 -27.50 23.97 -37.49
N ALA E 470 -27.63 24.51 -36.28
CA ALA E 470 -27.36 25.92 -36.06
C ALA E 470 -27.27 26.16 -34.56
N SER E 471 -26.84 27.36 -34.20
CA SER E 471 -26.84 27.83 -32.82
C SER E 471 -27.14 29.31 -32.85
N ILE E 472 -28.36 29.68 -32.47
CA ILE E 472 -28.83 31.05 -32.58
C ILE E 472 -28.50 31.76 -31.26
N PRO E 473 -27.81 32.89 -31.29
CA PRO E 473 -27.50 33.62 -30.06
C PRO E 473 -28.70 34.46 -29.61
N ILE E 474 -28.61 34.94 -28.37
CA ILE E 474 -29.63 35.82 -27.83
C ILE E 474 -29.59 37.15 -28.56
N SER E 475 -30.77 37.64 -28.94
CA SER E 475 -30.91 38.94 -29.59
C SER E 475 -31.35 39.96 -28.54
N GLU E 476 -30.38 40.70 -28.00
CA GLU E 476 -30.69 41.70 -26.98
C GLU E 476 -31.43 42.91 -27.53
N TRP E 477 -31.54 43.02 -28.86
CA TRP E 477 -32.25 44.14 -29.49
C TRP E 477 -33.69 44.23 -29.02
N ASP E 494 -43.74 42.52 -30.75
CA ASP E 494 -44.75 42.24 -31.76
C ASP E 494 -44.27 42.62 -33.16
N THR E 495 -43.03 42.27 -33.46
CA THR E 495 -42.46 42.52 -34.78
C THR E 495 -41.40 41.47 -35.06
N LEU E 496 -41.10 41.29 -36.34
CA LEU E 496 -40.12 40.30 -36.76
C LEU E 496 -38.71 40.88 -36.68
N LEU E 497 -37.83 40.15 -35.98
CA LEU E 497 -36.44 40.58 -35.87
C LEU E 497 -35.76 40.64 -37.23
N ALA E 498 -36.05 39.67 -38.10
CA ALA E 498 -35.48 39.63 -39.44
C ALA E 498 -35.98 40.77 -40.30
N VAL E 499 -36.86 41.61 -39.74
CA VAL E 499 -37.38 42.78 -40.44
C VAL E 499 -37.01 44.07 -39.74
N GLY E 500 -37.15 44.12 -38.41
CA GLY E 500 -36.76 45.33 -37.68
C GLY E 500 -35.27 45.58 -37.74
N ASN E 501 -34.48 44.55 -37.52
CA ASN E 501 -33.02 44.65 -37.46
C ASN E 501 -32.40 43.56 -38.32
N PRO E 502 -32.45 43.71 -39.65
CA PRO E 502 -31.98 42.63 -40.53
C PRO E 502 -30.52 42.29 -40.36
N ALA E 503 -29.72 43.18 -39.79
CA ALA E 503 -28.30 42.95 -39.58
C ALA E 503 -28.00 42.46 -38.17
N ASP E 504 -28.97 41.87 -37.49
CA ASP E 504 -28.74 41.33 -36.17
C ASP E 504 -27.87 40.08 -36.25
N LEU E 505 -27.20 39.76 -35.15
CA LEU E 505 -26.37 38.56 -35.13
C LEU E 505 -27.23 37.30 -35.19
N ALA E 506 -28.38 37.32 -34.54
CA ALA E 506 -29.30 36.18 -34.57
C ALA E 506 -29.83 35.95 -35.99
N VAL E 507 -30.09 37.03 -36.73
CA VAL E 507 -30.53 36.87 -38.11
C VAL E 507 -29.40 36.32 -38.97
N GLU E 508 -28.15 36.65 -38.66
CA GLU E 508 -27.03 36.03 -39.36
C GLU E 508 -26.97 34.54 -39.09
N ALA E 509 -27.15 34.13 -37.83
CA ALA E 509 -27.20 32.71 -37.52
C ALA E 509 -28.37 32.02 -38.22
N ILE E 510 -29.49 32.73 -38.36
CA ILE E 510 -30.63 32.16 -39.06
C ILE E 510 -30.36 32.02 -40.56
N ARG E 511 -29.61 32.95 -41.14
CA ARG E 511 -29.20 32.79 -42.53
C ARG E 511 -28.26 31.61 -42.71
N GLY E 512 -27.36 31.40 -41.74
CA GLY E 512 -26.58 30.19 -41.75
C GLY E 512 -27.43 28.94 -41.73
N LEU E 513 -28.47 28.94 -40.88
CA LEU E 513 -29.42 27.83 -40.86
C LEU E 513 -30.15 27.70 -42.19
N ARG E 514 -30.45 28.81 -42.85
CA ARG E 514 -31.13 28.77 -44.14
C ARG E 514 -30.29 28.07 -45.19
N THR E 515 -29.00 28.42 -45.26
CA THR E 515 -28.15 27.77 -46.26
C THR E 515 -27.85 26.33 -45.87
N SER E 516 -27.86 26.00 -44.58
CA SER E 516 -27.75 24.61 -44.19
C SER E 516 -28.98 23.80 -44.59
N LEU E 517 -30.17 24.39 -44.43
CA LEU E 517 -31.41 23.70 -44.79
C LEU E 517 -31.54 23.53 -46.30
N HIS E 518 -31.07 24.51 -47.07
CA HIS E 518 -31.17 24.38 -48.52
C HIS E 518 -30.46 23.14 -49.05
N PHE E 519 -29.52 22.60 -48.28
CA PHE E 519 -28.84 21.34 -48.61
C PHE E 519 -29.43 20.15 -47.87
N ALA E 520 -29.84 20.34 -46.61
CA ALA E 520 -30.48 19.25 -45.87
C ALA E 520 -31.82 18.88 -46.48
N MET E 521 -32.61 19.87 -46.91
CA MET E 521 -33.96 19.64 -47.40
C MET E 521 -34.01 19.14 -48.84
N MET E 522 -32.89 18.72 -49.42
CA MET E 522 -32.94 18.07 -50.72
C MET E 522 -33.23 16.58 -50.55
N GLU E 523 -33.85 16.01 -51.58
CA GLU E 523 -34.28 14.61 -51.57
C GLU E 523 -35.31 14.33 -50.46
N ALA E 524 -36.06 15.36 -50.09
CA ALA E 524 -37.18 15.20 -49.18
C ALA E 524 -38.46 14.95 -49.98
N LYS E 525 -39.41 14.26 -49.35
CA LYS E 525 -40.60 13.84 -50.08
C LYS E 525 -41.49 15.01 -50.48
N ASN E 526 -41.43 16.12 -49.77
CA ASN E 526 -42.13 17.33 -50.17
C ASN E 526 -41.43 18.54 -49.55
N ASN E 527 -41.99 19.72 -49.80
CA ASN E 527 -41.38 20.98 -49.38
C ASN E 527 -41.98 21.51 -48.09
N VAL E 528 -42.31 20.62 -47.16
CA VAL E 528 -42.92 21.00 -45.89
C VAL E 528 -41.88 20.79 -44.78
N LEU E 529 -41.66 21.83 -44.00
CA LEU E 529 -40.75 21.82 -42.87
C LEU E 529 -41.53 22.08 -41.61
N MET E 530 -41.27 21.29 -40.57
CA MET E 530 -42.01 21.36 -39.32
C MET E 530 -41.01 21.66 -38.21
N ILE E 531 -41.14 22.82 -37.60
CA ILE E 531 -40.32 23.20 -36.45
C ILE E 531 -41.10 22.84 -35.20
N SER E 532 -40.45 22.11 -34.29
CA SER E 532 -41.10 21.71 -33.04
C SER E 532 -40.08 21.84 -31.93
N GLY E 533 -40.40 21.29 -30.77
CA GLY E 533 -39.49 21.41 -29.64
C GLY E 533 -39.91 20.49 -28.52
N ALA E 534 -39.16 20.55 -27.43
CA ALA E 534 -39.44 19.71 -26.27
C ALA E 534 -40.33 20.42 -25.26
N SER E 535 -39.99 21.65 -24.90
CA SER E 535 -40.70 22.39 -23.88
C SER E 535 -41.15 23.73 -24.44
N PRO E 536 -42.21 24.30 -23.90
CA PRO E 536 -42.68 25.60 -24.39
C PRO E 536 -41.68 26.71 -24.08
N SER E 537 -41.81 27.80 -24.83
CA SER E 537 -40.88 28.93 -24.77
C SER E 537 -39.45 28.48 -25.00
N ALA E 538 -39.26 27.66 -26.03
CA ALA E 538 -37.94 27.27 -26.49
C ALA E 538 -37.46 28.09 -27.67
N GLY E 539 -38.38 28.59 -28.48
CA GLY E 539 -38.02 29.44 -29.60
C GLY E 539 -38.61 28.97 -30.92
N MET E 540 -39.63 28.11 -30.87
CA MET E 540 -40.16 27.55 -32.11
C MET E 540 -40.77 28.63 -33.00
N THR E 541 -41.56 29.54 -32.42
CA THR E 541 -42.18 30.58 -33.24
C THR E 541 -41.17 31.62 -33.68
N PHE E 542 -40.24 31.99 -32.79
CA PHE E 542 -39.14 32.87 -33.19
C PHE E 542 -38.39 32.28 -34.36
N ILE E 543 -37.92 31.04 -34.22
CA ILE E 543 -37.13 30.40 -35.27
C ILE E 543 -37.93 30.30 -36.56
N SER E 544 -39.17 29.83 -36.47
CA SER E 544 -39.95 29.57 -37.67
C SER E 544 -40.28 30.87 -38.41
N SER E 545 -40.73 31.89 -37.68
CA SER E 545 -41.11 33.13 -38.32
C SER E 545 -39.90 33.83 -38.94
N ASN E 546 -38.80 33.92 -38.20
CA ASN E 546 -37.62 34.57 -38.74
C ASN E 546 -37.04 33.78 -39.91
N LEU E 547 -37.05 32.45 -39.83
CA LEU E 547 -36.59 31.64 -40.95
C LEU E 547 -37.44 31.86 -42.18
N ALA E 548 -38.75 31.96 -42.01
CA ALA E 548 -39.63 32.24 -43.15
C ALA E 548 -39.31 33.60 -43.75
N ALA E 549 -39.03 34.60 -42.91
CA ALA E 549 -38.69 35.91 -43.43
C ALA E 549 -37.39 35.88 -44.22
N THR E 550 -36.36 35.24 -43.67
CA THR E 550 -35.07 35.18 -44.35
C THR E 550 -35.13 34.34 -45.62
N ILE E 551 -36.04 33.39 -45.69
CA ILE E 551 -36.15 32.62 -46.93
C ILE E 551 -37.02 33.35 -47.94
N ALA E 552 -37.93 34.21 -47.48
CA ALA E 552 -38.74 34.98 -48.42
C ALA E 552 -37.97 36.13 -49.02
N ILE E 553 -37.01 36.72 -48.30
CA ILE E 553 -36.24 37.81 -48.88
C ILE E 553 -35.37 37.38 -50.05
N THR E 554 -35.19 36.08 -50.27
CA THR E 554 -34.41 35.58 -51.40
C THR E 554 -35.26 35.30 -52.63
N GLY E 555 -36.54 35.64 -52.59
CA GLY E 555 -37.38 35.54 -53.77
C GLY E 555 -38.16 34.25 -53.93
N LYS E 556 -38.25 33.43 -52.91
CA LYS E 556 -39.04 32.20 -52.95
C LYS E 556 -40.34 32.40 -52.20
N LYS E 557 -41.42 31.89 -52.76
CA LYS E 557 -42.73 31.98 -52.10
C LYS E 557 -42.77 31.08 -50.89
N VAL E 558 -43.13 31.63 -49.74
CA VAL E 558 -43.11 30.93 -48.48
C VAL E 558 -44.48 31.01 -47.83
N LEU E 559 -44.98 29.88 -47.35
CA LEU E 559 -46.21 29.83 -46.56
C LEU E 559 -45.85 29.47 -45.13
N PHE E 560 -46.42 30.20 -44.19
CA PHE E 560 -46.22 29.97 -42.76
C PHE E 560 -47.56 29.55 -42.16
N ILE E 561 -47.57 28.44 -41.43
CA ILE E 561 -48.77 27.91 -40.81
C ILE E 561 -48.56 27.88 -39.30
N ASP E 562 -49.51 28.44 -38.56
CA ASP E 562 -49.48 28.42 -37.11
C ASP E 562 -50.41 27.28 -36.67
N ALA E 563 -49.83 26.09 -36.53
CA ALA E 563 -50.58 24.92 -36.09
C ALA E 563 -50.54 24.74 -34.59
N ASP E 564 -50.10 25.76 -33.85
CA ASP E 564 -50.27 25.80 -32.40
C ASP E 564 -51.69 26.34 -32.13
N LEU E 565 -52.66 25.44 -32.20
CA LEU E 565 -54.08 25.73 -31.99
C LEU E 565 -54.39 25.99 -30.54
N ARG E 566 -53.43 26.04 -29.66
CA ARG E 566 -53.67 26.22 -28.24
C ARG E 566 -53.19 27.56 -27.70
N LYS E 567 -51.97 27.99 -28.05
CA LYS E 567 -51.43 29.26 -27.58
C LYS E 567 -50.69 29.99 -28.70
N GLY E 568 -51.25 30.00 -29.90
CA GLY E 568 -50.58 30.60 -31.04
C GLY E 568 -50.81 32.09 -31.19
N TYR E 569 -49.72 32.88 -31.22
CA TYR E 569 -49.81 34.34 -31.27
C TYR E 569 -49.20 34.90 -32.55
N ALA E 570 -49.06 34.09 -33.61
CA ALA E 570 -48.42 34.56 -34.82
C ALA E 570 -49.20 35.70 -35.47
N HIS E 571 -50.53 35.61 -35.45
CA HIS E 571 -51.33 36.67 -36.05
C HIS E 571 -51.11 38.01 -35.37
N LYS E 572 -50.81 38.00 -34.06
CA LYS E 572 -50.49 39.23 -33.37
C LYS E 572 -49.17 39.81 -33.88
N MET E 573 -48.20 38.95 -34.16
CA MET E 573 -46.89 39.38 -34.62
C MET E 573 -46.87 39.77 -36.08
N PHE E 574 -47.87 39.35 -36.86
CA PHE E 574 -47.87 39.64 -38.29
C PHE E 574 -48.84 40.75 -38.69
N GLY E 575 -49.76 41.14 -37.83
CA GLY E 575 -50.83 42.05 -38.22
C GLY E 575 -51.96 41.21 -38.78
N HIS E 576 -53.14 41.26 -38.19
CA HIS E 576 -54.08 40.18 -38.37
C HIS E 576 -55.50 40.67 -38.60
N LYS E 577 -56.27 39.80 -39.24
CA LYS E 577 -57.72 39.73 -39.13
C LYS E 577 -58.00 38.35 -38.54
N ASN E 578 -58.29 38.31 -37.24
CA ASN E 578 -58.26 37.05 -36.49
C ASN E 578 -59.31 36.05 -36.94
N ASP E 579 -60.28 36.46 -37.74
CA ASP E 579 -61.27 35.54 -38.27
C ASP E 579 -60.63 34.57 -39.26
N LYS E 580 -61.24 33.39 -39.37
CA LYS E 580 -60.92 32.41 -40.41
C LYS E 580 -59.45 31.97 -40.33
N GLY E 581 -59.11 31.34 -39.21
CA GLY E 581 -57.80 30.74 -39.04
C GLY E 581 -57.77 29.29 -39.47
N LEU E 582 -56.80 28.56 -38.91
CA LEU E 582 -56.69 27.15 -39.21
C LEU E 582 -57.85 26.36 -38.61
N SER E 583 -58.28 26.74 -37.40
CA SER E 583 -59.40 26.06 -36.74
C SER E 583 -60.64 26.10 -37.61
N GLU E 584 -61.03 27.29 -38.06
CA GLU E 584 -62.26 27.43 -38.84
C GLU E 584 -62.20 26.59 -40.11
N PHE E 585 -61.03 26.50 -40.73
CA PHE E 585 -60.90 25.65 -41.92
C PHE E 585 -61.05 24.18 -41.56
N LEU E 586 -60.37 23.74 -40.50
CA LEU E 586 -60.40 22.33 -40.13
C LEU E 586 -61.79 21.88 -39.73
N SER E 587 -62.49 22.70 -38.95
CA SER E 587 -63.86 22.37 -38.55
C SER E 587 -64.84 22.45 -39.70
N GLY E 588 -64.45 23.01 -40.84
CA GLY E 588 -65.26 22.99 -42.04
C GLY E 588 -66.01 24.26 -42.34
N GLN E 589 -65.88 25.29 -41.52
CA GLN E 589 -66.62 26.54 -41.69
C GLN E 589 -65.80 27.61 -42.39
N ALA E 590 -64.88 27.22 -43.26
CA ALA E 590 -64.05 28.17 -44.00
C ALA E 590 -63.49 27.48 -45.23
N ALA E 591 -63.03 28.29 -46.18
CA ALA E 591 -62.43 27.79 -47.41
C ALA E 591 -60.90 27.86 -47.33
N ALA E 592 -60.26 27.25 -48.32
CA ALA E 592 -58.80 27.23 -48.36
C ALA E 592 -58.18 28.56 -48.77
N GLU E 593 -58.98 29.51 -49.25
CA GLU E 593 -58.46 30.80 -49.72
C GLU E 593 -58.80 31.96 -48.81
N MET E 594 -59.73 31.80 -47.88
CA MET E 594 -60.09 32.87 -46.96
C MET E 594 -59.26 32.86 -45.68
N ILE E 595 -58.34 31.91 -45.55
CA ILE E 595 -57.52 31.80 -44.34
C ILE E 595 -56.11 32.32 -44.55
N ILE E 596 -55.68 32.53 -45.79
CA ILE E 596 -54.32 32.95 -46.11
C ILE E 596 -54.26 34.47 -46.11
N ASP E 597 -53.32 35.03 -45.33
CA ASP E 597 -53.11 36.46 -45.27
C ASP E 597 -51.64 36.75 -45.59
N LYS E 598 -51.29 38.03 -45.68
CA LYS E 598 -49.95 38.45 -46.08
C LYS E 598 -49.30 39.25 -44.97
N VAL E 599 -48.06 38.92 -44.64
CA VAL E 599 -47.29 39.70 -43.68
C VAL E 599 -46.86 41.01 -44.33
N GLU E 600 -47.01 42.11 -43.59
CA GLU E 600 -46.75 43.43 -44.16
C GLU E 600 -45.26 43.63 -44.43
N GLY E 601 -44.45 43.60 -43.38
CA GLY E 601 -43.02 43.83 -43.53
C GLY E 601 -42.24 42.57 -43.80
N GLY E 602 -42.94 41.51 -44.20
CA GLY E 602 -42.38 40.20 -44.38
C GLY E 602 -42.13 39.94 -45.86
N GLY E 603 -43.06 39.26 -46.53
CA GLY E 603 -42.88 38.92 -47.92
C GLY E 603 -43.40 37.52 -48.17
N PHE E 604 -44.02 36.96 -47.13
CA PHE E 604 -44.56 35.61 -47.17
C PHE E 604 -45.98 35.63 -46.65
N ASP E 605 -46.78 34.65 -47.09
CA ASP E 605 -48.13 34.49 -46.60
C ASP E 605 -48.11 33.71 -45.28
N TYR E 606 -49.25 33.76 -44.58
CA TYR E 606 -49.37 33.01 -43.35
C TYR E 606 -50.82 32.60 -43.12
N ILE E 607 -50.98 31.58 -42.29
CA ILE E 607 -52.27 31.09 -41.82
C ILE E 607 -52.25 31.12 -40.30
N GLY E 608 -53.18 31.86 -39.71
CA GLY E 608 -53.28 31.92 -38.27
C GLY E 608 -54.01 30.72 -37.70
N ARG E 609 -53.92 30.58 -36.37
CA ARG E 609 -54.61 29.46 -35.73
C ARG E 609 -56.12 29.63 -35.79
N GLY E 610 -56.59 30.85 -35.63
CA GLY E 610 -58.02 31.10 -35.54
C GLY E 610 -58.49 31.09 -34.10
N GLN E 611 -59.77 30.78 -33.89
CA GLN E 611 -60.28 30.64 -32.54
C GLN E 611 -59.75 29.36 -31.91
N ILE E 612 -59.50 29.42 -30.61
CA ILE E 612 -59.03 28.25 -29.88
C ILE E 612 -60.16 27.21 -29.84
N PRO E 613 -59.94 26.00 -30.36
CA PRO E 613 -60.99 25.01 -30.38
C PRO E 613 -60.99 24.20 -29.10
N PRO E 614 -62.06 23.44 -28.84
CA PRO E 614 -62.05 22.53 -27.68
C PRO E 614 -61.33 21.22 -27.94
N ASN E 615 -61.16 20.82 -29.20
CA ASN E 615 -60.53 19.55 -29.57
C ASN E 615 -59.45 19.78 -30.61
N PRO E 616 -58.33 20.41 -30.23
CA PRO E 616 -57.28 20.67 -31.23
C PRO E 616 -56.67 19.42 -31.82
N ALA E 617 -56.33 18.45 -30.97
CA ALA E 617 -55.66 17.23 -31.45
C ALA E 617 -56.57 16.41 -32.33
N GLU E 618 -57.89 16.50 -32.15
CA GLU E 618 -58.82 15.78 -32.99
C GLU E 618 -59.20 16.55 -34.24
N LEU E 619 -59.07 17.88 -34.23
CA LEU E 619 -59.18 18.65 -35.46
C LEU E 619 -58.00 18.37 -36.37
N LEU E 620 -56.79 18.32 -35.82
CA LEU E 620 -55.60 18.11 -36.63
C LEU E 620 -55.56 16.75 -37.31
N MET E 621 -56.42 15.81 -36.90
CA MET E 621 -56.45 14.49 -37.52
C MET E 621 -57.40 14.41 -38.71
N HIS E 622 -58.17 15.47 -38.96
CA HIS E 622 -59.09 15.46 -40.08
C HIS E 622 -58.31 15.44 -41.39
N PRO E 623 -58.80 14.72 -42.42
CA PRO E 623 -58.09 14.70 -43.70
C PRO E 623 -58.04 16.04 -44.42
N ARG E 624 -58.85 17.02 -44.00
CA ARG E 624 -58.78 18.33 -44.62
C ARG E 624 -57.44 19.01 -44.37
N PHE E 625 -56.76 18.66 -43.29
CA PHE E 625 -55.41 19.19 -43.06
C PHE E 625 -54.44 18.70 -44.14
N GLU E 626 -54.50 17.40 -44.44
CA GLU E 626 -53.66 16.87 -45.51
C GLU E 626 -54.06 17.46 -46.87
N GLN E 627 -55.36 17.68 -47.08
CA GLN E 627 -55.78 18.34 -48.31
C GLN E 627 -55.19 19.74 -48.42
N LEU E 628 -55.21 20.48 -47.32
CA LEU E 628 -54.63 21.82 -47.31
C LEU E 628 -53.14 21.78 -47.64
N LEU E 629 -52.41 20.86 -47.01
CA LEU E 629 -50.98 20.79 -47.27
C LEU E 629 -50.68 20.38 -48.70
N ASN E 630 -51.45 19.42 -49.24
CA ASN E 630 -51.23 19.01 -50.64
C ASN E 630 -51.55 20.15 -51.60
N TRP E 631 -52.59 20.92 -51.32
CA TRP E 631 -52.91 22.06 -52.17
C TRP E 631 -51.83 23.13 -52.08
N ALA E 632 -51.32 23.39 -50.88
CA ALA E 632 -50.31 24.43 -50.71
C ALA E 632 -48.97 24.02 -51.29
N SER E 633 -48.66 22.73 -51.30
CA SER E 633 -47.39 22.25 -51.82
C SER E 633 -47.26 22.43 -53.33
N GLN E 634 -48.24 23.02 -54.00
CA GLN E 634 -48.17 23.28 -55.42
C GLN E 634 -48.16 24.76 -55.76
N ASN E 635 -48.51 25.63 -54.83
CA ASN E 635 -48.53 27.07 -55.06
C ASN E 635 -47.42 27.80 -54.33
N TYR E 636 -46.63 27.12 -53.52
CA TYR E 636 -45.57 27.74 -52.75
C TYR E 636 -44.29 26.92 -52.88
N ASP E 637 -43.16 27.58 -52.62
CA ASP E 637 -41.86 26.94 -52.68
C ASP E 637 -41.46 26.30 -51.38
N LEU E 638 -41.93 26.83 -50.25
CA LEU E 638 -41.63 26.28 -48.94
C LEU E 638 -42.85 26.47 -48.05
N ILE E 639 -43.10 25.50 -47.19
CA ILE E 639 -44.15 25.59 -46.17
C ILE E 639 -43.51 25.29 -44.83
N ILE E 640 -43.62 26.23 -43.90
CA ILE E 640 -43.12 26.08 -42.55
C ILE E 640 -44.32 25.98 -41.62
N ILE E 641 -44.30 25.00 -40.72
CA ILE E 641 -45.38 24.76 -39.78
C ILE E 641 -44.84 24.90 -38.37
N ASP E 642 -45.46 25.75 -37.57
CA ASP E 642 -45.12 25.89 -36.17
C ASP E 642 -46.10 25.06 -35.34
N THR E 643 -45.57 24.40 -34.32
CA THR E 643 -46.29 23.38 -33.56
C THR E 643 -46.09 23.61 -32.08
N PRO E 644 -46.96 23.05 -31.24
CA PRO E 644 -46.71 23.04 -29.80
C PRO E 644 -45.58 22.10 -29.47
N PRO E 645 -45.12 22.07 -28.22
CA PRO E 645 -44.11 21.08 -27.84
C PRO E 645 -44.66 19.66 -27.96
N ILE E 646 -43.75 18.69 -27.89
CA ILE E 646 -44.14 17.29 -28.02
C ILE E 646 -44.19 16.64 -26.65
N LEU E 647 -43.38 17.12 -25.72
CA LEU E 647 -43.45 16.58 -24.37
C LEU E 647 -44.68 17.03 -23.62
N ALA E 648 -45.44 17.98 -24.16
CA ALA E 648 -46.66 18.46 -23.55
C ALA E 648 -47.90 17.83 -24.18
N VAL E 649 -48.05 17.96 -25.50
CA VAL E 649 -49.19 17.44 -26.22
C VAL E 649 -48.67 16.62 -27.39
N THR E 650 -49.59 16.13 -28.22
CA THR E 650 -49.25 15.21 -29.30
C THR E 650 -49.54 15.80 -30.68
N ASP E 651 -49.84 17.09 -30.77
CA ASP E 651 -50.19 17.69 -32.06
C ASP E 651 -49.02 17.61 -33.03
N ALA E 652 -47.81 17.87 -32.56
CA ALA E 652 -46.64 17.86 -33.44
C ALA E 652 -46.47 16.49 -34.09
N ALA E 653 -46.80 15.41 -33.38
CA ALA E 653 -46.64 14.07 -33.94
C ALA E 653 -47.72 13.74 -34.95
N ILE E 654 -48.91 14.35 -34.83
CA ILE E 654 -49.92 14.20 -35.86
C ILE E 654 -49.50 14.97 -37.11
N ILE E 655 -48.98 16.18 -36.94
CA ILE E 655 -48.61 17.01 -38.08
C ILE E 655 -47.39 16.43 -38.80
N GLY E 656 -46.44 15.87 -38.05
CA GLY E 656 -45.21 15.38 -38.61
C GLY E 656 -45.35 14.24 -39.59
N ARG E 657 -46.53 13.63 -39.67
CA ARG E 657 -46.75 12.59 -40.67
C ARG E 657 -46.66 13.16 -42.08
N TYR E 658 -47.16 14.38 -42.27
CA TYR E 658 -47.21 15.01 -43.59
C TYR E 658 -46.09 15.99 -43.82
N ALA E 659 -45.11 16.05 -42.92
CA ALA E 659 -43.98 16.95 -43.05
C ALA E 659 -42.79 16.21 -43.66
N GLY E 660 -42.21 16.78 -44.72
CA GLY E 660 -41.03 16.18 -45.30
C GLY E 660 -39.82 16.27 -44.39
N THR E 661 -39.64 17.41 -43.72
CA THR E 661 -38.52 17.61 -42.82
C THR E 661 -39.04 18.08 -41.47
N CYS E 662 -38.44 17.58 -40.39
CA CYS E 662 -38.81 17.98 -39.05
C CYS E 662 -37.56 18.32 -38.27
N LEU E 663 -37.57 19.45 -37.58
CA LEU E 663 -36.44 19.89 -36.79
C LEU E 663 -36.91 20.27 -35.39
N LEU E 664 -36.14 19.88 -34.39
CA LEU E 664 -36.43 20.26 -33.02
C LEU E 664 -35.65 21.51 -32.65
N VAL E 665 -36.17 22.28 -31.70
CA VAL E 665 -35.50 23.45 -31.16
C VAL E 665 -35.23 23.19 -29.70
N ALA E 666 -33.97 23.29 -29.30
CA ALA E 666 -33.57 23.13 -27.92
C ALA E 666 -33.09 24.47 -27.39
N ARG E 667 -33.68 24.91 -26.28
CA ARG E 667 -33.20 26.12 -25.64
C ARG E 667 -31.86 25.85 -24.96
N PHE E 668 -31.02 26.87 -24.92
CA PHE E 668 -29.62 26.71 -24.54
C PHE E 668 -29.46 26.17 -23.13
N GLU E 669 -29.87 26.94 -22.12
CA GLU E 669 -29.69 26.50 -20.74
C GLU E 669 -30.87 25.73 -20.19
N LYS E 670 -32.08 25.95 -20.72
CA LYS E 670 -33.27 25.38 -20.11
C LYS E 670 -33.36 23.88 -20.33
N ASN E 671 -33.46 23.46 -21.59
CA ASN E 671 -33.63 22.04 -21.88
C ASN E 671 -32.37 21.27 -21.53
N THR E 672 -32.52 19.96 -21.41
CA THR E 672 -31.42 19.06 -21.13
C THR E 672 -31.29 18.06 -22.27
N VAL E 673 -30.18 17.31 -22.27
CA VAL E 673 -29.99 16.29 -23.29
C VAL E 673 -31.03 15.19 -23.14
N LYS E 674 -31.42 14.90 -21.90
CA LYS E 674 -32.43 13.88 -21.67
C LYS E 674 -33.77 14.27 -22.29
N GLU E 675 -34.17 15.53 -22.14
CA GLU E 675 -35.42 15.98 -22.73
C GLU E 675 -35.40 15.85 -24.25
N ILE E 676 -34.28 16.25 -24.87
CA ILE E 676 -34.20 16.21 -26.33
C ILE E 676 -34.18 14.77 -26.83
N ASP E 677 -33.49 13.88 -26.13
CA ASP E 677 -33.50 12.47 -26.50
C ASP E 677 -34.90 11.88 -26.36
N VAL E 678 -35.60 12.20 -25.26
CA VAL E 678 -36.96 11.72 -25.07
C VAL E 678 -37.86 12.23 -26.19
N SER E 679 -37.68 13.49 -26.60
CA SER E 679 -38.51 14.03 -27.68
C SER E 679 -38.23 13.35 -29.00
N MET E 680 -36.95 13.12 -29.33
CA MET E 680 -36.63 12.44 -30.57
C MET E 680 -37.20 11.03 -30.58
N LYS E 681 -37.09 10.33 -29.45
CA LYS E 681 -37.61 8.97 -29.38
C LYS E 681 -39.13 8.95 -29.46
N ARG E 682 -39.81 9.92 -28.84
CA ARG E 682 -41.27 9.96 -28.92
C ARG E 682 -41.73 10.31 -30.33
N PHE E 683 -40.94 11.10 -31.06
CA PHE E 683 -41.28 11.35 -32.46
C PHE E 683 -41.07 10.11 -33.31
N GLU E 684 -39.98 9.38 -33.08
CA GLU E 684 -39.72 8.18 -33.87
C GLU E 684 -40.72 7.07 -33.55
N GLN E 685 -41.21 7.02 -32.32
CA GLN E 685 -42.21 6.02 -31.95
C GLN E 685 -43.51 6.20 -32.72
N SER E 686 -43.81 7.43 -33.14
CA SER E 686 -45.02 7.74 -33.87
C SER E 686 -44.81 7.80 -35.37
N GLY E 687 -43.64 7.40 -35.85
CA GLY E 687 -43.39 7.35 -37.27
C GLY E 687 -42.93 8.64 -37.90
N VAL E 688 -42.28 9.51 -37.15
CA VAL E 688 -41.80 10.80 -37.64
C VAL E 688 -40.29 10.82 -37.47
N VAL E 689 -39.58 11.05 -38.57
CA VAL E 689 -38.12 11.07 -38.55
C VAL E 689 -37.66 12.51 -38.35
N VAL E 690 -36.96 12.76 -37.26
CA VAL E 690 -36.46 14.10 -36.96
C VAL E 690 -35.09 14.26 -37.61
N LYS E 691 -34.96 15.26 -38.47
CA LYS E 691 -33.71 15.49 -39.18
C LYS E 691 -32.62 15.93 -38.22
N GLY E 692 -32.93 16.81 -37.28
CA GLY E 692 -31.91 17.27 -36.35
C GLY E 692 -32.45 18.32 -35.41
N CYS E 693 -31.52 19.01 -34.75
CA CYS E 693 -31.82 19.95 -33.69
C CYS E 693 -31.31 21.34 -34.04
N ILE E 694 -31.81 22.33 -33.31
CA ILE E 694 -31.42 23.73 -33.45
C ILE E 694 -31.25 24.28 -32.04
N LEU E 695 -30.02 24.57 -31.66
CA LEU E 695 -29.77 25.17 -30.36
C LEU E 695 -30.09 26.66 -30.43
N ASN E 696 -30.81 27.16 -29.43
CA ASN E 696 -31.31 28.53 -29.46
C ASN E 696 -30.97 29.24 -28.15
N GLY E 697 -30.92 30.57 -28.21
CA GLY E 697 -30.63 31.37 -27.05
C GLY E 697 -29.24 31.16 -26.47
N VAL E 698 -28.25 31.02 -27.34
CA VAL E 698 -26.88 30.76 -26.89
C VAL E 698 -26.25 32.07 -26.43
N VAL E 699 -25.43 31.98 -25.39
CA VAL E 699 -24.67 33.12 -24.87
C VAL E 699 -23.21 32.70 -24.70
N LYS E 700 -22.36 33.69 -24.54
CA LYS E 700 -20.91 33.48 -24.52
C LYS E 700 -20.46 33.21 -23.08
N LYS E 701 -19.83 32.07 -22.86
CA LYS E 701 -19.37 31.64 -21.56
C LYS E 701 -17.88 31.35 -21.61
N ALA E 702 -17.13 31.91 -20.67
CA ALA E 702 -15.68 31.74 -20.64
C ALA E 702 -15.27 30.32 -20.26
N SER E 703 -16.18 29.52 -19.72
CA SER E 703 -15.85 28.14 -19.37
C SER E 703 -15.88 27.20 -20.56
N SER E 704 -16.31 27.68 -21.72
CA SER E 704 -16.35 26.85 -22.93
C SER E 704 -15.15 27.16 -23.83
N ILE F 17 4.06 15.11 -18.84
CA ILE F 17 4.99 16.17 -19.18
C ILE F 17 6.42 15.64 -19.21
N ASP F 18 7.33 16.40 -19.80
CA ASP F 18 8.73 15.99 -19.90
C ASP F 18 9.63 17.20 -19.72
N LEU F 19 10.89 16.93 -19.37
CA LEU F 19 11.83 17.99 -19.03
C LEU F 19 12.08 18.92 -20.21
N GLY F 20 12.12 18.37 -21.43
CA GLY F 20 12.41 19.17 -22.60
C GLY F 20 11.39 20.27 -22.81
N ARG F 21 10.12 19.96 -22.59
CA ARG F 21 9.06 20.96 -22.75
C ARG F 21 9.25 22.11 -21.78
N VAL F 22 9.53 21.81 -20.50
CA VAL F 22 9.64 22.87 -19.50
C VAL F 22 10.88 23.71 -19.77
N ILE F 23 11.98 23.07 -20.19
CA ILE F 23 13.19 23.82 -20.51
C ILE F 23 12.95 24.73 -21.71
N GLY F 24 12.22 24.23 -22.71
CA GLY F 24 11.89 25.06 -23.85
C GLY F 24 11.01 26.25 -23.48
N GLU F 25 10.02 26.02 -22.62
CA GLU F 25 9.17 27.12 -22.17
C GLU F 25 9.99 28.17 -21.43
N LEU F 26 10.91 27.73 -20.58
CA LEU F 26 11.77 28.67 -19.87
C LEU F 26 12.64 29.46 -20.84
N ILE F 27 13.14 28.81 -21.89
CA ILE F 27 13.97 29.53 -22.87
C ILE F 27 13.13 30.53 -23.66
N ASP F 28 11.89 30.17 -24.00
CA ASP F 28 11.05 31.07 -24.77
C ASP F 28 10.69 32.33 -23.99
N HIS F 29 10.37 32.18 -22.70
CA HIS F 29 9.99 33.31 -21.86
C HIS F 29 11.16 33.91 -21.11
N ARG F 30 12.37 33.83 -21.66
CA ARG F 30 13.55 34.30 -20.94
C ARG F 30 13.49 35.79 -20.66
N LYS F 31 12.98 36.57 -21.61
CA LYS F 31 12.94 38.02 -21.41
C LYS F 31 12.05 38.40 -20.24
N LEU F 32 10.86 37.79 -20.14
CA LEU F 32 9.97 38.09 -19.03
C LEU F 32 10.59 37.71 -17.69
N ILE F 33 11.19 36.52 -17.63
CA ILE F 33 11.80 36.06 -16.38
C ILE F 33 12.93 37.00 -15.97
N ILE F 34 13.78 37.37 -16.92
CA ILE F 34 14.91 38.25 -16.62
C ILE F 34 14.41 39.61 -16.16
N SER F 35 13.39 40.15 -16.83
CA SER F 35 12.88 41.47 -16.45
C SER F 35 12.30 41.45 -15.04
N ILE F 36 11.48 40.43 -14.73
CA ILE F 36 10.86 40.37 -13.42
C ILE F 36 11.91 40.19 -12.32
N THR F 37 12.86 39.27 -12.54
CA THR F 37 13.89 39.04 -11.54
C THR F 37 14.76 40.28 -11.34
N SER F 38 15.09 40.97 -12.44
CA SER F 38 15.89 42.19 -12.31
C SER F 38 15.13 43.28 -11.55
N VAL F 39 13.83 43.41 -11.79
CA VAL F 39 13.04 44.41 -11.06
C VAL F 39 13.03 44.08 -9.58
N PHE F 40 12.78 42.82 -9.23
CA PHE F 40 12.75 42.44 -7.82
C PHE F 40 14.11 42.64 -7.16
N THR F 41 15.19 42.28 -7.86
CA THR F 41 16.52 42.46 -7.29
C THR F 41 16.86 43.94 -7.12
N LEU F 42 16.43 44.78 -8.07
CA LEU F 42 16.66 46.21 -7.92
C LEU F 42 15.91 46.77 -6.72
N PHE F 43 14.66 46.34 -6.53
CA PHE F 43 13.92 46.79 -5.34
C PHE F 43 14.58 46.33 -4.06
N ALA F 44 15.06 45.08 -4.04
CA ALA F 44 15.74 44.57 -2.85
C ALA F 44 17.02 45.34 -2.57
N ILE F 45 17.79 45.66 -3.61
CA ILE F 45 19.02 46.42 -3.43
C ILE F 45 18.71 47.83 -2.93
N LEU F 46 17.68 48.46 -3.48
CA LEU F 46 17.30 49.79 -3.01
C LEU F 46 16.91 49.76 -1.54
N TYR F 47 16.12 48.77 -1.13
CA TYR F 47 15.74 48.67 0.27
C TYR F 47 16.95 48.41 1.16
N ALA F 48 17.84 47.52 0.75
CA ALA F 48 18.98 47.16 1.58
C ALA F 48 20.03 48.26 1.63
N LEU F 49 20.01 49.20 0.68
CA LEU F 49 20.94 50.32 0.72
C LEU F 49 20.32 51.60 1.23
N LEU F 50 18.99 51.66 1.38
CA LEU F 50 18.34 52.86 1.88
C LEU F 50 17.72 52.69 3.26
N ALA F 51 17.51 51.46 3.71
CA ALA F 51 16.98 51.25 5.06
C ALA F 51 17.96 51.75 6.09
N THR F 52 17.44 52.39 7.13
CA THR F 52 18.29 52.98 8.16
C THR F 52 19.01 51.89 8.93
N PRO F 53 20.33 52.04 9.17
CA PRO F 53 21.04 51.02 9.94
C PRO F 53 20.66 51.07 11.41
N ILE F 54 20.64 49.89 12.03
CA ILE F 54 20.28 49.73 13.43
C ILE F 54 21.44 49.08 14.16
N TYR F 55 22.03 49.81 15.08
CA TYR F 55 23.15 49.32 15.88
C TYR F 55 22.66 48.68 17.16
N GLU F 56 23.52 47.86 17.76
CA GLU F 56 23.21 47.12 18.97
C GLU F 56 24.32 47.32 19.98
N THR F 57 23.95 47.69 21.21
CA THR F 57 24.89 47.85 22.30
C THR F 57 24.59 46.81 23.37
N ASP F 58 25.64 46.37 24.05
CA ASP F 58 25.55 45.30 25.02
C ASP F 58 26.25 45.69 26.31
N ALA F 59 25.75 45.10 27.42
CA ALA F 59 26.38 45.20 28.72
C ALA F 59 26.22 43.87 29.43
N LEU F 60 27.08 43.64 30.41
CA LEU F 60 27.08 42.39 31.18
C LEU F 60 27.17 42.72 32.65
N ILE F 61 26.17 42.28 33.43
CA ILE F 61 26.16 42.51 34.86
C ILE F 61 26.14 41.16 35.58
N GLN F 62 26.54 41.18 36.84
CA GLN F 62 26.64 39.97 37.65
C GLN F 62 25.65 40.02 38.81
N ILE F 63 24.84 38.98 38.92
CA ILE F 63 23.89 38.86 40.03
C ILE F 63 24.57 38.07 41.15
N GLU F 64 24.69 38.69 42.32
CA GLU F 64 25.31 38.06 43.47
C GLU F 64 24.48 36.86 43.96
N GLN F 85 18.68 33.01 41.53
CA GLN F 85 18.00 34.26 41.27
C GLN F 85 17.91 34.52 39.77
N SER F 86 17.97 35.80 39.39
CA SER F 86 17.98 36.33 38.03
C SER F 86 16.67 36.07 37.29
N ALA F 87 15.72 35.36 37.88
CA ALA F 87 14.40 35.21 37.30
C ALA F 87 13.53 36.44 37.58
N PRO F 88 13.51 36.98 38.80
CA PRO F 88 12.77 38.22 39.02
C PRO F 88 13.51 39.48 38.58
N GLU F 89 14.84 39.41 38.43
CA GLU F 89 15.61 40.57 38.03
C GLU F 89 15.33 40.97 36.59
N THR F 90 14.99 40.00 35.73
CA THR F 90 14.58 40.32 34.37
C THR F 90 13.32 41.17 34.37
N ALA F 91 12.37 40.87 35.26
CA ALA F 91 11.16 41.68 35.37
C ALA F 91 11.41 43.00 36.09
N LEU F 92 12.36 43.03 37.02
CA LEU F 92 12.68 44.29 37.69
C LEU F 92 13.38 45.27 36.76
N LEU F 93 14.21 44.76 35.85
CA LEU F 93 14.90 45.65 34.91
C LEU F 93 13.93 46.26 33.91
N GLN F 94 12.94 45.49 33.48
CA GLN F 94 11.97 45.95 32.49
C GLN F 94 10.75 46.60 33.14
N SER F 95 10.76 46.78 34.45
CA SER F 95 9.66 47.47 35.11
C SER F 95 9.68 48.95 34.76
N ARG F 96 8.51 49.59 34.88
CA ARG F 96 8.40 50.99 34.49
C ARG F 96 9.16 51.92 35.42
N MET F 97 9.53 51.48 36.63
CA MET F 97 10.25 52.37 37.53
C MET F 97 11.67 52.63 37.05
N ILE F 98 12.40 51.56 36.68
CA ILE F 98 13.77 51.71 36.21
C ILE F 98 13.80 52.49 34.90
N LEU F 99 12.97 52.08 33.94
CA LEU F 99 12.96 52.74 32.64
C LEU F 99 12.49 54.19 32.78
N GLY F 100 11.51 54.43 33.65
CA GLY F 100 11.06 55.79 33.86
C GLY F 100 12.12 56.67 34.46
N LYS F 101 12.88 56.15 35.43
CA LYS F 101 13.97 56.92 36.00
C LYS F 101 15.02 57.24 34.93
N THR F 102 15.32 56.26 34.08
CA THR F 102 16.27 56.51 33.00
C THR F 102 15.77 57.60 32.05
N ILE F 103 14.49 57.54 31.69
CA ILE F 103 13.93 58.50 30.73
C ILE F 103 13.88 59.89 31.34
N ASP F 104 13.56 60.00 32.63
CA ASP F 104 13.62 61.29 33.29
C ASP F 104 15.04 61.83 33.34
N ASP F 105 16.02 60.94 33.56
CA ASP F 105 17.41 61.37 33.63
C ASP F 105 17.91 61.89 32.28
N LEU F 106 17.64 61.15 31.21
CA LEU F 106 18.21 61.46 29.91
C LEU F 106 17.28 62.27 29.01
N ASN F 107 16.11 62.66 29.50
CA ASN F 107 15.14 63.45 28.74
C ASN F 107 14.80 62.77 27.42
N LEU F 108 14.51 61.48 27.49
CA LEU F 108 14.14 60.73 26.29
C LEU F 108 12.74 61.03 25.81
N GLN F 109 12.02 61.92 26.49
CA GLN F 109 10.68 62.33 26.11
C GLN F 109 10.67 63.46 25.10
N ILE F 110 11.83 63.96 24.70
CA ILE F 110 11.95 64.99 23.68
C ILE F 110 12.49 64.30 22.43
N GLN F 111 11.62 64.03 21.46
CA GLN F 111 12.00 63.33 20.25
C GLN F 111 12.41 64.34 19.18
N ILE F 112 13.67 64.30 18.77
CA ILE F 112 14.20 65.18 17.74
C ILE F 112 14.49 64.34 16.51
N GLU F 113 13.91 64.73 15.38
CA GLU F 113 14.05 63.96 14.15
C GLU F 113 14.48 64.88 13.02
N GLN F 114 15.54 64.48 12.30
CA GLN F 114 15.96 65.22 11.13
C GLN F 114 14.88 65.16 10.06
N LYS F 115 14.66 66.28 9.37
CA LYS F 115 13.54 66.43 8.45
C LYS F 115 14.00 66.17 7.03
N TYR F 116 13.48 65.10 6.42
CA TYR F 116 13.61 64.84 5.00
C TYR F 116 12.22 64.59 4.45
N PHE F 117 11.84 65.35 3.41
CA PHE F 117 10.49 65.21 2.87
C PHE F 117 10.18 63.81 2.32
N PRO F 118 11.07 63.12 1.58
CA PRO F 118 10.65 61.84 0.99
C PRO F 118 10.90 60.67 1.91
N VAL F 119 10.50 59.47 1.49
CA VAL F 119 10.75 58.26 2.28
C VAL F 119 12.14 57.70 2.04
N ILE F 120 12.94 58.33 1.18
CA ILE F 120 14.28 57.84 0.88
C ILE F 120 15.29 58.97 1.07
N GLY F 121 14.82 60.11 1.57
CA GLY F 121 15.72 61.24 1.75
C GLY F 121 16.85 60.96 2.72
N ARG F 122 16.53 60.31 3.85
CA ARG F 122 17.55 59.99 4.84
C ARG F 122 18.59 59.02 4.29
N GLY F 123 18.13 58.00 3.57
CA GLY F 123 19.07 57.05 2.99
C GLY F 123 19.98 57.69 1.96
N LEU F 124 19.42 58.55 1.11
CA LEU F 124 20.24 59.27 0.13
C LEU F 124 21.24 60.18 0.83
N ALA F 125 20.80 60.88 1.87
CA ALA F 125 21.73 61.76 2.60
C ALA F 125 22.86 60.97 3.23
N ARG F 126 22.56 59.80 3.79
CA ARG F 126 23.62 58.97 4.34
C ARG F 126 24.56 58.46 3.25
N LEU F 127 24.02 58.04 2.12
CA LEU F 127 24.87 57.51 1.05
C LEU F 127 25.78 58.58 0.47
N MET F 128 25.28 59.80 0.31
CA MET F 128 26.11 60.88 -0.21
C MET F 128 27.17 61.36 0.78
N GLY F 129 27.28 60.73 1.95
CA GLY F 129 28.27 61.13 2.92
C GLY F 129 27.92 62.31 3.77
N GLU F 130 26.68 62.82 3.67
CA GLU F 130 26.28 63.96 4.48
C GLU F 130 26.25 63.58 5.95
N LYS F 131 26.78 64.47 6.78
CA LYS F 131 26.83 64.24 8.22
C LYS F 131 25.54 64.72 8.87
N PRO F 132 24.78 63.85 9.53
CA PRO F 132 23.56 64.30 10.21
C PRO F 132 23.89 65.26 11.34
N GLY F 133 23.02 66.27 11.51
CA GLY F 133 23.17 67.21 12.61
C GLY F 133 22.37 66.80 13.83
N ASN F 134 22.57 67.55 14.91
CA ASN F 134 21.88 67.25 16.16
C ASN F 134 21.77 68.50 17.00
N ILE F 135 20.78 68.50 17.90
CA ILE F 135 20.52 69.60 18.82
C ILE F 135 20.35 69.02 20.21
N ASP F 136 20.98 69.66 21.19
CA ASP F 136 20.85 69.28 22.60
C ASP F 136 19.78 70.16 23.23
N ILE F 137 18.62 69.58 23.50
CA ILE F 137 17.49 70.29 24.11
C ILE F 137 17.38 69.80 25.55
N THR F 138 17.48 70.73 26.50
CA THR F 138 17.40 70.40 27.91
C THR F 138 16.06 70.80 28.54
N ARG F 139 15.16 71.42 27.79
CA ARG F 139 13.86 71.79 28.33
C ARG F 139 12.91 72.06 27.17
N LEU F 140 11.79 71.34 27.14
CA LEU F 140 10.76 71.53 26.14
C LEU F 140 9.39 71.40 26.81
N TYR F 141 8.49 72.34 26.50
CA TYR F 141 7.13 72.30 27.05
C TYR F 141 6.20 72.90 26.00
N LEU F 142 5.44 72.04 25.35
CA LEU F 142 4.48 72.48 24.33
C LEU F 142 3.13 72.74 24.97
N PRO F 143 2.24 73.46 24.29
CA PRO F 143 0.95 73.82 24.90
C PRO F 143 0.08 72.62 25.26
N ASP F 144 0.38 71.42 24.75
CA ASP F 144 -0.32 70.19 25.11
C ASP F 144 -1.82 70.31 24.78
N SER F 145 -2.10 70.38 23.48
CA SER F 145 -3.49 70.42 23.02
C SER F 145 -4.29 69.26 23.59
N ASP F 146 -3.74 68.05 23.51
CA ASP F 146 -4.31 66.87 24.17
C ASP F 146 -5.76 66.63 23.77
N ASP F 147 -6.00 66.54 22.46
CA ASP F 147 -7.32 66.21 21.94
C ASP F 147 -7.52 64.69 22.02
N ILE F 148 -8.55 64.19 21.32
CA ILE F 148 -8.90 62.78 21.42
C ILE F 148 -7.76 61.89 20.93
N SER F 149 -7.14 62.27 19.81
CA SER F 149 -6.14 61.43 19.15
C SER F 149 -4.73 61.95 19.28
N ASN F 150 -4.48 63.20 18.90
CA ASN F 150 -3.14 63.76 18.88
C ASN F 150 -2.70 64.08 20.31
N ASN F 151 -2.16 63.08 20.99
CA ASN F 151 -1.63 63.25 22.33
C ASN F 151 -0.17 63.67 22.33
N THR F 152 0.46 63.76 21.16
CA THR F 152 1.88 64.13 21.05
C THR F 152 2.01 65.47 20.33
N PRO F 153 2.14 66.57 21.04
CA PRO F 153 2.40 67.85 20.37
C PRO F 153 3.78 67.86 19.73
N SER F 154 3.89 68.64 18.65
CA SER F 154 5.13 68.70 17.89
C SER F 154 5.26 70.07 17.22
N ILE F 155 6.51 70.48 17.02
CA ILE F 155 6.85 71.72 16.33
C ILE F 155 7.93 71.40 15.30
N ILE F 156 8.16 72.35 14.39
CA ILE F 156 9.19 72.25 13.38
C ILE F 156 10.16 73.40 13.56
N LEU F 157 11.45 73.10 13.65
CA LEU F 157 12.50 74.07 13.86
C LEU F 157 13.37 74.13 12.61
N THR F 158 13.51 75.33 12.04
CA THR F 158 14.36 75.55 10.88
C THR F 158 15.61 76.29 11.32
N VAL F 159 16.78 75.76 10.93
CA VAL F 159 18.05 76.31 11.33
C VAL F 159 18.45 77.39 10.34
N LYS F 160 18.52 78.63 10.81
CA LYS F 160 18.95 79.74 9.96
C LYS F 160 20.45 79.99 10.03
N ASP F 161 21.07 79.75 11.18
CA ASP F 161 22.51 79.92 11.34
C ASP F 161 22.95 79.08 12.54
N LYS F 162 24.18 79.31 13.00
CA LYS F 162 24.68 78.61 14.18
C LYS F 162 24.04 79.11 15.47
N GLU F 163 23.35 80.24 15.45
CA GLU F 163 22.82 80.86 16.66
C GLU F 163 21.31 80.89 16.72
N ASN F 164 20.64 81.46 15.72
CA ASN F 164 19.21 81.63 15.76
C ASN F 164 18.50 80.59 14.89
N TYR F 165 17.19 80.48 15.10
CA TYR F 165 16.37 79.50 14.42
C TYR F 165 14.92 79.98 14.41
N SER F 166 14.12 79.34 13.56
CA SER F 166 12.70 79.65 13.45
C SER F 166 11.87 78.46 13.92
N ILE F 167 10.72 78.74 14.51
CA ILE F 167 9.85 77.73 15.10
C ILE F 167 8.46 77.90 14.51
N ASN F 168 7.86 76.79 14.08
CA ASN F 168 6.46 76.82 13.64
C ASN F 168 5.75 75.57 14.17
N SER F 169 4.64 75.79 14.86
CA SER F 169 3.84 74.69 15.41
C SER F 169 2.62 74.40 14.55
N ASP F 170 1.77 75.40 14.33
CA ASP F 170 0.59 75.26 13.49
C ASP F 170 0.43 76.48 12.61
N GLY F 171 1.54 76.92 12.01
CA GLY F 171 1.56 78.15 11.25
C GLY F 171 1.98 79.37 12.03
N ILE F 172 2.09 79.25 13.36
CA ILE F 172 2.52 80.37 14.20
C ILE F 172 4.04 80.44 14.15
N GLN F 173 4.58 81.48 13.53
CA GLN F 173 6.01 81.63 13.36
C GLN F 173 6.62 82.38 14.54
N LEU F 174 7.73 81.86 15.05
CA LEU F 174 8.48 82.52 16.11
C LEU F 174 9.97 82.40 15.81
N ASN F 175 10.75 83.27 16.43
CA ASN F 175 12.19 83.28 16.26
C ASN F 175 12.86 83.07 17.62
N GLY F 176 13.86 82.20 17.66
CA GLY F 176 14.55 81.90 18.89
C GLY F 176 16.07 81.94 18.69
N VAL F 177 16.76 82.06 19.81
CA VAL F 177 18.22 82.15 19.83
C VAL F 177 18.76 81.12 20.80
N VAL F 178 19.84 80.44 20.41
CA VAL F 178 20.51 79.52 21.32
C VAL F 178 20.94 80.28 22.57
N GLY F 179 20.96 79.57 23.70
CA GLY F 179 21.25 80.24 24.95
C GLY F 179 20.00 80.62 25.72
N THR F 180 19.56 81.86 25.54
CA THR F 180 18.41 82.38 26.28
C THR F 180 17.18 81.50 26.05
N LEU F 181 16.48 81.19 27.14
CA LEU F 181 15.29 80.36 27.08
C LEU F 181 14.14 81.10 26.43
N LEU F 182 13.22 80.35 25.82
CA LEU F 182 12.04 80.89 25.17
C LEU F 182 10.78 80.50 25.93
N ASN F 183 9.98 81.50 26.30
CA ASN F 183 8.67 81.30 26.93
C ASN F 183 7.67 82.19 26.19
N GLU F 184 7.11 81.69 25.09
CA GLU F 184 6.20 82.48 24.27
C GLU F 184 5.10 81.60 23.70
N LYS F 185 3.87 82.14 23.68
CA LYS F 185 2.72 81.48 23.08
C LYS F 185 2.46 80.11 23.70
N GLY F 186 2.63 80.01 25.01
CA GLY F 186 2.46 78.74 25.69
C GLY F 186 3.49 77.70 25.32
N ILE F 187 4.64 78.12 24.79
CA ILE F 187 5.70 77.24 24.35
C ILE F 187 6.97 77.62 25.10
N SER F 188 7.58 76.63 25.75
CA SER F 188 8.85 76.81 26.45
C SER F 188 9.90 75.94 25.76
N LEU F 189 11.05 76.54 25.47
CA LEU F 189 12.09 75.83 24.74
C LEU F 189 13.47 76.32 25.16
N LEU F 190 14.39 75.38 25.35
CA LEU F 190 15.80 75.69 25.60
C LEU F 190 16.64 74.83 24.68
N VAL F 191 17.40 75.46 23.80
CA VAL F 191 18.17 74.79 22.76
C VAL F 191 19.64 75.09 22.98
N ASN F 192 20.46 74.05 22.96
CA ASN F 192 21.91 74.18 23.14
C ASN F 192 22.63 73.39 22.06
N GLU F 193 23.70 73.99 21.52
CA GLU F 193 24.67 73.31 20.66
C GLU F 193 24.00 72.71 19.42
N ILE F 194 23.50 73.61 18.58
CA ILE F 194 23.03 73.21 17.26
C ILE F 194 24.24 72.78 16.42
N ASP F 195 24.12 71.63 15.75
CA ASP F 195 25.18 71.12 14.88
C ASP F 195 24.53 70.66 13.59
N ALA F 196 24.39 71.58 12.64
CA ALA F 196 23.84 71.28 11.32
C ALA F 196 24.14 72.46 10.40
N LYS F 197 23.99 72.23 9.11
CA LYS F 197 24.13 73.32 8.17
C LYS F 197 22.88 74.18 8.17
N PRO F 198 23.00 75.47 7.86
CA PRO F 198 21.81 76.33 7.82
C PRO F 198 20.82 75.84 6.77
N GLY F 199 19.54 76.03 7.07
CA GLY F 199 18.47 75.55 6.23
C GLY F 199 17.94 74.18 6.59
N ASP F 200 18.59 73.47 7.51
CA ASP F 200 18.09 72.18 7.96
C ASP F 200 16.87 72.35 8.84
N GLN F 201 16.02 71.32 8.87
CA GLN F 201 14.80 71.33 9.65
C GLN F 201 14.76 70.11 10.56
N PHE F 202 14.16 70.28 11.72
CA PHE F 202 14.06 69.23 12.73
C PHE F 202 12.66 69.23 13.32
N VAL F 203 12.03 68.06 13.35
CA VAL F 203 10.74 67.89 14.02
C VAL F 203 11.01 67.59 15.48
N ILE F 204 10.43 68.39 16.36
CA ILE F 204 10.60 68.24 17.81
C ILE F 204 9.25 67.88 18.40
N THR F 205 9.15 66.67 18.93
CA THR F 205 7.91 66.15 19.49
C THR F 205 8.07 65.96 20.99
N GLN F 206 7.01 66.26 21.75
CA GLN F 206 6.97 66.00 23.18
C GLN F 206 6.00 64.85 23.40
N LEU F 207 6.50 63.63 23.27
CA LEU F 207 5.66 62.46 23.40
C LEU F 207 5.42 62.12 24.87
N PRO F 208 4.30 61.46 25.18
CA PRO F 208 3.98 61.19 26.59
C PRO F 208 4.96 60.19 27.20
N ARG F 209 5.06 60.26 28.53
CA ARG F 209 6.05 59.48 29.26
C ARG F 209 5.85 57.98 29.04
N LEU F 210 4.61 57.52 29.06
CA LEU F 210 4.37 56.11 28.83
C LEU F 210 4.75 55.68 27.42
N LYS F 211 4.56 56.57 26.43
CA LYS F 211 4.98 56.23 25.08
C LYS F 211 6.50 56.08 25.00
N ALA F 212 7.23 56.98 25.65
CA ALA F 212 8.69 56.86 25.68
C ALA F 212 9.13 55.58 26.38
N ILE F 213 8.46 55.23 27.49
CA ILE F 213 8.81 54.00 28.21
C ILE F 213 8.52 52.78 27.36
N SER F 214 7.39 52.79 26.64
CA SER F 214 7.06 51.65 25.78
C SER F 214 8.07 51.53 24.63
N ASP F 215 8.47 52.64 24.04
CA ASP F 215 9.46 52.59 22.97
C ASP F 215 10.80 52.08 23.48
N LEU F 216 11.22 52.53 24.66
CA LEU F 216 12.47 52.03 25.24
C LEU F 216 12.38 50.54 25.56
N LEU F 217 11.25 50.10 26.10
CA LEU F 217 11.08 48.70 26.47
C LEU F 217 10.95 47.80 25.25
N LYS F 218 10.53 48.34 24.10
CA LYS F 218 10.40 47.51 22.92
C LYS F 218 11.76 47.06 22.39
N SER F 219 12.78 47.91 22.50
CA SER F 219 14.10 47.64 21.94
C SER F 219 15.11 47.20 22.99
N PHE F 220 14.66 46.88 24.21
CA PHE F 220 15.54 46.51 25.31
C PHE F 220 15.28 45.07 25.68
N SER F 221 16.35 44.28 25.82
CA SER F 221 16.22 42.86 26.12
C SER F 221 17.19 42.48 27.24
N VAL F 222 16.76 41.52 28.06
CA VAL F 222 17.58 40.97 29.13
C VAL F 222 17.62 39.46 28.96
N ALA F 223 18.80 38.88 29.10
CA ALA F 223 18.94 37.43 28.99
C ALA F 223 19.90 36.93 30.06
N ASP F 224 19.81 35.64 30.37
CA ASP F 224 20.68 35.04 31.37
C ASP F 224 21.91 34.39 30.73
N LEU F 225 21.73 33.71 29.60
CA LEU F 225 22.82 33.17 28.79
C LEU F 225 23.45 31.95 29.47
N GLY F 226 23.04 31.65 30.70
CA GLY F 226 23.48 30.43 31.35
C GLY F 226 22.35 29.69 32.05
N LYS F 227 21.24 30.39 32.28
CA LYS F 227 20.01 29.85 32.86
C LYS F 227 20.18 29.54 34.34
N ASP F 228 21.40 29.68 34.86
CA ASP F 228 21.67 29.47 36.28
C ASP F 228 22.66 30.46 36.88
N THR F 229 23.53 31.07 36.07
CA THR F 229 24.56 31.96 36.57
C THR F 229 23.96 33.32 36.93
N GLY F 230 24.73 34.09 37.70
CA GLY F 230 24.37 35.47 37.99
C GLY F 230 24.65 36.43 36.86
N MET F 231 25.10 35.92 35.72
CA MET F 231 25.46 36.76 34.58
C MET F 231 24.20 37.11 33.80
N LEU F 232 23.94 38.40 33.65
CA LEU F 232 22.84 38.90 32.82
C LEU F 232 23.43 39.74 31.70
N THR F 233 22.99 39.47 30.48
CA THR F 233 23.35 40.26 29.31
C THR F 233 22.19 41.19 28.99
N LEU F 234 22.48 42.49 28.98
CA LEU F 234 21.51 43.51 28.62
C LEU F 234 21.82 44.00 27.21
N THR F 235 20.80 44.06 26.37
CA THR F 235 20.94 44.40 24.96
C THR F 235 20.01 45.55 24.61
N LEU F 236 20.50 46.51 23.85
CA LEU F 236 19.68 47.64 23.41
C LEU F 236 19.98 47.96 21.96
N THR F 237 18.95 48.05 21.13
CA THR F 237 19.11 48.36 19.71
C THR F 237 18.56 49.74 19.41
N GLY F 238 19.27 50.48 18.57
CA GLY F 238 18.85 51.81 18.19
C GLY F 238 19.71 52.33 17.06
N ASP F 239 19.24 53.41 16.44
CA ASP F 239 19.88 53.96 15.26
C ASP F 239 20.99 54.96 15.57
N ASN F 240 21.16 55.35 16.82
CA ASN F 240 22.24 56.26 17.20
C ASN F 240 23.26 55.49 18.03
N PRO F 241 24.44 55.20 17.50
CA PRO F 241 25.38 54.31 18.23
C PRO F 241 25.88 54.87 19.55
N LYS F 242 25.85 56.18 19.76
CA LYS F 242 26.30 56.75 21.02
C LYS F 242 25.17 56.89 22.02
N ARG F 243 23.99 57.28 21.54
CA ARG F 243 22.86 57.47 22.42
C ARG F 243 22.45 56.16 23.08
N ILE F 244 22.50 55.05 22.33
CA ILE F 244 22.08 53.78 22.91
C ILE F 244 23.06 53.32 23.98
N SER F 245 24.36 53.59 23.77
CA SER F 245 25.34 53.27 24.81
C SER F 245 25.08 54.09 26.06
N HIS F 246 24.80 55.39 25.90
CA HIS F 246 24.49 56.22 27.06
C HIS F 246 23.23 55.74 27.76
N ILE F 247 22.21 55.34 26.99
CA ILE F 247 20.95 54.89 27.57
C ILE F 247 21.16 53.61 28.36
N LEU F 248 21.92 52.66 27.79
CA LEU F 248 22.15 51.40 28.52
C LEU F 248 23.03 51.62 29.74
N ASP F 249 24.00 52.53 29.67
CA ASP F 249 24.76 52.85 30.87
C ASP F 249 23.88 53.44 31.95
N SER F 250 22.95 54.34 31.57
CA SER F 250 22.04 54.90 32.56
C SER F 250 21.13 53.83 33.15
N ILE F 251 20.63 52.92 32.32
CA ILE F 251 19.80 51.83 32.82
C ILE F 251 20.57 51.01 33.85
N SER F 252 21.79 50.63 33.52
CA SER F 252 22.59 49.81 34.42
C SER F 252 22.89 50.54 35.72
N GLN F 253 23.26 51.82 35.64
CA GLN F 253 23.55 52.58 36.85
C GLN F 253 22.32 52.74 37.73
N ASN F 254 21.14 52.98 37.12
CA ASN F 254 19.92 53.11 37.91
C ASN F 254 19.58 51.80 38.60
N TYR F 255 19.68 50.68 37.89
CA TYR F 255 19.41 49.39 38.51
C TYR F 255 20.41 49.10 39.63
N LEU F 256 21.68 49.43 39.42
CA LEU F 256 22.69 49.20 40.45
C LEU F 256 22.43 50.05 41.68
N ALA F 257 22.08 51.32 41.50
CA ALA F 257 21.78 52.18 42.64
C ALA F 257 20.52 51.73 43.36
N GLN F 258 19.52 51.29 42.61
CA GLN F 258 18.27 50.83 43.22
C GLN F 258 18.51 49.58 44.07
N ASN F 259 19.34 48.65 43.57
CA ASN F 259 19.52 47.39 44.28
C ASN F 259 20.18 47.59 45.64
N ILE F 260 21.14 48.51 45.73
CA ILE F 260 21.91 48.69 46.95
C ILE F 260 21.16 49.61 47.91
N ALA F 261 19.92 49.93 47.58
CA ALA F 261 19.07 50.74 48.45
C ALA F 261 17.64 50.23 48.42
N VAL F 409 24.68 43.03 43.06
CA VAL F 409 24.82 43.26 41.62
C VAL F 409 26.14 43.96 41.32
N ARG F 410 26.76 43.59 40.21
CA ARG F 410 28.04 44.13 39.81
C ARG F 410 28.05 44.37 38.30
N ILE F 411 28.58 45.51 37.88
CA ILE F 411 28.66 45.86 36.46
C ILE F 411 30.03 45.43 35.96
N ILE F 412 30.06 44.34 35.20
CA ILE F 412 31.31 43.76 34.71
C ILE F 412 31.69 44.42 33.39
N ASP F 413 30.78 44.38 32.41
CA ASP F 413 31.00 44.99 31.11
C ASP F 413 30.04 46.15 30.93
N ASN F 414 30.56 47.37 30.98
CA ASN F 414 29.74 48.52 30.65
C ASN F 414 29.38 48.48 29.17
N ALA F 415 28.26 49.11 28.83
CA ALA F 415 27.69 48.97 27.50
C ALA F 415 28.61 49.55 26.43
N VAL F 416 28.84 48.77 25.37
CA VAL F 416 29.50 49.29 24.18
C VAL F 416 28.68 48.85 22.96
N THR F 417 28.85 49.59 21.88
CA THR F 417 28.05 49.43 20.67
C THR F 417 28.87 48.73 19.60
N ASP F 418 28.29 47.70 19.00
CA ASP F 418 28.94 47.01 17.89
C ASP F 418 28.90 47.91 16.66
N PRO F 419 30.04 48.30 16.09
CA PRO F 419 30.01 49.23 14.95
C PRO F 419 29.39 48.65 13.69
N ASN F 420 29.24 47.33 13.59
CA ASN F 420 28.57 46.72 12.46
C ASN F 420 27.07 46.64 12.75
N PRO F 421 26.22 47.29 11.96
CA PRO F 421 24.79 47.25 12.23
C PRO F 421 24.23 45.83 12.18
N VAL F 422 23.23 45.57 13.01
CA VAL F 422 22.57 44.27 13.01
C VAL F 422 21.43 44.20 12.00
N ARG F 423 20.86 45.33 11.62
CA ARG F 423 19.82 45.42 10.61
C ARG F 423 20.03 46.67 9.79
N PRO F 424 19.72 46.64 8.48
CA PRO F 424 19.25 45.47 7.73
C PRO F 424 20.38 44.54 7.30
N LYS F 425 20.11 43.25 7.23
CA LYS F 425 21.09 42.26 6.77
C LYS F 425 21.01 42.21 5.25
N LYS F 426 21.98 42.87 4.60
CA LYS F 426 21.86 43.13 3.17
C LYS F 426 21.87 41.85 2.35
N THR F 427 22.79 40.93 2.67
CA THR F 427 22.96 39.75 1.83
C THR F 427 21.72 38.85 1.84
N ILE F 428 21.15 38.61 3.02
CA ILE F 428 19.96 37.77 3.07
C ILE F 428 18.79 38.46 2.40
N ILE F 429 18.70 39.80 2.52
CA ILE F 429 17.63 40.53 1.85
C ILE F 429 17.73 40.38 0.34
N ILE F 430 18.94 40.52 -0.20
CA ILE F 430 19.13 40.43 -1.64
C ILE F 430 18.87 39.01 -2.13
N VAL F 431 19.33 38.01 -1.37
CA VAL F 431 19.07 36.62 -1.75
C VAL F 431 17.57 36.33 -1.75
N ILE F 432 16.86 36.81 -0.71
CA ILE F 432 15.42 36.61 -0.67
C ILE F 432 14.74 37.29 -1.85
N GLY F 433 15.18 38.50 -2.19
CA GLY F 433 14.62 39.19 -3.34
C GLY F 433 14.82 38.42 -4.64
N VAL F 434 16.03 37.91 -4.86
CA VAL F 434 16.32 37.18 -6.08
C VAL F 434 15.47 35.92 -6.15
N VAL F 435 15.40 35.17 -5.06
CA VAL F 435 14.63 33.92 -5.06
C VAL F 435 13.14 34.21 -5.24
N LEU F 436 12.66 35.29 -4.63
CA LEU F 436 11.26 35.67 -4.81
C LEU F 436 10.96 36.02 -6.26
N GLY F 437 11.86 36.78 -6.89
CA GLY F 437 11.69 37.07 -8.30
C GLY F 437 11.65 35.82 -9.16
N LEU F 438 12.58 34.89 -8.88
CA LEU F 438 12.60 33.65 -9.66
C LEU F 438 11.30 32.86 -9.49
N ILE F 439 10.81 32.74 -8.26
CA ILE F 439 9.63 31.92 -8.04
C ILE F 439 8.39 32.58 -8.64
N VAL F 440 8.27 33.91 -8.54
CA VAL F 440 7.11 34.55 -9.14
C VAL F 440 7.17 34.47 -10.66
N SER F 441 8.37 34.57 -11.24
CA SER F 441 8.50 34.42 -12.68
C SER F 441 8.12 33.02 -13.13
N VAL F 442 8.58 32.00 -12.40
CA VAL F 442 8.25 30.63 -12.76
C VAL F 442 6.75 30.38 -12.63
N VAL F 443 6.13 30.93 -11.58
CA VAL F 443 4.68 30.77 -11.41
C VAL F 443 3.94 31.43 -12.57
N LEU F 444 4.34 32.65 -12.94
CA LEU F 444 3.69 33.34 -14.05
C LEU F 444 3.86 32.58 -15.35
N VAL F 445 5.05 32.05 -15.59
CA VAL F 445 5.30 31.28 -16.81
C VAL F 445 4.43 30.02 -16.85
N LEU F 446 4.37 29.30 -15.74
CA LEU F 446 3.53 28.10 -15.69
C LEU F 446 2.06 28.45 -15.90
N PHE F 447 1.62 29.55 -15.31
CA PHE F 447 0.23 29.97 -15.46
C PHE F 447 -0.08 30.30 -16.91
N GLN F 448 0.82 31.02 -17.59
CA GLN F 448 0.60 31.34 -18.99
C GLN F 448 0.62 30.09 -19.86
N VAL F 449 1.53 29.15 -19.56
CA VAL F 449 1.61 27.93 -20.35
C VAL F 449 0.34 27.11 -20.21
N PHE F 450 -0.17 26.99 -18.98
CA PHE F 450 -1.38 26.20 -18.77
C PHE F 450 -2.65 26.87 -19.29
N LEU F 451 -2.59 28.14 -19.66
CA LEU F 451 -3.75 28.85 -20.18
C LEU F 451 -3.69 29.09 -21.68
N ARG F 452 -2.84 28.34 -22.39
CA ARG F 452 -2.74 28.47 -23.84
C ARG F 452 -3.66 27.45 -24.51
N ARG F 453 -4.41 27.92 -25.51
CA ARG F 453 -5.31 27.07 -26.27
C ARG F 453 -5.08 27.13 -27.77
N GLY F 454 -4.30 28.06 -28.27
CA GLY F 454 -4.10 28.19 -29.70
C GLY F 454 -3.35 27.02 -30.30
N ILE F 455 -3.29 27.02 -31.63
CA ILE F 455 -2.58 25.98 -32.35
C ILE F 455 -1.08 26.20 -32.20
N GLU F 456 -0.35 25.13 -31.86
CA GLU F 456 1.08 25.22 -31.67
C GLU F 456 1.88 24.67 -32.85
N SER F 457 1.42 23.59 -33.46
CA SER F 457 2.15 22.97 -34.55
C SER F 457 1.14 22.38 -35.53
N PRO F 458 1.53 22.16 -36.78
CA PRO F 458 0.62 21.52 -37.73
C PRO F 458 0.17 20.13 -37.30
N GLU F 459 0.90 19.48 -36.41
CA GLU F 459 0.52 18.14 -35.98
C GLU F 459 -0.76 18.16 -35.16
N GLN F 460 -1.03 19.27 -34.46
CA GLN F 460 -2.29 19.39 -33.73
C GLN F 460 -3.48 19.34 -34.68
N LEU F 461 -3.38 20.01 -35.83
CA LEU F 461 -4.43 19.92 -36.83
C LEU F 461 -4.45 18.56 -37.50
N GLU F 462 -3.28 17.97 -37.74
CA GLU F 462 -3.24 16.70 -38.45
C GLU F 462 -3.68 15.52 -37.60
N GLU F 463 -3.70 15.68 -36.27
CA GLU F 463 -4.29 14.66 -35.41
C GLU F 463 -5.77 14.48 -35.72
N ILE F 464 -6.48 15.60 -35.90
CA ILE F 464 -7.91 15.55 -36.18
C ILE F 464 -8.17 14.94 -37.55
N GLY F 465 -7.26 15.15 -38.51
CA GLY F 465 -7.45 14.67 -39.85
C GLY F 465 -7.60 15.80 -40.85
N ILE F 466 -6.92 16.90 -40.58
CA ILE F 466 -6.93 18.07 -41.44
C ILE F 466 -5.55 18.18 -42.09
N ASN F 467 -5.51 18.17 -43.42
CA ASN F 467 -4.26 18.25 -44.16
C ASN F 467 -3.76 19.69 -44.14
N VAL F 468 -2.65 19.94 -43.45
CA VAL F 468 -2.02 21.26 -43.46
C VAL F 468 -1.11 21.33 -44.68
N TYR F 469 -1.45 22.20 -45.62
CA TYR F 469 -0.73 22.28 -46.88
C TYR F 469 0.47 23.21 -46.84
N ALA F 470 0.59 24.05 -45.82
CA ALA F 470 1.70 24.99 -45.72
C ALA F 470 1.74 25.55 -44.31
N SER F 471 2.82 26.28 -44.03
CA SER F 471 2.95 27.04 -42.79
C SER F 471 3.71 28.30 -43.12
N ILE F 472 3.01 29.42 -43.17
CA ILE F 472 3.59 30.69 -43.59
C ILE F 472 4.14 31.40 -42.36
N PRO F 473 5.41 31.79 -42.35
CA PRO F 473 5.96 32.52 -41.21
C PRO F 473 5.57 33.99 -41.24
N ILE F 474 5.81 34.66 -40.11
CA ILE F 474 5.58 36.09 -40.03
C ILE F 474 6.57 36.83 -40.90
N SER F 475 6.09 37.79 -41.67
CA SER F 475 6.92 38.63 -42.52
C SER F 475 7.15 39.96 -41.80
N GLU F 476 8.28 40.08 -41.11
CA GLU F 476 8.59 41.30 -40.39
C GLU F 476 8.92 42.47 -41.30
N TRP F 477 9.09 42.23 -42.59
CA TRP F 477 9.38 43.29 -43.55
C TRP F 477 8.32 44.37 -43.54
N ASP F 494 -0.01 48.74 -47.86
CA ASP F 494 -0.83 48.85 -49.07
C ASP F 494 -0.04 48.42 -50.30
N THR F 495 0.69 47.31 -50.17
CA THR F 495 1.44 46.75 -51.29
C THR F 495 1.56 45.26 -51.10
N LEU F 496 1.82 44.55 -52.20
CA LEU F 496 1.93 43.10 -52.17
C LEU F 496 3.34 42.69 -51.76
N LEU F 497 3.43 41.83 -50.76
CA LEU F 497 4.72 41.33 -50.30
C LEU F 497 5.43 40.56 -51.40
N ALA F 498 4.69 39.77 -52.16
CA ALA F 498 5.24 38.98 -53.26
C ALA F 498 5.75 39.87 -54.39
N VAL F 499 5.58 41.18 -54.23
CA VAL F 499 6.06 42.16 -55.21
C VAL F 499 7.11 43.08 -54.62
N GLY F 500 6.87 43.61 -53.43
CA GLY F 500 7.85 44.47 -52.79
C GLY F 500 9.14 43.73 -52.45
N ASN F 501 9.02 42.55 -51.86
CA ASN F 501 10.15 41.75 -51.40
C ASN F 501 9.98 40.32 -51.87
N PRO F 502 10.21 40.07 -53.17
CA PRO F 502 9.95 38.72 -53.71
C PRO F 502 10.78 37.62 -53.08
N ALA F 503 11.89 37.97 -52.42
CA ALA F 503 12.76 37.00 -51.79
C ALA F 503 12.49 36.88 -50.29
N ASP F 504 11.28 37.23 -49.85
CA ASP F 504 10.94 37.10 -48.45
C ASP F 504 10.75 35.62 -48.10
N LEU F 505 10.90 35.30 -46.82
CA LEU F 505 10.70 33.93 -46.38
C LEU F 505 9.25 33.51 -46.52
N ALA F 506 8.33 34.43 -46.23
CA ALA F 506 6.90 34.13 -46.37
C ALA F 506 6.54 33.87 -47.81
N VAL F 507 7.15 34.60 -48.76
CA VAL F 507 6.89 34.33 -50.16
C VAL F 507 7.47 32.98 -50.58
N GLU F 508 8.57 32.55 -49.96
CA GLU F 508 9.07 31.21 -50.22
C GLU F 508 8.09 30.16 -49.72
N ALA F 509 7.53 30.35 -48.53
CA ALA F 509 6.51 29.42 -48.05
C ALA F 509 5.28 29.42 -48.95
N ILE F 510 4.93 30.58 -49.51
CA ILE F 510 3.80 30.65 -50.42
C ILE F 510 4.11 29.94 -51.73
N ARG F 511 5.35 30.00 -52.20
CA ARG F 511 5.72 29.21 -53.38
C ARG F 511 5.65 27.72 -53.11
N GLY F 512 6.05 27.31 -51.90
CA GLY F 512 5.82 25.93 -51.49
C GLY F 512 4.36 25.55 -51.55
N LEU F 513 3.49 26.43 -51.05
CA LEU F 513 2.06 26.21 -51.15
C LEU F 513 1.59 26.15 -52.60
N ARG F 514 2.19 26.96 -53.46
CA ARG F 514 1.82 26.96 -54.87
C ARG F 514 2.12 25.62 -55.52
N THR F 515 3.30 25.06 -55.26
CA THR F 515 3.62 23.78 -55.88
C THR F 515 2.85 22.64 -55.22
N SER F 516 2.45 22.80 -53.95
CA SER F 516 1.56 21.82 -53.34
C SER F 516 0.16 21.87 -53.97
N LEU F 517 -0.34 23.07 -54.25
CA LEU F 517 -1.67 23.21 -54.85
C LEU F 517 -1.69 22.72 -56.28
N HIS F 518 -0.59 22.91 -57.02
CA HIS F 518 -0.57 22.44 -58.41
C HIS F 518 -0.80 20.94 -58.51
N PHE F 519 -0.57 20.20 -57.44
CA PHE F 519 -0.86 18.78 -57.37
C PHE F 519 -2.18 18.48 -56.67
N ALA F 520 -2.52 19.24 -55.63
CA ALA F 520 -3.80 19.05 -54.96
C ALA F 520 -4.97 19.43 -55.87
N MET F 521 -4.83 20.50 -56.65
CA MET F 521 -5.92 21.01 -57.47
C MET F 521 -6.10 20.24 -58.78
N MET F 522 -5.49 19.08 -58.94
CA MET F 522 -5.79 18.24 -60.09
C MET F 522 -7.02 17.38 -59.80
N GLU F 523 -7.73 17.03 -60.87
CA GLU F 523 -8.98 16.26 -60.78
C GLU F 523 -10.05 17.02 -59.99
N ALA F 524 -9.97 18.35 -60.00
CA ALA F 524 -11.02 19.19 -59.44
C ALA F 524 -12.02 19.54 -60.53
N LYS F 525 -13.27 19.80 -60.12
CA LYS F 525 -14.33 20.01 -61.09
C LYS F 525 -14.16 21.28 -61.89
N ASN F 526 -13.46 22.28 -61.36
CA ASN F 526 -13.13 23.48 -62.13
C ASN F 526 -11.90 24.12 -61.51
N ASN F 527 -11.48 25.24 -62.08
CA ASN F 527 -10.24 25.92 -61.70
C ASN F 527 -10.50 27.05 -60.72
N VAL F 528 -11.45 26.89 -59.81
CA VAL F 528 -11.81 27.92 -58.83
C VAL F 528 -11.32 27.47 -57.46
N LEU F 529 -10.56 28.34 -56.81
CA LEU F 529 -10.04 28.10 -55.47
C LEU F 529 -10.61 29.16 -54.55
N MET F 530 -11.07 28.73 -53.37
CA MET F 530 -11.72 29.60 -52.40
C MET F 530 -10.92 29.54 -51.11
N ILE F 531 -10.32 30.66 -50.74
CA ILE F 531 -9.61 30.77 -49.47
C ILE F 531 -10.58 31.35 -48.45
N SER F 532 -10.71 30.70 -47.30
CA SER F 532 -11.59 31.18 -46.26
C SER F 532 -10.90 30.99 -44.92
N GLY F 533 -11.64 31.13 -43.83
CA GLY F 533 -11.04 30.99 -42.53
C GLY F 533 -12.10 30.91 -41.46
N ALA F 534 -11.64 30.82 -40.22
CA ALA F 534 -12.56 30.73 -39.08
C ALA F 534 -12.86 32.09 -38.47
N SER F 535 -11.84 32.89 -38.22
CA SER F 535 -12.00 34.18 -37.58
C SER F 535 -11.36 35.26 -38.42
N PRO F 536 -11.84 36.50 -38.31
CA PRO F 536 -11.26 37.59 -39.09
C PRO F 536 -9.83 37.88 -38.67
N SER F 537 -9.11 38.54 -39.58
CA SER F 537 -7.69 38.82 -39.41
C SER F 537 -6.89 37.53 -39.15
N ALA F 538 -7.17 36.52 -39.95
CA ALA F 538 -6.39 35.29 -39.94
C ALA F 538 -5.36 35.24 -41.05
N GLY F 539 -5.60 35.94 -42.15
CA GLY F 539 -4.64 36.00 -43.22
C GLY F 539 -5.21 35.62 -44.57
N MET F 540 -6.54 35.62 -44.70
CA MET F 540 -7.14 35.17 -45.95
C MET F 540 -6.76 36.07 -47.12
N THR F 541 -6.81 37.39 -46.93
CA THR F 541 -6.49 38.28 -48.03
C THR F 541 -4.99 38.30 -48.31
N PHE F 542 -4.17 38.27 -47.26
CA PHE F 542 -2.73 38.13 -47.43
C PHE F 542 -2.41 36.88 -48.24
N ILE F 543 -2.91 35.73 -47.80
CA ILE F 543 -2.62 34.47 -48.46
C ILE F 543 -3.12 34.50 -49.90
N SER F 544 -4.36 34.93 -50.10
CA SER F 544 -4.95 34.86 -51.44
C SER F 544 -4.24 35.79 -52.42
N SER F 545 -3.99 37.03 -52.01
CA SER F 545 -3.36 37.99 -52.91
C SER F 545 -1.93 37.58 -53.23
N ASN F 546 -1.16 37.19 -52.23
CA ASN F 546 0.22 36.78 -52.49
C ASN F 546 0.26 35.50 -53.32
N LEU F 547 -0.64 34.55 -53.05
CA LEU F 547 -0.68 33.35 -53.85
C LEU F 547 -1.01 33.65 -55.30
N ALA F 548 -1.94 34.58 -55.54
CA ALA F 548 -2.26 34.98 -56.90
C ALA F 548 -1.04 35.60 -57.58
N ALA F 549 -0.29 36.41 -56.85
CA ALA F 549 0.91 37.02 -57.43
C ALA F 549 1.95 35.96 -57.80
N THR F 550 2.21 35.03 -56.88
CA THR F 550 3.21 34.00 -57.14
C THR F 550 2.76 33.05 -58.24
N ILE F 551 1.46 32.87 -58.44
CA ILE F 551 1.03 32.01 -59.53
C ILE F 551 1.01 32.77 -60.85
N ALA F 552 0.85 34.09 -60.80
CA ALA F 552 0.87 34.87 -62.03
C ALA F 552 2.28 35.07 -62.55
N ILE F 553 3.28 35.13 -61.67
CA ILE F 553 4.66 35.28 -62.15
C ILE F 553 5.15 34.08 -62.95
N THR F 554 4.45 32.96 -62.92
CA THR F 554 4.84 31.78 -63.67
C THR F 554 4.17 31.72 -65.04
N GLY F 555 3.45 32.76 -65.44
CA GLY F 555 2.92 32.85 -66.78
C GLY F 555 1.50 32.34 -66.97
N LYS F 556 0.76 32.09 -65.90
CA LYS F 556 -0.61 31.66 -66.00
C LYS F 556 -1.55 32.82 -65.70
N LYS F 557 -2.62 32.94 -66.47
CA LYS F 557 -3.59 34.00 -66.25
C LYS F 557 -4.39 33.72 -64.98
N VAL F 558 -4.41 34.70 -64.08
CA VAL F 558 -5.04 34.55 -62.76
C VAL F 558 -6.07 35.64 -62.58
N LEU F 559 -7.25 35.26 -62.10
CA LEU F 559 -8.29 36.20 -61.69
C LEU F 559 -8.44 36.15 -60.19
N PHE F 560 -8.49 37.32 -59.56
CA PHE F 560 -8.68 37.46 -58.13
C PHE F 560 -10.01 38.15 -57.88
N ILE F 561 -10.84 37.56 -57.04
CA ILE F 561 -12.17 38.09 -56.72
C ILE F 561 -12.22 38.38 -55.24
N ASP F 562 -12.64 39.59 -54.89
CA ASP F 562 -12.81 39.99 -53.50
C ASP F 562 -14.30 39.86 -53.20
N ALA F 563 -14.69 38.68 -52.73
CA ALA F 563 -16.07 38.41 -52.36
C ALA F 563 -16.35 38.70 -50.90
N ASP F 564 -15.45 39.41 -50.22
CA ASP F 564 -15.73 39.97 -48.91
C ASP F 564 -16.44 41.30 -49.14
N LEU F 565 -17.74 41.22 -49.36
CA LEU F 565 -18.62 42.36 -49.60
C LEU F 565 -18.88 43.18 -48.37
N ARG F 566 -18.23 42.89 -47.25
CA ARG F 566 -18.47 43.60 -46.01
C ARG F 566 -17.29 44.44 -45.55
N LYS F 567 -16.07 43.91 -45.60
CA LYS F 567 -14.87 44.66 -45.18
C LYS F 567 -13.71 44.41 -46.12
N GLY F 568 -13.97 44.39 -47.43
CA GLY F 568 -12.94 44.09 -48.39
C GLY F 568 -12.09 45.28 -48.82
N TYR F 569 -10.78 45.18 -48.64
CA TYR F 569 -9.86 46.29 -48.93
C TYR F 569 -8.87 45.95 -50.05
N ALA F 570 -9.18 44.95 -50.88
CA ALA F 570 -8.24 44.54 -51.92
C ALA F 570 -7.99 45.65 -52.92
N HIS F 571 -9.02 46.41 -53.28
CA HIS F 571 -8.83 47.49 -54.23
C HIS F 571 -7.86 48.54 -53.71
N LYS F 572 -7.82 48.75 -52.39
CA LYS F 572 -6.84 49.66 -51.82
C LYS F 572 -5.42 49.14 -52.01
N MET F 573 -5.24 47.83 -51.86
CA MET F 573 -3.94 47.20 -51.97
C MET F 573 -3.47 47.05 -53.42
N PHE F 574 -4.39 47.11 -54.39
CA PHE F 574 -4.03 46.89 -55.78
C PHE F 574 -3.95 48.17 -56.59
N GLY F 575 -4.48 49.28 -56.09
CA GLY F 575 -4.62 50.48 -56.90
C GLY F 575 -5.93 50.39 -57.65
N HIS F 576 -6.84 51.33 -57.44
CA HIS F 576 -8.24 51.05 -57.73
C HIS F 576 -8.93 52.22 -58.42
N LYS F 577 -9.99 51.85 -59.14
CA LYS F 577 -11.13 52.72 -59.44
C LYS F 577 -12.32 52.06 -58.76
N ASN F 578 -12.72 52.58 -57.60
CA ASN F 578 -13.63 51.88 -56.71
C ASN F 578 -15.01 51.64 -57.30
N ASP F 579 -15.35 52.30 -58.40
CA ASP F 579 -16.63 52.07 -59.06
C ASP F 579 -16.68 50.67 -59.66
N LYS F 580 -17.91 50.15 -59.78
CA LYS F 580 -18.18 48.92 -60.52
C LYS F 580 -17.40 47.73 -59.95
N GLY F 581 -17.71 47.38 -58.72
CA GLY F 581 -17.16 46.21 -58.09
C GLY F 581 -18.05 45.00 -58.26
N LEU F 582 -17.88 44.03 -57.36
CA LEU F 582 -18.71 42.83 -57.40
C LEU F 582 -20.16 43.15 -57.06
N SER F 583 -20.37 44.05 -56.09
CA SER F 583 -21.73 44.43 -55.69
C SER F 583 -22.52 44.96 -56.88
N GLU F 584 -21.96 45.93 -57.59
CA GLU F 584 -22.66 46.55 -58.71
C GLU F 584 -23.03 45.53 -59.78
N PHE F 585 -22.16 44.55 -60.01
CA PHE F 585 -22.48 43.49 -60.97
C PHE F 585 -23.60 42.61 -60.47
N LEU F 586 -23.53 42.20 -59.20
CA LEU F 586 -24.54 41.29 -58.65
C LEU F 586 -25.91 41.93 -58.61
N SER F 587 -25.98 43.20 -58.20
CA SER F 587 -27.25 43.91 -58.17
C SER F 587 -27.78 44.21 -59.56
N GLY F 588 -26.97 44.04 -60.60
CA GLY F 588 -27.44 44.17 -61.96
C GLY F 588 -27.11 45.47 -62.66
N GLN F 589 -26.43 46.39 -61.99
CA GLN F 589 -26.13 47.71 -62.55
C GLN F 589 -24.72 47.80 -63.13
N ALA F 590 -24.19 46.67 -63.62
CA ALA F 590 -22.85 46.65 -64.22
C ALA F 590 -22.75 45.42 -65.12
N ALA F 591 -21.75 45.45 -65.99
CA ALA F 591 -21.49 44.35 -66.91
C ALA F 591 -20.33 43.50 -66.40
N ALA F 592 -20.12 42.37 -67.07
CA ALA F 592 -19.07 41.44 -66.69
C ALA F 592 -17.68 41.92 -67.09
N GLU F 593 -17.57 42.96 -67.91
CA GLU F 593 -16.28 43.45 -68.39
C GLU F 593 -15.87 44.78 -67.79
N MET F 594 -16.78 45.52 -67.16
CA MET F 594 -16.45 46.79 -66.55
C MET F 594 -16.00 46.66 -65.10
N ILE F 595 -15.97 45.44 -64.56
CA ILE F 595 -15.59 45.22 -63.17
C ILE F 595 -14.17 44.67 -63.03
N ILE F 596 -13.57 44.20 -64.11
CA ILE F 596 -12.25 43.59 -64.07
C ILE F 596 -11.18 44.66 -64.27
N ASP F 597 -10.23 44.73 -63.35
CA ASP F 597 -9.12 45.67 -63.43
C ASP F 597 -7.82 44.89 -63.36
N LYS F 598 -6.69 45.58 -63.53
CA LYS F 598 -5.38 44.96 -63.57
C LYS F 598 -4.50 45.49 -62.45
N VAL F 599 -3.85 44.58 -61.73
CA VAL F 599 -2.89 44.97 -60.72
C VAL F 599 -1.62 45.47 -61.38
N GLU F 600 -1.09 46.59 -60.90
CA GLU F 600 0.05 47.23 -61.54
C GLU F 600 1.32 46.39 -61.40
N GLY F 601 1.77 46.19 -60.17
CA GLY F 601 2.98 45.45 -59.93
C GLY F 601 2.75 43.96 -59.76
N GLY F 602 1.59 43.49 -60.19
CA GLY F 602 1.14 42.12 -60.03
C GLY F 602 1.36 41.35 -61.31
N GLY F 603 0.30 41.21 -62.11
CA GLY F 603 0.38 40.44 -63.33
C GLY F 603 -0.90 39.66 -63.51
N PHE F 604 -1.87 39.93 -62.63
CA PHE F 604 -3.15 39.26 -62.64
C PHE F 604 -4.26 40.30 -62.56
N ASP F 605 -5.43 39.93 -63.06
CA ASP F 605 -6.60 40.78 -62.96
C ASP F 605 -7.27 40.60 -61.61
N TYR F 606 -8.16 41.53 -61.28
CA TYR F 606 -8.91 41.43 -60.03
C TYR F 606 -10.27 42.09 -60.18
N ILE F 607 -11.17 41.68 -59.29
CA ILE F 607 -12.51 42.25 -59.16
C ILE F 607 -12.66 42.71 -57.72
N GLY F 608 -12.93 44.01 -57.53
CA GLY F 608 -13.14 44.53 -56.20
C GLY F 608 -14.55 44.28 -55.70
N ARG F 609 -14.74 44.52 -54.41
CA ARG F 609 -16.07 44.30 -53.84
C ARG F 609 -17.07 45.34 -54.35
N GLY F 610 -16.63 46.57 -54.53
CA GLY F 610 -17.52 47.64 -54.90
C GLY F 610 -18.06 48.36 -53.67
N GLN F 611 -19.22 48.97 -53.80
CA GLN F 611 -19.86 49.59 -52.64
C GLN F 611 -20.41 48.51 -51.71
N ILE F 612 -20.35 48.79 -50.41
CA ILE F 612 -20.88 47.86 -49.41
C ILE F 612 -22.38 47.80 -49.56
N PRO F 613 -22.96 46.63 -49.80
CA PRO F 613 -24.41 46.54 -49.99
C PRO F 613 -25.10 46.32 -48.66
N PRO F 614 -26.43 46.50 -48.62
CA PRO F 614 -27.17 46.17 -47.38
C PRO F 614 -27.47 44.69 -47.23
N ASN F 615 -27.45 43.92 -48.31
CA ASN F 615 -27.80 42.50 -48.30
C ASN F 615 -26.72 41.69 -49.01
N PRO F 616 -25.52 41.58 -48.41
CA PRO F 616 -24.44 40.83 -49.09
C PRO F 616 -24.76 39.37 -49.29
N ALA F 617 -25.25 38.69 -48.24
CA ALA F 617 -25.51 37.26 -48.32
C ALA F 617 -26.62 36.95 -49.31
N GLU F 618 -27.54 37.87 -49.54
CA GLU F 618 -28.61 37.66 -50.50
C GLU F 618 -28.21 38.08 -51.91
N LEU F 619 -27.25 38.99 -52.04
CA LEU F 619 -26.66 39.25 -53.36
C LEU F 619 -25.86 38.05 -53.83
N LEU F 620 -25.07 37.44 -52.94
CA LEU F 620 -24.23 36.31 -53.34
C LEU F 620 -25.03 35.09 -53.78
N MET F 621 -26.32 35.04 -53.49
CA MET F 621 -27.15 33.91 -53.91
C MET F 621 -27.75 34.08 -55.29
N HIS F 622 -27.59 35.25 -55.90
CA HIS F 622 -28.13 35.47 -57.24
C HIS F 622 -27.41 34.59 -58.25
N PRO F 623 -28.12 34.05 -59.25
CA PRO F 623 -27.44 33.21 -60.26
C PRO F 623 -26.44 33.96 -61.12
N ARG F 624 -26.43 35.29 -61.09
CA ARG F 624 -25.43 36.03 -61.86
C ARG F 624 -24.02 35.78 -61.33
N PHE F 625 -23.88 35.43 -60.05
CA PHE F 625 -22.57 35.06 -59.53
C PHE F 625 -22.05 33.79 -60.19
N GLU F 626 -22.91 32.78 -60.31
CA GLU F 626 -22.51 31.57 -61.00
C GLU F 626 -22.25 31.83 -62.47
N GLN F 627 -23.03 32.72 -63.09
CA GLN F 627 -22.76 33.09 -64.48
C GLN F 627 -21.38 33.73 -64.61
N LEU F 628 -21.03 34.62 -63.68
CA LEU F 628 -19.72 35.25 -63.70
C LEU F 628 -18.60 34.22 -63.57
N LEU F 629 -18.75 33.28 -62.63
CA LEU F 629 -17.71 32.28 -62.45
C LEU F 629 -17.59 31.35 -63.66
N ASN F 630 -18.72 30.97 -64.26
CA ASN F 630 -18.66 30.12 -65.45
C ASN F 630 -18.02 30.85 -66.62
N TRP F 631 -18.31 32.14 -66.77
CA TRP F 631 -17.68 32.92 -67.84
C TRP F 631 -16.18 33.07 -67.59
N ALA F 632 -15.79 33.32 -66.34
CA ALA F 632 -14.38 33.51 -66.04
C ALA F 632 -13.59 32.21 -66.14
N SER F 633 -14.22 31.08 -65.88
CA SER F 633 -13.53 29.79 -65.92
C SER F 633 -13.12 29.39 -67.34
N GLN F 634 -13.37 30.23 -68.34
CA GLN F 634 -12.97 29.95 -69.70
C GLN F 634 -11.94 30.93 -70.24
N ASN F 635 -11.73 32.06 -69.59
CA ASN F 635 -10.77 33.06 -70.02
C ASN F 635 -9.54 33.14 -69.12
N TYR F 636 -9.53 32.39 -68.02
CA TYR F 636 -8.43 32.43 -67.06
C TYR F 636 -8.01 31.01 -66.70
N ASP F 637 -6.77 30.90 -66.23
CA ASP F 637 -6.22 29.60 -65.81
C ASP F 637 -6.53 29.28 -64.36
N LEU F 638 -6.66 30.30 -63.52
CA LEU F 638 -6.96 30.10 -62.11
C LEU F 638 -7.84 31.26 -61.65
N ILE F 639 -8.79 30.95 -60.77
CA ILE F 639 -9.63 31.95 -60.12
C ILE F 639 -9.53 31.75 -58.62
N ILE F 640 -9.10 32.79 -57.91
CA ILE F 640 -9.01 32.77 -56.46
C ILE F 640 -10.06 33.71 -55.92
N ILE F 641 -10.81 33.25 -54.93
CA ILE F 641 -11.88 34.02 -54.31
C ILE F 641 -11.57 34.21 -52.84
N ASP F 642 -11.56 35.45 -52.39
CA ASP F 642 -11.39 35.76 -50.98
C ASP F 642 -12.77 36.00 -50.36
N THR F 643 -12.95 35.49 -49.15
CA THR F 643 -14.25 35.42 -48.51
C THR F 643 -14.14 35.90 -47.06
N PRO F 644 -15.26 36.28 -46.45
CA PRO F 644 -15.25 36.56 -45.01
C PRO F 644 -15.08 35.27 -44.23
N PRO F 645 -14.93 35.34 -42.92
CA PRO F 645 -14.89 34.11 -42.11
C PRO F 645 -16.22 33.37 -42.19
N ILE F 646 -16.21 32.12 -41.72
CA ILE F 646 -17.40 31.30 -41.75
C ILE F 646 -18.05 31.26 -40.38
N LEU F 647 -17.24 31.39 -39.33
CA LEU F 647 -17.82 31.44 -37.99
C LEU F 647 -18.53 32.75 -37.71
N ALA F 648 -18.39 33.74 -38.59
CA ALA F 648 -19.05 35.03 -38.42
C ALA F 648 -20.29 35.14 -39.29
N VAL F 649 -20.16 34.92 -40.60
CA VAL F 649 -21.25 35.02 -41.54
C VAL F 649 -21.27 33.75 -42.38
N THR F 650 -22.16 33.71 -43.36
CA THR F 650 -22.40 32.51 -44.15
C THR F 650 -22.04 32.70 -45.62
N ASP F 651 -21.39 33.81 -45.98
CA ASP F 651 -21.09 34.06 -47.38
C ASP F 651 -20.17 33.01 -47.97
N ALA F 652 -19.15 32.60 -47.20
CA ALA F 652 -18.20 31.61 -47.68
C ALA F 652 -18.89 30.31 -48.05
N ALA F 653 -19.93 29.93 -47.32
CA ALA F 653 -20.65 28.69 -47.61
C ALA F 653 -21.54 28.80 -48.83
N ILE F 654 -22.02 30.01 -49.15
CA ILE F 654 -22.73 30.21 -50.41
C ILE F 654 -21.76 30.14 -51.58
N ILE F 655 -20.59 30.77 -51.43
CA ILE F 655 -19.63 30.80 -52.53
C ILE F 655 -19.02 29.43 -52.77
N GLY F 656 -18.79 28.66 -51.70
CA GLY F 656 -18.14 27.37 -51.81
C GLY F 656 -18.89 26.33 -52.61
N ARG F 657 -20.15 26.57 -52.94
CA ARG F 657 -20.87 25.65 -53.80
C ARG F 657 -20.24 25.60 -55.19
N TYR F 658 -19.79 26.74 -55.69
CA TYR F 658 -19.24 26.84 -57.04
C TYR F 658 -17.73 26.80 -57.07
N ALA F 659 -17.08 26.51 -55.95
CA ALA F 659 -15.63 26.45 -55.88
C ALA F 659 -15.17 25.00 -56.00
N GLY F 660 -14.24 24.75 -56.91
CA GLY F 660 -13.69 23.41 -57.03
C GLY F 660 -12.85 23.01 -55.83
N THR F 661 -12.05 23.94 -55.31
CA THR F 661 -11.20 23.68 -54.16
C THR F 661 -11.44 24.74 -53.11
N CYS F 662 -11.46 24.33 -51.84
CA CYS F 662 -11.64 25.25 -50.74
C CYS F 662 -10.59 24.96 -49.68
N LEU F 663 -9.93 26.01 -49.20
CA LEU F 663 -8.90 25.88 -48.18
C LEU F 663 -9.17 26.86 -47.05
N LEU F 664 -9.00 26.40 -45.82
CA LEU F 664 -9.12 27.28 -44.67
C LEU F 664 -7.76 27.82 -44.27
N VAL F 665 -7.76 28.99 -43.64
CA VAL F 665 -6.55 29.60 -43.10
C VAL F 665 -6.71 29.69 -41.60
N ALA F 666 -5.76 29.11 -40.88
CA ALA F 666 -5.74 29.16 -39.42
C ALA F 666 -4.57 30.00 -38.97
N ARG F 667 -4.85 31.02 -38.16
CA ARG F 667 -3.77 31.81 -37.60
C ARG F 667 -3.06 31.00 -36.53
N PHE F 668 -1.75 31.24 -36.39
CA PHE F 668 -0.88 30.39 -35.60
C PHE F 668 -1.29 30.32 -34.14
N GLU F 669 -1.21 31.43 -33.42
CA GLU F 669 -1.54 31.42 -32.00
C GLU F 669 -3.00 31.74 -31.71
N LYS F 670 -3.67 32.47 -32.59
CA LYS F 670 -5.01 32.96 -32.28
C LYS F 670 -6.04 31.85 -32.30
N ASN F 671 -6.25 31.23 -33.46
CA ASN F 671 -7.27 30.21 -33.58
C ASN F 671 -6.90 28.97 -32.78
N THR F 672 -7.90 28.14 -32.51
CA THR F 672 -7.71 26.89 -31.80
C THR F 672 -8.14 25.74 -32.69
N VAL F 673 -7.82 24.52 -32.26
CA VAL F 673 -8.22 23.34 -33.02
C VAL F 673 -9.74 23.21 -33.03
N LYS F 674 -10.38 23.61 -31.93
CA LYS F 674 -11.83 23.55 -31.85
C LYS F 674 -12.48 24.46 -32.89
N GLU F 675 -11.96 25.68 -33.04
CA GLU F 675 -12.51 26.60 -34.03
C GLU F 675 -12.38 26.03 -35.44
N ILE F 676 -11.23 25.45 -35.76
CA ILE F 676 -11.01 24.93 -37.11
C ILE F 676 -11.88 23.73 -37.38
N ASP F 677 -12.06 22.86 -36.37
CA ASP F 677 -12.96 21.72 -36.53
C ASP F 677 -14.40 22.19 -36.72
N VAL F 678 -14.84 23.17 -35.92
CA VAL F 678 -16.18 23.71 -36.08
C VAL F 678 -16.37 24.30 -37.47
N SER F 679 -15.35 24.98 -37.98
CA SER F 679 -15.45 25.57 -39.32
C SER F 679 -15.54 24.51 -40.40
N MET F 680 -14.71 23.46 -40.30
CA MET F 680 -14.77 22.39 -41.29
C MET F 680 -16.12 21.71 -41.26
N LYS F 681 -16.65 21.46 -40.06
CA LYS F 681 -17.95 20.81 -39.94
C LYS F 681 -19.08 21.69 -40.46
N ARG F 682 -19.01 23.00 -40.20
CA ARG F 682 -20.04 23.89 -40.71
C ARG F 682 -19.97 24.01 -42.23
N PHE F 683 -18.79 23.89 -42.81
CA PHE F 683 -18.68 23.86 -44.26
C PHE F 683 -19.25 22.57 -44.83
N GLU F 684 -18.96 21.45 -44.19
CA GLU F 684 -19.47 20.16 -44.68
C GLU F 684 -20.97 20.05 -44.51
N GLN F 685 -21.54 20.68 -43.49
CA GLN F 685 -22.97 20.68 -43.28
C GLN F 685 -23.71 21.37 -44.41
N SER F 686 -23.06 22.33 -45.08
CA SER F 686 -23.67 23.09 -46.17
C SER F 686 -23.28 22.55 -47.53
N GLY F 687 -22.63 21.40 -47.59
CA GLY F 687 -22.30 20.78 -48.85
C GLY F 687 -21.03 21.25 -49.50
N VAL F 688 -20.06 21.72 -48.72
CA VAL F 688 -18.80 22.23 -49.23
C VAL F 688 -17.68 21.37 -48.64
N VAL F 689 -16.87 20.78 -49.50
CA VAL F 689 -15.78 19.91 -49.07
C VAL F 689 -14.52 20.75 -48.96
N VAL F 690 -13.96 20.82 -47.75
CA VAL F 690 -12.74 21.59 -47.51
C VAL F 690 -11.55 20.68 -47.75
N LYS F 691 -10.68 21.09 -48.69
CA LYS F 691 -9.51 20.28 -49.02
C LYS F 691 -8.53 20.21 -47.85
N GLY F 692 -8.30 21.33 -47.18
CA GLY F 692 -7.35 21.32 -46.08
C GLY F 692 -7.18 22.71 -45.50
N CYS F 693 -6.12 22.84 -44.71
CA CYS F 693 -5.85 24.04 -43.92
C CYS F 693 -4.51 24.63 -44.31
N ILE F 694 -4.31 25.88 -43.90
CA ILE F 694 -3.07 26.63 -44.12
C ILE F 694 -2.76 27.35 -42.83
N LEU F 695 -1.70 26.93 -42.14
CA LEU F 695 -1.28 27.61 -40.93
C LEU F 695 -0.53 28.88 -41.30
N ASN F 696 -0.84 29.97 -40.63
CA ASN F 696 -0.30 31.28 -41.01
C ASN F 696 0.25 31.98 -39.78
N GLY F 697 1.18 32.91 -40.02
CA GLY F 697 1.79 33.67 -38.94
C GLY F 697 2.59 32.84 -37.96
N VAL F 698 3.34 31.87 -38.47
CA VAL F 698 4.12 30.98 -37.61
C VAL F 698 5.39 31.70 -37.18
N VAL F 699 5.82 31.44 -35.94
CA VAL F 699 7.06 31.96 -35.40
C VAL F 699 7.83 30.82 -34.75
N LYS F 700 9.11 31.08 -34.50
CA LYS F 700 10.03 30.04 -34.02
C LYS F 700 10.00 30.01 -32.51
N LYS F 701 9.69 28.84 -31.94
CA LYS F 701 9.57 28.63 -30.51
C LYS F 701 10.49 27.50 -30.09
N ALA F 702 11.30 27.74 -29.06
CA ALA F 702 12.24 26.73 -28.59
C ALA F 702 11.56 25.55 -27.91
N SER F 703 10.29 25.68 -27.55
CA SER F 703 9.57 24.58 -26.92
C SER F 703 9.07 23.55 -27.92
N SER F 704 9.22 23.81 -29.21
CA SER F 704 8.80 22.87 -30.25
C SER F 704 10.00 22.10 -30.79
N ILE G 17 15.48 2.82 -18.86
CA ILE G 17 16.92 2.94 -19.07
C ILE G 17 17.63 1.67 -18.60
N ASP G 18 18.89 1.50 -19.01
CA ASP G 18 19.66 0.32 -18.65
C ASP G 18 21.10 0.73 -18.40
N LEU G 19 21.81 -0.14 -17.66
CA LEU G 19 23.17 0.18 -17.22
C LEU G 19 24.12 0.35 -18.40
N GLY G 20 23.93 -0.43 -19.47
CA GLY G 20 24.83 -0.36 -20.60
C GLY G 20 24.82 1.01 -21.25
N ARG G 21 23.64 1.62 -21.37
CA ARG G 21 23.54 2.95 -21.95
C ARG G 21 24.32 3.98 -21.14
N VAL G 22 24.17 3.96 -19.82
CA VAL G 22 24.82 4.96 -18.99
C VAL G 22 26.34 4.75 -19.00
N ILE G 23 26.78 3.49 -19.00
CA ILE G 23 28.21 3.22 -19.05
C ILE G 23 28.77 3.68 -20.39
N GLY G 24 28.04 3.46 -21.48
CA GLY G 24 28.49 3.95 -22.76
C GLY G 24 28.57 5.46 -22.84
N GLU G 25 27.57 6.15 -22.26
CA GLU G 25 27.61 7.60 -22.25
C GLU G 25 28.82 8.10 -21.47
N LEU G 26 29.10 7.46 -20.33
CA LEU G 26 30.27 7.85 -19.54
C LEU G 26 31.56 7.62 -20.32
N ILE G 27 31.64 6.53 -21.08
CA ILE G 27 32.84 6.26 -21.87
C ILE G 27 32.99 7.27 -23.00
N ASP G 28 31.87 7.66 -23.62
CA ASP G 28 31.94 8.62 -24.72
C ASP G 28 32.41 9.99 -24.26
N HIS G 29 31.92 10.46 -23.12
CA HIS G 29 32.26 11.77 -22.59
C HIS G 29 33.43 11.73 -21.62
N ARG G 30 34.35 10.77 -21.79
CA ARG G 30 35.43 10.60 -20.83
C ARG G 30 36.34 11.83 -20.79
N LYS G 31 36.60 12.43 -21.95
CA LYS G 31 37.50 13.58 -21.98
C LYS G 31 36.94 14.75 -21.18
N LEU G 32 35.65 15.05 -21.33
CA LEU G 32 35.04 16.14 -20.59
C LEU G 32 35.08 15.88 -19.08
N ILE G 33 34.74 14.65 -18.68
CA ILE G 33 34.74 14.31 -17.26
C ILE G 33 36.13 14.45 -16.68
N ILE G 34 37.13 13.91 -17.39
CA ILE G 34 38.51 13.96 -16.91
C ILE G 34 38.97 15.41 -16.81
N SER G 35 38.66 16.24 -17.81
CA SER G 35 39.11 17.62 -17.78
C SER G 35 38.47 18.38 -16.61
N ILE G 36 37.17 18.21 -16.41
CA ILE G 36 36.50 18.94 -15.33
C ILE G 36 37.02 18.49 -13.97
N THR G 37 37.15 17.17 -13.77
CA THR G 37 37.63 16.66 -12.50
C THR G 37 39.06 17.10 -12.23
N SER G 38 39.90 17.11 -13.26
CA SER G 38 41.29 17.55 -13.09
C SER G 38 41.35 19.03 -12.75
N VAL G 39 40.50 19.85 -13.37
CA VAL G 39 40.49 21.28 -13.05
C VAL G 39 40.07 21.50 -11.59
N PHE G 40 39.01 20.79 -11.17
CA PHE G 40 38.55 20.95 -9.79
C PHE G 40 39.61 20.48 -8.79
N THR G 41 40.26 19.35 -9.09
CA THR G 41 41.29 18.84 -8.20
C THR G 41 42.50 19.77 -8.15
N LEU G 42 42.85 20.38 -9.28
CA LEU G 42 43.95 21.34 -9.28
C LEU G 42 43.61 22.56 -8.44
N PHE G 43 42.38 23.07 -8.55
CA PHE G 43 41.98 24.19 -7.71
C PHE G 43 42.00 23.81 -6.24
N ALA G 44 41.53 22.61 -5.91
CA ALA G 44 41.54 22.17 -4.52
C ALA G 44 42.96 22.05 -3.98
N ILE G 45 43.88 21.50 -4.80
CA ILE G 45 45.28 21.38 -4.38
C ILE G 45 45.91 22.75 -4.18
N LEU G 46 45.64 23.69 -5.10
CA LEU G 46 46.17 25.03 -4.95
C LEU G 46 45.67 25.69 -3.67
N TYR G 47 44.37 25.55 -3.37
CA TYR G 47 43.85 26.13 -2.14
C TYR G 47 44.47 25.46 -0.90
N ALA G 48 44.59 24.14 -0.91
CA ALA G 48 45.10 23.43 0.25
C ALA G 48 46.59 23.61 0.44
N LEU G 49 47.32 24.04 -0.59
CA LEU G 49 48.74 24.31 -0.44
C LEU G 49 49.07 25.79 -0.32
N LEU G 50 48.11 26.68 -0.57
CA LEU G 50 48.35 28.11 -0.45
C LEU G 50 47.60 28.76 0.70
N ALA G 51 46.57 28.12 1.25
CA ALA G 51 45.86 28.67 2.40
C ALA G 51 46.79 28.75 3.59
N THR G 52 46.70 29.85 4.33
CA THR G 52 47.59 30.07 5.47
C THR G 52 47.32 29.05 6.56
N PRO G 53 48.35 28.44 7.14
CA PRO G 53 48.11 27.48 8.22
C PRO G 53 47.68 28.17 9.50
N ILE G 54 46.80 27.50 10.24
CA ILE G 54 46.25 28.01 11.49
C ILE G 54 46.60 27.04 12.60
N TYR G 55 47.39 27.49 13.56
CA TYR G 55 47.80 26.69 14.69
C TYR G 55 46.85 26.89 15.86
N GLU G 56 46.87 25.93 16.78
CA GLU G 56 46.00 25.94 17.94
C GLU G 56 46.83 25.71 19.20
N THR G 57 46.64 26.56 20.20
CA THR G 57 47.30 26.44 21.48
C THR G 57 46.26 26.17 22.56
N ASP G 58 46.66 25.39 23.57
CA ASP G 58 45.77 24.95 24.61
C ASP G 58 46.38 25.19 25.98
N ALA G 59 45.49 25.38 26.96
CA ALA G 59 45.85 25.46 28.37
C ALA G 59 44.76 24.78 29.19
N LEU G 60 45.12 24.38 30.40
CA LEU G 60 44.20 23.68 31.29
C LEU G 60 44.30 24.31 32.67
N ILE G 61 43.17 24.81 33.19
CA ILE G 61 43.13 25.41 34.51
C ILE G 61 42.14 24.64 35.36
N GLN G 62 42.29 24.78 36.67
CA GLN G 62 41.47 24.06 37.65
C GLN G 62 40.62 25.05 38.44
N ILE G 63 39.31 24.79 38.48
CA ILE G 63 38.39 25.60 39.26
C ILE G 63 38.23 24.95 40.62
N GLU G 64 38.58 25.68 41.68
CA GLU G 64 38.47 25.17 43.05
C GLU G 64 37.01 24.93 43.43
N GLN G 85 30.47 24.89 40.01
CA GLN G 85 30.83 26.16 39.39
C GLN G 85 31.13 25.96 37.91
N SER G 86 32.06 26.77 37.39
CA SER G 86 32.59 26.74 36.02
C SER G 86 31.55 27.14 34.98
N ALA G 87 30.30 27.36 35.38
CA ALA G 87 29.30 27.88 34.46
C ALA G 87 29.44 29.40 34.30
N PRO G 88 29.61 30.17 35.39
CA PRO G 88 29.86 31.61 35.20
C PRO G 88 31.29 31.94 34.82
N GLU G 89 32.24 31.04 35.07
CA GLU G 89 33.64 31.32 34.75
C GLU G 89 33.87 31.36 33.24
N THR G 90 33.09 30.60 32.47
CA THR G 90 33.17 30.69 31.02
C THR G 90 32.79 32.08 30.53
N ALA G 91 31.78 32.68 31.15
CA ALA G 91 31.41 34.05 30.79
C ALA G 91 32.37 35.08 31.36
N LEU G 92 32.98 34.80 32.51
CA LEU G 92 33.96 35.74 33.06
C LEU G 92 35.24 35.77 32.24
N LEU G 93 35.65 34.62 31.69
CA LEU G 93 36.86 34.58 30.88
C LEU G 93 36.67 35.32 29.57
N GLN G 94 35.49 35.23 28.97
CA GLN G 94 35.20 35.87 27.70
C GLN G 94 34.64 37.28 27.86
N SER G 95 34.60 37.80 29.09
CA SER G 95 34.15 39.16 29.30
C SER G 95 35.19 40.15 28.77
N ARG G 96 34.73 41.36 28.46
CA ARG G 96 35.62 42.35 27.86
C ARG G 96 36.68 42.84 28.83
N MET G 97 36.50 42.65 30.14
CA MET G 97 37.51 43.13 31.07
C MET G 97 38.80 42.32 30.98
N ILE G 98 38.67 40.98 30.99
CA ILE G 98 39.86 40.12 30.92
C ILE G 98 40.56 40.30 29.58
N LEU G 99 39.79 40.21 28.49
CA LEU G 99 40.38 40.33 27.16
C LEU G 99 40.97 41.72 26.96
N GLY G 100 40.30 42.74 27.47
CA GLY G 100 40.83 44.09 27.34
C GLY G 100 42.13 44.28 28.10
N LYS G 101 42.22 43.71 29.30
CA LYS G 101 43.46 43.78 30.04
C LYS G 101 44.58 43.08 29.29
N THR G 102 44.28 41.91 28.71
CA THR G 102 45.28 41.20 27.92
C THR G 102 45.75 42.03 26.73
N ILE G 103 44.81 42.66 26.03
CA ILE G 103 45.14 43.42 24.84
C ILE G 103 45.95 44.66 25.19
N ASP G 104 45.62 45.31 26.31
CA ASP G 104 46.43 46.43 26.76
C ASP G 104 47.83 45.97 27.15
N ASP G 105 47.95 44.79 27.76
CA ASP G 105 49.26 44.29 28.16
C ASP G 105 50.13 43.96 26.96
N LEU G 106 49.59 43.27 25.97
CA LEU G 106 50.37 42.77 24.85
C LEU G 106 50.33 43.67 23.62
N ASN G 107 49.67 44.82 23.70
CA ASN G 107 49.57 45.76 22.58
C ASN G 107 49.02 45.09 21.33
N LEU G 108 47.95 44.32 21.50
CA LEU G 108 47.33 43.63 20.37
C LEU G 108 46.55 44.58 19.46
N GLN G 109 46.52 45.87 19.78
CA GLN G 109 45.85 46.87 18.97
C GLN G 109 46.71 47.41 17.85
N ILE G 110 47.95 46.97 17.74
CA ILE G 110 48.85 47.34 16.65
C ILE G 110 48.95 46.14 15.73
N GLN G 111 48.26 46.20 14.60
CA GLN G 111 48.23 45.08 13.66
C GLN G 111 49.34 45.27 12.62
N ILE G 112 50.29 44.35 12.60
CA ILE G 112 51.40 44.38 11.66
C ILE G 112 51.21 43.22 10.68
N GLU G 113 51.17 43.52 9.39
CA GLU G 113 50.93 42.51 8.38
C GLU G 113 52.01 42.59 7.30
N GLN G 114 52.61 41.45 6.98
CA GLN G 114 53.57 41.39 5.89
C GLN G 114 52.85 41.69 4.57
N LYS G 115 53.52 42.45 3.70
CA LYS G 115 52.91 42.96 2.49
C LYS G 115 53.26 42.07 1.30
N TYR G 116 52.24 41.43 0.74
CA TYR G 116 52.35 40.74 -0.54
C TYR G 116 51.23 41.24 -1.42
N PHE G 117 51.57 41.72 -2.62
CA PHE G 117 50.55 42.28 -3.51
C PHE G 117 49.47 41.28 -3.92
N PRO G 118 49.77 40.00 -4.27
CA PRO G 118 48.69 39.15 -4.78
C PRO G 118 47.99 38.39 -3.67
N VAL G 119 46.94 37.63 -4.01
CA VAL G 119 46.24 36.82 -3.01
C VAL G 119 46.93 35.50 -2.76
N ILE G 120 48.03 35.21 -3.44
CA ILE G 120 48.74 33.95 -3.27
C ILE G 120 50.21 34.23 -2.95
N GLY G 121 50.56 35.50 -2.77
CA GLY G 121 51.95 35.84 -2.50
C GLY G 121 52.47 35.24 -1.21
N ARG G 122 51.67 35.28 -0.16
CA ARG G 122 52.08 34.72 1.12
C ARG G 122 52.28 33.22 1.04
N GLY G 123 51.36 32.52 0.37
CA GLY G 123 51.51 31.08 0.23
C GLY G 123 52.75 30.70 -0.58
N LEU G 124 53.00 31.43 -1.67
CA LEU G 124 54.20 31.17 -2.46
C LEU G 124 55.45 31.43 -1.64
N ALA G 125 55.47 32.53 -0.87
CA ALA G 125 56.63 32.84 -0.05
C ALA G 125 56.87 31.74 0.98
N ARG G 126 55.80 31.22 1.59
CA ARG G 126 55.96 30.13 2.54
C ARG G 126 56.47 28.87 1.86
N LEU G 127 55.94 28.56 0.67
CA LEU G 127 56.35 27.34 -0.02
C LEU G 127 57.81 27.40 -0.45
N MET G 128 58.27 28.55 -0.92
CA MET G 128 59.66 28.70 -1.33
C MET G 128 60.63 28.70 -0.16
N GLY G 129 60.14 28.52 1.07
CA GLY G 129 61.02 28.48 2.22
C GLY G 129 61.43 29.83 2.76
N GLU G 130 60.87 30.91 2.24
CA GLU G 130 61.22 32.24 2.73
C GLU G 130 60.76 32.41 4.17
N LYS G 131 61.63 32.99 4.99
CA LYS G 131 61.34 33.21 6.40
C LYS G 131 60.61 34.54 6.57
N PRO G 132 59.39 34.56 7.10
CA PRO G 132 58.71 35.83 7.33
C PRO G 132 59.44 36.68 8.36
N GLY G 133 59.44 38.00 8.13
CA GLY G 133 60.03 38.92 9.08
C GLY G 133 59.02 39.46 10.07
N ASN G 134 59.51 40.21 11.04
CA ASN G 134 58.64 40.78 12.07
C ASN G 134 59.29 42.02 12.67
N ILE G 135 58.43 42.88 13.22
CA ILE G 135 58.84 44.12 13.86
C ILE G 135 58.17 44.20 15.22
N ASP G 136 58.93 44.59 16.24
CA ASP G 136 58.41 44.79 17.58
C ASP G 136 58.12 46.28 17.76
N ILE G 137 56.84 46.63 17.76
CA ILE G 137 56.40 48.02 17.92
C ILE G 137 55.81 48.16 19.31
N THR G 138 56.37 49.06 20.11
CA THR G 138 55.91 49.28 21.48
C THR G 138 55.12 50.57 21.63
N ARG G 139 54.96 51.35 20.57
CA ARG G 139 54.17 52.58 20.65
C ARG G 139 53.79 53.01 19.25
N LEU G 140 52.48 53.16 19.00
CA LEU G 140 51.96 53.63 17.73
C LEU G 140 50.79 54.55 17.99
N TYR G 141 50.78 55.70 17.31
CA TYR G 141 49.68 56.66 17.43
C TYR G 141 49.51 57.36 16.09
N LEU G 142 48.47 57.00 15.37
CA LEU G 142 48.17 57.60 14.09
C LEU G 142 47.26 58.81 14.25
N PRO G 143 47.17 59.69 13.25
CA PRO G 143 46.37 60.90 13.41
C PRO G 143 44.89 60.65 13.67
N ASP G 144 44.39 59.44 13.43
CA ASP G 144 43.01 59.06 13.75
C ASP G 144 42.01 59.96 13.00
N SER G 145 42.03 59.80 11.67
CA SER G 145 41.09 60.53 10.83
C SER G 145 39.66 60.33 11.31
N ASP G 146 39.26 59.08 11.56
CA ASP G 146 37.99 58.75 12.19
C ASP G 146 36.80 59.34 11.42
N ASP G 147 36.73 59.02 10.13
CA ASP G 147 35.60 59.43 9.30
C ASP G 147 34.44 58.46 9.53
N ILE G 148 33.44 58.51 8.66
CA ILE G 148 32.23 57.71 8.84
C ILE G 148 32.56 56.22 8.83
N SER G 149 33.40 55.79 7.89
CA SER G 149 33.66 54.37 7.68
C SER G 149 35.05 53.94 8.13
N ASN G 150 36.10 54.60 7.66
CA ASN G 150 37.48 54.19 7.96
C ASN G 150 37.82 54.58 9.38
N ASN G 151 37.48 53.71 10.32
CA ASN G 151 37.82 53.91 11.72
C ASN G 151 39.18 53.34 12.08
N THR G 152 39.86 52.68 11.14
CA THR G 152 41.16 52.06 11.39
C THR G 152 42.22 52.75 10.56
N PRO G 153 42.97 53.70 11.12
CA PRO G 153 44.09 54.28 10.38
C PRO G 153 45.20 53.27 10.16
N SER G 154 45.93 53.46 9.06
CA SER G 154 46.99 52.53 8.69
C SER G 154 48.06 53.27 7.91
N ILE G 155 49.29 52.75 8.02
CA ILE G 155 50.44 53.25 7.28
C ILE G 155 51.16 52.06 6.66
N ILE G 156 52.07 52.36 5.74
CA ILE G 156 52.90 51.34 5.09
C ILE G 156 54.36 51.68 5.38
N LEU G 157 55.10 50.69 5.87
CA LEU G 157 56.49 50.83 6.24
C LEU G 157 57.34 49.98 5.29
N THR G 158 58.30 50.60 4.63
CA THR G 158 59.22 49.92 3.73
C THR G 158 60.59 49.83 4.41
N VAL G 159 61.15 48.63 4.45
CA VAL G 159 62.41 48.36 5.13
C VAL G 159 63.54 48.64 4.14
N LYS G 160 64.35 49.65 4.43
CA LYS G 160 65.51 49.95 3.60
C LYS G 160 66.77 49.25 4.05
N ASP G 161 66.94 49.04 5.36
CA ASP G 161 68.09 48.33 5.90
C ASP G 161 67.71 47.80 7.27
N LYS G 162 68.70 47.36 8.03
CA LYS G 162 68.48 46.88 9.39
C LYS G 162 68.16 48.02 10.36
N GLU G 163 68.40 49.27 9.99
CA GLU G 163 68.26 50.39 10.90
C GLU G 163 67.15 51.36 10.52
N ASN G 164 67.16 51.88 9.29
CA ASN G 164 66.20 52.90 8.89
C ASN G 164 65.10 52.30 8.03
N TYR G 165 64.05 53.09 7.85
CA TYR G 165 62.87 52.65 7.11
C TYR G 165 62.12 53.88 6.62
N SER G 166 61.22 53.65 5.68
CA SER G 166 60.37 54.71 5.13
C SER G 166 58.91 54.46 5.49
N ILE G 167 58.17 55.55 5.68
CA ILE G 167 56.79 55.51 6.14
C ILE G 167 55.95 56.31 5.15
N ASN G 168 54.82 55.72 4.72
CA ASN G 168 53.85 56.46 3.91
C ASN G 168 52.46 56.13 4.37
N SER G 169 51.68 57.16 4.68
CA SER G 169 50.30 57.00 5.12
C SER G 169 49.30 57.28 4.01
N ASP G 170 49.36 58.46 3.41
CA ASP G 170 48.49 58.84 2.30
C ASP G 170 49.30 59.57 1.24
N GLY G 171 50.48 59.04 0.92
CA GLY G 171 51.41 59.71 0.05
C GLY G 171 52.43 60.59 0.74
N ILE G 172 52.27 60.83 2.04
CA ILE G 172 53.21 61.64 2.81
C ILE G 172 54.39 60.75 3.19
N GLN G 173 55.55 61.01 2.60
CA GLN G 173 56.73 60.21 2.83
C GLN G 173 57.53 60.73 4.01
N LEU G 174 57.96 59.83 4.89
CA LEU G 174 58.80 60.17 6.03
C LEU G 174 59.86 59.09 6.18
N ASN G 175 60.95 59.44 6.87
CA ASN G 175 62.04 58.52 7.13
C ASN G 175 62.22 58.36 8.63
N GLY G 176 62.38 57.12 9.08
CA GLY G 176 62.54 56.84 10.49
C GLY G 176 63.70 55.89 10.72
N VAL G 177 64.17 55.89 11.97
CA VAL G 177 65.30 55.07 12.39
C VAL G 177 64.91 54.28 13.62
N VAL G 178 65.29 53.01 13.65
CA VAL G 178 65.07 52.18 14.84
C VAL G 178 65.73 52.85 16.04
N GLY G 179 65.14 52.64 17.22
CA GLY G 179 65.64 53.33 18.40
C GLY G 179 64.88 54.59 18.71
N THR G 180 65.38 55.73 18.23
CA THR G 180 64.77 57.01 18.53
C THR G 180 63.31 57.05 18.08
N LEU G 181 62.46 57.58 18.95
CA LEU G 181 61.03 57.66 18.67
C LEU G 181 60.75 58.72 17.61
N LEU G 182 59.65 58.55 16.90
CA LEU G 182 59.23 59.48 15.85
C LEU G 182 57.94 60.17 16.28
N ASN G 183 57.95 61.50 16.25
CA ASN G 183 56.77 62.34 16.49
C ASN G 183 56.71 63.38 15.38
N GLU G 184 56.10 63.03 14.25
CA GLU G 184 56.05 63.93 13.10
C GLU G 184 54.72 63.78 12.38
N LYS G 185 54.18 64.91 11.93
CA LYS G 185 52.97 64.95 11.11
C LYS G 185 51.79 64.27 11.82
N GLY G 186 51.69 64.49 13.13
CA GLY G 186 50.64 63.85 13.89
C GLY G 186 50.76 62.35 13.99
N ILE G 187 51.95 61.81 13.76
CA ILE G 187 52.21 60.38 13.78
C ILE G 187 53.31 60.11 14.79
N SER G 188 53.04 59.20 15.72
CA SER G 188 54.00 58.76 16.73
C SER G 188 54.29 57.29 16.50
N LEU G 189 55.58 56.94 16.47
CA LEU G 189 55.97 55.57 16.19
C LEU G 189 57.27 55.23 16.90
N LEU G 190 57.30 54.03 17.48
CA LEU G 190 58.51 53.48 18.08
C LEU G 190 58.69 52.05 17.57
N VAL G 191 59.79 51.81 16.86
CA VAL G 191 60.04 50.54 16.19
C VAL G 191 61.31 49.93 16.78
N ASN G 192 61.22 48.65 17.15
CA ASN G 192 62.35 47.92 17.71
C ASN G 192 62.51 46.58 17.01
N GLU G 193 63.77 46.22 16.73
CA GLU G 193 64.15 44.88 16.29
C GLU G 193 63.41 44.48 15.00
N ILE G 194 63.74 45.20 13.93
CA ILE G 194 63.31 44.79 12.60
C ILE G 194 64.01 43.50 12.21
N ASP G 195 63.25 42.54 11.71
CA ASP G 195 63.80 41.26 11.26
C ASP G 195 63.19 40.93 9.91
N ALA G 196 63.81 41.41 8.84
CA ALA G 196 63.37 41.15 7.48
C ALA G 196 64.49 41.57 6.54
N LYS G 197 64.40 41.10 5.30
CA LYS G 197 65.34 41.54 4.29
C LYS G 197 64.97 42.94 3.82
N PRO G 198 65.96 43.73 3.38
CA PRO G 198 65.64 45.07 2.87
C PRO G 198 64.72 45.01 1.66
N GLY G 199 63.86 46.02 1.55
CA GLY G 199 62.85 46.05 0.52
C GLY G 199 61.51 45.47 0.90
N ASP G 200 61.41 44.83 2.05
CA ASP G 200 60.14 44.30 2.52
C ASP G 200 59.23 45.44 2.98
N GLN G 201 57.92 45.19 2.90
CA GLN G 201 56.92 46.17 3.29
C GLN G 201 55.98 45.56 4.31
N PHE G 202 55.49 46.40 5.23
CA PHE G 202 54.60 45.98 6.29
C PHE G 202 53.49 47.01 6.45
N VAL G 203 52.24 46.54 6.47
CA VAL G 203 51.09 47.37 6.75
C VAL G 203 50.91 47.43 8.26
N ILE G 204 50.90 48.64 8.82
CA ILE G 204 50.75 48.85 10.25
C ILE G 204 49.43 49.57 10.48
N THR G 205 48.49 48.89 11.12
CA THR G 205 47.15 49.42 11.37
C THR G 205 46.95 49.63 12.86
N GLN G 206 46.27 50.71 13.23
CA GLN G 206 45.89 50.97 14.62
C GLN G 206 44.39 50.77 14.71
N LEU G 207 43.97 49.53 14.90
CA LEU G 207 42.55 49.22 14.94
C LEU G 207 41.97 49.54 16.31
N PRO G 208 40.67 49.84 16.38
CA PRO G 208 40.07 50.23 17.65
C PRO G 208 40.05 49.09 18.66
N ARG G 209 40.02 49.47 19.94
CA ARG G 209 40.14 48.49 21.02
C ARG G 209 39.04 47.45 20.97
N LEU G 210 37.80 47.88 20.70
CA LEU G 210 36.71 46.91 20.61
C LEU G 210 36.90 45.95 19.45
N LYS G 211 37.47 46.42 18.33
CA LYS G 211 37.74 45.53 17.22
C LYS G 211 38.77 44.47 17.59
N ALA G 212 39.82 44.88 18.30
CA ALA G 212 40.82 43.92 18.77
C ALA G 212 40.21 42.90 19.73
N ILE G 213 39.35 43.37 20.64
CA ILE G 213 38.71 42.48 21.59
C ILE G 213 37.79 41.50 20.87
N SER G 214 37.05 41.97 19.87
CA SER G 214 36.18 41.08 19.12
C SER G 214 36.97 40.04 18.35
N ASP G 215 38.09 40.45 17.74
CA ASP G 215 38.92 39.49 17.02
C ASP G 215 39.51 38.46 17.96
N LEU G 216 39.97 38.88 19.14
CA LEU G 216 40.49 37.92 20.11
C LEU G 216 39.40 36.97 20.59
N LEU G 217 38.21 37.49 20.85
CA LEU G 217 37.11 36.67 21.35
C LEU G 217 36.58 35.72 20.28
N LYS G 218 36.76 36.04 18.99
CA LYS G 218 36.26 35.15 17.95
C LYS G 218 37.04 33.84 17.91
N SER G 219 38.34 33.89 18.18
CA SER G 219 39.22 32.72 18.08
C SER G 219 39.54 32.09 19.43
N PHE G 220 38.85 32.49 20.49
CA PHE G 220 39.11 32.01 21.84
C PHE G 220 37.92 31.21 22.32
N SER G 221 38.18 30.02 22.87
CA SER G 221 37.11 29.13 23.32
C SER G 221 37.43 28.60 24.71
N VAL G 222 36.38 28.40 25.50
CA VAL G 222 36.48 27.80 26.82
C VAL G 222 35.54 26.61 26.89
N ALA G 223 36.01 25.51 27.45
CA ALA G 223 35.18 24.32 27.59
C ALA G 223 35.43 23.68 28.95
N ASP G 224 34.47 22.88 29.39
CA ASP G 224 34.59 22.19 30.67
C ASP G 224 35.15 20.78 30.51
N LEU G 225 34.71 20.06 29.48
CA LEU G 225 35.26 18.76 29.12
C LEU G 225 34.84 17.67 30.10
N GLY G 226 34.18 18.06 31.19
CA GLY G 226 33.62 17.09 32.11
C GLY G 226 32.21 17.43 32.54
N LYS G 227 31.82 18.69 32.35
CA LYS G 227 30.47 19.21 32.62
C LYS G 227 30.21 19.31 34.13
N ASP G 228 31.15 18.83 34.94
CA ASP G 228 31.03 18.93 36.39
C ASP G 228 32.33 19.23 37.11
N THR G 229 33.48 18.92 36.50
CA THR G 229 34.77 19.10 37.15
C THR G 229 35.18 20.58 37.13
N GLY G 230 36.16 20.90 37.97
CA GLY G 230 36.77 22.21 37.94
C GLY G 230 37.75 22.42 36.82
N MET G 231 37.90 21.44 35.93
CA MET G 231 38.86 21.51 34.85
C MET G 231 38.26 22.30 33.70
N LEU G 232 38.93 23.37 33.29
CA LEU G 232 38.56 24.15 32.13
C LEU G 232 39.68 24.09 31.11
N THR G 233 39.33 23.80 29.87
CA THR G 233 40.27 23.83 28.76
C THR G 233 40.07 25.11 27.98
N LEU G 234 41.14 25.90 27.88
CA LEU G 234 41.14 27.14 27.12
C LEU G 234 41.87 26.90 25.80
N THR G 235 41.26 27.31 24.69
CA THR G 235 41.78 27.06 23.36
C THR G 235 41.88 28.37 22.60
N LEU G 236 42.98 28.56 21.88
CA LEU G 236 43.16 29.76 21.07
C LEU G 236 43.78 29.39 19.74
N THR G 237 43.18 29.85 18.65
CA THR G 237 43.69 29.56 17.30
C THR G 237 44.24 30.82 16.66
N GLY G 238 45.35 30.68 15.97
CA GLY G 238 45.96 31.81 15.29
C GLY G 238 47.09 31.34 14.40
N ASP G 239 47.53 32.25 13.53
CA ASP G 239 48.52 31.91 12.51
C ASP G 239 49.96 32.07 12.98
N ASN G 240 50.19 32.62 14.17
CA ASN G 240 51.54 32.74 14.70
C ASN G 240 51.68 31.81 15.89
N PRO G 241 52.43 30.71 15.78
CA PRO G 241 52.44 29.71 16.85
C PRO G 241 53.01 30.21 18.18
N LYS G 242 53.83 31.25 18.17
CA LYS G 242 54.38 31.76 19.42
C LYS G 242 53.51 32.85 20.03
N ARG G 243 52.96 33.72 19.18
CA ARG G 243 52.13 34.81 19.66
C ARG G 243 50.88 34.27 20.35
N ILE G 244 50.28 33.21 19.81
CA ILE G 244 49.05 32.69 20.42
C ILE G 244 49.36 32.07 21.77
N SER G 245 50.51 31.42 21.92
CA SER G 245 50.89 30.90 23.23
C SER G 245 51.09 32.03 24.23
N HIS G 246 51.76 33.11 23.81
CA HIS G 246 51.93 34.25 24.71
C HIS G 246 50.59 34.87 25.08
N ILE G 247 49.68 34.97 24.11
CA ILE G 247 48.36 35.57 24.36
C ILE G 247 47.58 34.72 25.34
N LEU G 248 47.58 33.40 25.16
CA LEU G 248 46.83 32.55 26.08
C LEU G 248 47.46 32.54 27.47
N ASP G 249 48.79 32.60 27.56
CA ASP G 249 49.43 32.72 28.86
C ASP G 249 49.02 34.02 29.54
N SER G 250 48.98 35.12 28.80
CA SER G 250 48.55 36.39 29.39
C SER G 250 47.09 36.32 29.85
N ILE G 251 46.23 35.70 29.04
CA ILE G 251 44.82 35.55 29.43
C ILE G 251 44.72 34.78 30.74
N SER G 252 45.43 33.66 30.83
CA SER G 252 45.36 32.84 32.03
C SER G 252 45.90 33.58 33.24
N GLN G 253 47.03 34.29 33.09
CA GLN G 253 47.59 35.02 34.22
C GLN G 253 46.67 36.14 34.67
N ASN G 254 46.04 36.85 33.73
CA ASN G 254 45.13 37.92 34.10
C ASN G 254 43.91 37.37 34.84
N TYR G 255 43.34 36.27 34.35
CA TYR G 255 42.22 35.66 35.06
C TYR G 255 42.62 35.17 36.45
N LEU G 256 43.80 34.56 36.56
CA LEU G 256 44.27 34.09 37.85
C LEU G 256 44.48 35.25 38.84
N ALA G 257 45.08 36.34 38.37
CA ALA G 257 45.29 37.49 39.26
C ALA G 257 43.96 38.15 39.63
N GLN G 258 43.02 38.21 38.70
CA GLN G 258 41.72 38.79 38.99
C GLN G 258 40.97 37.97 40.03
N ASN G 259 41.03 36.65 39.93
CA ASN G 259 40.24 35.81 40.83
C ASN G 259 40.69 35.95 42.28
N ILE G 260 42.00 36.07 42.51
CA ILE G 260 42.53 36.11 43.87
C ILE G 260 42.47 37.52 44.42
N ALA G 261 41.79 38.41 43.71
CA ALA G 261 41.59 39.78 44.18
C ALA G 261 40.19 40.27 43.82
N VAL G 409 41.35 29.10 41.77
CA VAL G 409 41.78 28.76 40.43
C VAL G 409 43.26 28.40 40.41
N ARG G 410 43.61 27.41 39.59
CA ARG G 410 44.98 26.91 39.49
C ARG G 410 45.31 26.65 38.03
N ILE G 411 46.52 27.03 37.64
CA ILE G 411 46.99 26.84 36.27
C ILE G 411 47.79 25.53 36.24
N ILE G 412 47.19 24.49 35.69
CA ILE G 412 47.79 23.16 35.66
C ILE G 412 48.68 23.03 34.43
N ASP G 413 48.11 23.26 33.25
CA ASP G 413 48.83 23.19 31.98
C ASP G 413 48.90 24.59 31.38
N ASN G 414 50.09 25.19 31.40
CA ASN G 414 50.28 26.44 30.69
C ASN G 414 50.18 26.19 29.18
N ALA G 415 49.80 27.23 28.46
CA ALA G 415 49.45 27.08 27.06
C ALA G 415 50.66 26.64 26.23
N VAL G 416 50.45 25.62 25.40
CA VAL G 416 51.43 25.25 24.38
C VAL G 416 50.69 25.07 23.06
N THR G 417 51.44 25.19 21.98
CA THR G 417 50.90 25.20 20.62
C THR G 417 51.17 23.87 19.94
N ASP G 418 50.13 23.29 19.35
CA ASP G 418 50.31 22.07 18.59
C ASP G 418 51.02 22.38 17.29
N PRO G 419 52.20 21.82 17.02
CA PRO G 419 52.93 22.18 15.80
C PRO G 419 52.25 21.76 14.51
N ASN G 420 51.29 20.84 14.56
CA ASN G 420 50.53 20.48 13.37
C ASN G 420 49.34 21.40 13.23
N PRO G 421 49.23 22.17 12.15
CA PRO G 421 48.10 23.09 12.00
C PRO G 421 46.77 22.37 11.99
N VAL G 422 45.75 23.02 12.54
CA VAL G 422 44.41 22.46 12.52
C VAL G 422 43.64 22.81 11.24
N ARG G 423 44.01 23.89 10.57
CA ARG G 423 43.42 24.28 9.29
C ARG G 423 44.51 24.83 8.40
N PRO G 424 44.43 24.61 7.08
CA PRO G 424 43.41 23.82 6.40
C PRO G 424 43.69 22.32 6.45
N LYS G 425 42.64 21.51 6.48
CA LYS G 425 42.77 20.06 6.47
C LYS G 425 42.88 19.62 5.02
N LYS G 426 44.10 19.33 4.58
CA LYS G 426 44.37 19.17 3.16
C LYS G 426 43.64 17.97 2.57
N THR G 427 43.67 16.83 3.26
CA THR G 427 43.12 15.61 2.68
C THR G 427 41.62 15.71 2.46
N ILE G 428 40.88 16.21 3.44
CA ILE G 428 39.44 16.33 3.27
C ILE G 428 39.11 17.36 2.20
N ILE G 429 39.91 18.43 2.10
CA ILE G 429 39.69 19.43 1.07
C ILE G 429 39.86 18.81 -0.32
N ILE G 430 40.92 18.02 -0.50
CA ILE G 430 41.16 17.42 -1.81
C ILE G 430 40.11 16.38 -2.14
N VAL G 431 39.68 15.59 -1.15
CA VAL G 431 38.63 14.61 -1.39
C VAL G 431 37.33 15.30 -1.78
N ILE G 432 36.98 16.38 -1.08
CA ILE G 432 35.78 17.14 -1.42
C ILE G 432 35.88 17.71 -2.82
N GLY G 433 37.06 18.22 -3.19
CA GLY G 433 37.23 18.74 -4.53
C GLY G 433 37.04 17.67 -5.61
N VAL G 434 37.62 16.50 -5.38
CA VAL G 434 37.50 15.41 -6.36
C VAL G 434 36.06 14.98 -6.50
N VAL G 435 35.37 14.79 -5.37
CA VAL G 435 33.98 14.34 -5.42
C VAL G 435 33.09 15.40 -6.06
N LEU G 436 33.36 16.68 -5.78
CA LEU G 436 32.60 17.75 -6.39
C LEU G 436 32.80 17.77 -7.90
N GLY G 437 34.05 17.59 -8.35
CA GLY G 437 34.29 17.49 -9.79
C GLY G 437 33.55 16.35 -10.42
N LEU G 438 33.57 15.18 -9.78
CA LEU G 438 32.88 14.03 -10.33
C LEU G 438 31.38 14.27 -10.43
N ILE G 439 30.78 14.85 -9.38
CA ILE G 439 29.33 15.02 -9.40
C ILE G 439 28.93 16.08 -10.42
N VAL G 440 29.70 17.17 -10.55
CA VAL G 440 29.33 18.17 -11.54
C VAL G 440 29.52 17.63 -12.94
N SER G 441 30.55 16.80 -13.16
CA SER G 441 30.74 16.20 -14.47
C SER G 441 29.58 15.25 -14.81
N VAL G 442 29.15 14.44 -13.84
CA VAL G 442 28.05 13.52 -14.10
C VAL G 442 26.76 14.29 -14.36
N VAL G 443 26.53 15.38 -13.62
CA VAL G 443 25.34 16.18 -13.86
C VAL G 443 25.37 16.79 -15.26
N LEU G 444 26.52 17.33 -15.66
CA LEU G 444 26.62 17.91 -17.00
C LEU G 444 26.41 16.86 -18.08
N VAL G 445 26.98 15.67 -17.90
CA VAL G 445 26.82 14.60 -18.87
C VAL G 445 25.35 14.18 -18.98
N LEU G 446 24.68 14.02 -17.83
CA LEU G 446 23.27 13.65 -17.87
C LEU G 446 22.44 14.74 -18.53
N PHE G 447 22.76 16.00 -18.25
CA PHE G 447 22.02 17.10 -18.85
C PHE G 447 22.19 17.12 -20.37
N GLN G 448 23.42 16.90 -20.85
CA GLN G 448 23.65 16.86 -22.29
C GLN G 448 22.95 15.67 -22.93
N VAL G 449 22.97 14.52 -22.26
CA VAL G 449 22.32 13.33 -22.81
C VAL G 449 20.82 13.54 -22.92
N PHE G 450 20.20 14.13 -21.89
CA PHE G 450 18.76 14.33 -21.92
C PHE G 450 18.33 15.43 -22.87
N LEU G 451 19.26 16.24 -23.39
CA LEU G 451 18.93 17.32 -24.31
C LEU G 451 19.32 17.00 -25.74
N ARG G 452 19.54 15.73 -26.07
CA ARG G 452 19.89 15.34 -27.44
C ARG G 452 18.63 14.96 -28.20
N ARG G 453 18.51 15.46 -29.42
CA ARG G 453 17.37 15.15 -30.27
C ARG G 453 17.76 14.62 -31.65
N GLY G 454 19.03 14.69 -32.03
CA GLY G 454 19.44 14.24 -33.34
C GLY G 454 19.30 12.74 -33.53
N ILE G 455 19.51 12.31 -34.77
CA ILE G 455 19.45 10.90 -35.11
C ILE G 455 20.68 10.20 -34.55
N GLU G 456 20.47 9.08 -33.87
CA GLU G 456 21.58 8.32 -33.30
C GLU G 456 21.95 7.08 -34.11
N SER G 457 20.98 6.39 -34.67
CA SER G 457 21.24 5.16 -35.41
C SER G 457 20.23 5.06 -36.54
N PRO G 458 20.53 4.28 -37.58
CA PRO G 458 19.56 4.09 -38.66
C PRO G 458 18.26 3.47 -38.19
N GLU G 459 18.25 2.80 -37.03
CA GLU G 459 17.03 2.18 -36.55
C GLU G 459 15.99 3.20 -36.14
N GLN G 460 16.43 4.39 -35.71
CA GLN G 460 15.48 5.46 -35.40
C GLN G 460 14.70 5.86 -36.64
N LEU G 461 15.36 5.96 -37.79
CA LEU G 461 14.65 6.25 -39.03
C LEU G 461 13.81 5.05 -39.48
N GLU G 462 14.33 3.84 -39.29
CA GLU G 462 13.61 2.65 -39.78
C GLU G 462 12.40 2.31 -38.92
N GLU G 463 12.33 2.83 -37.69
CA GLU G 463 11.10 2.68 -36.90
C GLU G 463 9.93 3.37 -37.59
N ILE G 464 10.16 4.58 -38.12
CA ILE G 464 9.10 5.31 -38.79
C ILE G 464 8.69 4.62 -40.09
N GLY G 465 9.62 3.95 -40.75
CA GLY G 465 9.33 3.31 -42.02
C GLY G 465 10.08 3.93 -43.17
N ILE G 466 11.29 4.42 -42.88
CA ILE G 466 12.17 5.03 -43.86
C ILE G 466 13.34 4.09 -44.09
N ASN G 467 13.52 3.67 -45.34
CA ASN G 467 14.60 2.75 -45.69
C ASN G 467 15.92 3.52 -45.73
N VAL G 468 16.82 3.23 -44.79
CA VAL G 468 18.16 3.82 -44.80
C VAL G 468 19.02 2.96 -45.70
N TYR G 469 19.46 3.53 -46.82
CA TYR G 469 20.22 2.78 -47.82
C TYR G 469 21.72 2.75 -47.56
N ALA G 470 22.22 3.60 -46.68
CA ALA G 470 23.66 3.65 -46.41
C ALA G 470 23.88 4.45 -45.14
N SER G 471 25.12 4.42 -44.66
CA SER G 471 25.56 5.26 -43.56
C SER G 471 27.00 5.64 -43.82
N ILE G 472 27.23 6.87 -44.23
CA ILE G 472 28.55 7.33 -44.65
C ILE G 472 29.27 7.88 -43.43
N PRO G 473 30.46 7.40 -43.11
CA PRO G 473 31.21 7.95 -41.97
C PRO G 473 31.90 9.25 -42.32
N ILE G 474 32.37 9.93 -41.27
CA ILE G 474 33.13 11.17 -41.46
C ILE G 474 34.47 10.84 -42.10
N SER G 475 34.84 11.62 -43.11
CA SER G 475 36.12 11.49 -43.79
C SER G 475 37.07 12.54 -43.23
N GLU G 476 37.90 12.14 -42.27
CA GLU G 476 38.84 13.07 -41.66
C GLU G 476 39.97 13.47 -42.60
N TRP G 477 40.10 12.81 -43.75
CA TRP G 477 41.14 13.13 -44.72
C TRP G 477 41.07 14.58 -45.18
N ASP G 494 38.33 21.59 -52.27
CA ASP G 494 37.95 21.81 -53.66
C ASP G 494 38.40 20.65 -54.55
N THR G 495 38.19 19.43 -54.06
CA THR G 495 38.52 18.24 -54.83
C THR G 495 37.59 17.11 -54.40
N LEU G 496 37.46 16.11 -55.27
CA LEU G 496 36.59 14.98 -55.00
C LEU G 496 37.31 13.94 -54.15
N LEU G 497 36.68 13.55 -53.04
CA LEU G 497 37.25 12.53 -52.18
C LEU G 497 37.41 11.20 -52.90
N ALA G 498 36.43 10.84 -53.73
CA ALA G 498 36.47 9.61 -54.50
C ALA G 498 37.57 9.63 -55.55
N VAL G 499 38.30 10.74 -55.63
CA VAL G 499 39.41 10.88 -56.56
C VAL G 499 40.73 11.10 -55.83
N GLY G 500 40.74 11.99 -54.84
CA GLY G 500 41.96 12.21 -54.08
C GLY G 500 42.38 10.99 -53.29
N ASN G 501 41.43 10.37 -52.60
CA ASN G 501 41.69 9.22 -51.72
C ASN G 501 40.69 8.13 -52.01
N PRO G 502 40.85 7.42 -53.13
CA PRO G 502 39.84 6.43 -53.54
C PRO G 502 39.65 5.30 -52.54
N ALA G 503 40.62 5.07 -51.65
CA ALA G 503 40.53 4.01 -50.66
C ALA G 503 40.07 4.53 -49.31
N ASP G 504 39.36 5.66 -49.28
CA ASP G 504 38.83 6.17 -48.04
C ASP G 504 37.67 5.30 -47.55
N LEU G 505 37.42 5.35 -46.25
CA LEU G 505 36.31 4.58 -45.70
C LEU G 505 34.97 5.12 -46.19
N ALA G 506 34.86 6.45 -46.31
CA ALA G 506 33.63 7.04 -46.81
C ALA G 506 33.37 6.65 -48.25
N VAL G 507 34.42 6.54 -49.07
CA VAL G 507 34.23 6.09 -50.44
C VAL G 507 33.81 4.62 -50.47
N GLU G 508 34.27 3.82 -49.52
CA GLU G 508 33.79 2.44 -49.41
C GLU G 508 32.30 2.41 -49.09
N ALA G 509 31.86 3.23 -48.15
CA ALA G 509 30.44 3.31 -47.85
C ALA G 509 29.65 3.80 -49.06
N ILE G 510 30.22 4.70 -49.84
CA ILE G 510 29.55 5.17 -51.05
C ILE G 510 29.46 4.07 -52.10
N ARG G 511 30.48 3.21 -52.20
CA ARG G 511 30.39 2.07 -53.10
C ARG G 511 29.32 1.08 -52.64
N GLY G 512 29.18 0.90 -51.34
CA GLY G 512 28.06 0.14 -50.82
C GLY G 512 26.73 0.73 -51.24
N LEU G 513 26.61 2.05 -51.14
CA LEU G 513 25.41 2.74 -51.61
C LEU G 513 25.21 2.55 -53.11
N ARG G 514 26.30 2.52 -53.88
CA ARG G 514 26.20 2.33 -55.32
C ARG G 514 25.61 0.98 -55.66
N THR G 515 26.09 -0.08 -55.00
CA THR G 515 25.56 -1.40 -55.29
C THR G 515 24.15 -1.58 -54.74
N SER G 516 23.81 -0.85 -53.68
CA SER G 516 22.42 -0.84 -53.21
C SER G 516 21.50 -0.15 -54.21
N LEU G 517 21.96 0.96 -54.80
CA LEU G 517 21.15 1.69 -55.76
C LEU G 517 20.99 0.92 -57.06
N HIS G 518 22.01 0.19 -57.47
CA HIS G 518 21.90 -0.58 -58.71
C HIS G 518 20.75 -1.58 -58.68
N PHE G 519 20.30 -1.96 -57.48
CA PHE G 519 19.13 -2.81 -57.30
C PHE G 519 17.88 -2.02 -56.97
N ALA G 520 17.99 -0.95 -56.18
CA ALA G 520 16.83 -0.11 -55.90
C ALA G 520 16.34 0.60 -57.15
N MET G 521 17.24 1.08 -58.00
CA MET G 521 16.87 1.88 -59.16
C MET G 521 16.40 1.05 -60.34
N MET G 522 16.10 -0.23 -60.16
CA MET G 522 15.47 -1.01 -61.22
C MET G 522 13.96 -0.82 -61.18
N GLU G 523 13.33 -0.96 -62.34
CA GLU G 523 11.90 -0.73 -62.51
C GLU G 523 11.51 0.70 -62.18
N ALA G 524 12.44 1.64 -62.35
CA ALA G 524 12.15 3.05 -62.24
C ALA G 524 11.77 3.61 -63.61
N LYS G 525 10.97 4.67 -63.61
CA LYS G 525 10.44 5.18 -64.87
C LYS G 525 11.51 5.79 -65.75
N ASN G 526 12.62 6.25 -65.19
CA ASN G 526 13.75 6.71 -66.00
C ASN G 526 15.01 6.61 -65.15
N ASN G 527 16.13 7.03 -65.72
CA ASN G 527 17.44 6.90 -65.10
C ASN G 527 17.88 8.17 -64.41
N VAL G 528 16.95 8.90 -63.79
CA VAL G 528 17.24 10.16 -63.12
C VAL G 528 17.13 9.94 -61.61
N LEU G 529 18.18 10.31 -60.90
CA LEU G 529 18.25 10.20 -59.45
C LEU G 529 18.40 11.60 -58.88
N MET G 530 17.62 11.90 -57.85
CA MET G 530 17.61 13.23 -57.24
C MET G 530 17.99 13.09 -55.77
N ILE G 531 19.12 13.65 -55.40
CA ILE G 531 19.57 13.68 -54.02
C ILE G 531 19.11 15.00 -53.41
N SER G 532 18.44 14.92 -52.27
CA SER G 532 17.97 16.13 -51.61
C SER G 532 18.18 15.96 -50.11
N GLY G 533 17.58 16.83 -49.32
CA GLY G 533 17.78 16.75 -47.88
C GLY G 533 16.80 17.65 -47.16
N ALA G 534 16.93 17.67 -45.84
CA ALA G 534 16.04 18.49 -45.01
C ALA G 534 16.63 19.86 -44.72
N SER G 535 17.89 19.90 -44.29
CA SER G 535 18.54 21.14 -43.91
C SER G 535 19.84 21.31 -44.69
N PRO G 536 20.28 22.55 -44.89
CA PRO G 536 21.53 22.76 -45.62
C PRO G 536 22.72 22.24 -44.85
N SER G 537 23.81 22.01 -45.60
CA SER G 537 25.03 21.41 -45.07
C SER G 537 24.74 20.06 -44.41
N ALA G 538 23.96 19.24 -45.11
CA ALA G 538 23.72 17.87 -44.70
C ALA G 538 24.60 16.88 -45.45
N GLY G 539 25.02 17.21 -46.65
CA GLY G 539 25.91 16.35 -47.41
C GLY G 539 25.40 16.02 -48.79
N MET G 540 24.44 16.80 -49.30
CA MET G 540 23.85 16.46 -50.60
C MET G 540 24.88 16.56 -51.72
N THR G 541 25.68 17.61 -51.73
CA THR G 541 26.66 17.75 -52.82
C THR G 541 27.80 16.77 -52.64
N PHE G 542 28.26 16.57 -51.41
CA PHE G 542 29.26 15.53 -51.15
C PHE G 542 28.78 14.18 -51.65
N ILE G 543 27.59 13.77 -51.21
CA ILE G 543 27.06 12.46 -51.58
C ILE G 543 26.88 12.36 -53.09
N SER G 544 26.28 13.37 -53.71
CA SER G 544 25.97 13.29 -55.12
C SER G 544 27.23 13.26 -55.96
N SER G 545 28.19 14.14 -55.69
CA SER G 545 29.39 14.20 -56.50
C SER G 545 30.22 12.94 -56.34
N ASN G 546 30.42 12.48 -55.11
CA ASN G 546 31.20 11.26 -54.90
C ASN G 546 30.49 10.05 -55.48
N LEU G 547 29.16 9.97 -55.37
CA LEU G 547 28.43 8.87 -55.97
C LEU G 547 28.58 8.87 -57.48
N ALA G 548 28.53 10.05 -58.10
CA ALA G 548 28.73 10.14 -59.54
C ALA G 548 30.12 9.67 -59.92
N ALA G 549 31.13 10.01 -59.12
CA ALA G 549 32.49 9.57 -59.41
C ALA G 549 32.61 8.05 -59.33
N THR G 550 32.07 7.47 -58.25
CA THR G 550 32.16 6.02 -58.05
C THR G 550 31.35 5.27 -59.09
N ILE G 551 30.29 5.88 -59.63
CA ILE G 551 29.54 5.18 -60.67
C ILE G 551 30.19 5.37 -62.03
N ALA G 552 30.94 6.46 -62.22
CA ALA G 552 31.63 6.66 -63.48
C ALA G 552 32.87 5.78 -63.60
N ILE G 553 33.53 5.48 -62.49
CA ILE G 553 34.72 4.62 -62.56
C ILE G 553 34.39 3.20 -63.02
N THR G 554 33.13 2.81 -63.02
CA THR G 554 32.73 1.48 -63.47
C THR G 554 32.38 1.44 -64.95
N GLY G 555 32.57 2.53 -65.68
CA GLY G 555 32.41 2.52 -67.11
C GLY G 555 31.05 2.94 -67.63
N LYS G 556 30.20 3.52 -66.79
CA LYS G 556 28.90 4.02 -67.22
C LYS G 556 28.96 5.53 -67.36
N LYS G 557 28.33 6.04 -68.43
CA LYS G 557 28.28 7.48 -68.63
C LYS G 557 27.35 8.13 -67.62
N VAL G 558 27.85 9.14 -66.92
CA VAL G 558 27.14 9.78 -65.83
C VAL G 558 27.06 11.27 -66.10
N LEU G 559 25.88 11.85 -65.94
CA LEU G 559 25.68 13.29 -65.98
C LEU G 559 25.34 13.79 -64.59
N PHE G 560 25.99 14.87 -64.18
CA PHE G 560 25.76 15.51 -62.89
C PHE G 560 25.20 16.89 -63.14
N ILE G 561 24.09 17.21 -62.50
CA ILE G 561 23.42 18.50 -62.66
C ILE G 561 23.38 19.18 -61.30
N ASP G 562 23.83 20.43 -61.26
CA ASP G 562 23.79 21.25 -60.05
C ASP G 562 22.57 22.15 -60.18
N ALA G 563 21.43 21.65 -59.67
CA ALA G 563 20.18 22.39 -59.69
C ALA G 563 19.98 23.20 -58.42
N ASP G 564 21.03 23.38 -57.63
CA ASP G 564 21.03 24.35 -56.54
C ASP G 564 21.41 25.70 -57.15
N LEU G 565 20.41 26.37 -57.73
CA LEU G 565 20.55 27.67 -58.36
C LEU G 565 20.75 28.79 -57.39
N ARG G 566 20.89 28.50 -56.10
CA ARG G 566 21.03 29.55 -55.09
C ARG G 566 22.40 29.59 -54.44
N LYS G 567 22.96 28.44 -54.05
CA LYS G 567 24.28 28.40 -53.42
C LYS G 567 25.10 27.22 -53.95
N GLY G 568 25.07 26.99 -55.26
CA GLY G 568 25.76 25.85 -55.83
C GLY G 568 27.21 26.08 -56.16
N TYR G 569 28.10 25.27 -55.59
CA TYR G 569 29.55 25.44 -55.77
C TYR G 569 30.20 24.27 -56.49
N ALA G 570 29.42 23.47 -57.23
CA ALA G 570 29.97 22.29 -57.88
C ALA G 570 31.02 22.66 -58.92
N HIS G 571 30.80 23.75 -59.66
CA HIS G 571 31.78 24.15 -60.67
C HIS G 571 33.12 24.49 -60.03
N LYS G 572 33.12 25.00 -58.81
CA LYS G 572 34.38 25.26 -58.11
C LYS G 572 35.11 23.95 -57.81
N MET G 573 34.36 22.92 -57.43
CA MET G 573 34.93 21.63 -57.08
C MET G 573 35.35 20.80 -58.29
N PHE G 574 34.83 21.13 -59.47
CA PHE G 574 35.13 20.34 -60.66
C PHE G 574 36.14 21.00 -61.60
N GLY G 575 36.42 22.29 -61.43
CA GLY G 575 37.21 23.01 -62.41
C GLY G 575 36.26 23.53 -63.47
N HIS G 576 36.18 24.84 -63.67
CA HIS G 576 35.00 25.40 -64.30
C HIS G 576 35.34 26.46 -65.33
N LYS G 577 34.41 26.63 -66.26
CA LYS G 577 34.19 27.87 -66.99
C LYS G 577 32.78 28.30 -66.59
N ASN G 578 32.69 29.28 -65.69
CA ASN G 578 31.43 29.58 -65.00
C ASN G 578 30.32 30.06 -65.93
N ASP G 579 30.65 30.44 -67.16
CA ASP G 579 29.63 30.85 -68.11
C ASP G 579 28.74 29.67 -68.51
N LYS G 580 27.51 29.99 -68.90
CA LYS G 580 26.58 29.03 -69.50
C LYS G 580 26.31 27.85 -68.58
N GLY G 581 25.70 28.14 -67.44
CA GLY G 581 25.24 27.13 -66.51
C GLY G 581 23.82 26.73 -66.78
N LEU G 582 23.18 26.18 -65.74
CA LEU G 582 21.79 25.78 -65.85
C LEU G 582 20.87 26.99 -65.98
N SER G 583 21.19 28.07 -65.26
CA SER G 583 20.39 29.29 -65.32
C SER G 583 20.30 29.81 -66.74
N GLU G 584 21.45 29.98 -67.40
CA GLU G 584 21.48 30.54 -68.75
C GLU G 584 20.66 29.69 -69.72
N PHE G 585 20.70 28.37 -69.55
CA PHE G 585 19.89 27.51 -70.40
C PHE G 585 18.40 27.68 -70.13
N LEU G 586 18.02 27.71 -68.84
CA LEU G 586 16.61 27.80 -68.48
C LEU G 586 16.01 29.13 -68.94
N SER G 587 16.74 30.23 -68.74
CA SER G 587 16.27 31.52 -69.17
C SER G 587 16.25 31.67 -70.68
N GLY G 588 16.86 30.75 -71.42
CA GLY G 588 16.77 30.72 -72.87
C GLY G 588 17.98 31.28 -73.61
N GLN G 589 19.00 31.74 -72.90
CA GLN G 589 20.16 32.37 -73.54
C GLN G 589 21.33 31.41 -73.70
N ALA G 590 21.05 30.11 -73.86
CA ALA G 590 22.10 29.11 -74.04
C ALA G 590 21.48 27.87 -74.68
N ALA G 591 22.35 27.03 -75.23
CA ALA G 591 21.93 25.79 -75.87
C ALA G 591 22.17 24.61 -74.94
N ALA G 592 21.66 23.45 -75.35
CA ALA G 592 21.79 22.24 -74.55
C ALA G 592 23.18 21.63 -74.60
N GLU G 593 24.05 22.10 -75.49
CA GLU G 593 25.38 21.53 -75.65
C GLU G 593 26.50 22.44 -75.15
N MET G 594 26.21 23.72 -74.91
CA MET G 594 27.23 24.64 -74.41
C MET G 594 27.29 24.69 -72.90
N ILE G 595 26.45 23.93 -72.21
CA ILE G 595 26.40 23.94 -70.75
C ILE G 595 27.08 22.73 -70.14
N ILE G 596 27.35 21.70 -70.91
CA ILE G 596 27.92 20.44 -70.42
C ILE G 596 29.44 20.53 -70.46
N ASP G 597 30.07 20.29 -69.31
CA ASP G 597 31.53 20.28 -69.20
C ASP G 597 31.97 18.93 -68.66
N LYS G 598 33.29 18.71 -68.59
CA LYS G 598 33.85 17.44 -68.17
C LYS G 598 34.71 17.62 -66.93
N VAL G 599 34.50 16.77 -65.93
CA VAL G 599 35.34 16.78 -64.74
C VAL G 599 36.70 16.17 -65.08
N GLU G 600 37.77 16.83 -64.62
CA GLU G 600 39.11 16.42 -65.00
C GLU G 600 39.47 15.08 -64.38
N GLY G 601 39.52 15.01 -63.05
CA GLY G 601 39.90 13.80 -62.37
C GLY G 601 38.73 12.89 -62.08
N GLY G 602 37.61 13.12 -62.75
CA GLY G 602 36.36 12.43 -62.53
C GLY G 602 36.17 11.35 -63.58
N GLY G 603 35.40 11.65 -64.62
CA GLY G 603 35.10 10.68 -65.63
C GLY G 603 33.65 10.83 -66.07
N PHE G 604 33.01 11.87 -65.56
CA PHE G 604 31.62 12.16 -65.83
C PHE G 604 31.47 13.62 -66.22
N ASP G 605 30.42 13.90 -66.98
CA ASP G 605 30.10 15.27 -67.35
C ASP G 605 29.32 15.94 -66.22
N TYR G 606 29.23 17.28 -66.30
CA TYR G 606 28.45 18.01 -65.32
C TYR G 606 27.90 19.28 -65.95
N ILE G 607 26.85 19.80 -65.30
CA ILE G 607 26.22 21.07 -65.64
C ILE G 607 26.23 21.93 -64.39
N GLY G 608 26.86 23.10 -64.47
CA GLY G 608 26.89 24.00 -63.35
C GLY G 608 25.60 24.81 -63.25
N ARG G 609 25.45 25.50 -62.11
CA ARG G 609 24.25 26.30 -61.91
C ARG G 609 24.26 27.52 -62.83
N GLY G 610 25.43 28.11 -63.05
CA GLY G 610 25.52 29.35 -63.80
C GLY G 610 25.44 30.55 -62.90
N GLN G 611 24.99 31.68 -63.43
CA GLN G 611 24.78 32.87 -62.63
C GLN G 611 23.56 32.67 -61.73
N ILE G 612 23.61 33.23 -60.53
CA ILE G 612 22.49 33.16 -59.60
C ILE G 612 21.35 33.98 -60.17
N PRO G 613 20.18 33.40 -60.41
CA PRO G 613 19.07 34.15 -60.98
C PRO G 613 18.24 34.81 -59.90
N PRO G 614 17.36 35.75 -60.26
CA PRO G 614 16.45 36.31 -59.25
C PRO G 614 15.23 35.45 -58.99
N ASN G 615 14.87 34.56 -59.91
CA ASN G 615 13.68 33.72 -59.78
C ASN G 615 14.04 32.26 -60.03
N PRO G 616 14.78 31.62 -59.10
CA PRO G 616 15.17 30.22 -59.34
C PRO G 616 13.99 29.28 -59.41
N ALA G 617 13.05 29.39 -58.47
CA ALA G 617 11.92 28.47 -58.42
C ALA G 617 11.01 28.61 -59.62
N GLU G 618 10.97 29.79 -60.23
CA GLU G 618 10.17 29.99 -61.43
C GLU G 618 10.91 29.66 -62.70
N LEU G 619 12.24 29.69 -62.68
CA LEU G 619 13.02 29.15 -63.79
C LEU G 619 12.89 27.63 -63.85
N LEU G 620 12.95 26.97 -62.70
CA LEU G 620 12.88 25.51 -62.66
C LEU G 620 11.54 24.97 -63.13
N MET G 621 10.51 25.80 -63.24
CA MET G 621 9.21 25.35 -63.70
C MET G 621 9.05 25.42 -65.21
N HIS G 622 10.01 26.02 -65.91
CA HIS G 622 9.93 26.11 -67.36
C HIS G 622 10.00 24.72 -67.99
N PRO G 623 9.26 24.46 -69.07
CA PRO G 623 9.33 23.14 -69.71
C PRO G 623 10.68 22.82 -70.34
N ARG G 624 11.56 23.81 -70.51
CA ARG G 624 12.89 23.53 -71.04
C ARG G 624 13.70 22.63 -70.10
N PHE G 625 13.41 22.68 -68.80
CA PHE G 625 14.07 21.76 -67.88
C PHE G 625 13.70 20.31 -68.18
N GLU G 626 12.42 20.05 -68.39
CA GLU G 626 11.99 18.71 -68.76
C GLU G 626 12.55 18.31 -70.12
N GLN G 627 12.64 19.27 -71.06
CA GLN G 627 13.26 18.97 -72.34
C GLN G 627 14.72 18.55 -72.16
N LEU G 628 15.45 19.27 -71.31
CA LEU G 628 16.84 18.94 -71.04
C LEU G 628 16.96 17.54 -70.45
N LEU G 629 16.12 17.21 -69.48
CA LEU G 629 16.20 15.90 -68.85
C LEU G 629 15.84 14.80 -69.84
N ASN G 630 14.82 15.00 -70.67
CA ASN G 630 14.46 14.00 -71.66
C ASN G 630 15.56 13.80 -72.69
N TRP G 631 16.21 14.89 -73.11
CA TRP G 631 17.33 14.76 -74.03
C TRP G 631 18.51 14.04 -73.40
N ALA G 632 18.81 14.34 -72.13
CA ALA G 632 19.94 13.73 -71.47
C ALA G 632 19.68 12.26 -71.16
N SER G 633 18.42 11.88 -70.93
CA SER G 633 18.10 10.50 -70.60
C SER G 633 18.32 9.54 -71.76
N GLN G 634 18.81 10.02 -72.90
CA GLN G 634 19.09 9.17 -74.04
C GLN G 634 20.57 9.10 -74.39
N ASN G 635 21.39 10.01 -73.86
CA ASN G 635 22.82 10.03 -74.14
C ASN G 635 23.66 9.61 -72.95
N TYR G 636 23.04 9.37 -71.79
CA TYR G 636 23.76 9.02 -70.58
C TYR G 636 23.09 7.83 -69.92
N ASP G 637 23.87 7.12 -69.09
CA ASP G 637 23.37 5.96 -68.37
C ASP G 637 22.75 6.33 -67.04
N LEU G 638 23.22 7.40 -66.41
CA LEU G 638 22.68 7.86 -65.14
C LEU G 638 22.73 9.39 -65.12
N ILE G 639 21.72 9.99 -64.51
CA ILE G 639 21.68 11.44 -64.28
C ILE G 639 21.43 11.66 -62.81
N ILE G 640 22.34 12.38 -62.16
CA ILE G 640 22.22 12.73 -60.75
C ILE G 640 21.99 14.23 -60.67
N ILE G 641 21.00 14.64 -59.88
CA ILE G 641 20.64 16.04 -59.72
C ILE G 641 20.82 16.41 -58.26
N ASP G 642 21.58 17.46 -58.00
CA ASP G 642 21.73 18.01 -56.67
C ASP G 642 20.79 19.19 -56.51
N THR G 643 20.17 19.29 -55.34
CA THR G 643 19.08 20.21 -55.09
C THR G 643 19.29 20.92 -53.77
N PRO G 644 18.63 22.06 -53.55
CA PRO G 644 18.64 22.68 -52.23
C PRO G 644 17.81 21.87 -51.26
N PRO G 645 17.81 22.20 -49.98
CA PRO G 645 16.93 21.51 -49.04
C PRO G 645 15.46 21.75 -49.38
N ILE G 646 14.60 20.96 -48.76
CA ILE G 646 13.16 21.06 -49.02
C ILE G 646 12.49 21.83 -47.89
N LEU G 647 13.04 21.76 -46.69
CA LEU G 647 12.48 22.53 -45.59
C LEU G 647 12.77 24.01 -45.72
N ALA G 648 13.65 24.40 -46.64
CA ALA G 648 13.99 25.81 -46.86
C ALA G 648 13.24 26.39 -48.05
N VAL G 649 13.37 25.76 -49.22
CA VAL G 649 12.74 26.21 -50.45
C VAL G 649 12.00 25.03 -51.07
N THR G 650 11.43 25.26 -52.24
CA THR G 650 10.57 24.29 -52.89
C THR G 650 11.14 23.78 -54.21
N ASP G 651 12.40 24.10 -54.52
CA ASP G 651 12.98 23.70 -55.81
C ASP G 651 13.03 22.19 -55.94
N ALA G 652 13.42 21.50 -54.86
CA ALA G 652 13.54 20.04 -54.91
C ALA G 652 12.21 19.40 -55.28
N ALA G 653 11.09 19.96 -54.84
CA ALA G 653 9.78 19.39 -55.13
C ALA G 653 9.35 19.66 -56.56
N ILE G 654 9.83 20.74 -57.16
CA ILE G 654 9.60 20.95 -58.59
C ILE G 654 10.41 19.97 -59.42
N ILE G 655 11.68 19.77 -59.04
CA ILE G 655 12.56 18.89 -59.79
C ILE G 655 12.12 17.43 -59.66
N GLY G 656 11.64 17.04 -58.47
CA GLY G 656 11.31 15.65 -58.21
C GLY G 656 10.16 15.11 -59.03
N ARG G 657 9.43 15.96 -59.74
CA ARG G 657 8.40 15.45 -60.63
C ARG G 657 9.00 14.64 -61.76
N TYR G 658 10.16 15.05 -62.27
CA TYR G 658 10.80 14.41 -63.41
C TYR G 658 11.90 13.44 -62.99
N ALA G 659 12.05 13.17 -61.70
CA ALA G 659 13.07 12.25 -61.21
C ALA G 659 12.46 10.88 -61.00
N GLY G 660 13.11 9.86 -61.55
CA GLY G 660 12.65 8.50 -61.32
C GLY G 660 12.86 8.04 -59.88
N THR G 661 13.99 8.41 -59.30
CA THR G 661 14.30 8.03 -57.92
C THR G 661 14.69 9.27 -57.14
N CYS G 662 14.24 9.35 -55.89
CA CYS G 662 14.58 10.47 -55.02
C CYS G 662 15.04 9.92 -53.68
N LEU G 663 16.16 10.44 -53.19
CA LEU G 663 16.70 10.02 -51.90
C LEU G 663 17.01 11.24 -51.05
N LEU G 664 16.68 11.16 -49.77
CA LEU G 664 17.02 12.22 -48.84
C LEU G 664 18.33 11.91 -48.14
N VAL G 665 19.02 12.95 -47.71
CA VAL G 665 20.25 12.84 -46.95
C VAL G 665 20.00 13.43 -45.57
N ALA G 666 20.23 12.64 -44.54
CA ALA G 666 20.09 13.09 -43.16
C ALA G 666 21.46 13.14 -42.52
N ARG G 667 21.83 14.29 -41.98
CA ARG G 667 23.07 14.39 -41.24
C ARG G 667 22.93 13.68 -39.90
N PHE G 668 24.04 13.10 -39.43
CA PHE G 668 24.03 12.17 -38.32
C PHE G 668 23.48 12.80 -37.04
N GLU G 669 24.18 13.78 -36.50
CA GLU G 669 23.76 14.39 -35.24
C GLU G 669 22.86 15.59 -35.43
N LYS G 670 22.95 16.29 -36.56
CA LYS G 670 22.25 17.55 -36.72
C LYS G 670 20.75 17.35 -36.88
N ASN G 671 20.34 16.68 -37.95
CA ASN G 671 18.92 16.51 -38.21
C ASN G 671 18.27 15.62 -37.17
N THR G 672 16.96 15.69 -37.09
CA THR G 672 16.17 14.86 -36.18
C THR G 672 15.21 14.00 -37.00
N VAL G 673 14.59 13.04 -36.32
CA VAL G 673 13.61 12.18 -37.00
C VAL G 673 12.41 13.01 -37.41
N LYS G 674 12.05 14.02 -36.61
CA LYS G 674 10.92 14.87 -36.95
C LYS G 674 11.18 15.64 -38.24
N GLU G 675 12.39 16.18 -38.41
CA GLU G 675 12.71 16.90 -39.64
C GLU G 675 12.60 15.99 -40.86
N ILE G 676 13.12 14.77 -40.75
CA ILE G 676 13.12 13.85 -41.88
C ILE G 676 11.71 13.42 -42.22
N ASP G 677 10.88 13.17 -41.20
CA ASP G 677 9.48 12.83 -41.45
C ASP G 677 8.74 14.00 -42.11
N VAL G 678 8.97 15.22 -41.62
CA VAL G 678 8.35 16.39 -42.22
C VAL G 678 8.77 16.53 -43.68
N SER G 679 10.05 16.26 -43.97
CA SER G 679 10.52 16.37 -45.35
C SER G 679 9.90 15.32 -46.24
N MET G 680 9.81 14.07 -45.78
CA MET G 680 9.17 13.03 -46.57
C MET G 680 7.72 13.35 -46.84
N LYS G 681 7.02 13.85 -45.82
CA LYS G 681 5.61 14.19 -45.99
C LYS G 681 5.43 15.37 -46.92
N ARG G 682 6.30 16.37 -46.84
CA ARG G 682 6.19 17.51 -47.76
C ARG G 682 6.51 17.10 -49.18
N PHE G 683 7.39 16.13 -49.37
CA PHE G 683 7.63 15.62 -50.73
C PHE G 683 6.43 14.84 -51.24
N GLU G 684 5.81 14.02 -50.39
CA GLU G 684 4.66 13.24 -50.82
C GLU G 684 3.45 14.12 -51.08
N GLN G 685 3.32 15.23 -50.35
CA GLN G 685 2.23 16.16 -50.58
C GLN G 685 2.28 16.79 -51.96
N SER G 686 3.48 16.91 -52.53
CA SER G 686 3.67 17.51 -53.84
C SER G 686 3.77 16.48 -54.95
N GLY G 687 3.51 15.21 -54.65
CA GLY G 687 3.49 14.19 -55.67
C GLY G 687 4.84 13.58 -55.99
N VAL G 688 5.76 13.56 -55.03
CA VAL G 688 7.10 13.02 -55.23
C VAL G 688 7.29 11.89 -54.23
N VAL G 689 7.59 10.70 -54.73
CA VAL G 689 7.78 9.53 -53.88
C VAL G 689 9.25 9.41 -53.53
N VAL G 690 9.56 9.49 -52.24
CA VAL G 690 10.94 9.37 -51.78
C VAL G 690 11.26 7.91 -51.53
N LYS G 691 12.28 7.41 -52.21
CA LYS G 691 12.65 6.01 -52.09
C LYS G 691 13.19 5.71 -50.69
N GLY G 692 14.02 6.58 -50.14
CA GLY G 692 14.57 6.33 -48.83
C GLY G 692 15.54 7.42 -48.42
N CYS G 693 16.32 7.11 -47.39
CA CYS G 693 17.20 8.05 -46.74
C CYS G 693 18.64 7.57 -46.80
N ILE G 694 19.56 8.49 -46.53
CA ILE G 694 21.00 8.23 -46.50
C ILE G 694 21.54 8.94 -45.27
N LEU G 695 21.96 8.19 -44.26
CA LEU G 695 22.57 8.80 -43.09
C LEU G 695 24.01 9.16 -43.40
N ASN G 696 24.42 10.37 -43.02
CA ASN G 696 25.72 10.89 -43.39
C ASN G 696 26.45 11.44 -42.17
N GLY G 697 27.76 11.49 -42.26
CA GLY G 697 28.59 12.00 -41.17
C GLY G 697 28.51 11.18 -39.91
N VAL G 698 28.49 9.86 -40.03
CA VAL G 698 28.37 8.98 -38.87
C VAL G 698 29.74 8.86 -38.20
N VAL G 699 29.73 8.78 -36.87
CA VAL G 699 30.92 8.57 -36.07
C VAL G 699 30.66 7.46 -35.07
N LYS G 700 31.74 6.94 -34.50
CA LYS G 700 31.68 5.75 -33.64
C LYS G 700 31.44 6.19 -32.20
N LYS G 701 30.36 5.69 -31.60
CA LYS G 701 29.97 6.03 -30.24
C LYS G 701 29.84 4.76 -29.43
N ALA G 702 30.47 4.74 -28.25
CA ALA G 702 30.45 3.56 -27.39
C ALA G 702 29.08 3.31 -26.77
N SER G 703 28.18 4.28 -26.81
CA SER G 703 26.84 4.09 -26.27
C SER G 703 25.91 3.34 -27.22
N SER G 704 26.36 3.07 -28.44
CA SER G 704 25.56 2.32 -29.40
C SER G 704 26.00 0.86 -29.47
N ILE H 17 15.61 -13.15 -13.69
CA ILE H 17 16.77 -14.01 -13.50
C ILE H 17 16.39 -15.23 -12.67
N ASP H 18 17.25 -16.25 -12.67
CA ASP H 18 16.99 -17.48 -11.94
C ASP H 18 18.28 -18.00 -11.33
N LEU H 19 18.14 -18.85 -10.31
CA LEU H 19 19.30 -19.32 -9.55
C LEU H 19 20.26 -20.12 -10.42
N GLY H 20 19.73 -20.89 -11.37
CA GLY H 20 20.57 -21.73 -12.20
C GLY H 20 21.57 -20.91 -13.01
N ARG H 21 21.12 -19.77 -13.55
CA ARG H 21 22.01 -18.91 -14.32
C ARG H 21 23.16 -18.40 -13.47
N VAL H 22 22.87 -17.92 -12.25
CA VAL H 22 23.92 -17.35 -11.42
C VAL H 22 24.89 -18.44 -10.96
N ILE H 23 24.37 -19.63 -10.66
CA ILE H 23 25.25 -20.73 -10.26
C ILE H 23 26.15 -21.13 -11.42
N GLY H 24 25.60 -21.16 -12.64
CA GLY H 24 26.40 -21.46 -13.80
C GLY H 24 27.48 -20.43 -14.05
N GLU H 25 27.14 -19.14 -13.90
CA GLU H 25 28.14 -18.09 -14.08
C GLU H 25 29.26 -18.23 -13.05
N LEU H 26 28.91 -18.54 -11.80
CA LEU H 26 29.92 -18.75 -10.78
C LEU H 26 30.81 -19.94 -11.11
N ILE H 27 30.23 -21.01 -11.65
CA ILE H 27 31.04 -22.17 -12.02
C ILE H 27 31.97 -21.86 -13.19
N ASP H 28 31.48 -21.08 -14.16
CA ASP H 28 32.30 -20.74 -15.31
C ASP H 28 33.51 -19.89 -14.93
N HIS H 29 33.31 -18.89 -14.06
CA HIS H 29 34.37 -17.99 -13.64
C HIS H 29 35.09 -18.47 -12.39
N ARG H 30 35.14 -19.77 -12.15
CA ARG H 30 35.71 -20.28 -10.91
C ARG H 30 37.18 -19.93 -10.78
N LYS H 31 37.93 -19.98 -11.89
CA LYS H 31 39.36 -19.70 -11.82
C LYS H 31 39.63 -18.27 -11.38
N LEU H 32 38.89 -17.31 -11.95
CA LEU H 32 39.08 -15.91 -11.57
C LEU H 32 38.75 -15.68 -10.10
N ILE H 33 37.63 -16.24 -9.64
CA ILE H 33 37.22 -16.07 -8.25
C ILE H 33 38.26 -16.67 -7.31
N ILE H 34 38.73 -17.87 -7.63
CA ILE H 34 39.72 -18.54 -6.78
C ILE H 34 41.01 -17.74 -6.75
N SER H 35 41.46 -17.25 -7.91
CA SER H 35 42.71 -16.49 -7.94
C SER H 35 42.60 -15.21 -7.12
N ILE H 36 41.51 -14.46 -7.29
CA ILE H 36 41.36 -13.20 -6.56
C ILE H 36 41.27 -13.45 -5.07
N THR H 37 40.46 -14.43 -4.66
CA THR H 37 40.32 -14.72 -3.23
C THR H 37 41.64 -15.20 -2.64
N SER H 38 42.38 -16.02 -3.37
CA SER H 38 43.67 -16.48 -2.87
C SER H 38 44.67 -15.33 -2.73
N VAL H 39 44.66 -14.40 -3.68
CA VAL H 39 45.57 -13.26 -3.58
C VAL H 39 45.22 -12.42 -2.36
N PHE H 40 43.93 -12.14 -2.16
CA PHE H 40 43.53 -11.35 -1.00
C PHE H 40 43.86 -12.05 0.30
N THR H 41 43.62 -13.36 0.38
CA THR H 41 43.93 -14.10 1.59
C THR H 41 45.44 -14.14 1.85
N LEU H 42 46.24 -14.25 0.79
CA LEU H 42 47.69 -14.22 0.97
C LEU H 42 48.15 -12.87 1.50
N PHE H 43 47.59 -11.78 0.97
CA PHE H 43 47.94 -10.46 1.49
C PHE H 43 47.52 -10.30 2.95
N ALA H 44 46.34 -10.80 3.29
CA ALA H 44 45.88 -10.73 4.68
C ALA H 44 46.78 -11.53 5.61
N ILE H 45 47.18 -12.72 5.18
CA ILE H 45 48.07 -13.55 6.00
C ILE H 45 49.43 -12.87 6.16
N LEU H 46 49.96 -12.29 5.08
CA LEU H 46 51.24 -11.60 5.19
C LEU H 46 51.15 -10.43 6.17
N TYR H 47 50.07 -9.65 6.11
CA TYR H 47 49.92 -8.54 7.04
C TYR H 47 49.77 -9.04 8.48
N ALA H 48 48.97 -10.09 8.68
CA ALA H 48 48.74 -10.57 10.03
C ALA H 48 49.93 -11.29 10.62
N LEU H 49 50.88 -11.73 9.80
CA LEU H 49 52.08 -12.37 10.31
C LEU H 49 53.30 -11.45 10.30
N LEU H 50 53.21 -10.29 9.66
CA LEU H 50 54.33 -9.35 9.65
C LEU H 50 54.08 -8.07 10.43
N ALA H 51 52.82 -7.75 10.75
CA ALA H 51 52.53 -6.56 11.55
C ALA H 51 53.12 -6.73 12.94
N THR H 52 53.69 -5.65 13.45
CA THR H 52 54.34 -5.69 14.75
C THR H 52 53.32 -5.95 15.85
N PRO H 53 53.60 -6.86 16.79
CA PRO H 53 52.65 -7.09 17.88
C PRO H 53 52.64 -5.94 18.87
N ILE H 54 51.46 -5.68 19.42
CA ILE H 54 51.24 -4.59 20.36
C ILE H 54 50.70 -5.19 21.65
N TYR H 55 51.48 -5.06 22.73
CA TYR H 55 51.09 -5.57 24.03
C TYR H 55 50.39 -4.50 24.83
N GLU H 56 49.65 -4.93 25.86
CA GLU H 56 48.87 -4.05 26.70
C GLU H 56 49.16 -4.36 28.16
N THR H 57 49.47 -3.32 28.92
CA THR H 57 49.70 -3.44 30.35
C THR H 57 48.64 -2.68 31.12
N ASP H 58 48.30 -3.20 32.29
CA ASP H 58 47.20 -2.65 33.08
C ASP H 58 47.65 -2.45 34.53
N ALA H 59 47.00 -1.47 35.17
CA ALA H 59 47.14 -1.22 36.59
C ALA H 59 45.78 -0.81 37.14
N LEU H 60 45.62 -0.97 38.46
CA LEU H 60 44.38 -0.65 39.13
C LEU H 60 44.69 0.15 40.38
N ILE H 61 44.14 1.36 40.48
CA ILE H 61 44.34 2.24 41.63
C ILE H 61 43.00 2.53 42.26
N GLN H 62 43.03 2.93 43.53
CA GLN H 62 41.83 3.18 44.31
C GLN H 62 41.77 4.67 44.69
N ILE H 63 40.63 5.30 44.37
CA ILE H 63 40.40 6.69 44.74
C ILE H 63 39.67 6.71 46.07
N GLU H 64 40.29 7.34 47.07
CA GLU H 64 39.70 7.44 48.40
C GLU H 64 38.41 8.27 48.39
N GLN H 85 34.01 11.24 43.26
CA GLN H 85 35.19 11.76 42.60
C GLN H 85 35.47 11.00 41.31
N SER H 86 36.75 10.86 40.98
CA SER H 86 37.30 10.12 39.84
C SER H 86 36.92 10.74 38.50
N ALA H 87 36.10 11.77 38.48
CA ALA H 87 35.82 12.50 37.25
C ALA H 87 36.95 13.48 36.92
N PRO H 88 37.47 14.26 37.90
CA PRO H 88 38.63 15.11 37.59
C PRO H 88 39.95 14.37 37.59
N GLU H 89 40.02 13.20 38.22
CA GLU H 89 41.27 12.45 38.28
C GLU H 89 41.66 11.88 36.93
N THR H 90 40.67 11.58 36.08
CA THR H 90 40.96 11.17 34.71
C THR H 90 41.68 12.27 33.95
N ALA H 91 41.27 13.52 34.15
CA ALA H 91 41.95 14.65 33.51
C ALA H 91 43.27 14.97 34.18
N LEU H 92 43.39 14.75 35.48
CA LEU H 92 44.66 14.98 36.16
C LEU H 92 45.73 13.97 35.74
N LEU H 93 45.33 12.72 35.50
CA LEU H 93 46.29 11.71 35.09
C LEU H 93 46.81 11.98 33.68
N GLN H 94 45.95 12.47 32.80
CA GLN H 94 46.32 12.74 31.42
C GLN H 94 46.83 14.16 31.21
N SER H 95 47.00 14.93 32.29
CA SER H 95 47.56 16.26 32.16
C SER H 95 49.04 16.18 31.82
N ARG H 96 49.55 17.26 31.23
CA ARG H 96 50.92 17.27 30.78
C ARG H 96 51.92 17.27 31.93
N MET H 97 51.51 17.62 33.14
CA MET H 97 52.45 17.64 34.26
C MET H 97 52.85 16.22 34.66
N ILE H 98 51.89 15.32 34.82
CA ILE H 98 52.18 13.95 35.21
C ILE H 98 52.99 13.25 34.12
N LEU H 99 52.50 13.33 32.88
CA LEU H 99 53.18 12.66 31.78
C LEU H 99 54.56 13.26 31.55
N GLY H 100 54.69 14.57 31.69
CA GLY H 100 55.99 15.19 31.54
C GLY H 100 56.98 14.75 32.60
N LYS H 101 56.51 14.64 33.85
CA LYS H 101 57.39 14.15 34.90
C LYS H 101 57.83 12.73 34.61
N THR H 102 56.90 11.88 34.13
CA THR H 102 57.26 10.52 33.78
C THR H 102 58.31 10.49 32.67
N ILE H 103 58.13 11.32 31.64
CA ILE H 103 59.03 11.31 30.50
C ILE H 103 60.41 11.83 30.90
N ASP H 104 60.45 12.84 31.77
CA ASP H 104 61.74 13.30 32.28
C ASP H 104 62.42 12.22 33.12
N ASP H 105 61.63 11.47 33.89
CA ASP H 105 62.21 10.41 34.73
C ASP H 105 62.80 9.29 33.88
N LEU H 106 62.05 8.82 32.88
CA LEU H 106 62.43 7.64 32.12
C LEU H 106 63.15 7.95 30.82
N ASN H 107 63.42 9.23 30.54
CA ASN H 107 64.12 9.65 29.32
C ASN H 107 63.43 9.11 28.07
N LEU H 108 62.11 9.26 28.02
CA LEU H 108 61.34 8.81 26.88
C LEU H 108 61.51 9.71 25.67
N GLN H 109 62.30 10.76 25.77
CA GLN H 109 62.57 11.68 24.67
C GLN H 109 63.71 11.21 23.78
N ILE H 110 64.34 10.08 24.09
CA ILE H 110 65.39 9.49 23.27
C ILE H 110 64.77 8.28 22.59
N GLN H 111 64.45 8.40 21.32
CA GLN H 111 63.80 7.33 20.58
C GLN H 111 64.87 6.48 19.89
N ILE H 112 64.95 5.21 20.27
CA ILE H 112 65.91 4.27 19.69
C ILE H 112 65.12 3.26 18.89
N GLU H 113 65.46 3.12 17.61
CA GLU H 113 64.73 2.22 16.72
C GLU H 113 65.70 1.30 16.00
N GLN H 114 65.43 0.01 16.03
CA GLN H 114 66.22 -0.94 15.28
C GLN H 114 66.07 -0.68 13.79
N LYS H 115 67.17 -0.80 13.05
CA LYS H 115 67.21 -0.39 11.65
C LYS H 115 67.02 -1.61 10.75
N TYR H 116 65.92 -1.63 10.02
CA TYR H 116 65.70 -2.58 8.93
C TYR H 116 65.31 -1.78 7.70
N PHE H 117 66.04 -2.00 6.59
CA PHE H 117 65.77 -1.23 5.39
C PHE H 117 64.36 -1.42 4.83
N PRO H 118 63.78 -2.64 4.76
CA PRO H 118 62.48 -2.75 4.09
C PRO H 118 61.31 -2.54 5.05
N VAL H 119 60.08 -2.56 4.52
CA VAL H 119 58.90 -2.43 5.38
C VAL H 119 58.50 -3.75 6.02
N ILE H 120 59.21 -4.84 5.72
CA ILE H 120 58.87 -6.15 6.28
C ILE H 120 60.09 -6.75 6.95
N GLY H 121 61.17 -5.98 7.05
CA GLY H 121 62.39 -6.50 7.65
C GLY H 121 62.21 -6.89 9.11
N ARG H 122 61.51 -6.04 9.87
CA ARG H 122 61.29 -6.33 11.29
C ARG H 122 60.44 -7.58 11.48
N GLY H 123 59.38 -7.73 10.67
CA GLY H 123 58.55 -8.92 10.78
C GLY H 123 59.30 -10.18 10.43
N LEU H 124 60.12 -10.13 9.37
CA LEU H 124 60.92 -11.28 9.00
C LEU H 124 61.92 -11.62 10.10
N ALA H 125 62.56 -10.60 10.67
CA ALA H 125 63.52 -10.85 11.75
C ALA H 125 62.84 -11.50 12.95
N ARG H 126 61.63 -11.04 13.29
CA ARG H 126 60.91 -11.66 14.39
C ARG H 126 60.53 -13.10 14.07
N LEU H 127 60.07 -13.35 12.84
CA LEU H 127 59.64 -14.70 12.47
C LEU H 127 60.82 -15.67 12.48
N MET H 128 61.98 -15.25 12.00
CA MET H 128 63.15 -16.12 11.99
C MET H 128 63.72 -16.36 13.39
N GLY H 129 63.08 -15.83 14.43
CA GLY H 129 63.55 -16.06 15.78
C GLY H 129 64.69 -15.16 16.23
N GLU H 130 65.08 -14.18 15.41
CA GLU H 130 66.15 -13.27 15.79
C GLU H 130 65.74 -12.44 17.00
N LYS H 131 66.68 -12.31 17.94
CA LYS H 131 66.43 -11.54 19.16
C LYS H 131 66.77 -10.08 18.92
N PRO H 132 65.81 -9.16 19.08
CA PRO H 132 66.12 -7.74 18.91
C PRO H 132 67.09 -7.27 19.98
N GLY H 133 68.01 -6.37 19.58
CA GLY H 133 68.93 -5.78 20.51
C GLY H 133 68.43 -4.47 21.08
N ASN H 134 69.18 -3.93 22.04
CA ASN H 134 68.78 -2.68 22.68
C ASN H 134 70.01 -1.99 23.26
N ILE H 135 69.88 -0.67 23.42
CA ILE H 135 70.94 0.17 23.97
C ILE H 135 70.32 1.05 25.05
N ASP H 136 71.01 1.16 26.18
CA ASP H 136 70.60 2.04 27.27
C ASP H 136 71.35 3.35 27.14
N ILE H 137 70.65 4.40 26.73
CA ILE H 137 71.23 5.73 26.56
C ILE H 137 70.71 6.61 27.68
N THR H 138 71.62 7.15 28.48
CA THR H 138 71.27 8.00 29.61
C THR H 138 71.52 9.48 29.35
N ARG H 139 72.06 9.84 28.17
CA ARG H 139 72.29 11.25 27.85
C ARG H 139 72.47 11.39 26.35
N LEU H 140 71.63 12.22 25.73
CA LEU H 140 71.73 12.50 24.30
C LEU H 140 71.46 13.97 24.08
N TYR H 141 72.28 14.62 23.27
CA TYR H 141 72.11 16.03 22.93
C TYR H 141 72.62 16.25 21.52
N LEU H 142 71.70 16.41 20.59
CA LEU H 142 72.04 16.66 19.20
C LEU H 142 72.15 18.15 18.93
N PRO H 143 72.80 18.54 17.82
CA PRO H 143 73.00 19.99 17.57
C PRO H 143 71.71 20.78 17.42
N ASP H 144 70.57 20.13 17.23
CA ASP H 144 69.26 20.80 17.19
C ASP H 144 69.23 21.84 16.07
N SER H 145 69.29 21.33 14.83
CA SER H 145 69.19 22.19 13.65
C SER H 145 67.94 23.07 13.72
N ASP H 146 66.80 22.46 14.02
CA ASP H 146 65.55 23.18 14.30
C ASP H 146 65.17 24.11 13.14
N ASP H 147 65.07 23.55 11.94
CA ASP H 147 64.61 24.30 10.79
C ASP H 147 63.09 24.36 10.80
N ILE H 148 62.49 24.76 9.68
CA ILE H 148 61.05 24.96 9.62
C ILE H 148 60.30 23.67 9.91
N SER H 149 60.75 22.56 9.33
CA SER H 149 60.03 21.29 9.40
C SER H 149 60.70 20.26 10.30
N ASN H 150 61.97 19.96 10.06
CA ASN H 150 62.67 18.91 10.78
C ASN H 150 63.01 19.40 12.18
N ASN H 151 62.05 19.25 13.10
CA ASN H 151 62.27 19.60 14.50
C ASN H 151 62.83 18.46 15.31
N THR H 152 63.01 17.28 14.71
CA THR H 152 63.52 16.10 15.40
C THR H 152 64.88 15.71 14.82
N PRO H 153 65.98 16.11 15.44
CA PRO H 153 67.29 15.64 14.99
C PRO H 153 67.46 14.15 15.24
N SER H 154 68.26 13.51 14.38
CA SER H 154 68.47 12.08 14.45
C SER H 154 69.84 11.72 13.93
N ILE H 155 70.39 10.62 14.46
CA ILE H 155 71.66 10.07 14.03
C ILE H 155 71.48 8.57 13.81
N ILE H 156 72.45 7.96 13.16
CA ILE H 156 72.47 6.52 12.93
C ILE H 156 73.73 5.95 13.58
N LEU H 157 73.55 4.92 14.39
CA LEU H 157 74.63 4.27 15.12
C LEU H 157 74.80 2.85 14.59
N THR H 158 76.01 2.52 14.15
CA THR H 158 76.34 1.19 13.68
C THR H 158 77.19 0.50 14.71
N VAL H 159 76.80 -0.73 15.09
CA VAL H 159 77.47 -1.49 16.12
C VAL H 159 78.60 -2.28 15.48
N LYS H 160 79.84 -1.95 15.85
CA LYS H 160 81.00 -2.68 15.34
C LYS H 160 81.40 -3.84 16.24
N ASP H 161 81.21 -3.70 17.55
CA ASP H 161 81.52 -4.76 18.49
C ASP H 161 80.72 -4.52 19.77
N LYS H 162 81.07 -5.23 20.83
CA LYS H 162 80.42 -5.03 22.11
C LYS H 162 80.82 -3.73 22.79
N GLU H 163 81.87 -3.06 22.33
CA GLU H 163 82.41 -1.89 23.00
C GLU H 163 82.28 -0.61 22.18
N ASN H 164 82.79 -0.59 20.94
CA ASN H 164 82.82 0.62 20.15
C ASN H 164 81.71 0.60 19.09
N TYR H 165 81.48 1.77 18.51
CA TYR H 165 80.42 1.96 17.53
C TYR H 165 80.74 3.17 16.67
N SER H 166 80.05 3.28 15.55
CA SER H 166 80.21 4.40 14.64
C SER H 166 78.92 5.22 14.60
N ILE H 167 79.07 6.53 14.41
CA ILE H 167 77.98 7.48 14.45
C ILE H 167 78.00 8.30 13.16
N ASN H 168 76.85 8.43 12.52
CA ASN H 168 76.73 9.32 11.36
C ASN H 168 75.42 10.09 11.43
N SER H 169 75.50 11.41 11.36
CA SER H 169 74.32 12.26 11.41
C SER H 169 73.91 12.74 10.02
N ASP H 170 74.81 13.40 9.31
CA ASP H 170 74.57 13.88 7.95
C ASP H 170 75.79 13.61 7.08
N GLY H 171 76.34 12.41 7.20
CA GLY H 171 77.58 12.06 6.54
C GLY H 171 78.83 12.28 7.36
N ILE H 172 78.70 12.94 8.52
CA ILE H 172 79.84 13.18 9.40
C ILE H 172 80.06 11.92 10.23
N GLN H 173 81.17 11.23 9.97
CA GLN H 173 81.47 9.97 10.65
C GLN H 173 82.27 10.23 11.92
N LEU H 174 81.85 9.56 12.99
CA LEU H 174 82.56 9.63 14.27
C LEU H 174 82.62 8.24 14.87
N ASN H 175 83.56 8.04 15.79
CA ASN H 175 83.71 6.77 16.48
C ASN H 175 83.55 6.98 17.98
N GLY H 176 82.79 6.11 18.62
CA GLY H 176 82.55 6.22 20.04
C GLY H 176 82.74 4.89 20.74
N VAL H 177 82.92 4.97 22.05
CA VAL H 177 83.16 3.80 22.89
C VAL H 177 82.18 3.83 24.06
N VAL H 178 81.62 2.66 24.38
CA VAL H 178 80.76 2.55 25.55
C VAL H 178 81.54 2.98 26.79
N GLY H 179 80.83 3.54 27.76
CA GLY H 179 81.50 4.09 28.92
C GLY H 179 81.75 5.58 28.82
N THR H 180 82.93 5.96 28.35
CA THR H 180 83.31 7.37 28.28
C THR H 180 82.31 8.15 27.43
N LEU H 181 81.92 9.31 27.93
CA LEU H 181 80.96 10.17 27.24
C LEU H 181 81.60 10.81 26.02
N LEU H 182 80.77 11.14 25.03
CA LEU H 182 81.20 11.77 23.80
C LEU H 182 80.66 13.20 23.72
N ASN H 183 81.56 14.15 23.52
CA ASN H 183 81.21 15.57 23.28
C ASN H 183 82.01 16.04 22.07
N GLU H 184 81.47 15.81 20.87
CA GLU H 184 82.17 16.17 19.65
C GLU H 184 81.19 16.65 18.59
N LYS H 185 81.59 17.68 17.86
CA LYS H 185 80.84 18.22 16.73
C LYS H 185 79.43 18.66 17.15
N GLY H 186 79.33 19.26 18.33
CA GLY H 186 78.05 19.66 18.84
C GLY H 186 77.12 18.51 19.19
N ILE H 187 77.67 17.32 19.38
CA ILE H 187 76.90 16.12 19.68
C ILE H 187 77.40 15.55 21.00
N SER H 188 76.48 15.33 21.93
CA SER H 188 76.77 14.72 23.22
C SER H 188 76.04 13.39 23.29
N LEU H 189 76.75 12.34 23.68
CA LEU H 189 76.15 11.01 23.72
C LEU H 189 76.79 10.18 24.82
N LEU H 190 75.96 9.44 25.55
CA LEU H 190 76.39 8.47 26.54
C LEU H 190 75.64 7.18 26.31
N VAL H 191 76.38 6.12 25.99
CA VAL H 191 75.80 4.83 25.61
C VAL H 191 76.25 3.78 26.62
N ASN H 192 75.30 3.01 27.13
CA ASN H 192 75.57 1.95 28.09
C ASN H 192 74.88 0.65 27.65
N GLU H 193 75.59 -0.46 27.80
CA GLU H 193 75.04 -1.80 27.69
C GLU H 193 74.39 -2.03 26.31
N ILE H 194 75.25 -2.02 25.29
CA ILE H 194 74.82 -2.44 23.96
C ILE H 194 74.53 -3.93 23.98
N ASP H 195 73.39 -4.33 23.42
CA ASP H 195 73.00 -5.74 23.35
C ASP H 195 72.49 -6.00 21.92
N ALA H 196 73.41 -6.34 21.03
CA ALA H 196 73.07 -6.66 19.65
C ALA H 196 74.30 -7.33 19.02
N LYS H 197 74.07 -7.98 17.89
CA LYS H 197 75.18 -8.53 17.14
C LYS H 197 75.90 -7.42 16.39
N PRO H 198 77.21 -7.57 16.14
CA PRO H 198 77.94 -6.55 15.39
C PRO H 198 77.36 -6.40 13.98
N GLY H 199 77.42 -5.16 13.49
CA GLY H 199 76.83 -4.82 12.21
C GLY H 199 75.40 -4.31 12.27
N ASP H 200 74.76 -4.39 13.43
CA ASP H 200 73.41 -3.84 13.57
C ASP H 200 73.45 -2.32 13.59
N GLN H 201 72.33 -1.72 13.17
CA GLN H 201 72.20 -0.27 13.12
C GLN H 201 70.97 0.16 13.90
N PHE H 202 71.06 1.34 14.50
CA PHE H 202 69.99 1.90 15.31
C PHE H 202 69.84 3.38 15.00
N VAL H 203 68.62 3.80 14.71
CA VAL H 203 68.30 5.21 14.53
C VAL H 203 68.00 5.80 15.90
N ILE H 204 68.73 6.86 16.26
CA ILE H 204 68.58 7.53 17.55
C ILE H 204 68.07 8.94 17.28
N THR H 205 66.84 9.22 17.71
CA THR H 205 66.19 10.49 17.49
C THR H 205 65.98 11.21 18.82
N GLN H 206 66.16 12.53 18.81
CA GLN H 206 65.88 13.35 19.97
C GLN H 206 64.63 14.17 19.67
N LEU H 207 63.48 13.57 19.89
CA LEU H 207 62.21 14.22 19.57
C LEU H 207 61.83 15.22 20.65
N PRO H 208 61.07 16.26 20.30
CA PRO H 208 60.73 17.29 21.29
C PRO H 208 59.83 16.76 22.39
N ARG H 209 59.90 17.44 23.54
CA ARG H 209 59.21 16.97 24.74
C ARG H 209 57.70 16.87 24.52
N LEU H 210 57.12 17.85 23.85
CA LEU H 210 55.68 17.79 23.59
C LEU H 210 55.33 16.63 22.67
N LYS H 211 56.20 16.29 21.71
CA LYS H 211 55.93 15.14 20.86
C LYS H 211 55.94 13.84 21.67
N ALA H 212 56.90 13.71 22.57
CA ALA H 212 56.94 12.53 23.44
C ALA H 212 55.69 12.46 24.32
N ILE H 213 55.26 13.60 24.87
CA ILE H 213 54.07 13.61 25.71
C ILE H 213 52.84 13.24 24.91
N SER H 214 52.73 13.76 23.68
CA SER H 214 51.59 13.41 22.84
C SER H 214 51.57 11.94 22.48
N ASP H 215 52.74 11.37 22.17
CA ASP H 215 52.81 9.95 21.87
C ASP H 215 52.44 9.10 23.08
N LEU H 216 52.91 9.48 24.26
CA LEU H 216 52.53 8.75 25.47
C LEU H 216 51.04 8.86 25.75
N LEU H 217 50.47 10.05 25.57
CA LEU H 217 49.06 10.27 25.83
C LEU H 217 48.17 9.59 24.81
N LYS H 218 48.67 9.34 23.60
CA LYS H 218 47.86 8.67 22.59
C LYS H 218 47.56 7.23 22.96
N SER H 219 48.51 6.54 23.60
CA SER H 219 48.38 5.12 23.91
C SER H 219 48.04 4.86 25.37
N PHE H 220 47.66 5.88 26.12
CA PHE H 220 47.36 5.76 27.54
C PHE H 220 45.89 6.06 27.77
N SER H 221 45.22 5.19 28.53
CA SER H 221 43.79 5.33 28.78
C SER H 221 43.50 5.16 30.26
N VAL H 222 42.49 5.89 30.72
CA VAL H 222 42.00 5.78 32.10
C VAL H 222 40.52 5.50 32.05
N ALA H 223 40.05 4.57 32.88
CA ALA H 223 38.63 4.26 32.94
C ALA H 223 38.23 4.04 34.38
N ASP H 224 36.92 4.18 34.64
CA ASP H 224 36.39 3.98 35.98
C ASP H 224 35.89 2.56 36.21
N LEU H 225 35.21 1.99 35.20
CA LEU H 225 34.80 0.59 35.20
C LEU H 225 33.64 0.34 36.16
N GLY H 226 33.28 1.35 36.94
CA GLY H 226 32.11 1.26 37.79
C GLY H 226 31.24 2.50 37.75
N LYS H 227 31.82 3.61 37.27
CA LYS H 227 31.14 4.89 37.07
C LYS H 227 30.84 5.57 38.40
N ASP H 228 31.09 4.89 39.52
CA ASP H 228 30.89 5.46 40.84
C ASP H 228 31.97 5.09 41.85
N THR H 229 32.68 3.98 41.65
CA THR H 229 33.67 3.51 42.61
C THR H 229 34.95 4.34 42.50
N GLY H 230 35.78 4.22 43.54
CA GLY H 230 37.11 4.81 43.50
C GLY H 230 38.11 4.03 42.69
N MET H 231 37.67 2.95 42.04
CA MET H 231 38.57 2.10 41.28
C MET H 231 38.79 2.70 39.90
N LEU H 232 40.04 2.94 39.55
CA LEU H 232 40.44 3.41 38.24
C LEU H 232 41.36 2.37 37.61
N THR H 233 41.05 2.01 36.37
CA THR H 233 41.90 1.12 35.59
C THR H 233 42.71 1.95 34.61
N LEU H 234 44.04 1.84 34.71
CA LEU H 234 44.95 2.53 33.81
C LEU H 234 45.50 1.51 32.81
N THR H 235 45.46 1.87 31.54
CA THR H 235 45.83 0.97 30.45
C THR H 235 46.88 1.64 29.57
N LEU H 236 47.91 0.90 29.18
CA LEU H 236 48.94 1.42 28.30
C LEU H 236 49.31 0.37 27.27
N THR H 237 49.31 0.74 26.00
CA THR H 237 49.66 -0.18 24.92
C THR H 237 50.98 0.23 24.29
N GLY H 238 51.80 -0.77 23.97
CA GLY H 238 53.09 -0.51 23.34
C GLY H 238 53.71 -1.80 22.89
N ASP H 239 54.75 -1.67 22.06
CA ASP H 239 55.38 -2.83 21.44
C ASP H 239 56.48 -3.46 22.28
N ASN H 240 56.87 -2.85 23.38
CA ASN H 240 57.88 -3.42 24.26
C ASN H 240 57.21 -3.84 25.57
N PRO H 241 57.05 -5.14 25.83
CA PRO H 241 56.25 -5.56 26.98
C PRO H 241 56.83 -5.16 28.34
N LYS H 242 58.14 -4.90 28.43
CA LYS H 242 58.73 -4.49 29.70
C LYS H 242 58.73 -2.98 29.86
N ARG H 243 59.01 -2.26 28.77
CA ARG H 243 59.07 -0.81 28.84
C ARG H 243 57.71 -0.23 29.20
N ILE H 244 56.63 -0.80 28.68
CA ILE H 244 55.31 -0.25 28.96
C ILE H 244 54.95 -0.49 30.43
N SER H 245 55.34 -1.63 30.99
CA SER H 245 55.11 -1.85 32.42
C SER H 245 55.89 -0.86 33.26
N HIS H 246 57.15 -0.60 32.90
CA HIS H 246 57.92 0.40 33.64
C HIS H 246 57.30 1.79 33.51
N ILE H 247 56.82 2.13 32.32
CA ILE H 247 56.23 3.45 32.10
C ILE H 247 54.95 3.61 32.93
N LEU H 248 54.10 2.59 32.94
CA LEU H 248 52.87 2.69 33.72
C LEU H 248 53.16 2.70 35.21
N ASP H 249 54.17 1.95 35.67
CA ASP H 249 54.55 2.05 37.06
C ASP H 249 55.03 3.45 37.42
N SER H 250 55.82 4.06 36.54
CA SER H 250 56.27 5.42 36.80
C SER H 250 55.11 6.40 36.81
N ILE H 251 54.16 6.25 35.89
CA ILE H 251 52.98 7.12 35.88
C ILE H 251 52.23 7.00 37.20
N SER H 252 51.99 5.77 37.65
CA SER H 252 51.24 5.56 38.89
C SER H 252 51.99 6.14 40.08
N GLN H 253 53.30 5.91 40.16
CA GLN H 253 54.07 6.44 41.28
C GLN H 253 54.07 7.96 41.29
N ASN H 254 54.21 8.58 40.11
CA ASN H 254 54.19 10.04 40.05
C ASN H 254 52.85 10.60 40.48
N TYR H 255 51.76 10.00 40.01
CA TYR H 255 50.44 10.46 40.44
C TYR H 255 50.23 10.26 41.93
N LEU H 256 50.68 9.13 42.47
CA LEU H 256 50.56 8.87 43.91
C LEU H 256 51.35 9.88 44.72
N ALA H 257 52.58 10.18 44.31
CA ALA H 257 53.39 11.16 45.04
C ALA H 257 52.80 12.56 44.93
N GLN H 258 52.27 12.91 43.76
CA GLN H 258 51.67 14.22 43.59
C GLN H 258 50.44 14.39 44.46
N ASN H 259 49.60 13.35 44.57
CA ASN H 259 48.36 13.49 45.32
C ASN H 259 48.61 13.75 46.80
N ILE H 260 49.63 13.10 47.37
CA ILE H 260 49.86 13.20 48.82
C ILE H 260 50.69 14.44 49.13
N ALA H 261 50.88 15.29 48.12
CA ALA H 261 51.58 16.56 48.32
C ALA H 261 50.92 17.67 47.50
N VAL H 409 44.58 8.17 47.47
CA VAL H 409 44.85 7.26 46.37
C VAL H 409 45.69 6.09 46.83
N ARG H 410 45.40 4.90 46.30
CA ARG H 410 46.08 3.68 46.67
C ARG H 410 46.34 2.84 45.43
N ILE H 411 47.53 2.26 45.34
CA ILE H 411 47.92 1.42 44.22
C ILE H 411 47.64 -0.03 44.60
N ILE H 412 46.57 -0.59 44.05
CA ILE H 412 46.13 -1.93 44.38
C ILE H 412 46.85 -2.94 43.49
N ASP H 413 46.73 -2.76 42.17
CA ASP H 413 47.37 -3.64 41.20
C ASP H 413 48.43 -2.84 40.45
N ASN H 414 49.70 -3.12 40.73
CA ASN H 414 50.76 -2.54 39.93
C ASN H 414 50.71 -3.10 38.53
N ALA H 415 51.22 -2.32 37.58
CA ALA H 415 51.03 -2.63 36.16
C ALA H 415 51.72 -3.94 35.79
N VAL H 416 51.00 -4.81 35.09
CA VAL H 416 51.60 -5.98 34.46
C VAL H 416 51.09 -6.05 33.02
N THR H 417 51.87 -6.74 32.19
CA THR H 417 51.65 -6.81 30.75
C THR H 417 51.04 -8.15 30.38
N ASP H 418 49.96 -8.11 29.60
CA ASP H 418 49.37 -9.34 29.10
C ASP H 418 50.27 -9.93 28.02
N PRO H 419 50.79 -11.15 28.19
CA PRO H 419 51.73 -11.69 27.20
C PRO H 419 51.11 -11.96 25.84
N ASN H 420 49.79 -12.02 25.74
CA ASN H 420 49.13 -12.18 24.45
C ASN H 420 48.88 -10.81 23.84
N PRO H 421 49.45 -10.51 22.68
CA PRO H 421 49.26 -9.18 22.08
C PRO H 421 47.80 -8.90 21.78
N VAL H 422 47.42 -7.63 21.91
CA VAL H 422 46.06 -7.23 21.60
C VAL H 422 45.88 -6.88 20.12
N ARG H 423 46.96 -6.52 19.42
CA ARG H 423 46.94 -6.25 18.00
C ARG H 423 48.23 -6.77 17.39
N PRO H 424 48.18 -7.28 16.14
CA PRO H 424 46.98 -7.43 15.31
C PRO H 424 46.18 -8.69 15.66
N LYS H 425 44.87 -8.62 15.50
CA LYS H 425 44.00 -9.77 15.73
C LYS H 425 43.96 -10.59 14.45
N LYS H 426 44.73 -11.68 14.43
CA LYS H 426 45.00 -12.38 13.18
C LYS H 426 43.73 -12.98 12.57
N THR H 427 42.91 -13.63 13.41
CA THR H 427 41.77 -14.37 12.87
C THR H 427 40.75 -13.44 12.22
N ILE H 428 40.43 -12.32 12.86
CA ILE H 428 39.47 -11.40 12.27
C ILE H 428 40.05 -10.77 11.02
N ILE H 429 41.36 -10.50 10.99
CA ILE H 429 42.00 -9.94 9.81
C ILE H 429 41.88 -10.91 8.63
N ILE H 430 42.15 -12.18 8.88
CA ILE H 430 42.10 -13.17 7.80
C ILE H 430 40.67 -13.38 7.33
N VAL H 431 39.70 -13.41 8.25
CA VAL H 431 38.31 -13.55 7.86
C VAL H 431 37.86 -12.36 7.02
N ILE H 432 38.24 -11.14 7.44
CA ILE H 432 37.90 -9.95 6.66
C ILE H 432 38.53 -10.02 5.27
N GLY H 433 39.78 -10.47 5.20
CA GLY H 433 40.42 -10.59 3.89
C GLY H 433 39.71 -11.58 2.98
N VAL H 434 39.33 -12.73 3.52
CA VAL H 434 38.64 -13.75 2.71
C VAL H 434 37.29 -13.22 2.23
N VAL H 435 36.53 -12.60 3.13
CA VAL H 435 35.21 -12.09 2.74
C VAL H 435 35.34 -10.96 1.73
N LEU H 436 36.36 -10.10 1.90
CA LEU H 436 36.60 -9.03 0.94
C LEU H 436 36.93 -9.59 -0.43
N GLY H 437 37.79 -10.62 -0.47
CA GLY H 437 38.09 -11.26 -1.75
C GLY H 437 36.85 -11.84 -2.40
N LEU H 438 36.01 -12.52 -1.61
CA LEU H 438 34.80 -13.10 -2.18
C LEU H 438 33.87 -12.03 -2.74
N ILE H 439 33.69 -10.92 -2.00
CA ILE H 439 32.74 -9.91 -2.47
C ILE H 439 33.28 -9.19 -3.70
N VAL H 440 34.59 -8.90 -3.74
CA VAL H 440 35.11 -8.24 -4.93
C VAL H 440 35.05 -9.17 -6.13
N SER H 441 35.30 -10.47 -5.92
CA SER H 441 35.19 -11.42 -7.03
C SER H 441 33.75 -11.50 -7.54
N VAL H 442 32.78 -11.55 -6.64
CA VAL H 442 31.38 -11.61 -7.07
C VAL H 442 30.99 -10.34 -7.80
N VAL H 443 31.45 -9.19 -7.32
CA VAL H 443 31.14 -7.94 -8.00
C VAL H 443 31.73 -7.93 -9.40
N LEU H 444 32.99 -8.36 -9.54
CA LEU H 444 33.63 -8.39 -10.84
C LEU H 444 32.90 -9.34 -11.79
N VAL H 445 32.50 -10.51 -11.27
CA VAL H 445 31.79 -11.48 -12.10
C VAL H 445 30.45 -10.92 -12.56
N LEU H 446 29.70 -10.29 -11.65
CA LEU H 446 28.43 -9.71 -12.04
C LEU H 446 28.62 -8.59 -13.06
N PHE H 447 29.66 -7.79 -12.88
CA PHE H 447 29.94 -6.70 -13.82
C PHE H 447 30.26 -7.25 -15.20
N GLN H 448 31.08 -8.31 -15.28
CA GLN H 448 31.39 -8.90 -16.56
C GLN H 448 30.17 -9.54 -17.21
N VAL H 449 29.33 -10.19 -16.40
CA VAL H 449 28.13 -10.83 -16.94
C VAL H 449 27.18 -9.78 -17.51
N PHE H 450 26.99 -8.67 -16.80
CA PHE H 450 26.06 -7.64 -17.27
C PHE H 450 26.61 -6.85 -18.46
N LEU H 451 27.89 -6.98 -18.79
CA LEU H 451 28.48 -6.27 -19.91
C LEU H 451 28.75 -7.16 -21.12
N ARG H 452 28.10 -8.33 -21.18
CA ARG H 452 28.26 -9.23 -22.30
C ARG H 452 27.17 -8.96 -23.34
N ARG H 453 27.57 -8.88 -24.61
CA ARG H 453 26.64 -8.66 -25.70
C ARG H 453 26.74 -9.70 -26.81
N GLY H 454 27.76 -10.54 -26.82
CA GLY H 454 27.93 -11.51 -27.88
C GLY H 454 26.86 -12.58 -27.88
N ILE H 455 26.88 -13.38 -28.94
CA ILE H 455 25.93 -14.47 -29.07
C ILE H 455 26.30 -15.59 -28.10
N GLU H 456 25.31 -16.08 -27.35
CA GLU H 456 25.55 -17.14 -26.39
C GLU H 456 25.10 -18.51 -26.87
N SER H 457 24.00 -18.59 -27.58
CA SER H 457 23.47 -19.87 -28.04
C SER H 457 22.79 -19.66 -29.38
N PRO H 458 22.63 -20.72 -30.17
CA PRO H 458 21.91 -20.58 -31.44
C PRO H 458 20.48 -20.10 -31.28
N GLU H 459 19.90 -20.25 -30.09
CA GLU H 459 18.52 -19.81 -29.91
C GLU H 459 18.40 -18.30 -29.97
N GLN H 460 19.46 -17.57 -29.59
CA GLN H 460 19.43 -16.12 -29.73
C GLN H 460 19.27 -15.70 -31.18
N LEU H 461 19.96 -16.38 -32.10
CA LEU H 461 19.79 -16.10 -33.51
C LEU H 461 18.44 -16.60 -34.01
N GLU H 462 17.98 -17.76 -33.51
CA GLU H 462 16.73 -18.31 -34.01
C GLU H 462 15.50 -17.57 -33.51
N GLU H 463 15.63 -16.78 -32.44
CA GLU H 463 14.55 -15.90 -32.02
C GLU H 463 14.23 -14.89 -33.11
N ILE H 464 15.26 -14.31 -33.72
CA ILE H 464 15.06 -13.31 -34.76
C ILE H 464 14.45 -13.95 -36.01
N GLY H 465 14.77 -15.22 -36.27
CA GLY H 465 14.29 -15.87 -37.47
C GLY H 465 15.41 -16.22 -38.42
N ILE H 466 16.58 -16.52 -37.87
CA ILE H 466 17.75 -16.90 -38.63
C ILE H 466 18.02 -18.37 -38.38
N ASN H 467 18.03 -19.17 -39.44
CA ASN H 467 18.26 -20.61 -39.34
C ASN H 467 19.74 -20.86 -39.11
N VAL H 468 20.09 -21.35 -37.92
CA VAL H 468 21.47 -21.74 -37.63
C VAL H 468 21.65 -23.18 -38.11
N TYR H 469 22.48 -23.36 -39.12
CA TYR H 469 22.66 -24.67 -39.75
C TYR H 469 23.71 -25.52 -39.06
N ALA H 470 24.55 -24.96 -38.20
CA ALA H 470 25.59 -25.72 -37.54
C ALA H 470 26.13 -24.89 -36.39
N SER H 471 26.97 -25.53 -35.58
CA SER H 471 27.72 -24.86 -34.51
C SER H 471 29.06 -25.55 -34.41
N ILE H 472 30.11 -24.90 -34.90
CA ILE H 472 31.43 -25.50 -34.98
C ILE H 472 32.18 -25.17 -33.70
N PRO H 473 32.69 -26.17 -32.98
CA PRO H 473 33.45 -25.89 -31.76
C PRO H 473 34.89 -25.45 -32.08
N ILE H 474 35.56 -24.94 -31.06
CA ILE H 474 36.95 -24.56 -31.18
C ILE H 474 37.80 -25.80 -31.36
N SER H 475 38.72 -25.76 -32.32
CA SER H 475 39.66 -26.84 -32.57
C SER H 475 40.99 -26.49 -31.92
N GLU H 476 41.22 -27.01 -30.71
CA GLU H 476 42.46 -26.73 -30.00
C GLU H 476 43.66 -27.41 -30.61
N TRP H 477 43.47 -28.31 -31.57
CA TRP H 477 44.57 -29.00 -32.24
C TRP H 477 45.53 -28.03 -32.89
N ASP H 494 49.07 -23.31 -41.40
CA ASP H 494 49.11 -23.34 -42.85
C ASP H 494 48.79 -24.72 -43.40
N THR H 495 47.76 -25.34 -42.82
CA THR H 495 47.30 -26.64 -43.28
C THR H 495 45.81 -26.78 -42.98
N LEU H 496 45.17 -27.68 -43.71
CA LEU H 496 43.73 -27.89 -43.54
C LEU H 496 43.47 -28.85 -42.39
N LEU H 497 42.60 -28.42 -41.47
CA LEU H 497 42.24 -29.26 -40.33
C LEU H 497 41.55 -30.54 -40.80
N ALA H 498 40.70 -30.45 -41.80
CA ALA H 498 40.00 -31.60 -42.35
C ALA H 498 40.95 -32.58 -43.03
N VAL H 499 42.24 -32.23 -43.05
CA VAL H 499 43.27 -33.09 -43.63
C VAL H 499 44.29 -33.52 -42.59
N GLY H 500 44.77 -32.59 -41.77
CA GLY H 500 45.72 -32.95 -40.73
C GLY H 500 45.12 -33.87 -39.69
N ASN H 501 43.91 -33.53 -39.21
CA ASN H 501 43.24 -34.27 -38.15
C ASN H 501 41.80 -34.55 -38.57
N PRO H 502 41.59 -35.50 -39.48
CA PRO H 502 40.24 -35.71 -40.02
C PRO H 502 39.23 -36.13 -38.97
N ALA H 503 39.68 -36.63 -37.81
CA ALA H 503 38.78 -37.06 -36.75
C ALA H 503 38.61 -35.99 -35.68
N ASP H 504 38.83 -34.73 -36.02
CA ASP H 504 38.65 -33.66 -35.07
C ASP H 504 37.15 -33.45 -34.82
N LEU H 505 36.83 -32.87 -33.66
CA LEU H 505 35.44 -32.58 -33.35
C LEU H 505 34.87 -31.51 -34.28
N ALA H 506 35.68 -30.51 -34.61
CA ALA H 506 35.24 -29.46 -35.52
C ALA H 506 34.97 -30.02 -36.91
N VAL H 507 35.77 -30.99 -37.36
CA VAL H 507 35.50 -31.61 -38.65
C VAL H 507 34.22 -32.44 -38.60
N GLU H 508 33.90 -33.02 -37.44
CA GLU H 508 32.62 -33.70 -37.30
C GLU H 508 31.46 -32.73 -37.41
N ALA H 509 31.58 -31.57 -36.76
CA ALA H 509 30.55 -30.55 -36.91
C ALA H 509 30.43 -30.06 -38.34
N ILE H 510 31.55 -29.99 -39.05
CA ILE H 510 31.52 -29.59 -40.45
C ILE H 510 30.86 -30.65 -41.32
N ARG H 511 31.05 -31.93 -40.99
CA ARG H 511 30.33 -32.99 -41.72
C ARG H 511 28.83 -32.91 -41.45
N GLY H 512 28.45 -32.57 -40.22
CA GLY H 512 27.05 -32.30 -39.95
C GLY H 512 26.52 -31.17 -40.82
N LEU H 513 27.29 -30.10 -40.94
CA LEU H 513 26.93 -29.00 -41.84
C LEU H 513 26.84 -29.45 -43.29
N ARG H 514 27.72 -30.37 -43.69
CA ARG H 514 27.70 -30.87 -45.06
C ARG H 514 26.41 -31.62 -45.36
N THR H 515 25.98 -32.48 -44.44
CA THR H 515 24.74 -33.21 -44.70
C THR H 515 23.52 -32.31 -44.55
N SER H 516 23.62 -31.26 -43.74
CA SER H 516 22.55 -30.26 -43.70
C SER H 516 22.45 -29.49 -45.02
N LEU H 517 23.61 -29.13 -45.59
CA LEU H 517 23.62 -28.37 -46.85
C LEU H 517 23.14 -29.22 -48.01
N HIS H 518 23.46 -30.52 -48.00
CA HIS H 518 23.03 -31.38 -49.10
C HIS H 518 21.51 -31.39 -49.25
N PHE H 519 20.77 -31.04 -48.21
CA PHE H 519 19.33 -30.89 -48.25
C PHE H 519 18.89 -29.45 -48.41
N ALA H 520 19.60 -28.50 -47.78
CA ALA H 520 19.27 -27.09 -47.97
C ALA H 520 19.52 -26.64 -49.40
N MET H 521 20.61 -27.08 -50.00
CA MET H 521 21.02 -26.63 -51.32
C MET H 521 20.27 -27.30 -52.46
N MET H 522 19.17 -27.99 -52.19
CA MET H 522 18.32 -28.48 -53.26
C MET H 522 17.33 -27.41 -53.69
N GLU H 523 16.93 -27.47 -54.96
CA GLU H 523 16.03 -26.48 -55.56
C GLU H 523 16.67 -25.09 -55.56
N ALA H 524 17.99 -25.03 -55.60
CA ALA H 524 18.71 -23.79 -55.77
C ALA H 524 18.97 -23.55 -57.25
N LYS H 525 19.10 -22.28 -57.63
CA LYS H 525 19.20 -21.95 -59.05
C LYS H 525 20.51 -22.42 -59.67
N ASN H 526 21.56 -22.60 -58.88
CA ASN H 526 22.79 -23.19 -59.38
C ASN H 526 23.55 -23.79 -58.20
N ASN H 527 24.73 -24.34 -58.48
CA ASN H 527 25.52 -25.06 -57.49
C ASN H 527 26.61 -24.19 -56.89
N VAL H 528 26.33 -22.90 -56.68
CA VAL H 528 27.31 -21.96 -56.13
C VAL H 528 26.88 -21.60 -54.71
N LEU H 529 27.81 -21.77 -53.78
CA LEU H 529 27.62 -21.46 -52.37
C LEU H 529 28.59 -20.36 -51.99
N MET H 530 28.10 -19.36 -51.27
CA MET H 530 28.88 -18.20 -50.89
C MET H 530 28.89 -18.10 -49.37
N ILE H 531 30.05 -18.27 -48.78
CA ILE H 531 30.22 -18.11 -47.34
C ILE H 531 30.69 -16.69 -47.09
N SER H 532 30.01 -15.99 -46.19
CA SER H 532 30.37 -14.62 -45.87
C SER H 532 30.24 -14.45 -44.37
N GLY H 533 30.28 -13.20 -43.91
CA GLY H 533 30.20 -12.95 -42.49
C GLY H 533 29.99 -11.49 -42.22
N ALA H 534 29.92 -11.16 -40.93
CA ALA H 534 29.72 -9.77 -40.51
C ALA H 534 31.03 -9.04 -40.26
N SER H 535 31.92 -9.66 -39.49
CA SER H 535 33.18 -9.04 -39.12
C SER H 535 34.34 -9.93 -39.51
N PRO H 536 35.52 -9.36 -39.75
CA PRO H 536 36.68 -10.18 -40.11
C PRO H 536 37.11 -11.08 -38.96
N SER H 537 37.85 -12.12 -39.32
CA SER H 537 38.28 -13.17 -38.38
C SER H 537 37.09 -13.77 -37.65
N ALA H 538 36.05 -14.11 -38.43
CA ALA H 538 34.90 -14.84 -37.91
C ALA H 538 34.98 -16.32 -38.23
N GLY H 539 35.67 -16.70 -39.29
CA GLY H 539 35.85 -18.09 -39.63
C GLY H 539 35.44 -18.43 -41.04
N MET H 540 35.30 -17.43 -41.91
CA MET H 540 34.80 -17.70 -43.26
C MET H 540 35.75 -18.58 -44.04
N THR H 541 37.06 -18.31 -43.97
CA THR H 541 38.00 -19.13 -44.74
C THR H 541 38.17 -20.50 -44.11
N PHE H 542 38.21 -20.56 -42.77
CA PHE H 542 38.23 -21.85 -42.10
C PHE H 542 37.03 -22.70 -42.52
N ILE H 543 35.82 -22.14 -42.38
CA ILE H 543 34.61 -22.88 -42.70
C ILE H 543 34.61 -23.29 -44.16
N SER H 544 34.92 -22.37 -45.06
CA SER H 544 34.81 -22.66 -46.49
C SER H 544 35.82 -23.71 -46.92
N SER H 545 37.07 -23.56 -46.50
CA SER H 545 38.11 -24.49 -46.93
C SER H 545 37.85 -25.88 -46.36
N ASN H 546 37.53 -25.97 -45.07
CA ASN H 546 37.28 -27.28 -44.49
C ASN H 546 36.02 -27.92 -45.07
N LEU H 547 34.97 -27.12 -45.33
CA LEU H 547 33.78 -27.65 -45.96
C LEU H 547 34.07 -28.18 -47.35
N ALA H 548 34.91 -27.48 -48.12
CA ALA H 548 35.29 -27.97 -49.43
C ALA H 548 36.04 -29.28 -49.33
N ALA H 549 36.92 -29.40 -48.33
CA ALA H 549 37.65 -30.65 -48.14
C ALA H 549 36.73 -31.81 -47.81
N THR H 550 35.80 -31.59 -46.86
CA THR H 550 34.89 -32.64 -46.46
C THR H 550 33.90 -33.00 -47.56
N ILE H 551 33.60 -32.07 -48.46
CA ILE H 551 32.72 -32.43 -49.57
C ILE H 551 33.49 -33.08 -50.69
N ALA H 552 34.79 -32.81 -50.81
CA ALA H 552 35.60 -33.46 -51.84
C ALA H 552 35.94 -34.89 -51.47
N ILE H 553 36.09 -35.19 -50.17
CA ILE H 553 36.39 -36.58 -49.79
C ILE H 553 35.27 -37.54 -50.10
N THR H 554 34.07 -37.06 -50.43
CA THR H 554 32.95 -37.92 -50.78
C THR H 554 32.84 -38.18 -52.27
N GLY H 555 33.81 -37.71 -53.05
CA GLY H 555 33.86 -38.04 -54.47
C GLY H 555 33.21 -37.06 -55.40
N LYS H 556 32.87 -35.86 -54.93
CA LYS H 556 32.29 -34.82 -55.79
C LYS H 556 33.36 -33.79 -56.12
N LYS H 557 33.38 -33.35 -57.38
CA LYS H 557 34.33 -32.33 -57.81
C LYS H 557 33.94 -30.99 -57.20
N VAL H 558 34.90 -30.35 -56.53
CA VAL H 558 34.66 -29.11 -55.80
C VAL H 558 35.64 -28.06 -56.29
N LEU H 559 35.13 -26.85 -56.56
CA LEU H 559 35.96 -25.70 -56.86
C LEU H 559 35.86 -24.71 -55.70
N PHE H 560 37.01 -24.20 -55.28
CA PHE H 560 37.10 -23.21 -54.22
C PHE H 560 37.64 -21.92 -54.81
N ILE H 561 36.95 -20.81 -54.57
CA ILE H 561 37.35 -19.50 -55.10
C ILE H 561 37.60 -18.59 -53.92
N ASP H 562 38.76 -17.93 -53.94
CA ASP H 562 39.12 -16.95 -52.92
C ASP H 562 38.83 -15.57 -53.51
N ALA H 563 37.61 -15.10 -53.29
CA ALA H 563 37.19 -13.79 -53.77
C ALA H 563 37.43 -12.70 -52.74
N ASP H 564 38.22 -12.98 -51.71
CA ASP H 564 38.72 -11.95 -50.82
C ASP H 564 39.98 -11.37 -51.48
N LEU H 565 39.76 -10.45 -52.40
CA LEU H 565 40.81 -9.77 -53.16
C LEU H 565 41.58 -8.78 -52.33
N ARG H 566 41.34 -8.69 -51.03
CA ARG H 566 42.00 -7.72 -50.18
C ARG H 566 42.96 -8.33 -49.17
N LYS H 567 42.56 -9.40 -48.48
CA LYS H 567 43.42 -10.06 -47.50
C LYS H 567 43.30 -11.57 -47.60
N GLY H 568 43.29 -12.11 -48.82
CA GLY H 568 43.11 -13.54 -48.99
C GLY H 568 44.38 -14.36 -48.92
N TYR H 569 44.42 -15.34 -48.02
CA TYR H 569 45.62 -16.14 -47.78
C TYR H 569 45.40 -17.62 -48.12
N ALA H 570 44.39 -17.93 -48.93
CA ALA H 570 44.09 -19.34 -49.22
C ALA H 570 45.24 -20.01 -49.94
N HIS H 571 45.90 -19.31 -50.87
CA HIS H 571 47.01 -19.90 -51.59
C HIS H 571 48.14 -20.29 -50.66
N LYS H 572 48.33 -19.56 -49.56
CA LYS H 572 49.34 -19.94 -48.58
C LYS H 572 48.96 -21.25 -47.90
N MET H 573 47.68 -21.44 -47.62
CA MET H 573 47.19 -22.62 -46.93
C MET H 573 47.11 -23.84 -47.84
N PHE H 574 47.09 -23.64 -49.16
CA PHE H 574 46.94 -24.75 -50.08
C PHE H 574 48.23 -25.16 -50.77
N GLY H 575 49.27 -24.34 -50.72
CA GLY H 575 50.46 -24.58 -51.52
C GLY H 575 50.23 -23.95 -52.87
N HIS H 576 51.08 -22.99 -53.26
CA HIS H 576 50.67 -22.05 -54.29
C HIS H 576 51.75 -21.78 -55.31
N LYS H 577 51.29 -21.36 -56.48
CA LYS H 577 52.05 -20.54 -57.42
C LYS H 577 51.25 -19.23 -57.51
N ASN H 578 51.72 -18.19 -56.82
CA ASN H 578 50.90 -17.01 -56.56
C ASN H 578 50.53 -16.25 -57.83
N ASP H 579 51.17 -16.53 -58.96
CA ASP H 579 50.82 -15.89 -60.22
C ASP H 579 49.43 -16.33 -60.68
N LYS H 580 48.78 -15.45 -61.45
CA LYS H 580 47.55 -15.76 -62.16
C LYS H 580 46.43 -16.19 -61.20
N GLY H 581 46.05 -15.26 -60.34
CA GLY H 581 44.92 -15.45 -59.45
C GLY H 581 43.62 -14.95 -60.05
N LEU H 582 42.67 -14.65 -59.16
CA LEU H 582 41.40 -14.12 -59.61
C LEU H 582 41.55 -12.71 -60.18
N SER H 583 42.41 -11.90 -59.55
CA SER H 583 42.64 -10.54 -60.02
C SER H 583 43.10 -10.52 -61.47
N GLU H 584 44.14 -11.30 -61.78
CA GLU H 584 44.70 -11.30 -63.12
C GLU H 584 43.66 -11.71 -64.16
N PHE H 585 42.78 -12.66 -63.80
CA PHE H 585 41.71 -13.05 -64.72
C PHE H 585 40.70 -11.92 -64.91
N LEU H 586 40.29 -11.29 -63.81
CA LEU H 586 39.27 -10.25 -63.89
C LEU H 586 39.76 -9.04 -64.68
N SER H 587 41.00 -8.63 -64.44
CA SER H 587 41.58 -7.51 -65.17
C SER H 587 41.85 -7.85 -66.63
N GLY H 588 41.78 -9.12 -67.02
CA GLY H 588 41.87 -9.51 -68.40
C GLY H 588 43.21 -10.06 -68.84
N GLN H 589 44.20 -10.14 -67.95
CA GLN H 589 45.54 -10.58 -68.30
C GLN H 589 45.78 -12.05 -67.98
N ALA H 590 44.73 -12.87 -68.02
CA ALA H 590 44.86 -14.30 -67.75
C ALA H 590 43.66 -15.01 -68.37
N ALA H 591 43.80 -16.32 -68.52
CA ALA H 591 42.76 -17.17 -69.07
C ALA H 591 42.02 -17.90 -67.95
N ALA H 592 40.93 -18.56 -68.32
CA ALA H 592 40.11 -19.28 -67.36
C ALA H 592 40.74 -20.61 -66.91
N GLU H 593 41.80 -21.07 -67.58
CA GLU H 593 42.42 -22.33 -67.25
C GLU H 593 43.79 -22.21 -66.59
N MET H 594 44.40 -21.04 -66.63
CA MET H 594 45.70 -20.83 -66.00
C MET H 594 45.60 -20.37 -64.55
N ILE H 595 44.38 -20.21 -64.03
CA ILE H 595 44.18 -19.75 -62.66
C ILE H 595 43.79 -20.86 -61.72
N ILE H 596 43.39 -22.03 -62.23
CA ILE H 596 42.91 -23.14 -61.42
C ILE H 596 44.10 -24.02 -61.04
N ASP H 597 44.26 -24.25 -59.73
CA ASP H 597 45.30 -25.12 -59.21
C ASP H 597 44.67 -26.21 -58.37
N LYS H 598 45.48 -27.16 -57.89
CA LYS H 598 44.98 -28.31 -57.15
C LYS H 598 45.59 -28.34 -55.76
N VAL H 599 44.74 -28.54 -54.75
CA VAL H 599 45.22 -28.70 -53.38
C VAL H 599 45.86 -30.07 -53.24
N GLU H 600 47.02 -30.11 -52.58
CA GLU H 600 47.79 -31.36 -52.50
C GLU H 600 47.08 -32.37 -51.61
N GLY H 601 46.90 -32.05 -50.33
CA GLY H 601 46.29 -32.98 -49.40
C GLY H 601 44.79 -32.84 -49.34
N GLY H 602 44.20 -32.19 -50.33
CA GLY H 602 42.79 -31.85 -50.39
C GLY H 602 42.07 -32.83 -51.28
N GLY H 603 41.84 -32.45 -52.53
CA GLY H 603 41.09 -33.27 -53.45
C GLY H 603 40.19 -32.41 -54.29
N PHE H 604 40.34 -31.10 -54.13
CA PHE H 604 39.54 -30.12 -54.84
C PHE H 604 40.45 -29.07 -55.46
N ASP H 605 39.98 -28.45 -56.53
CA ASP H 605 40.70 -27.36 -57.16
C ASP H 605 40.43 -26.05 -56.42
N TYR H 606 41.25 -25.05 -56.70
CA TYR H 606 41.06 -23.74 -56.10
C TYR H 606 41.57 -22.65 -57.03
N ILE H 607 41.06 -21.44 -56.80
CA ILE H 607 41.49 -20.23 -57.48
C ILE H 607 41.91 -19.23 -56.41
N GLY H 608 43.17 -18.79 -56.48
CA GLY H 608 43.64 -17.82 -55.53
C GLY H 608 43.24 -16.41 -55.91
N ARG H 609 43.43 -15.47 -54.98
CA ARG H 609 43.06 -14.09 -55.25
C ARG H 609 43.99 -13.48 -56.29
N GLY H 610 45.28 -13.82 -56.25
CA GLY H 610 46.26 -13.19 -57.11
C GLY H 610 46.89 -11.99 -56.44
N GLN H 611 47.38 -11.05 -57.25
CA GLN H 611 47.91 -9.82 -56.70
C GLN H 611 46.77 -8.94 -56.18
N ILE H 612 47.03 -8.21 -55.10
CA ILE H 612 46.04 -7.30 -54.54
C ILE H 612 45.82 -6.16 -55.53
N PRO H 613 44.61 -5.94 -56.00
CA PRO H 613 44.37 -4.88 -56.97
C PRO H 613 44.06 -3.58 -56.28
N PRO H 614 44.10 -2.45 -57.00
CA PRO H 614 43.67 -1.19 -56.40
C PRO H 614 42.17 -0.98 -56.39
N ASN H 615 41.42 -1.69 -57.23
CA ASN H 615 39.97 -1.54 -57.33
C ASN H 615 39.29 -2.91 -57.25
N PRO H 616 39.30 -3.54 -56.09
CA PRO H 616 38.68 -4.88 -55.98
C PRO H 616 37.19 -4.88 -56.26
N ALA H 617 36.45 -3.93 -55.66
CA ALA H 617 35.00 -3.91 -55.80
C ALA H 617 34.59 -3.60 -57.22
N GLU H 618 35.41 -2.89 -57.98
CA GLU H 618 35.11 -2.60 -59.38
C GLU H 618 35.59 -3.68 -60.32
N LEU H 619 36.59 -4.46 -59.92
CA LEU H 619 36.93 -5.67 -60.67
C LEU H 619 35.83 -6.71 -60.55
N LEU H 620 35.29 -6.90 -59.35
CA LEU H 620 34.27 -7.91 -59.14
C LEU H 620 32.97 -7.63 -59.89
N MET H 621 32.78 -6.41 -60.40
CA MET H 621 31.59 -6.09 -61.16
C MET H 621 31.71 -6.38 -62.64
N HIS H 622 32.90 -6.75 -63.11
CA HIS H 622 33.09 -7.05 -64.52
C HIS H 622 32.29 -8.31 -64.89
N PRO H 623 31.70 -8.35 -66.08
CA PRO H 623 30.95 -9.56 -66.50
C PRO H 623 31.81 -10.81 -66.66
N ARG H 624 33.14 -10.67 -66.69
CA ARG H 624 33.99 -11.84 -66.78
C ARG H 624 33.88 -12.71 -65.54
N PHE H 625 33.54 -12.13 -64.39
CA PHE H 625 33.30 -12.93 -63.19
C PHE H 625 32.10 -13.85 -63.38
N GLU H 626 31.00 -13.32 -63.93
CA GLU H 626 29.84 -14.15 -64.21
C GLU H 626 30.15 -15.18 -65.28
N GLN H 627 30.98 -14.82 -66.26
CA GLN H 627 31.40 -15.80 -67.26
C GLN H 627 32.17 -16.94 -66.61
N LEU H 628 33.08 -16.61 -65.69
CA LEU H 628 33.84 -17.62 -64.98
C LEU H 628 32.93 -18.55 -64.20
N LEU H 629 31.97 -17.99 -63.48
CA LEU H 629 31.07 -18.82 -62.68
C LEU H 629 30.20 -19.70 -63.56
N ASN H 630 29.69 -19.16 -64.67
CA ASN H 630 28.88 -19.97 -65.58
C ASN H 630 29.69 -21.10 -66.20
N TRP H 631 30.95 -20.82 -66.56
CA TRP H 631 31.79 -21.88 -67.10
C TRP H 631 32.11 -22.93 -66.05
N ALA H 632 32.36 -22.52 -64.81
CA ALA H 632 32.71 -23.48 -63.77
C ALA H 632 31.50 -24.30 -63.34
N SER H 633 30.29 -23.74 -63.43
CA SER H 633 29.09 -24.46 -63.02
C SER H 633 28.76 -25.63 -63.92
N GLN H 634 29.58 -25.92 -64.92
CA GLN H 634 29.36 -27.06 -65.80
C GLN H 634 30.46 -28.12 -65.70
N ASN H 635 31.59 -27.80 -65.10
CA ASN H 635 32.69 -28.75 -64.95
C ASN H 635 32.88 -29.21 -63.51
N TYR H 636 32.13 -28.67 -62.57
CA TYR H 636 32.27 -29.01 -61.16
C TYR H 636 30.90 -29.27 -60.55
N ASP H 637 30.90 -30.02 -59.45
CA ASP H 637 29.67 -30.35 -58.74
C ASP H 637 29.29 -29.29 -57.72
N LEU H 638 30.28 -28.62 -57.15
CA LEU H 638 30.02 -27.58 -56.16
C LEU H 638 31.08 -26.49 -56.33
N ILE H 639 30.66 -25.25 -56.15
CA ILE H 639 31.56 -24.09 -56.14
C ILE H 639 31.34 -23.34 -54.84
N ILE H 640 32.41 -23.18 -54.07
CA ILE H 640 32.39 -22.43 -52.82
C ILE H 640 33.20 -21.17 -53.03
N ILE H 641 32.65 -20.03 -52.61
CA ILE H 641 33.30 -18.73 -52.77
C ILE H 641 33.49 -18.13 -51.39
N ASP H 642 34.73 -17.76 -51.08
CA ASP H 642 35.03 -17.06 -49.84
C ASP H 642 35.11 -15.57 -50.13
N THR H 643 34.57 -14.77 -49.22
CA THR H 643 34.35 -13.35 -49.42
C THR H 643 34.82 -12.57 -48.21
N PRO H 644 35.06 -11.27 -48.36
CA PRO H 644 35.32 -10.43 -47.19
C PRO H 644 34.05 -10.23 -46.40
N PRO H 645 34.11 -9.60 -45.23
CA PRO H 645 32.88 -9.29 -44.50
C PRO H 645 32.01 -8.32 -45.28
N ILE H 646 30.77 -8.17 -44.83
CA ILE H 646 29.82 -7.30 -45.50
C ILE H 646 29.69 -5.99 -44.74
N LEU H 647 29.90 -6.03 -43.42
CA LEU H 647 29.86 -4.80 -42.67
C LEU H 647 31.09 -3.93 -42.91
N ALA H 648 32.10 -4.45 -43.58
CA ALA H 648 33.31 -3.70 -43.89
C ALA H 648 33.30 -3.17 -45.32
N VAL H 649 33.12 -4.05 -46.30
CA VAL H 649 33.11 -3.69 -47.70
C VAL H 649 31.86 -4.28 -48.33
N THR H 650 31.74 -4.11 -49.65
CA THR H 650 30.54 -4.49 -50.38
C THR H 650 30.78 -5.61 -51.38
N ASP H 651 31.96 -6.24 -51.36
CA ASP H 651 32.27 -7.27 -52.35
C ASP H 651 31.32 -8.45 -52.25
N ALA H 652 31.02 -8.88 -51.02
CA ALA H 652 30.14 -10.02 -50.83
C ALA H 652 28.78 -9.79 -51.46
N ALA H 653 28.28 -8.56 -51.45
CA ALA H 653 26.98 -8.27 -52.02
C ALA H 653 27.02 -8.22 -53.54
N ILE H 654 28.17 -7.90 -54.13
CA ILE H 654 28.31 -8.03 -55.58
C ILE H 654 28.36 -9.49 -55.98
N ILE H 655 29.11 -10.31 -55.24
CA ILE H 655 29.26 -11.72 -55.57
C ILE H 655 27.95 -12.48 -55.35
N GLY H 656 27.19 -12.12 -54.32
CA GLY H 656 25.99 -12.84 -53.96
C GLY H 656 24.90 -12.78 -55.00
N ARG H 657 25.01 -11.92 -56.01
CA ARG H 657 24.03 -11.92 -57.08
C ARG H 657 24.06 -13.23 -57.86
N TYR H 658 25.25 -13.78 -58.07
CA TYR H 658 25.43 -14.98 -58.86
C TYR H 658 25.55 -16.25 -58.02
N ALA H 659 25.31 -16.15 -56.72
CA ALA H 659 25.40 -17.30 -55.82
C ALA H 659 24.01 -17.87 -55.60
N GLY H 660 23.86 -19.18 -55.80
CA GLY H 660 22.59 -19.83 -55.52
C GLY H 660 22.27 -19.86 -54.04
N THR H 661 23.27 -20.12 -53.20
CA THR H 661 23.07 -20.18 -51.76
C THR H 661 24.09 -19.28 -51.08
N CYS H 662 23.66 -18.58 -50.04
CA CYS H 662 24.54 -17.71 -49.28
C CYS H 662 24.35 -17.99 -47.80
N LEU H 663 25.46 -18.15 -47.09
CA LEU H 663 25.42 -18.41 -45.65
C LEU H 663 26.34 -17.45 -44.93
N LEU H 664 25.89 -16.94 -43.80
CA LEU H 664 26.73 -16.09 -42.97
C LEU H 664 27.40 -16.91 -41.89
N VAL H 665 28.56 -16.44 -41.43
CA VAL H 665 29.29 -17.06 -40.33
C VAL H 665 29.33 -16.06 -39.19
N ALA H 666 28.83 -16.48 -38.03
CA ALA H 666 28.86 -15.66 -36.83
C ALA H 666 29.83 -16.27 -35.83
N ARG H 667 30.80 -15.49 -35.38
CA ARG H 667 31.69 -15.96 -34.33
C ARG H 667 30.93 -16.01 -33.01
N PHE H 668 31.31 -16.97 -32.16
CA PHE H 668 30.54 -17.30 -30.97
C PHE H 668 30.41 -16.14 -30.01
N GLU H 669 31.51 -15.68 -29.43
CA GLU H 669 31.43 -14.61 -28.46
C GLU H 669 31.61 -13.22 -29.06
N LYS H 670 32.27 -13.11 -30.20
CA LYS H 670 32.62 -11.79 -30.74
C LYS H 670 31.41 -11.08 -31.29
N ASN H 671 30.79 -11.64 -32.32
CA ASN H 671 29.67 -10.96 -32.97
C ASN H 671 28.46 -10.92 -32.03
N THR H 672 27.53 -10.03 -32.34
CA THR H 672 26.29 -9.89 -31.60
C THR H 672 25.12 -10.16 -32.52
N VAL H 673 23.93 -10.29 -31.93
CA VAL H 673 22.73 -10.51 -32.73
C VAL H 673 22.45 -9.29 -33.59
N LYS H 674 22.75 -8.11 -33.07
CA LYS H 674 22.54 -6.89 -33.84
C LYS H 674 23.40 -6.86 -35.10
N GLU H 675 24.67 -7.27 -34.99
CA GLU H 675 25.54 -7.30 -36.16
C GLU H 675 25.01 -8.26 -37.21
N ILE H 676 24.55 -9.44 -36.78
CA ILE H 676 24.09 -10.44 -37.74
C ILE H 676 22.80 -9.99 -38.40
N ASP H 677 21.90 -9.36 -37.63
CA ASP H 677 20.68 -8.83 -38.23
C ASP H 677 20.99 -7.72 -39.22
N VAL H 678 21.91 -6.82 -38.88
CA VAL H 678 22.32 -5.76 -39.79
C VAL H 678 22.90 -6.35 -41.07
N SER H 679 23.70 -7.41 -40.94
CA SER H 679 24.29 -8.03 -42.12
C SER H 679 23.24 -8.68 -43.00
N MET H 680 22.29 -9.40 -42.40
CA MET H 680 21.22 -10.02 -43.19
C MET H 680 20.40 -8.96 -43.92
N LYS H 681 20.09 -7.86 -43.22
CA LYS H 681 19.30 -6.80 -43.83
C LYS H 681 20.07 -6.10 -44.94
N ARG H 682 21.38 -5.88 -44.75
CA ARG H 682 22.16 -5.25 -45.81
C ARG H 682 22.31 -6.16 -47.02
N PHE H 683 22.33 -7.48 -46.81
CA PHE H 683 22.34 -8.40 -47.94
C PHE H 683 21.00 -8.38 -48.67
N GLU H 684 19.89 -8.36 -47.92
CA GLU H 684 18.58 -8.35 -48.56
C GLU H 684 18.31 -7.03 -49.27
N GLN H 685 18.86 -5.93 -48.78
CA GLN H 685 18.70 -4.64 -49.43
C GLN H 685 19.33 -4.63 -50.81
N SER H 686 20.36 -5.44 -51.04
CA SER H 686 21.06 -5.50 -52.31
C SER H 686 20.59 -6.65 -53.18
N GLY H 687 19.51 -7.34 -52.80
CA GLY H 687 18.95 -8.37 -53.62
C GLY H 687 19.58 -9.74 -53.45
N VAL H 688 20.12 -10.03 -52.28
CA VAL H 688 20.76 -11.31 -52.00
C VAL H 688 20.02 -11.95 -50.84
N VAL H 689 19.53 -13.17 -51.05
CA VAL H 689 18.78 -13.88 -50.03
C VAL H 689 19.73 -14.77 -49.25
N VAL H 690 19.85 -14.53 -47.95
CA VAL H 690 20.73 -15.31 -47.10
C VAL H 690 19.96 -16.50 -46.57
N LYS H 691 20.47 -17.71 -46.85
CA LYS H 691 19.79 -18.92 -46.42
C LYS H 691 19.81 -19.06 -44.90
N GLY H 692 20.94 -18.76 -44.27
CA GLY H 692 21.01 -18.90 -42.83
C GLY H 692 22.40 -18.57 -42.31
N CYS H 693 22.63 -18.97 -41.07
CA CYS H 693 23.83 -18.63 -40.33
C CYS H 693 24.58 -19.89 -39.90
N ILE H 694 25.83 -19.70 -39.51
CA ILE H 694 26.71 -20.77 -39.04
C ILE H 694 27.44 -20.21 -37.82
N LEU H 695 27.12 -20.71 -36.64
CA LEU H 695 27.81 -20.29 -35.44
C LEU H 695 29.16 -21.00 -35.37
N ASN H 696 30.22 -20.26 -35.06
CA ASN H 696 31.57 -20.79 -35.11
C ASN H 696 32.31 -20.47 -33.82
N GLY H 697 33.33 -21.27 -33.53
CA GLY H 697 34.14 -21.08 -32.34
C GLY H 697 33.38 -21.26 -31.04
N VAL H 698 32.49 -22.25 -30.98
CA VAL H 698 31.69 -22.48 -29.79
C VAL H 698 32.52 -23.20 -28.75
N VAL H 699 32.29 -22.85 -27.48
CA VAL H 699 32.94 -23.51 -26.35
C VAL H 699 31.87 -23.87 -25.32
N LYS H 700 32.25 -24.74 -24.40
CA LYS H 700 31.31 -25.31 -23.44
C LYS H 700 31.25 -24.42 -22.20
N LYS H 701 30.05 -23.96 -21.87
CA LYS H 701 29.82 -23.06 -20.75
C LYS H 701 28.78 -23.68 -19.83
N ALA H 702 29.08 -23.72 -18.53
CA ALA H 702 28.17 -24.31 -17.56
C ALA H 702 26.92 -23.48 -17.33
N SER H 703 26.90 -22.22 -17.76
CA SER H 703 25.73 -21.38 -17.61
C SER H 703 24.67 -21.65 -18.68
N SER H 704 24.97 -22.48 -19.66
CA SER H 704 24.00 -22.82 -20.70
C SER H 704 23.36 -24.18 -20.42
PB ADP I . 23.52 -46.50 -26.34
O1B ADP I . 23.52 -47.36 -27.57
O2B ADP I . 22.18 -45.79 -26.18
O3B ADP I . 24.57 -45.48 -26.47
PA ADP I . 23.02 -48.76 -24.50
O1A ADP I . 23.86 -49.97 -24.76
O2A ADP I . 21.74 -48.91 -25.27
O3A ADP I . 23.82 -47.42 -24.99
O5' ADP I . 22.68 -48.62 -22.87
C5' ADP I . 23.75 -48.54 -21.90
C4' ADP I . 23.83 -49.86 -21.00
O4' ADP I . 22.72 -49.87 -19.91
C3' ADP I . 23.64 -50.92 -21.69
O3' ADP I . 24.51 -51.99 -21.19
C2' ADP I . 22.07 -51.37 -21.49
O2' ADP I . 21.99 -52.82 -21.55
C1' ADP I . 21.69 -50.95 -20.35
N9 ADP I . 20.35 -50.31 -20.44
C8 ADP I . 19.84 -49.33 -21.20
N7 ADP I . 18.55 -49.17 -20.81
C5 ADP I . 18.29 -50.06 -19.83
C6 ADP I . 17.16 -50.35 -19.08
N6 ADP I . 15.81 -49.73 -19.14
N1 ADP I . 17.20 -51.32 -18.14
C2 ADP I . 18.33 -52.02 -17.92
N3 ADP I . 19.46 -51.75 -18.65
C4 ADP I . 19.43 -50.78 -19.59
MG MG J . 24.63 -48.04 -29.08
PB ADP K . -10.40 -56.29 -11.46
O1B ADP K . -10.81 -57.28 -12.49
O2B ADP K . -10.92 -54.90 -11.80
O3B ADP K . -8.92 -56.24 -11.41
PA ADP K . -12.51 -57.06 -9.54
O1A ADP K . -12.68 -58.54 -9.37
O2A ADP K . -13.45 -56.61 -10.62
O3A ADP K . -10.98 -56.74 -9.95
O5' ADP K . -12.88 -56.26 -8.13
C5' ADP K . -12.17 -56.57 -6.90
C4' ADP K . -13.11 -57.30 -5.85
O4' ADP K . -14.07 -56.30 -5.15
C3' ADP K . -13.87 -58.17 -6.39
O3' ADP K . -14.02 -59.32 -5.52
C2' ADP K . -15.35 -57.46 -6.61
O2' ADP K . -16.38 -58.48 -6.48
C1' ADP K . -15.48 -56.58 -5.70
N9 ADP K . -16.02 -55.31 -6.28
C8 ADP K . -15.63 -54.51 -7.28
N7 ADP K . -16.52 -53.49 -7.32
C5 ADP K . -17.42 -53.68 -6.34
C6 ADP K . -18.53 -52.95 -5.94
N6 ADP K . -19.10 -51.69 -6.47
N1 ADP K . -19.29 -53.39 -4.89
C2 ADP K . -18.96 -54.53 -4.25
N3 ADP K . -17.86 -55.26 -4.64
C4 ADP K . -17.11 -54.83 -5.69
MG MG L . -10.28 -58.92 -13.50
PB ADP M . -43.69 -38.31 -5.98
O1B ADP M . -44.52 -39.09 -6.94
O2B ADP M . -43.10 -37.07 -6.65
O3B ADP M . -42.57 -39.16 -5.52
PA ADP M . -46.00 -37.02 -4.67
O1A ADP M . -47.13 -37.94 -4.34
O2A ADP M . -46.26 -36.43 -6.03
O3A ADP M . -44.59 -37.84 -4.65
O5' ADP M . -45.90 -35.79 -3.54
C5' ADP M . -45.74 -36.08 -2.14
C4' ADP M . -47.05 -35.73 -1.31
O4' ADP M . -47.17 -34.19 -1.05
C3' ADP M . -48.12 -36.06 -1.92
O3' ADP M . -49.10 -36.56 -0.96
C2' ADP M . -48.72 -34.70 -2.65
O2' ADP M . -50.16 -34.78 -2.68
C1' ADP M . -48.33 -33.69 -1.94
N9 ADP M . -47.81 -32.61 -2.82
C8 ADP M . -46.87 -32.56 -3.78
N7 ADP M . -46.84 -31.28 -4.22
C5 ADP M . -47.76 -30.58 -3.53
C6 ADP M . -48.15 -29.25 -3.56
N6 ADP M . -47.66 -28.13 -4.42
N1 ADP M . -49.12 -28.79 -2.73
C2 ADP M . -49.72 -29.65 -1.86
N3 ADP M . -49.34 -30.96 -1.82
C4 ADP M . -48.36 -31.42 -2.65
MG MG N . -45.09 -40.91 -7.51
PB ADP O . -56.84 -3.03 -12.87
O1B ADP O . -57.86 -3.37 -13.90
O2B ADP O . -55.51 -2.69 -13.51
O3B ADP O . -56.65 -4.20 -11.98
PA ADP O . -57.84 -0.28 -12.48
O1A ADP O . -59.33 -0.17 -12.37
O2A ADP O . -57.47 -0.10 -13.92
O3A ADP O . -57.36 -1.74 -11.94
O5' ADP O . -57.09 0.90 -11.56
C5' ADP O . -57.34 1.01 -10.15
C4' ADP O . -58.17 2.32 -9.79
O4' ADP O . -57.26 3.58 -9.81
C3' ADP O . -59.10 2.55 -10.63
O3' ADP O . -60.27 3.08 -9.94
C2' ADP O . -58.54 3.69 -11.68
O2' ADP O . -59.65 4.51 -12.12
C1' ADP O . -57.68 4.39 -11.06
N9 ADP O . -56.46 4.60 -11.90
C8 ADP O . -55.62 3.77 -12.53
N7 ADP O . -54.69 4.57 -13.12
C5 ADP O . -54.98 5.85 -12.84
C6 ADP O . -54.37 7.05 -13.17
N6 ADP O . -53.15 7.31 -13.99
N1 ADP O . -54.89 8.23 -12.73
C2 ADP O . -56.00 8.23 -11.96
N3 ADP O . -56.60 7.05 -11.62
C4 ADP O . -56.09 5.87 -12.06
MG MG P . -59.42 -4.53 -14.34
PB ADP Q . -42.21 28.75 -28.16
O1B ADP Q . -43.05 28.82 -29.38
O2B ADP Q . -40.91 27.99 -28.43
O3B ADP Q . -42.94 28.04 -27.10
PA ADP Q . -41.16 31.50 -28.47
O1A ADP Q . -42.19 32.52 -28.80
O2A ADP Q . -40.59 30.97 -29.75
O3A ADP Q . -41.84 30.29 -27.62
O5' ADP Q . -39.93 32.18 -27.55
C5' ADP Q . -40.23 32.82 -26.29
C4' ADP Q . -40.01 34.40 -26.38
O4' ADP Q . -38.50 34.77 -26.33
C3' ADP Q . -40.44 34.88 -27.49
O3' ADP Q . -41.04 36.19 -27.24
C2' ADP Q . -39.14 35.06 -28.49
O2' ADP Q . -39.36 36.22 -29.34
C1' ADP Q . -38.11 35.24 -27.74
N9 ADP Q . -36.98 34.41 -28.21
C8 ADP Q . -36.82 33.10 -28.47
N7 ADP Q . -35.53 32.93 -28.86
C5 ADP Q . -34.93 34.14 -28.85
C6 ADP Q . -33.65 34.54 -29.17
N6 ADP Q . -32.48 33.75 -29.64
N1 ADP Q . -33.30 35.86 -29.08
C2 ADP Q . -34.22 36.77 -28.67
N3 ADP Q . -35.48 36.38 -28.35
C4 ADP Q . -35.83 35.06 -28.44
MG MG R . -44.92 28.79 -30.09
PB ADP S . -8.40 38.66 -43.02
O1B ADP S . -8.84 38.86 -44.43
O2B ADP S . -7.92 37.24 -42.79
O3B ADP S . -9.55 38.91 -42.13
PA ADP S . -5.77 39.95 -43.40
O1A ADP S . -5.82 41.23 -44.17
O2A ADP S . -5.54 38.83 -44.38
O3A ADP S . -7.18 39.74 -42.61
O5' ADP S . -4.53 39.97 -42.27
C5' ADP S . -4.48 41.01 -41.27
C4' ADP S . -3.25 42.00 -41.51
O4' ADP S . -1.90 41.37 -41.08
C3' ADP S . -3.11 42.29 -42.75
O3' ADP S . -2.72 43.68 -42.88
C2' ADP S . -1.91 41.33 -43.35
O2' ADP S . -1.20 42.06 -44.38
C1' ADP S . -1.13 41.06 -42.37
N9 ADP S . -0.79 39.60 -42.37
C8 ADP S . -1.51 38.48 -42.37
N7 ADP S . -0.63 37.45 -42.35
C5 ADP S . 0.63 37.97 -42.34
C6 ADP S . 1.87 37.39 -42.33
N6 ADP S . 2.27 35.95 -42.31
N1 ADP S . 2.99 38.17 -42.33
C2 ADP S . 2.87 39.52 -42.33
N3 ADP S . 1.63 40.10 -42.35
C4 ADP S . 0.52 39.32 -42.35
MG MG T . -10.14 39.78 -45.64
PB ADP U . 24.85 20.66 -48.67
O1B ADP U . 24.85 20.66 -50.16
O2B ADP U . 24.23 19.40 -48.12
O3B ADP U . 24.05 21.81 -48.19
PA ADP U . 27.70 19.91 -48.46
O1A ADP U . 28.61 20.66 -49.38
O2A ADP U . 27.26 18.65 -49.16
O3A ADP U . 26.41 20.83 -48.09
O5' ADP U . 28.49 19.50 -47.04
C5' ADP U . 29.08 20.53 -46.22
C4' ADP U . 30.67 20.45 -46.24
O4' ADP U . 31.20 19.29 -45.34
C3' ADP U . 31.13 20.21 -47.41
O3' ADP U . 32.35 20.96 -47.61
C2' ADP U . 31.46 18.60 -47.49
O2' ADP U . 32.60 18.40 -48.37
C1' ADP U . 31.74 18.21 -46.30
N9 ADP U . 31.04 16.93 -46.00
C8 ADP U . 29.75 16.54 -46.05
N7 ADP U . 29.73 15.25 -45.63
C5 ADP U . 30.99 14.87 -45.34
C6 ADP U . 31.54 13.69 -44.88
N6 ADP U . 30.89 12.40 -44.56
N1 ADP U . 32.88 13.59 -44.67
C2 ADP U . 33.68 14.66 -44.90
N3 ADP U . 33.15 15.83 -45.35
C4 ADP U . 31.81 15.94 -45.57
MG MG V . 24.64 21.77 -51.80
PB ADP W . 38.10 -14.65 -41.74
O1B ADP W . 38.28 -15.10 -43.15
O2B ADP W . 36.73 -15.05 -41.21
O3B ADP W . 38.21 -13.18 -41.68
PA ADP W . 39.66 -16.90 -40.61
O1A ADP W . 40.94 -17.18 -41.33
O2A ADP W . 38.59 -17.76 -41.23
O3A ADP W . 39.28 -15.31 -40.77
O5' ADP W . 39.79 -17.25 -38.98
C5' ADP W . 40.81 -16.62 -38.17
C4' ADP W . 41.94 -17.66 -37.73
O4' ADP W . 41.44 -18.58 -36.56
C3' ADP W . 42.25 -18.46 -38.68
O3' ADP W . 43.69 -18.73 -38.63
C2' ADP W . 41.43 -19.87 -38.42
O2' ADP W . 42.25 -20.98 -38.90
C1' ADP W . 41.23 -19.98 -37.17
N9 ADP W . 39.82 -20.40 -36.90
C8 ADP W . 38.63 -19.91 -37.26
N7 ADP W . 37.71 -20.72 -36.69
C5 ADP W . 38.34 -21.68 -36.00
C6 ADP W . 37.90 -22.75 -35.24
N6 ADP W . 36.51 -23.19 -34.94
N1 ADP W . 38.79 -23.57 -34.64
C2 ADP W . 40.11 -23.36 -34.77
N3 ADP W . 40.57 -22.30 -35.52
C4 ADP W . 39.68 -21.47 -36.13
MG MG X . 39.07 -14.64 -44.93
#